data_5LG3
#
_entry.id   5LG3
#
_cell.length_a   105.200
_cell.length_b   266.650
_cell.length_c   111.040
_cell.angle_alpha   90.00
_cell.angle_beta   107.71
_cell.angle_gamma   90.00
#
_symmetry.space_group_name_H-M   'P 1 21 1'
#
loop_
_entity.id
_entity.type
_entity.pdbx_description
1 polymer 'Gamma-aminobutyric-acid receptor subunit beta-1'
2 non-polymer 3-(2-chloro-10H-phenothiazin-10-yl)-N,N-dimethylpropan-1-amine
#
_entity_poly.entity_id   1
_entity_poly.type   'polypeptide(L)'
_entity_poly.pdbx_seq_one_letter_code
;PVDVSVSIFINKIYGVNTLEQTYKVDGYIVAQWTGKPRKTPGDKPLIVENTQIERWINNGLWVPALEFINVVGSPDTGNK
RLMLFPDGRVIYNARFLGSFSNDMDFRLFPFDRQQFVLELEPFSYNNQQLRFSDIQVYTENIDNEEIDEWWIRGKASTHI
SDIRYDHLSSVQPNQNEFSRITVRIDAVRNPSYYLWSFILPLGLIIAASWSVFWLESFSERLQTSFTLMLTVVAYAFYTS
NILPRLPYTTVIDQMIIAGYGSIFAAILLIIFAHHRQANGVEDDLLIQRCRLAFPLGFLAIGCVLVI
;
_entity_poly.pdbx_strand_id   A,B,C,D,E,F,G,H,I,J
#
loop_
_chem_comp.id
_chem_comp.type
_chem_comp.name
_chem_comp.formula
Z80 non-polymer 3-(2-chloro-10H-phenothiazin-10-yl)-N,N-dimethylpropan-1-amine 'C17 H19 Cl N2 S'
#
# COMPACT_ATOMS: atom_id res chain seq x y z
CA PRO A 1 50.24 -29.32 9.81
C PRO A 1 49.28 -28.46 8.99
N VAL A 2 48.01 -28.49 9.38
CA VAL A 2 46.88 -28.15 8.52
C VAL A 2 46.81 -26.68 8.10
N ASP A 3 46.61 -26.45 6.80
CA ASP A 3 46.35 -25.13 6.25
C ASP A 3 44.85 -24.85 6.27
N VAL A 4 44.47 -23.71 6.85
CA VAL A 4 43.06 -23.32 6.96
C VAL A 4 42.89 -21.94 6.34
N SER A 5 42.01 -21.86 5.34
CA SER A 5 41.63 -20.58 4.76
C SER A 5 40.39 -20.05 5.46
N VAL A 6 40.38 -18.74 5.72
CA VAL A 6 39.30 -18.09 6.47
C VAL A 6 38.81 -16.88 5.70
N SER A 7 37.49 -16.69 5.70
CA SER A 7 36.85 -15.51 5.14
C SER A 7 35.81 -15.01 6.12
N ILE A 8 35.74 -13.69 6.30
CA ILE A 8 34.84 -13.07 7.28
C ILE A 8 34.01 -12.02 6.57
N PHE A 9 32.71 -12.26 6.45
CA PHE A 9 31.77 -11.28 5.93
C PHE A 9 31.21 -10.50 7.12
N ILE A 10 31.38 -9.19 7.11
CA ILE A 10 30.93 -8.34 8.21
C ILE A 10 29.64 -7.66 7.80
N ASN A 11 28.56 -7.94 8.54
CA ASN A 11 27.22 -7.51 8.18
C ASN A 11 26.79 -6.22 8.87
N LYS A 12 27.21 -6.03 10.13
CA LYS A 12 26.74 -4.90 10.92
C LYS A 12 27.57 -4.77 12.19
N ILE A 13 28.00 -3.55 12.49
CA ILE A 13 28.67 -3.22 13.75
C ILE A 13 27.80 -2.18 14.44
N TYR A 14 27.35 -2.48 15.65
CA TYR A 14 26.38 -1.61 16.30
C TYR A 14 26.52 -1.72 17.81
N GLY A 15 25.82 -0.83 18.50
CA GLY A 15 25.74 -0.86 19.95
C GLY A 15 27.08 -0.86 20.66
N VAL A 16 27.83 0.24 20.54
CA VAL A 16 29.04 0.38 21.32
C VAL A 16 28.67 0.50 22.79
N ASN A 17 29.50 -0.06 23.67
CA ASN A 17 29.28 0.01 25.11
C ASN A 17 30.52 0.69 25.68
N THR A 18 30.43 2.01 25.78
CA THR A 18 31.57 2.84 26.18
C THR A 18 32.19 2.37 27.50
N LEU A 19 31.37 2.00 28.48
CA LEU A 19 31.91 1.65 29.80
C LEU A 19 32.64 0.30 29.73
N GLU A 20 32.01 -0.71 29.13
CA GLU A 20 32.60 -2.04 29.07
C GLU A 20 33.67 -2.15 28.01
N GLN A 21 33.83 -1.13 27.16
CA GLN A 21 34.75 -1.18 26.03
C GLN A 21 34.39 -2.39 25.17
N THR A 22 33.30 -2.26 24.41
CA THR A 22 32.58 -3.40 23.86
C THR A 22 31.75 -2.93 22.68
N TYR A 23 31.65 -3.78 21.66
CA TYR A 23 30.83 -3.51 20.50
C TYR A 23 30.25 -4.83 19.99
N LYS A 24 29.18 -4.73 19.21
CA LYS A 24 28.48 -5.89 18.69
C LYS A 24 28.75 -6.04 17.20
N VAL A 25 28.99 -7.28 16.76
CA VAL A 25 29.32 -7.58 15.38
C VAL A 25 28.48 -8.78 14.92
N ASP A 26 27.73 -8.60 13.83
CA ASP A 26 26.98 -9.67 13.19
C ASP A 26 27.62 -9.95 11.84
N GLY A 27 27.83 -11.24 11.53
CA GLY A 27 28.43 -11.60 10.26
C GLY A 27 28.59 -13.10 10.16
N TYR A 28 29.15 -13.52 9.03
CA TYR A 28 29.43 -14.92 8.76
C TYR A 28 30.92 -15.19 8.80
N ILE A 29 31.28 -16.43 9.11
CA ILE A 29 32.65 -16.90 9.07
C ILE A 29 32.71 -18.14 8.20
N VAL A 30 33.80 -18.29 7.45
CA VAL A 30 33.98 -19.41 6.55
C VAL A 30 35.39 -19.95 6.72
N ALA A 31 35.49 -21.25 6.97
CA ALA A 31 36.78 -21.93 7.07
C ALA A 31 36.85 -23.01 6.00
N GLN A 32 38.01 -23.11 5.34
CA GLN A 32 38.22 -24.10 4.30
C GLN A 32 39.57 -24.76 4.51
N TRP A 33 39.59 -26.09 4.45
CA TRP A 33 40.78 -26.89 4.72
C TRP A 33 40.59 -28.24 4.06
N THR A 34 41.64 -28.72 3.42
CA THR A 34 41.55 -29.92 2.58
C THR A 34 41.93 -31.15 3.37
N GLY A 35 41.01 -32.12 3.42
CA GLY A 35 41.20 -33.35 4.15
C GLY A 35 41.30 -34.55 3.22
N LYS A 36 41.28 -35.72 3.83
CA LYS A 36 41.34 -36.96 3.06
C LYS A 36 40.12 -37.05 2.15
N PRO A 37 40.31 -37.26 0.84
CA PRO A 37 39.16 -37.39 -0.06
C PRO A 37 38.14 -38.40 0.42
N ARG A 38 36.90 -38.24 0.00
CA ARG A 38 35.82 -39.09 0.47
C ARG A 38 34.80 -39.24 -0.63
N LYS A 39 33.94 -40.25 -0.50
CA LYS A 39 32.86 -40.46 -1.44
C LYS A 39 31.61 -39.71 -0.98
N THR A 40 31.12 -38.84 -1.82
CA THR A 40 29.90 -38.09 -1.60
C THR A 40 28.80 -38.66 -2.48
N PRO A 41 27.53 -38.54 -2.10
CA PRO A 41 26.45 -38.92 -3.02
C PRO A 41 26.57 -38.17 -4.33
N GLY A 42 26.34 -38.88 -5.43
CA GLY A 42 26.80 -38.35 -6.71
C GLY A 42 28.30 -38.18 -6.69
N ASP A 43 28.77 -37.14 -7.39
CA ASP A 43 30.08 -36.57 -7.10
C ASP A 43 29.97 -35.12 -6.65
N LYS A 44 28.75 -34.60 -6.58
CA LYS A 44 28.51 -33.27 -6.04
C LYS A 44 28.99 -33.18 -4.60
N PRO A 45 29.57 -32.05 -4.18
CA PRO A 45 29.93 -31.89 -2.77
C PRO A 45 28.72 -32.04 -1.87
N LEU A 46 28.97 -32.47 -0.64
CA LEU A 46 27.92 -32.79 0.32
C LEU A 46 27.68 -31.59 1.24
N ILE A 47 26.41 -31.31 1.53
CA ILE A 47 26.01 -30.22 2.42
C ILE A 47 25.46 -30.81 3.71
N VAL A 48 25.92 -30.28 4.85
CA VAL A 48 25.52 -30.73 6.17
C VAL A 48 25.09 -29.50 6.97
N GLU A 49 23.79 -29.39 7.26
CA GLU A 49 23.25 -28.19 7.89
C GLU A 49 23.02 -28.41 9.39
N ASN A 50 23.48 -27.44 10.19
CA ASN A 50 23.20 -27.33 11.62
C ASN A 50 23.35 -28.63 12.40
N THR A 51 22.29 -29.05 13.09
CA THR A 51 22.28 -30.22 13.96
C THR A 51 23.02 -31.41 13.36
N GLN A 52 22.85 -31.62 12.05
CA GLN A 52 23.49 -32.75 11.38
C GLN A 52 25.01 -32.71 11.47
N ILE A 53 25.59 -31.51 11.60
CA ILE A 53 27.05 -31.40 11.66
C ILE A 53 27.60 -32.17 12.86
N GLU A 54 27.02 -31.93 14.04
CA GLU A 54 27.47 -32.59 15.26
C GLU A 54 27.43 -34.12 15.12
N ARG A 55 26.45 -34.63 14.36
CA ARG A 55 26.39 -36.07 14.12
C ARG A 55 27.57 -36.54 13.29
N TRP A 56 28.01 -35.75 12.31
CA TRP A 56 29.14 -36.14 11.49
C TRP A 56 30.44 -36.19 12.29
N ILE A 57 30.50 -35.46 13.41
CA ILE A 57 31.68 -35.46 14.25
C ILE A 57 31.76 -36.75 15.06
N ASN A 58 30.63 -37.22 15.58
CA ASN A 58 30.57 -38.50 16.28
C ASN A 58 31.13 -39.66 15.47
N ASN A 59 31.29 -39.51 14.16
CA ASN A 59 31.88 -40.52 13.31
C ASN A 59 33.31 -40.18 12.91
N GLY A 60 33.94 -39.25 13.62
CA GLY A 60 35.34 -38.94 13.42
C GLY A 60 35.65 -37.83 12.46
N LEU A 61 34.64 -37.07 12.01
CA LEU A 61 34.95 -35.86 11.24
C LEU A 61 35.53 -34.82 12.17
N TRP A 62 36.77 -34.41 11.88
CA TRP A 62 37.43 -33.39 12.67
C TRP A 62 36.99 -32.02 12.17
N VAL A 63 36.52 -31.18 13.08
CA VAL A 63 36.20 -29.80 12.75
C VAL A 63 36.77 -28.92 13.86
N PRO A 64 37.78 -28.10 13.55
CA PRO A 64 38.47 -27.38 14.61
C PRO A 64 37.60 -26.31 15.24
N ALA A 65 37.65 -26.25 16.57
CA ALA A 65 37.00 -25.17 17.30
C ALA A 65 37.84 -23.91 17.12
N LEU A 66 37.26 -22.92 16.45
CA LEU A 66 37.89 -21.61 16.28
C LEU A 66 37.28 -20.65 17.28
N GLU A 67 38.11 -20.12 18.17
CA GLU A 67 37.65 -19.21 19.21
C GLU A 67 37.88 -17.77 18.81
N PHE A 68 36.97 -16.90 19.23
CA PHE A 68 37.15 -15.45 19.13
C PHE A 68 37.84 -15.02 20.41
N ILE A 69 39.16 -14.84 20.35
CA ILE A 69 39.95 -14.52 21.54
C ILE A 69 39.36 -13.34 22.30
N ASN A 70 38.85 -12.34 21.57
CA ASN A 70 38.43 -11.08 22.15
C ASN A 70 36.91 -10.93 22.21
N VAL A 71 36.16 -12.03 22.18
CA VAL A 71 34.72 -11.98 22.39
C VAL A 71 34.44 -12.10 23.89
N VAL A 72 33.49 -11.32 24.38
CA VAL A 72 33.10 -11.35 25.78
C VAL A 72 31.91 -12.29 25.89
N GLY A 73 32.17 -13.54 26.23
CA GLY A 73 31.11 -14.54 26.34
C GLY A 73 30.78 -15.21 25.02
N SER A 74 30.47 -16.51 25.09
CA SER A 74 30.22 -17.31 23.89
C SER A 74 29.14 -16.67 23.01
N PRO A 75 29.39 -16.53 21.71
CA PRO A 75 28.46 -15.79 20.84
C PRO A 75 27.25 -16.60 20.40
N ASP A 76 26.25 -15.88 19.91
CA ASP A 76 25.01 -16.45 19.36
C ASP A 76 25.25 -16.94 17.93
N THR A 77 25.23 -18.25 17.73
CA THR A 77 25.42 -18.86 16.42
C THR A 77 24.07 -19.15 15.77
N GLY A 78 23.86 -18.62 14.56
CA GLY A 78 22.57 -18.73 13.90
C GLY A 78 22.38 -20.00 13.07
N ASN A 79 23.15 -20.13 12.01
CA ASN A 79 23.09 -21.29 11.12
C ASN A 79 24.51 -21.72 10.81
N LYS A 80 24.71 -23.03 10.67
CA LYS A 80 26.03 -23.54 10.30
C LYS A 80 25.88 -24.70 9.33
N ARG A 81 26.81 -24.76 8.37
CA ARG A 81 26.84 -25.80 7.36
C ARG A 81 28.27 -26.26 7.16
N LEU A 82 28.41 -27.54 6.79
CA LEU A 82 29.66 -28.07 6.25
C LEU A 82 29.48 -28.29 4.75
N MET A 83 30.54 -28.04 3.99
CA MET A 83 30.58 -28.41 2.58
C MET A 83 31.71 -29.41 2.42
N LEU A 84 31.34 -30.70 2.35
CA LEU A 84 32.31 -31.78 2.23
C LEU A 84 32.56 -32.02 0.76
N PHE A 85 33.78 -31.95 0.37
CA PHE A 85 33.97 -32.09 -1.06
C PHE A 85 34.51 -33.48 -1.38
N PRO A 86 34.22 -33.99 -2.58
CA PRO A 86 34.74 -35.32 -2.92
C PRO A 86 36.25 -35.38 -2.98
N ASP A 87 36.90 -34.29 -3.35
CA ASP A 87 38.36 -34.22 -3.39
C ASP A 87 38.96 -33.93 -2.03
N GLY A 88 38.18 -34.01 -0.95
CA GLY A 88 38.73 -33.88 0.38
C GLY A 88 38.38 -32.58 1.07
N ARG A 89 38.60 -31.45 0.37
CA ARG A 89 38.46 -30.14 1.01
C ARG A 89 37.09 -29.99 1.67
N VAL A 90 37.06 -29.19 2.72
CA VAL A 90 35.88 -29.04 3.56
C VAL A 90 35.71 -27.57 3.86
N ILE A 91 34.46 -27.10 3.81
CA ILE A 91 34.13 -25.70 4.05
C ILE A 91 33.17 -25.64 5.22
N TYR A 92 33.58 -24.97 6.28
CA TYR A 92 32.70 -24.68 7.41
C TYR A 92 32.20 -23.25 7.27
N ASN A 93 30.88 -23.09 7.32
CA ASN A 93 30.25 -21.80 7.11
C ASN A 93 29.18 -21.60 8.18
N ALA A 94 29.26 -20.49 8.92
CA ALA A 94 28.30 -20.22 9.97
C ALA A 94 28.15 -18.71 10.17
N ARG A 95 26.95 -18.30 10.53
CA ARG A 95 26.67 -16.92 10.89
C ARG A 95 26.80 -16.75 12.40
N PHE A 96 27.33 -15.61 12.82
CA PHE A 96 27.55 -15.32 14.23
C PHE A 96 27.08 -13.92 14.58
N LEU A 97 26.82 -13.72 15.86
CA LEU A 97 26.60 -12.40 16.45
C LEU A 97 27.25 -12.42 17.82
N GLY A 98 28.19 -11.51 18.06
CA GLY A 98 28.95 -11.54 19.29
C GLY A 98 29.34 -10.16 19.77
N SER A 99 29.51 -10.05 21.09
CA SER A 99 29.98 -8.83 21.73
C SER A 99 31.49 -8.94 21.93
N PHE A 100 32.24 -8.10 21.22
CA PHE A 100 33.69 -8.16 21.23
C PHE A 100 34.30 -7.03 22.04
N SER A 101 35.48 -7.29 22.60
CA SER A 101 36.17 -6.35 23.48
C SER A 101 37.44 -5.84 22.81
N ASN A 102 37.74 -4.56 23.03
CA ASN A 102 39.01 -3.97 22.62
C ASN A 102 39.25 -2.72 23.45
N ASP A 103 40.52 -2.31 23.51
CA ASP A 103 40.87 -1.10 24.22
C ASP A 103 40.31 0.11 23.48
N MET A 104 39.63 1.00 24.19
CA MET A 104 38.95 2.13 23.55
C MET A 104 39.11 3.38 24.40
N ASP A 105 39.79 4.38 23.84
CA ASP A 105 40.01 5.67 24.48
C ASP A 105 38.93 6.64 24.02
N PHE A 106 38.08 7.08 24.96
CA PHE A 106 36.97 7.97 24.65
C PHE A 106 37.17 9.39 25.17
N ARG A 107 38.41 9.78 25.48
CA ARG A 107 38.63 11.05 26.17
C ARG A 107 38.40 12.27 25.28
N LEU A 108 38.47 12.11 23.96
CA LEU A 108 38.23 13.18 23.00
C LEU A 108 36.83 13.03 22.42
N PHE A 109 35.82 13.00 23.30
CA PHE A 109 34.59 12.24 23.04
C PHE A 109 33.94 12.59 21.70
N PRO A 110 33.38 13.79 21.50
CA PRO A 110 32.57 13.99 20.29
C PRO A 110 33.39 13.82 19.01
N PHE A 111 34.71 13.71 19.14
CA PHE A 111 35.64 13.60 18.03
C PHE A 111 36.50 12.35 18.25
N ASP A 112 35.87 11.18 18.18
CA ASP A 112 36.56 9.93 18.46
C ASP A 112 37.29 9.40 17.23
N ARG A 113 38.36 8.65 17.49
CA ARG A 113 38.92 7.70 16.54
C ARG A 113 39.03 6.36 17.25
N GLN A 114 38.36 5.35 16.71
CA GLN A 114 38.33 4.03 17.32
C GLN A 114 38.74 2.97 16.31
N GLN A 115 39.02 1.77 16.84
CA GLN A 115 39.55 0.67 16.05
C GLN A 115 38.83 -0.60 16.49
N PHE A 116 37.84 -1.01 15.72
CA PHE A 116 37.06 -2.20 16.01
C PHE A 116 37.77 -3.42 15.44
N VAL A 117 37.89 -4.46 16.25
CA VAL A 117 38.88 -5.52 16.04
C VAL A 117 38.26 -6.88 16.28
N LEU A 118 38.64 -7.85 15.45
CA LEU A 118 38.37 -9.26 15.68
C LEU A 118 39.69 -10.01 15.83
N GLU A 119 39.76 -10.91 16.82
CA GLU A 119 40.90 -11.80 16.99
C GLU A 119 40.39 -13.24 17.02
N LEU A 120 40.72 -13.98 15.97
CA LEU A 120 40.34 -15.39 15.82
C LEU A 120 41.57 -16.27 16.01
N GLU A 121 41.39 -17.42 16.64
CA GLU A 121 42.51 -18.30 16.90
C GLU A 121 41.99 -19.68 17.28
N PRO A 122 42.57 -20.76 16.75
CA PRO A 122 42.08 -22.11 17.09
C PRO A 122 42.23 -22.38 18.57
N PHE A 123 41.26 -23.10 19.12
CA PHE A 123 41.17 -23.26 20.57
C PHE A 123 42.10 -24.34 21.11
N SER A 124 42.58 -25.27 20.28
CA SER A 124 43.42 -26.35 20.79
C SER A 124 44.41 -26.85 19.74
N TYR A 125 44.92 -25.97 18.89
CA TYR A 125 45.76 -26.43 17.79
C TYR A 125 46.83 -25.40 17.44
N ASN A 126 48.08 -25.87 17.34
CA ASN A 126 49.24 -25.05 17.07
C ASN A 126 49.92 -25.40 15.76
N ASN A 127 49.89 -26.66 15.34
CA ASN A 127 50.16 -26.98 13.94
C ASN A 127 48.86 -27.39 13.27
N GLN A 128 47.87 -26.50 13.39
CA GLN A 128 46.89 -26.25 12.35
C GLN A 128 46.89 -24.75 12.19
N GLN A 129 47.14 -24.28 10.97
CA GLN A 129 47.62 -22.91 10.77
C GLN A 129 46.72 -22.18 9.79
N LEU A 130 46.44 -20.92 10.10
CA LEU A 130 45.52 -20.11 9.32
C LEU A 130 46.22 -19.66 8.04
N ARG A 131 45.78 -20.22 6.91
CA ARG A 131 46.44 -20.03 5.62
C ARG A 131 46.43 -18.56 5.20
N PHE A 132 45.25 -18.00 4.99
CA PHE A 132 45.11 -16.59 4.63
C PHE A 132 43.75 -16.09 5.10
N SER A 133 43.68 -14.80 5.43
CA SER A 133 42.45 -14.18 5.91
C SER A 133 41.97 -13.12 4.93
N ASP A 134 40.64 -13.09 4.73
CA ASP A 134 39.98 -12.15 3.85
C ASP A 134 38.74 -11.62 4.55
N ILE A 135 38.57 -10.31 4.56
CA ILE A 135 37.45 -9.66 5.22
C ILE A 135 36.63 -8.94 4.15
N GLN A 136 35.34 -9.23 4.10
CA GLN A 136 34.45 -8.66 3.09
C GLN A 136 33.47 -7.72 3.79
N VAL A 137 33.73 -6.42 3.66
CA VAL A 137 32.84 -5.36 4.10
C VAL A 137 32.27 -4.68 2.86
N TYR A 138 30.98 -4.35 2.90
CA TYR A 138 30.30 -3.79 1.74
C TYR A 138 29.60 -2.48 2.14
N THR A 139 30.39 -1.45 2.45
CA THR A 139 29.85 -0.14 2.81
C THR A 139 30.66 0.94 2.09
N GLU A 140 30.53 2.17 2.57
CA GLU A 140 31.03 3.35 1.87
C GLU A 140 31.07 4.55 2.82
N ASN A 141 32.12 5.37 2.68
CA ASN A 141 32.54 6.38 3.66
C ASN A 141 33.47 7.40 2.97
N ILE A 142 33.44 8.71 3.28
CA ILE A 142 32.33 9.47 3.89
C ILE A 142 31.03 9.44 3.06
N ASP A 143 29.92 9.10 3.72
CA ASP A 143 28.64 8.85 3.05
C ASP A 143 27.46 8.84 4.01
N ASN A 144 26.65 7.78 3.93
CA ASN A 144 25.39 7.64 4.68
C ASN A 144 25.54 7.84 6.18
N GLU A 145 26.75 7.94 6.68
CA GLU A 145 27.09 8.08 8.08
C GLU A 145 26.77 9.46 8.63
N GLU A 146 25.91 10.20 7.96
CA GLU A 146 25.14 11.22 8.64
C GLU A 146 23.93 10.57 9.28
N ILE A 147 23.34 9.60 8.56
CA ILE A 147 22.35 8.68 9.12
C ILE A 147 23.03 7.66 10.05
N ASP A 148 24.27 7.28 9.77
CA ASP A 148 24.98 6.33 10.60
C ASP A 148 25.92 7.06 11.57
N GLU A 149 26.24 6.38 12.67
CA GLU A 149 26.94 7.02 13.78
C GLU A 149 28.43 7.26 13.51
N TRP A 150 29.06 6.41 12.70
CA TRP A 150 30.52 6.34 12.63
C TRP A 150 31.07 6.52 11.21
N TRP A 151 32.30 7.05 11.13
CA TRP A 151 33.06 7.24 9.90
C TRP A 151 34.23 6.26 9.86
N ILE A 152 34.13 5.22 9.03
CA ILE A 152 35.26 4.32 8.83
C ILE A 152 36.32 5.03 8.00
N ARG A 153 37.57 4.92 8.43
CA ARG A 153 38.68 5.51 7.69
C ARG A 153 39.42 4.45 6.88
N GLY A 154 40.03 3.46 7.56
CA GLY A 154 40.73 2.39 6.87
C GLY A 154 39.79 1.24 6.53
N LYS A 155 40.25 0.37 5.62
CA LYS A 155 39.41 -0.67 5.04
C LYS A 155 39.68 -2.09 5.52
N ALA A 156 40.94 -2.49 5.70
CA ALA A 156 41.20 -3.92 5.54
C ALA A 156 42.22 -4.56 6.47
N SER A 157 42.88 -3.81 7.36
CA SER A 157 43.98 -4.31 8.19
C SER A 157 43.81 -5.77 8.58
N THR A 158 44.78 -6.59 8.19
CA THR A 158 44.84 -8.00 8.52
C THR A 158 46.20 -8.28 9.15
N HIS A 159 46.32 -9.45 9.79
CA HIS A 159 47.61 -9.84 10.33
C HIS A 159 47.93 -11.31 10.05
N ILE A 160 47.41 -12.19 10.89
CA ILE A 160 47.75 -13.61 10.94
C ILE A 160 49.15 -13.72 11.51
N SER A 161 49.24 -13.69 12.84
CA SER A 161 50.50 -13.78 13.55
C SER A 161 50.55 -15.08 14.33
N ASP A 162 51.64 -15.24 15.09
CA ASP A 162 51.84 -16.40 15.93
C ASP A 162 51.97 -15.94 17.37
N ILE A 163 51.19 -16.52 18.26
CA ILE A 163 51.14 -16.12 19.67
C ILE A 163 51.97 -17.10 20.48
N ARG A 164 52.72 -16.60 21.45
CA ARG A 164 53.73 -17.42 22.11
C ARG A 164 53.11 -18.29 23.20
N TYR A 165 52.44 -17.68 24.18
CA TYR A 165 51.90 -18.38 25.35
C TYR A 165 52.99 -19.19 26.06
N ASP A 166 53.88 -18.45 26.72
CA ASP A 166 55.04 -19.08 27.37
C ASP A 166 54.70 -19.75 28.70
N HIS A 167 53.44 -19.86 29.08
CA HIS A 167 53.07 -20.38 30.39
C HIS A 167 52.72 -21.86 30.28
N LEU A 168 53.43 -22.69 31.05
CA LEU A 168 53.42 -24.13 30.93
C LEU A 168 53.57 -24.57 29.47
N SER A 169 54.70 -24.17 28.89
CA SER A 169 55.15 -24.69 27.62
C SER A 169 55.95 -25.98 27.77
N SER A 170 56.17 -26.42 29.00
CA SER A 170 56.69 -27.76 29.27
C SER A 170 55.58 -28.80 29.33
N VAL A 171 54.32 -28.37 29.43
CA VAL A 171 53.19 -29.27 29.20
C VAL A 171 53.34 -29.96 27.86
N GLN A 172 53.89 -29.25 26.87
CA GLN A 172 54.28 -29.82 25.60
C GLN A 172 55.57 -29.12 25.18
N PRO A 173 56.73 -29.74 25.41
CA PRO A 173 57.98 -29.07 25.08
C PRO A 173 58.10 -28.80 23.59
N ASN A 174 58.58 -27.60 23.27
CA ASN A 174 58.98 -27.11 21.95
C ASN A 174 57.84 -26.64 21.05
N GLN A 175 56.57 -26.70 21.47
CA GLN A 175 55.47 -26.40 20.54
C GLN A 175 54.30 -25.81 21.32
N ASN A 176 54.19 -24.47 21.32
CA ASN A 176 53.05 -23.80 21.93
C ASN A 176 52.67 -22.51 21.20
N GLU A 177 52.99 -22.40 19.91
CA GLU A 177 52.73 -21.19 19.14
C GLU A 177 51.46 -21.35 18.33
N PHE A 178 50.46 -20.54 18.64
CA PHE A 178 49.14 -20.59 18.02
C PHE A 178 49.01 -19.54 16.93
N SER A 179 48.24 -19.89 15.90
CA SER A 179 48.06 -19.05 14.71
C SER A 179 46.85 -18.14 14.94
N ARG A 180 47.07 -16.83 14.96
CA ARG A 180 46.02 -15.87 15.30
C ARG A 180 45.81 -14.88 14.14
N ILE A 181 44.65 -14.98 13.51
CA ILE A 181 44.18 -13.94 12.59
C ILE A 181 43.76 -12.73 13.40
N THR A 182 44.22 -11.54 13.00
CA THR A 182 43.78 -10.29 13.60
C THR A 182 43.19 -9.40 12.52
N VAL A 183 41.94 -8.98 12.72
CA VAL A 183 41.23 -8.10 11.81
C VAL A 183 40.88 -6.83 12.58
N ARG A 184 41.17 -5.67 11.97
CA ARG A 184 40.92 -4.40 12.63
C ARG A 184 40.45 -3.34 11.64
N ILE A 185 39.35 -2.68 11.95
CA ILE A 185 38.76 -1.64 11.13
C ILE A 185 38.79 -0.34 11.92
N ASP A 186 39.25 0.73 11.29
CA ASP A 186 39.37 2.03 11.94
C ASP A 186 38.13 2.87 11.63
N ALA A 187 37.66 3.61 12.63
CA ALA A 187 36.44 4.38 12.47
C ALA A 187 36.52 5.66 13.29
N VAL A 188 35.73 6.65 12.86
CA VAL A 188 35.66 7.96 13.48
C VAL A 188 34.22 8.23 13.85
N ARG A 189 34.01 8.88 15.00
CA ARG A 189 32.67 9.24 15.41
C ARG A 189 32.19 10.45 14.61
N ASN A 190 30.88 10.54 14.38
CA ASN A 190 30.28 11.60 13.58
C ASN A 190 29.98 12.82 14.45
N PRO A 191 30.87 13.82 14.47
CA PRO A 191 30.75 14.87 15.49
C PRO A 191 29.72 15.93 15.14
N SER A 192 28.71 15.54 14.36
CA SER A 192 27.67 16.49 13.96
C SER A 192 26.68 16.71 15.10
N TYR A 193 25.89 15.69 15.41
CA TYR A 193 24.86 15.73 16.44
C TYR A 193 25.33 16.37 17.73
N TYR A 194 26.53 16.00 18.20
CA TYR A 194 26.99 16.46 19.50
C TYR A 194 27.39 17.94 19.48
N LEU A 195 27.88 18.45 18.34
CA LEU A 195 28.13 19.89 18.25
C LEU A 195 26.82 20.66 18.15
N TRP A 196 26.04 20.37 17.10
CA TRP A 196 24.81 21.10 16.81
C TRP A 196 23.82 21.09 17.97
N SER A 197 23.94 20.14 18.91
CA SER A 197 22.94 20.00 19.96
C SER A 197 23.49 19.97 21.38
N PHE A 198 24.81 19.88 21.57
CA PHE A 198 25.37 19.91 22.92
C PHE A 198 26.45 20.98 23.05
N ILE A 199 27.51 20.87 22.24
CA ILE A 199 28.60 21.84 22.28
C ILE A 199 28.04 23.26 22.14
N LEU A 200 27.28 23.49 21.07
CA LEU A 200 26.75 24.82 20.77
C LEU A 200 25.90 25.36 21.92
N PRO A 201 24.76 24.75 22.31
CA PRO A 201 23.98 25.30 23.43
C PRO A 201 24.83 25.64 24.65
N LEU A 202 25.80 24.79 24.99
CA LEU A 202 26.63 25.03 26.17
C LEU A 202 27.43 26.33 25.98
N GLY A 203 28.06 26.51 24.83
CA GLY A 203 28.76 27.77 24.56
C GLY A 203 27.89 28.99 24.72
N LEU A 204 26.69 28.96 24.11
CA LEU A 204 25.74 30.05 24.27
C LEU A 204 25.47 30.30 25.75
N ILE A 205 25.28 29.22 26.52
CA ILE A 205 25.10 29.34 27.97
C ILE A 205 26.32 30.00 28.62
N ILE A 206 27.53 29.48 28.36
CA ILE A 206 28.72 30.11 28.94
C ILE A 206 28.87 31.54 28.46
N ALA A 207 28.61 31.79 27.18
CA ALA A 207 28.69 33.15 26.67
C ALA A 207 27.75 34.07 27.44
N ALA A 208 26.45 33.77 27.42
CA ALA A 208 25.47 34.55 28.16
C ALA A 208 25.82 34.72 29.64
N SER A 209 26.56 33.77 30.22
CA SER A 209 27.06 33.95 31.57
C SER A 209 27.83 35.25 31.72
N TRP A 210 28.68 35.59 30.74
CA TRP A 210 29.51 36.78 30.84
C TRP A 210 28.68 38.06 30.82
N SER A 211 27.51 38.04 30.20
CA SER A 211 26.64 39.23 30.13
C SER A 211 26.19 39.69 31.52
N VAL A 212 26.59 38.97 32.56
CA VAL A 212 26.30 39.39 33.93
C VAL A 212 26.98 40.73 34.23
N PHE A 213 28.09 41.02 33.56
CA PHE A 213 28.84 42.24 33.82
C PHE A 213 28.16 43.48 33.26
N TRP A 214 27.15 43.32 32.41
CA TRP A 214 26.42 44.46 31.87
C TRP A 214 25.16 44.77 32.68
N LEU A 215 25.02 44.16 33.86
CA LEU A 215 23.99 44.55 34.81
C LEU A 215 24.47 45.77 35.60
N GLU A 216 23.54 46.69 35.85
CA GLU A 216 23.93 47.99 36.40
C GLU A 216 24.34 47.89 37.86
N SER A 217 23.47 47.33 38.71
CA SER A 217 23.72 47.29 40.15
C SER A 217 24.85 46.32 40.49
N PHE A 218 25.06 46.09 41.78
CA PHE A 218 25.87 44.98 42.27
C PHE A 218 24.99 43.84 42.76
N SER A 219 23.94 44.17 43.53
CA SER A 219 22.93 43.18 43.89
C SER A 219 22.41 42.45 42.66
N GLU A 220 22.15 43.17 41.57
CA GLU A 220 21.75 42.53 40.33
C GLU A 220 22.81 41.52 39.87
N ARG A 221 24.07 41.94 39.83
CA ARG A 221 25.14 41.08 39.38
C ARG A 221 25.26 39.82 40.24
N LEU A 222 25.42 40.00 41.55
CA LEU A 222 25.68 38.85 42.42
C LEU A 222 24.50 37.89 42.45
N GLN A 223 23.27 38.41 42.51
CA GLN A 223 22.10 37.55 42.55
C GLN A 223 21.96 36.75 41.27
N THR A 224 22.00 37.44 40.12
CA THR A 224 21.91 36.79 38.82
C THR A 224 22.94 35.67 38.66
N SER A 225 24.15 35.85 39.20
CA SER A 225 25.17 34.81 39.19
C SER A 225 24.61 33.44 39.60
N PHE A 226 23.87 33.41 40.71
CA PHE A 226 23.33 32.16 41.23
C PHE A 226 22.36 31.50 40.27
N THR A 227 21.62 32.30 39.47
CA THR A 227 20.75 31.72 38.46
C THR A 227 21.57 31.10 37.32
N LEU A 228 22.65 31.77 36.91
CA LEU A 228 23.60 31.17 35.98
C LEU A 228 24.12 29.84 36.52
N MET A 229 24.53 29.82 37.78
CA MET A 229 24.97 28.60 38.44
C MET A 229 23.95 27.47 38.22
N LEU A 230 22.70 27.70 38.63
CA LEU A 230 21.62 26.75 38.38
C LEU A 230 21.57 26.33 36.91
N THR A 231 21.69 27.31 36.00
CA THR A 231 21.61 27.01 34.57
C THR A 231 22.65 25.99 34.14
N VAL A 232 23.87 26.11 34.65
CA VAL A 232 24.91 25.13 34.31
C VAL A 232 24.58 23.78 34.94
N VAL A 233 24.28 23.78 36.25
CA VAL A 233 23.91 22.55 36.95
C VAL A 233 22.82 21.81 36.18
N ALA A 234 21.77 22.55 35.78
CA ALA A 234 20.75 21.98 34.90
C ALA A 234 21.38 21.39 33.64
N TYR A 235 22.22 22.17 32.96
CA TYR A 235 22.80 21.73 31.70
C TYR A 235 23.80 20.60 31.91
N ALA A 236 24.51 20.60 33.03
CA ALA A 236 25.36 19.46 33.38
C ALA A 236 24.53 18.18 33.48
N PHE A 237 23.40 18.27 34.18
CA PHE A 237 22.48 17.14 34.33
C PHE A 237 22.01 16.63 32.97
N TYR A 238 21.44 17.52 32.17
CA TYR A 238 21.00 17.18 30.80
C TYR A 238 22.11 16.48 30.01
N THR A 239 23.31 17.07 29.99
CA THR A 239 24.47 16.41 29.41
C THR A 239 24.65 14.99 29.92
N SER A 240 24.84 14.85 31.24
CA SER A 240 25.14 13.57 31.86
C SER A 240 24.14 12.47 31.48
N ASN A 241 22.84 12.79 31.55
CA ASN A 241 21.82 11.76 31.36
C ASN A 241 21.91 11.13 29.97
N ILE A 242 22.05 11.95 28.93
CA ILE A 242 21.94 11.44 27.57
C ILE A 242 23.27 10.90 27.02
N LEU A 243 24.39 11.49 27.41
CA LEU A 243 25.70 11.12 26.87
C LEU A 243 26.21 9.81 27.46
N PRO A 244 27.11 9.12 26.73
CA PRO A 244 27.62 7.82 27.21
C PRO A 244 28.44 7.96 28.49
N ARG A 245 28.07 7.15 29.49
CA ARG A 245 28.77 7.17 30.77
C ARG A 245 30.17 6.58 30.62
N LEU A 246 31.15 7.20 31.28
CA LEU A 246 32.55 6.81 31.17
C LEU A 246 33.29 6.90 32.51
N PRO A 247 34.56 6.43 32.58
CA PRO A 247 35.33 6.63 33.82
C PRO A 247 36.39 7.72 33.70
N TYR A 248 36.27 8.57 32.68
CA TYR A 248 37.15 9.74 32.53
C TYR A 248 36.34 10.91 32.00
N THR A 249 36.98 12.08 31.99
CA THR A 249 36.33 13.30 31.52
C THR A 249 36.41 13.42 30.01
N THR A 250 35.27 13.66 29.38
CA THR A 250 35.20 13.93 27.95
C THR A 250 35.54 15.39 27.69
N VAL A 251 35.56 15.76 26.40
CA VAL A 251 35.75 17.16 26.03
C VAL A 251 34.57 17.99 26.53
N ILE A 252 33.35 17.58 26.16
CA ILE A 252 32.14 18.21 26.70
C ILE A 252 32.24 18.37 28.22
N ASP A 253 32.63 17.30 28.91
CA ASP A 253 32.71 17.32 30.36
C ASP A 253 33.66 18.40 30.85
N GLN A 254 34.73 18.69 30.11
CA GLN A 254 35.64 19.76 30.48
C GLN A 254 34.97 21.12 30.31
N MET A 255 34.42 21.36 29.12
CA MET A 255 33.65 22.58 28.87
C MET A 255 32.63 22.86 29.97
N ILE A 256 32.03 21.79 30.52
CA ILE A 256 31.08 21.98 31.61
C ILE A 256 31.77 22.51 32.86
N ILE A 257 33.01 22.08 33.11
CA ILE A 257 33.77 22.64 34.22
C ILE A 257 34.16 24.08 33.91
N ALA A 258 34.47 24.37 32.65
CA ALA A 258 34.79 25.73 32.24
C ALA A 258 33.64 26.68 32.55
N GLY A 259 32.41 26.21 32.37
CA GLY A 259 31.24 26.95 32.79
C GLY A 259 31.24 27.22 34.29
N TYR A 260 31.19 26.13 35.07
CA TYR A 260 31.34 26.16 36.52
C TYR A 260 32.46 27.08 36.97
N GLY A 261 33.53 27.17 36.19
CA GLY A 261 34.67 28.01 36.50
C GLY A 261 34.42 29.48 36.25
N SER A 262 34.17 29.83 34.98
CA SER A 262 33.87 31.21 34.62
C SER A 262 32.83 31.83 35.56
N ILE A 263 31.79 31.06 35.91
CA ILE A 263 30.73 31.60 36.75
C ILE A 263 31.22 31.87 38.16
N PHE A 264 32.03 30.96 38.73
CA PHE A 264 32.52 31.18 40.08
C PHE A 264 33.60 32.26 40.12
N ALA A 265 34.36 32.41 39.03
CA ALA A 265 35.30 33.51 38.95
C ALA A 265 34.57 34.85 38.87
N ALA A 266 33.51 34.91 38.06
CA ALA A 266 32.62 36.07 38.05
C ALA A 266 32.22 36.46 39.47
N ILE A 267 31.64 35.51 40.21
CA ILE A 267 31.20 35.78 41.59
C ILE A 267 32.29 36.46 42.40
N LEU A 268 33.52 35.95 42.29
CA LEU A 268 34.64 36.54 43.03
C LEU A 268 34.86 37.99 42.60
N LEU A 269 35.07 38.21 41.29
CA LEU A 269 35.18 39.56 40.75
C LEU A 269 34.02 40.44 41.20
N ILE A 270 32.79 40.07 40.82
CA ILE A 270 31.57 40.79 41.15
C ILE A 270 31.59 41.25 42.61
N ILE A 271 32.06 40.38 43.49
CA ILE A 271 32.16 40.72 44.91
C ILE A 271 33.42 41.52 45.19
N PHE A 272 34.54 41.12 44.57
CA PHE A 272 35.79 41.85 44.76
C PHE A 272 35.72 43.24 44.14
N ALA A 273 35.01 43.40 43.03
CA ALA A 273 34.74 44.72 42.47
C ALA A 273 34.11 45.64 43.50
N HIS A 274 33.16 45.11 44.27
CA HIS A 274 32.38 45.93 45.18
C HIS A 274 33.23 46.50 46.31
N HIS A 275 34.19 45.73 46.82
CA HIS A 275 34.92 46.09 48.03
C HIS A 275 36.39 46.40 47.77
N ARG A 276 36.79 46.62 46.52
CA ARG A 276 38.11 47.16 46.19
C ARG A 276 37.92 48.61 45.78
N GLN A 277 37.84 49.49 46.78
CA GLN A 277 37.27 50.82 46.58
C GLN A 277 38.09 51.87 47.32
N ALA A 278 37.83 53.12 46.97
CA ALA A 278 38.42 54.29 47.63
C ALA A 278 37.64 54.77 48.84
N ASN A 279 36.33 54.52 48.88
CA ASN A 279 35.44 54.91 49.96
C ASN A 279 35.00 53.64 50.69
N GLY A 280 33.75 53.61 51.12
CA GLY A 280 33.15 52.38 51.62
C GLY A 280 32.56 51.55 50.50
N VAL A 281 31.83 52.19 49.59
CA VAL A 281 31.09 51.50 48.53
C VAL A 281 31.31 52.25 47.22
N GLU A 282 32.37 51.90 46.50
CA GLU A 282 32.58 52.33 45.12
C GLU A 282 32.98 51.10 44.30
N ASP A 283 32.12 50.68 43.38
CA ASP A 283 32.49 49.58 42.50
C ASP A 283 33.67 50.02 41.64
N ASP A 284 34.70 49.19 41.59
CA ASP A 284 35.98 49.59 40.99
C ASP A 284 35.77 49.83 39.50
N LEU A 285 36.16 51.02 39.04
CA LEU A 285 35.65 51.55 37.78
C LEU A 285 35.96 50.64 36.60
N LEU A 286 37.24 50.38 36.37
CA LEU A 286 37.63 49.59 35.20
C LEU A 286 37.22 48.12 35.34
N ILE A 287 37.23 47.57 36.57
CA ILE A 287 37.12 46.12 36.73
C ILE A 287 35.75 45.61 36.25
N GLN A 288 34.65 46.25 36.69
CA GLN A 288 33.37 45.73 36.20
C GLN A 288 33.22 45.96 34.70
N ARG A 289 34.23 46.55 34.07
CA ARG A 289 34.41 46.51 32.62
C ARG A 289 35.49 45.52 32.24
N CYS A 290 35.42 44.32 32.82
CA CYS A 290 35.96 43.12 32.18
C CYS A 290 34.89 42.48 31.31
N ARG A 291 34.02 43.33 30.77
CA ARG A 291 32.90 42.89 29.94
C ARG A 291 33.41 42.16 28.71
N LEU A 292 34.34 42.78 28.00
CA LEU A 292 35.04 42.10 26.91
C LEU A 292 36.49 41.88 27.31
N ALA A 293 36.67 41.28 28.48
CA ALA A 293 37.95 40.77 28.96
C ALA A 293 37.84 39.38 29.58
N PHE A 294 36.69 39.01 30.13
CA PHE A 294 36.41 37.61 30.43
C PHE A 294 36.32 36.77 29.17
N PRO A 295 35.52 37.15 28.15
CA PRO A 295 35.52 36.36 26.90
C PRO A 295 36.91 36.10 26.33
N LEU A 296 37.78 37.11 26.34
CA LEU A 296 39.15 36.92 25.84
C LEU A 296 39.93 35.97 26.74
N GLY A 297 39.86 36.17 28.06
CA GLY A 297 40.57 35.30 28.97
C GLY A 297 40.10 33.85 28.88
N PHE A 298 38.79 33.65 28.77
CA PHE A 298 38.26 32.31 28.58
C PHE A 298 38.70 31.72 27.26
N LEU A 299 38.58 32.48 26.17
CA LEU A 299 38.99 31.99 24.86
C LEU A 299 40.50 31.76 24.79
N ALA A 300 41.28 32.53 25.55
CA ALA A 300 42.71 32.27 25.63
C ALA A 300 42.98 30.95 26.34
N ILE A 301 42.25 30.69 27.44
CA ILE A 301 42.39 29.43 28.15
C ILE A 301 41.74 28.30 27.36
N GLY A 302 40.84 28.62 26.43
CA GLY A 302 40.24 27.62 25.58
C GLY A 302 41.00 27.36 24.30
N CYS A 303 42.17 27.97 24.14
CA CYS A 303 43.09 27.65 23.07
C CYS A 303 44.35 26.96 23.58
N VAL A 304 44.47 26.81 24.90
CA VAL A 304 45.51 25.95 25.48
C VAL A 304 44.90 24.64 25.96
N LEU A 305 43.57 24.54 26.03
CA LEU A 305 42.92 23.24 26.17
C LEU A 305 43.14 22.40 24.93
N VAL A 306 43.41 23.03 23.79
CA VAL A 306 43.56 22.31 22.54
C VAL A 306 44.98 21.74 22.41
N ILE A 307 45.98 22.51 22.82
CA ILE A 307 47.36 22.02 22.82
C ILE A 307 47.94 22.12 24.22
N PRO B 1 15.99 -28.62 -9.68
CA PRO B 1 16.21 -27.34 -9.02
C PRO B 1 14.98 -26.90 -8.23
N VAL B 2 14.99 -27.26 -6.94
CA VAL B 2 13.76 -27.37 -6.16
C VAL B 2 12.98 -26.07 -6.15
N ASP B 3 11.68 -26.17 -6.40
CA ASP B 3 10.74 -25.06 -6.25
C ASP B 3 10.20 -25.02 -4.83
N VAL B 4 10.29 -23.85 -4.19
CA VAL B 4 9.85 -23.67 -2.80
C VAL B 4 8.84 -22.54 -2.75
N SER B 5 7.63 -22.86 -2.30
CA SER B 5 6.62 -21.84 -2.03
C SER B 5 6.72 -21.41 -0.57
N VAL B 6 6.60 -20.11 -0.34
CA VAL B 6 6.76 -19.55 1.00
C VAL B 6 5.58 -18.63 1.30
N SER B 7 5.09 -18.71 2.53
CA SER B 7 4.06 -17.82 3.02
C SER B 7 4.45 -17.34 4.41
N ILE B 8 4.27 -16.05 4.67
CA ILE B 8 4.69 -15.43 5.93
C ILE B 8 3.49 -14.70 6.54
N PHE B 9 3.01 -15.21 7.67
CA PHE B 9 1.95 -14.57 8.44
C PHE B 9 2.61 -13.67 9.47
N ILE B 10 2.27 -12.39 9.46
CA ILE B 10 2.85 -11.41 10.38
C ILE B 10 1.83 -11.10 11.46
N ASN B 11 2.20 -11.40 12.71
CA ASN B 11 1.29 -11.31 13.86
C ASN B 11 1.39 -9.99 14.60
N LYS B 12 2.59 -9.41 14.70
CA LYS B 12 2.82 -8.22 15.50
C LYS B 12 4.19 -7.65 15.20
N ILE B 13 4.26 -6.33 15.00
CA ILE B 13 5.51 -5.60 14.84
C ILE B 13 5.56 -4.59 15.98
N TYR B 14 6.61 -4.66 16.80
CA TYR B 14 6.65 -3.86 18.00
C TYR B 14 8.09 -3.51 18.37
N GLY B 15 8.23 -2.61 19.34
CA GLY B 15 9.52 -2.25 19.89
C GLY B 15 10.57 -1.79 18.90
N VAL B 16 10.35 -0.63 18.28
CA VAL B 16 11.40 -0.05 17.44
C VAL B 16 12.57 0.35 18.33
N ASN B 17 13.78 0.20 17.80
CA ASN B 17 15.01 0.59 18.51
C ASN B 17 15.72 1.61 17.63
N THR B 18 15.41 2.88 17.86
CA THR B 18 15.91 3.96 17.02
C THR B 18 17.44 3.95 16.88
N LEU B 19 18.16 3.69 17.97
CA LEU B 19 19.61 3.75 17.91
C LEU B 19 20.18 2.58 17.09
N GLU B 20 19.71 1.36 17.36
CA GLU B 20 20.23 0.19 16.66
C GLU B 20 19.63 0.01 15.28
N GLN B 21 18.59 0.77 14.93
CA GLN B 21 17.87 0.59 13.68
C GLN B 21 17.37 -0.86 13.59
N THR B 22 16.30 -1.16 14.32
CA THR B 22 15.96 -2.53 14.69
C THR B 22 14.50 -2.58 15.09
N TYR B 23 13.82 -3.68 14.75
CA TYR B 23 12.44 -3.90 15.15
C TYR B 23 12.22 -5.38 15.41
N LYS B 24 11.15 -5.67 16.14
CA LYS B 24 10.80 -7.04 16.51
C LYS B 24 9.58 -7.50 15.72
N VAL B 25 9.61 -8.74 15.26
CA VAL B 25 8.53 -9.30 14.44
C VAL B 25 8.18 -10.69 14.96
N ASP B 26 6.92 -10.90 15.31
CA ASP B 26 6.40 -12.20 15.71
C ASP B 26 5.46 -12.70 14.61
N GLY B 27 5.64 -13.94 14.21
CA GLY B 27 4.80 -14.51 13.17
C GLY B 27 5.21 -15.93 12.84
N TYR B 28 4.52 -16.50 11.86
CA TYR B 28 4.78 -17.84 11.37
C TYR B 28 5.38 -17.77 9.98
N ILE B 29 6.16 -18.78 9.63
CA ILE B 29 6.70 -18.94 8.29
C ILE B 29 6.33 -20.33 7.79
N VAL B 30 6.02 -20.43 6.50
CA VAL B 30 5.57 -21.69 5.90
C VAL B 30 6.32 -21.90 4.60
N ALA B 31 6.92 -23.09 4.45
CA ALA B 31 7.60 -23.49 3.24
C ALA B 31 6.93 -24.75 2.69
N GLN B 32 6.73 -24.79 1.38
CA GLN B 32 6.12 -25.96 0.72
C GLN B 32 6.95 -26.31 -0.49
N TRP B 33 7.27 -27.60 -0.62
CA TRP B 33 8.12 -28.09 -1.68
C TRP B 33 7.86 -29.59 -1.84
N THR B 34 7.79 -30.04 -3.09
CA THR B 34 7.34 -31.39 -3.41
C THR B 34 8.54 -32.31 -3.55
N GLY B 35 8.53 -33.39 -2.77
CA GLY B 35 9.60 -34.36 -2.76
C GLY B 35 9.15 -35.72 -3.29
N LYS B 36 10.04 -36.70 -3.12
CA LYS B 36 9.73 -38.05 -3.55
C LYS B 36 8.55 -38.60 -2.74
N PRO B 37 7.48 -39.08 -3.39
CA PRO B 37 6.33 -39.64 -2.66
C PRO B 37 6.71 -40.68 -1.62
N ARG B 38 5.84 -40.85 -0.62
CA ARG B 38 6.12 -41.76 0.48
C ARG B 38 4.81 -42.33 1.01
N LYS B 39 4.94 -43.41 1.79
CA LYS B 39 3.81 -44.03 2.46
C LYS B 39 3.63 -43.41 3.85
N THR B 40 2.44 -42.87 4.10
CA THR B 40 2.04 -42.30 5.39
C THR B 40 1.08 -43.25 6.08
N PRO B 41 1.01 -43.22 7.42
CA PRO B 41 -0.04 -43.97 8.12
C PRO B 41 -1.42 -43.57 7.61
N GLY B 42 -2.28 -44.58 7.44
CA GLY B 42 -3.46 -44.33 6.62
C GLY B 42 -3.03 -43.95 5.22
N ASP B 43 -3.80 -43.08 4.61
CA ASP B 43 -3.29 -42.25 3.52
C ASP B 43 -3.33 -40.79 3.88
N LYS B 44 -3.78 -40.48 5.10
CA LYS B 44 -3.76 -39.11 5.62
C LYS B 44 -2.33 -38.59 5.69
N PRO B 45 -2.11 -37.31 5.41
CA PRO B 45 -0.77 -36.73 5.57
C PRO B 45 -0.27 -36.88 6.99
N LEU B 46 1.05 -36.93 7.14
CA LEU B 46 1.70 -37.16 8.42
C LEU B 46 2.11 -35.84 9.05
N ILE B 47 1.92 -35.74 10.36
CA ILE B 47 2.27 -34.56 11.14
C ILE B 47 3.46 -34.87 12.04
N VAL B 48 4.45 -33.99 12.04
CA VAL B 48 5.68 -34.15 12.83
C VAL B 48 5.88 -32.85 13.60
N GLU B 49 5.70 -32.89 14.92
CA GLU B 49 5.74 -31.69 15.74
C GLU B 49 7.07 -31.54 16.46
N ASN B 50 7.65 -30.34 16.36
CA ASN B 50 8.82 -29.91 17.13
C ASN B 50 9.94 -30.94 17.18
N THR B 51 10.35 -31.34 18.38
CA THR B 51 11.45 -32.25 18.63
C THR B 51 11.50 -33.41 17.64
N GLN B 52 10.33 -33.94 17.28
CA GLN B 52 10.25 -35.06 16.35
C GLN B 52 10.83 -34.73 14.97
N ILE B 53 10.81 -33.46 14.56
CA ILE B 53 11.29 -33.11 13.23
C ILE B 53 12.77 -33.46 13.06
N GLU B 54 13.61 -33.03 14.02
CA GLU B 54 15.03 -33.28 13.92
C GLU B 54 15.36 -34.76 13.78
N ARG B 55 14.54 -35.64 14.38
CA ARG B 55 14.75 -37.07 14.23
C ARG B 55 14.50 -37.53 12.81
N TRP B 56 13.50 -36.96 12.13
CA TRP B 56 13.22 -37.34 10.76
C TRP B 56 14.36 -36.94 9.82
N ILE B 57 15.15 -35.94 10.20
CA ILE B 57 16.27 -35.49 9.39
C ILE B 57 17.43 -36.47 9.51
N ASN B 58 17.67 -36.97 10.73
CA ASN B 58 18.68 -38.01 10.95
C ASN B 58 18.47 -39.24 10.07
N ASN B 59 17.28 -39.41 9.48
CA ASN B 59 17.01 -40.51 8.56
C ASN B 59 17.01 -40.06 7.10
N GLY B 60 17.58 -38.90 6.81
CA GLY B 60 17.75 -38.43 5.45
C GLY B 60 16.64 -37.55 4.91
N LEU B 61 15.71 -37.11 5.75
CA LEU B 61 14.75 -36.10 5.32
C LEU B 61 15.47 -34.78 5.14
N TRP B 62 15.44 -34.24 3.93
CA TRP B 62 16.05 -32.95 3.67
C TRP B 62 15.06 -31.86 4.05
N VAL B 63 15.51 -30.94 4.89
CA VAL B 63 14.70 -29.76 5.22
C VAL B 63 15.65 -28.58 5.17
N PRO B 64 15.50 -27.69 4.19
CA PRO B 64 16.50 -26.64 4.00
C PRO B 64 16.45 -25.60 5.12
N ALA B 65 17.63 -25.20 5.57
CA ALA B 65 17.70 -24.08 6.48
C ALA B 65 17.43 -22.81 5.69
N LEU B 66 16.32 -22.16 6.01
CA LEU B 66 15.98 -20.88 5.41
C LEU B 66 16.39 -19.81 6.40
N GLU B 67 17.31 -18.95 5.97
CA GLU B 67 17.86 -17.93 6.85
C GLU B 67 17.13 -16.61 6.66
N PHE B 68 16.97 -15.89 7.76
CA PHE B 68 16.50 -14.51 7.71
C PHE B 68 17.75 -13.66 7.57
N ILE B 69 18.05 -13.24 6.33
CA ILE B 69 19.28 -12.52 6.04
C ILE B 69 19.46 -11.33 6.97
N ASN B 70 18.35 -10.65 7.30
CA ASN B 70 18.39 -9.40 8.03
C ASN B 70 17.94 -9.53 9.49
N VAL B 71 17.99 -10.71 10.07
CA VAL B 71 17.71 -10.85 11.49
C VAL B 71 19.00 -10.64 12.27
N VAL B 72 18.88 -9.90 13.38
CA VAL B 72 20.02 -9.62 14.26
C VAL B 72 20.00 -10.68 15.35
N GLY B 73 20.77 -11.75 15.16
CA GLY B 73 20.80 -12.84 16.10
C GLY B 73 19.72 -13.86 15.83
N SER B 74 20.05 -15.14 16.03
CA SER B 74 19.12 -16.22 15.74
C SER B 74 17.80 -15.99 16.46
N PRO B 75 16.67 -16.10 15.78
CA PRO B 75 15.39 -15.74 16.38
C PRO B 75 14.82 -16.83 17.29
N ASP B 76 13.86 -16.41 18.11
CA ASP B 76 13.17 -17.32 19.03
C ASP B 76 12.12 -18.12 18.26
N THR B 77 12.36 -19.41 18.10
CA THR B 77 11.44 -20.29 17.39
C THR B 77 10.53 -20.96 18.41
N GLY B 78 9.22 -20.80 18.25
CA GLY B 78 8.28 -21.29 19.23
C GLY B 78 7.86 -22.73 19.04
N ASN B 79 7.15 -22.99 17.94
CA ASN B 79 6.68 -24.33 17.61
C ASN B 79 6.94 -24.57 16.13
N LYS B 80 7.27 -25.81 15.77
CA LYS B 80 7.49 -26.16 14.38
C LYS B 80 6.90 -27.53 14.09
N ARG B 81 6.35 -27.67 12.89
CA ARG B 81 5.77 -28.92 12.43
C ARG B 81 6.16 -29.18 10.99
N LEU B 82 6.28 -30.45 10.64
CA LEU B 82 6.33 -30.87 9.24
C LEU B 82 4.99 -31.52 8.88
N MET B 83 4.54 -31.29 7.66
CA MET B 83 3.37 -31.99 7.12
C MET B 83 3.85 -32.77 5.90
N LEU B 84 4.06 -34.07 6.10
CA LEU B 84 4.56 -34.95 5.05
C LEU B 84 3.37 -35.51 4.27
N PHE B 85 3.38 -35.32 2.98
CA PHE B 85 2.21 -35.78 2.27
C PHE B 85 2.50 -37.09 1.54
N PRO B 86 1.47 -37.91 1.32
CA PRO B 86 1.71 -39.17 0.61
C PRO B 86 2.15 -38.98 -0.83
N ASP B 87 1.69 -37.92 -1.47
CA ASP B 87 2.09 -37.59 -2.84
C ASP B 87 3.43 -36.85 -2.90
N GLY B 88 4.17 -36.82 -1.80
CA GLY B 88 5.51 -36.26 -1.82
C GLY B 88 5.66 -34.91 -1.14
N ARG B 89 4.80 -33.95 -1.51
CA ARG B 89 4.96 -32.58 -1.06
C ARG B 89 5.08 -32.49 0.46
N VAL B 90 5.79 -31.47 0.93
CA VAL B 90 6.14 -31.32 2.33
C VAL B 90 5.92 -29.88 2.73
N ILE B 91 5.37 -29.67 3.91
CA ILE B 91 5.08 -28.34 4.43
C ILE B 91 5.84 -28.16 5.73
N TYR B 92 6.73 -27.17 5.77
CA TYR B 92 7.40 -26.77 7.00
C TYR B 92 6.70 -25.53 7.54
N ASN B 93 6.28 -25.58 8.79
CA ASN B 93 5.55 -24.50 9.42
C ASN B 93 6.12 -24.28 10.80
N ALA B 94 6.50 -23.03 11.10
CA ALA B 94 7.07 -22.71 12.39
C ALA B 94 6.76 -21.26 12.74
N ARG B 95 6.55 -21.02 14.03
CA ARG B 95 6.37 -19.66 14.52
C ARG B 95 7.71 -19.11 14.96
N PHE B 96 7.93 -17.83 14.69
CA PHE B 96 9.19 -17.18 15.03
C PHE B 96 8.91 -15.84 15.70
N LEU B 97 9.92 -15.39 16.43
CA LEU B 97 9.98 -14.01 16.91
C LEU B 97 11.45 -13.61 16.82
N GLY B 98 11.72 -12.54 16.07
CA GLY B 98 13.09 -12.16 15.79
C GLY B 98 13.24 -10.66 15.67
N SER B 99 14.43 -10.18 16.00
CA SER B 99 14.78 -8.77 15.88
C SER B 99 15.44 -8.55 14.53
N PHE B 100 14.77 -7.80 13.65
CA PHE B 100 15.20 -7.60 12.28
C PHE B 100 15.78 -6.20 12.09
N SER B 101 16.70 -6.07 11.13
CA SER B 101 17.45 -4.85 10.88
C SER B 101 17.08 -4.23 9.53
N ASN B 102 17.04 -2.90 9.48
CA ASN B 102 16.90 -2.16 8.23
C ASN B 102 17.37 -0.72 8.42
N ASP B 103 17.69 -0.07 7.31
CA ASP B 103 18.08 1.34 7.33
C ASP B 103 16.88 2.22 7.68
N MET B 104 17.09 3.18 8.59
CA MET B 104 16.00 4.00 9.10
C MET B 104 16.47 5.45 9.29
N ASP B 105 15.88 6.37 8.54
CA ASP B 105 16.16 7.80 8.66
C ASP B 105 15.15 8.42 9.62
N PHE B 106 15.63 8.91 10.76
CA PHE B 106 14.77 9.48 11.79
C PHE B 106 14.90 11.00 11.89
N ARG B 107 15.45 11.66 10.86
CA ARG B 107 15.77 13.07 10.97
C ARG B 107 14.52 13.94 10.96
N LEU B 108 13.41 13.41 10.45
CA LEU B 108 12.11 14.10 10.45
C LEU B 108 11.22 13.55 11.55
N PHE B 109 11.73 13.55 12.80
CA PHE B 109 11.32 12.54 13.77
C PHE B 109 9.81 12.45 13.97
N PRO B 110 9.12 13.44 14.55
CA PRO B 110 7.72 13.19 14.92
C PRO B 110 6.86 12.88 13.72
N PHE B 111 7.41 13.05 12.51
CA PHE B 111 6.71 12.87 11.25
C PHE B 111 7.53 11.89 10.41
N ASP B 112 7.63 10.64 10.87
CA ASP B 112 8.44 9.63 10.21
C ASP B 112 7.68 8.94 9.08
N ARG B 113 8.44 8.44 8.11
CA ARG B 113 7.98 7.40 7.18
C ARG B 113 9.02 6.30 7.20
N GLN B 114 8.62 5.09 7.57
CA GLN B 114 9.57 3.99 7.67
C GLN B 114 9.09 2.78 6.89
N GLN B 115 10.00 1.81 6.71
CA GLN B 115 9.76 0.64 5.86
C GLN B 115 10.31 -0.60 6.56
N PHE B 116 9.43 -1.38 7.18
CA PHE B 116 9.82 -2.59 7.89
C PHE B 116 9.90 -3.76 6.93
N VAL B 117 10.99 -4.53 7.01
CA VAL B 117 11.41 -5.42 5.93
C VAL B 117 11.85 -6.77 6.50
N LEU B 118 11.49 -7.85 5.80
CA LEU B 118 12.04 -9.19 6.01
C LEU B 118 12.78 -9.64 4.76
N GLU B 119 13.94 -10.25 4.95
CA GLU B 119 14.69 -10.89 3.86
C GLU B 119 14.94 -12.35 4.21
N LEU B 120 14.31 -13.23 3.45
CA LEU B 120 14.46 -14.67 3.61
C LEU B 120 15.28 -15.20 2.44
N GLU B 121 16.15 -16.16 2.73
CA GLU B 121 17.00 -16.73 1.69
C GLU B 121 17.61 -18.03 2.20
N PRO B 122 17.64 -19.08 1.39
CA PRO B 122 18.20 -20.36 1.86
C PRO B 122 19.66 -20.22 2.23
N PHE B 123 20.06 -20.96 3.25
CA PHE B 123 21.37 -20.75 3.85
C PHE B 123 22.49 -21.42 3.06
N SER B 124 22.18 -22.40 2.21
CA SER B 124 23.24 -23.11 1.49
C SER B 124 22.76 -23.66 0.16
N TYR B 125 21.87 -22.94 -0.54
CA TYR B 125 21.30 -23.49 -1.76
C TYR B 125 21.00 -22.42 -2.79
N ASN B 126 21.45 -22.67 -4.02
CA ASN B 126 21.33 -21.74 -5.13
C ASN B 126 20.46 -22.27 -6.26
N ASN B 127 20.44 -23.58 -6.47
CA ASN B 127 19.35 -24.17 -7.24
C ASN B 127 18.46 -24.97 -6.30
N GLN B 128 18.01 -24.29 -5.26
CA GLN B 128 16.70 -24.50 -4.67
C GLN B 128 16.12 -23.10 -4.61
N GLN B 129 14.96 -22.90 -5.22
CA GLN B 129 14.55 -21.56 -5.62
C GLN B 129 13.18 -21.27 -5.06
N LEU B 130 13.01 -20.04 -4.57
CA LEU B 130 11.77 -19.64 -3.92
C LEU B 130 10.70 -19.41 -4.97
N ARG B 131 9.73 -20.33 -5.04
CA ARG B 131 8.75 -20.37 -6.10
C ARG B 131 7.93 -19.09 -6.14
N PHE B 132 7.19 -18.82 -5.07
CA PHE B 132 6.41 -17.59 -4.96
C PHE B 132 6.28 -17.26 -3.48
N SER B 133 6.17 -15.96 -3.19
CA SER B 133 6.05 -15.49 -1.82
C SER B 133 4.70 -14.82 -1.59
N ASP B 134 4.11 -15.10 -0.44
CA ASP B 134 2.82 -14.53 -0.07
C ASP B 134 2.90 -14.10 1.39
N ILE B 135 2.52 -12.86 1.67
CA ILE B 135 2.56 -12.31 3.02
C ILE B 135 1.15 -11.90 3.40
N GLN B 136 0.69 -12.38 4.56
CA GLN B 136 -0.68 -12.15 5.02
C GLN B 136 -0.66 -11.25 6.25
N VAL B 137 -1.07 -10.01 6.06
CA VAL B 137 -1.26 -9.03 7.12
C VAL B 137 -2.75 -8.82 7.33
N TYR B 138 -3.19 -8.71 8.60
CA TYR B 138 -4.62 -8.61 8.89
C TYR B 138 -4.85 -7.38 9.77
N THR B 139 -4.69 -6.19 9.21
CA THR B 139 -4.92 -4.95 9.94
C THR B 139 -5.68 -3.99 9.02
N GLU B 140 -5.66 -2.71 9.38
CA GLU B 140 -6.52 -1.68 8.79
C GLU B 140 -5.98 -0.30 9.15
N ASN B 141 -6.04 0.61 8.18
CA ASN B 141 -5.29 1.89 8.18
C ASN B 141 -5.89 2.87 7.16
N ILE B 142 -5.97 4.17 7.43
CA ILE B 142 -5.95 4.83 8.75
C ILE B 142 -7.09 4.37 9.67
N ASP B 143 -6.73 3.98 10.90
CA ASP B 143 -7.65 3.36 11.86
C ASP B 143 -7.14 3.37 13.30
N ASN B 144 -7.13 2.21 13.95
CA ASN B 144 -6.82 2.02 15.36
C ASN B 144 -5.48 2.62 15.79
N GLU B 145 -4.70 3.06 14.83
CA GLU B 145 -3.34 3.57 14.98
C GLU B 145 -3.27 4.95 15.63
N GLU B 146 -4.34 5.35 16.28
CA GLU B 146 -4.27 6.32 17.35
C GLU B 146 -3.91 5.64 18.66
N ILE B 147 -4.49 4.44 18.87
CA ILE B 147 -4.04 3.55 19.92
C ILE B 147 -2.68 2.93 19.57
N ASP B 148 -2.41 2.72 18.30
CA ASP B 148 -1.15 2.16 17.85
C ASP B 148 -0.19 3.25 17.40
N GLU B 149 1.11 2.93 17.46
CA GLU B 149 2.14 3.94 17.24
C GLU B 149 2.29 4.33 15.77
N TRP B 150 2.00 3.42 14.84
CA TRP B 150 2.38 3.56 13.44
C TRP B 150 1.20 3.49 12.48
N TRP B 151 1.33 4.22 11.35
CA TRP B 151 0.33 4.28 10.27
C TRP B 151 0.88 3.55 9.04
N ILE B 152 0.39 2.34 8.77
CA ILE B 152 0.79 1.66 7.53
C ILE B 152 0.08 2.29 6.33
N ARG B 153 0.84 2.52 5.26
CA ARG B 153 0.28 3.06 4.02
C ARG B 153 0.07 1.93 3.01
N GLY B 154 1.17 1.26 2.63
CA GLY B 154 1.14 0.16 1.69
C GLY B 154 0.87 -1.18 2.36
N LYS B 155 0.56 -2.17 1.53
CA LYS B 155 0.13 -3.46 2.03
C LYS B 155 1.12 -4.62 1.86
N ALA B 156 1.80 -4.76 0.71
CA ALA B 156 2.16 -6.12 0.33
C ALA B 156 3.50 -6.35 -0.36
N SER B 157 4.29 -5.31 -0.66
CA SER B 157 5.52 -5.41 -1.46
C SER B 157 6.31 -6.71 -1.31
N THR B 158 6.56 -7.39 -2.43
CA THR B 158 7.33 -8.62 -2.50
C THR B 158 8.47 -8.45 -3.51
N HIS B 159 9.42 -9.38 -3.50
CA HIS B 159 10.46 -9.40 -4.52
C HIS B 159 10.76 -10.81 -5.01
N ILE B 160 11.58 -11.56 -4.28
CA ILE B 160 12.10 -12.85 -4.70
C ILE B 160 13.05 -12.58 -5.86
N SER B 161 14.27 -12.14 -5.54
CA SER B 161 15.27 -11.84 -6.55
C SER B 161 16.39 -12.86 -6.44
N ASP B 162 17.45 -12.65 -7.22
CA ASP B 162 18.62 -13.50 -7.19
C ASP B 162 19.81 -12.67 -6.77
N ILE B 163 20.53 -13.14 -5.76
CA ILE B 163 21.65 -12.41 -5.16
C ILE B 163 22.93 -13.01 -5.70
N ARG B 164 23.91 -12.15 -5.99
CA ARG B 164 25.08 -12.55 -6.76
C ARG B 164 26.13 -13.24 -5.88
N TYR B 165 26.63 -12.55 -4.86
CA TYR B 165 27.72 -13.05 -4.01
C TYR B 165 28.93 -13.42 -4.87
N ASP B 166 29.60 -12.41 -5.40
CA ASP B 166 30.72 -12.66 -6.31
C ASP B 166 32.02 -13.02 -5.60
N HIS B 167 32.01 -13.23 -4.29
CA HIS B 167 33.23 -13.47 -3.53
C HIS B 167 33.44 -14.97 -3.33
N LEU B 168 34.59 -15.46 -3.80
CA LEU B 168 34.88 -16.89 -3.91
C LEU B 168 33.70 -17.63 -4.55
N SER B 169 33.38 -17.20 -5.77
CA SER B 169 32.50 -17.95 -6.65
C SER B 169 33.26 -18.99 -7.45
N SER B 170 34.57 -19.06 -7.28
CA SER B 170 35.37 -20.17 -7.77
C SER B 170 35.40 -21.33 -6.80
N VAL B 171 34.97 -21.11 -5.55
CA VAL B 171 34.65 -22.21 -4.64
C VAL B 171 33.69 -23.18 -5.31
N GLN B 172 32.76 -22.65 -6.11
CA GLN B 172 31.90 -23.47 -6.96
C GLN B 172 31.73 -22.69 -8.26
N PRO B 173 32.48 -23.03 -9.30
CA PRO B 173 32.41 -22.24 -10.54
C PRO B 173 31.02 -22.31 -11.17
N ASN B 174 30.56 -21.16 -11.65
CA ASN B 174 29.37 -20.95 -12.46
C ASN B 174 28.06 -20.93 -11.67
N GLN B 175 28.07 -21.12 -10.34
CA GLN B 175 26.80 -21.25 -9.63
C GLN B 175 26.95 -20.71 -8.21
N ASN B 176 26.54 -19.44 -8.02
CA ASN B 176 26.53 -18.85 -6.69
C ASN B 176 25.37 -17.87 -6.51
N GLU B 177 24.29 -18.02 -7.28
CA GLU B 177 23.16 -17.10 -7.24
C GLU B 177 22.08 -17.70 -6.35
N PHE B 178 21.82 -17.05 -5.23
CA PHE B 178 20.87 -17.50 -4.22
C PHE B 178 19.52 -16.80 -4.39
N SER B 179 18.46 -17.53 -4.07
CA SER B 179 17.09 -17.05 -4.24
C SER B 179 16.65 -16.34 -2.97
N ARG B 180 16.38 -15.05 -3.05
CA ARG B 180 16.07 -14.25 -1.87
C ARG B 180 14.69 -13.61 -1.96
N ILE B 181 13.78 -14.07 -1.12
CA ILE B 181 12.51 -13.39 -0.92
C ILE B 181 12.75 -12.11 -0.14
N THR B 182 12.19 -11.00 -0.62
CA THR B 182 12.23 -9.73 0.09
C THR B 182 10.82 -9.24 0.33
N VAL B 183 10.49 -8.99 1.59
CA VAL B 183 9.18 -8.51 2.02
C VAL B 183 9.38 -7.16 2.69
N ARG B 184 8.56 -6.17 2.32
CA ARG B 184 8.69 -4.82 2.86
C ARG B 184 7.33 -4.15 3.04
N ILE B 185 7.11 -3.61 4.25
CA ILE B 185 5.87 -2.94 4.63
C ILE B 185 6.18 -1.47 4.95
N ASP B 186 5.37 -0.56 4.41
CA ASP B 186 5.53 0.87 4.60
C ASP B 186 4.66 1.36 5.75
N ALA B 187 5.19 2.28 6.55
CA ALA B 187 4.47 2.76 7.73
C ALA B 187 4.83 4.22 8.02
N VAL B 188 3.93 4.89 8.71
CA VAL B 188 4.08 6.30 9.08
C VAL B 188 3.96 6.41 10.60
N ARG B 189 4.75 7.29 11.19
CA ARG B 189 4.65 7.53 12.62
C ARG B 189 3.43 8.39 12.90
N ASN B 190 2.82 8.17 14.07
CA ASN B 190 1.61 8.88 14.47
C ASN B 190 1.97 10.20 15.14
N PRO B 191 1.97 11.32 14.40
CA PRO B 191 2.59 12.54 14.94
C PRO B 191 1.68 13.31 15.87
N SER B 192 0.74 12.61 16.50
CA SER B 192 -0.20 13.27 17.40
C SER B 192 0.46 13.57 18.74
N TYR B 193 0.78 12.51 19.50
CA TYR B 193 1.38 12.63 20.81
C TYR B 193 2.54 13.62 20.85
N TYR B 194 3.44 13.55 19.86
CA TYR B 194 4.62 14.39 19.89
C TYR B 194 4.30 15.85 19.60
N LEU B 195 3.29 16.11 18.77
CA LEU B 195 2.83 17.48 18.60
C LEU B 195 2.07 17.95 19.84
N TRP B 196 1.00 17.25 20.17
CA TRP B 196 0.10 17.64 21.24
C TRP B 196 0.82 17.74 22.59
N SER B 197 1.98 17.10 22.76
CA SER B 197 2.63 17.06 24.06
C SER B 197 4.09 17.50 24.06
N PHE B 198 4.72 17.70 22.90
CA PHE B 198 6.10 18.18 22.86
C PHE B 198 6.23 19.42 21.97
N ILE B 199 5.87 19.29 20.69
CA ILE B 199 5.96 20.41 19.75
C ILE B 199 5.24 21.63 20.32
N LEU B 200 3.96 21.47 20.66
CA LEU B 200 3.15 22.57 21.15
C LEU B 200 3.76 23.24 22.38
N PRO B 201 3.96 22.54 23.52
CA PRO B 201 4.55 23.19 24.70
C PRO B 201 5.79 24.01 24.39
N LEU B 202 6.66 23.47 23.53
CA LEU B 202 7.89 24.16 23.21
C LEU B 202 7.61 25.48 22.50
N GLY B 203 6.70 25.48 21.52
CA GLY B 203 6.31 26.72 20.87
C GLY B 203 5.81 27.78 21.84
N LEU B 204 4.89 27.41 22.72
CA LEU B 204 4.42 28.32 23.76
C LEU B 204 5.59 28.88 24.56
N ILE B 205 6.53 28.01 24.93
CA ILE B 205 7.74 28.46 25.63
C ILE B 205 8.50 29.46 24.78
N ILE B 206 8.81 29.13 23.53
CA ILE B 206 9.49 30.09 22.66
C ILE B 206 8.63 31.34 22.48
N ALA B 207 7.31 31.16 22.32
CA ALA B 207 6.42 32.30 22.19
C ALA B 207 6.54 33.21 23.41
N ALA B 208 6.23 32.67 24.59
CA ALA B 208 6.36 33.43 25.84
C ALA B 208 7.75 34.02 26.03
N SER B 209 8.79 33.39 25.47
CA SER B 209 10.13 33.97 25.48
C SER B 209 10.14 35.40 24.93
N TRP B 210 9.40 35.62 23.84
CA TRP B 210 9.41 36.92 23.20
C TRP B 210 8.77 38.00 24.06
N SER B 211 7.86 37.61 24.96
CA SER B 211 7.20 38.56 25.85
C SER B 211 8.18 39.25 26.80
N VAL B 212 9.46 38.90 26.71
CA VAL B 212 10.48 39.60 27.49
C VAL B 212 10.57 41.07 27.07
N PHE B 213 10.21 41.37 25.82
CA PHE B 213 10.33 42.74 25.31
C PHE B 213 9.26 43.67 25.86
N TRP B 214 8.21 43.15 26.49
CA TRP B 214 7.19 44.00 27.06
C TRP B 214 7.44 44.29 28.53
N LEU B 215 8.63 43.96 29.02
CA LEU B 215 9.07 44.40 30.34
C LEU B 215 9.57 45.84 30.24
N GLU B 216 9.22 46.63 31.25
CA GLU B 216 9.46 48.07 31.16
C GLU B 216 10.95 48.40 31.28
N SER B 217 11.59 47.92 32.35
CA SER B 217 12.98 48.24 32.63
C SER B 217 13.90 47.56 31.62
N PHE B 218 15.21 47.65 31.87
CA PHE B 218 16.23 46.84 31.20
C PHE B 218 16.71 45.71 32.11
N SER B 219 16.99 46.04 33.37
CA SER B 219 17.29 45.01 34.37
C SER B 219 16.21 43.93 34.39
N GLU B 220 14.94 44.33 34.31
CA GLU B 220 13.85 43.37 34.19
C GLU B 220 14.04 42.48 32.97
N ARG B 221 14.29 43.09 31.81
CA ARG B 221 14.46 42.33 30.58
C ARG B 221 15.63 41.35 30.67
N LEU B 222 16.82 41.85 31.00
CA LEU B 222 18.01 40.99 30.97
C LEU B 222 17.95 39.87 32.00
N GLN B 223 17.50 40.18 33.22
CA GLN B 223 17.42 39.16 34.26
C GLN B 223 16.42 38.07 33.88
N THR B 224 15.21 38.48 33.50
CA THR B 224 14.18 37.53 33.08
C THR B 224 14.68 36.59 31.99
N SER B 225 15.49 37.12 31.07
CA SER B 225 16.10 36.30 30.03
C SER B 225 16.72 35.02 30.58
N PHE B 226 17.51 35.15 31.66
CA PHE B 226 18.20 33.99 32.23
C PHE B 226 17.21 32.93 32.72
N THR B 227 16.03 33.35 33.19
CA THR B 227 15.01 32.37 33.56
C THR B 227 14.45 31.68 32.32
N LEU B 228 14.22 32.43 31.25
CA LEU B 228 13.86 31.82 29.97
C LEU B 228 14.92 30.82 29.52
N MET B 229 16.20 31.20 29.60
CA MET B 229 17.30 30.29 29.31
C MET B 229 17.13 28.97 30.07
N LEU B 230 17.04 29.06 31.40
CA LEU B 230 16.76 27.90 32.23
C LEU B 230 15.57 27.11 31.72
N THR B 231 14.49 27.80 31.35
CA THR B 231 13.27 27.13 30.89
C THR B 231 13.55 26.22 29.69
N VAL B 232 14.36 26.68 28.73
CA VAL B 232 14.67 25.86 27.57
C VAL B 232 15.53 24.66 27.97
N VAL B 233 16.63 24.91 28.70
CA VAL B 233 17.48 23.83 29.19
C VAL B 233 16.62 22.78 29.89
N ALA B 234 15.73 23.23 30.78
CA ALA B 234 14.75 22.33 31.38
C ALA B 234 13.97 21.58 30.31
N TYR B 235 13.40 22.30 29.34
CA TYR B 235 12.58 21.66 28.33
C TYR B 235 13.42 20.81 27.38
N ALA B 236 14.66 21.22 27.11
CA ALA B 236 15.57 20.35 26.36
C ALA B 236 15.78 19.03 27.09
N PHE B 237 16.04 19.12 28.40
CA PHE B 237 16.20 17.93 29.23
C PHE B 237 14.97 17.04 29.18
N TYR B 238 13.79 17.61 29.48
CA TYR B 238 12.52 16.89 29.38
C TYR B 238 12.35 16.21 28.03
N THR B 239 12.55 16.96 26.94
CA THR B 239 12.56 16.38 25.59
C THR B 239 13.50 15.18 25.48
N SER B 240 14.80 15.42 25.72
CA SER B 240 15.82 14.39 25.53
C SER B 240 15.51 13.09 26.26
N ASN B 241 15.11 13.19 27.54
CA ASN B 241 14.92 11.99 28.35
C ASN B 241 13.86 11.07 27.76
N ILE B 242 12.74 11.63 27.32
CA ILE B 242 11.59 10.82 26.91
C ILE B 242 11.68 10.40 25.44
N LEU B 243 12.23 11.25 24.57
CA LEU B 243 12.26 11.00 23.14
C LEU B 243 13.33 9.97 22.77
N PRO B 244 13.17 9.30 21.64
CA PRO B 244 14.14 8.27 21.23
C PRO B 244 15.52 8.83 20.95
N ARG B 245 16.52 8.22 21.57
CA ARG B 245 17.90 8.65 21.38
C ARG B 245 18.36 8.35 19.96
N LEU B 246 19.11 9.29 19.37
CA LEU B 246 19.54 9.15 17.98
C LEU B 246 20.96 9.69 17.79
N PRO B 247 21.57 9.49 16.61
CA PRO B 247 22.87 10.11 16.35
C PRO B 247 22.78 11.29 15.41
N TYR B 248 21.58 11.82 15.20
CA TYR B 248 21.39 13.04 14.43
C TYR B 248 20.29 13.88 15.09
N THR B 249 20.12 15.09 14.58
CA THR B 249 19.11 16.00 15.11
C THR B 249 17.75 15.72 14.51
N THR B 250 16.74 15.58 15.37
CA THR B 250 15.36 15.44 14.95
C THR B 250 14.77 16.83 14.66
N VAL B 251 13.51 16.84 14.21
CA VAL B 251 12.80 18.10 14.03
C VAL B 251 12.62 18.80 15.37
N ILE B 252 12.04 18.08 16.34
CA ILE B 252 11.97 18.58 17.71
C ILE B 252 13.33 19.12 18.16
N ASP B 253 14.39 18.34 17.92
CA ASP B 253 15.72 18.74 18.34
C ASP B 253 16.15 20.08 17.74
N GLN B 254 15.71 20.37 16.51
CA GLN B 254 16.02 21.67 15.91
C GLN B 254 15.25 22.79 16.59
N MET B 255 13.92 22.63 16.70
CA MET B 255 13.10 23.58 17.44
C MET B 255 13.70 23.94 18.80
N ILE B 256 14.32 22.96 19.47
CA ILE B 256 14.97 23.24 20.75
C ILE B 256 16.16 24.17 20.56
N ILE B 257 16.89 24.03 19.45
CA ILE B 257 17.96 24.98 19.16
C ILE B 257 17.38 26.35 18.82
N ALA B 258 16.24 26.35 18.11
CA ALA B 258 15.55 27.61 17.82
C ALA B 258 15.18 28.35 19.10
N GLY B 259 14.79 27.61 20.14
CA GLY B 259 14.56 28.19 21.45
C GLY B 259 15.82 28.82 22.01
N TYR B 260 16.85 27.99 22.24
CA TYR B 260 18.19 28.44 22.61
C TYR B 260 18.64 29.65 21.79
N GLY B 261 18.20 29.73 20.53
CA GLY B 261 18.57 30.82 19.65
C GLY B 261 17.86 32.13 19.92
N SER B 262 16.54 32.14 19.76
CA SER B 262 15.74 33.34 20.03
C SER B 262 16.09 33.96 21.36
N ILE B 263 16.28 33.14 22.39
CA ILE B 263 16.55 33.66 23.73
C ILE B 263 17.92 34.33 23.78
N PHE B 264 18.93 33.72 23.15
CA PHE B 264 20.26 34.32 23.15
C PHE B 264 20.34 35.55 22.26
N ALA B 265 19.53 35.58 21.19
CA ALA B 265 19.45 36.79 20.38
C ALA B 265 18.79 37.91 21.15
N ALA B 266 17.71 37.61 21.89
CA ALA B 266 17.11 38.56 22.81
C ALA B 266 18.18 39.22 23.68
N ILE B 267 19.00 38.41 24.36
CA ILE B 267 20.06 38.92 25.23
C ILE B 267 20.85 40.02 24.53
N LEU B 268 21.26 39.76 23.29
CA LEU B 268 22.10 40.71 22.56
C LEU B 268 21.37 42.03 22.33
N LEU B 269 20.20 41.98 21.70
CA LEU B 269 19.38 43.18 21.54
C LEU B 269 19.18 43.91 22.87
N ILE B 270 18.59 43.23 23.86
CA ILE B 270 18.32 43.76 25.18
C ILE B 270 19.50 44.56 25.70
N ILE B 271 20.71 44.06 25.46
CA ILE B 271 21.91 44.77 25.90
C ILE B 271 22.32 45.83 24.89
N PHE B 272 22.28 45.51 23.60
CA PHE B 272 22.66 46.48 22.58
C PHE B 272 21.68 47.64 22.52
N ALA B 273 20.38 47.37 22.76
CA ALA B 273 19.41 48.45 22.92
C ALA B 273 19.88 49.45 23.96
N HIS B 274 20.43 48.95 25.06
CA HIS B 274 20.82 49.80 26.16
C HIS B 274 21.98 50.72 25.77
N HIS B 275 22.93 50.20 24.99
CA HIS B 275 24.19 50.86 24.67
C HIS B 275 24.33 51.27 23.21
N ARG B 276 23.22 51.39 22.49
CA ARG B 276 23.20 52.10 21.20
C ARG B 276 22.36 53.38 21.38
N GLN B 277 23.00 54.44 21.88
CA GLN B 277 22.20 55.53 22.43
C GLN B 277 22.78 56.87 21.98
N ALA B 278 22.00 57.92 22.20
CA ALA B 278 22.45 59.28 21.93
C ALA B 278 23.17 59.91 23.12
N ASN B 279 22.85 59.48 24.34
CA ASN B 279 23.48 59.94 25.58
C ASN B 279 24.30 58.81 26.17
N GLY B 280 24.32 58.67 27.50
CA GLY B 280 24.92 57.51 28.12
C GLY B 280 23.98 56.34 28.25
N VAL B 281 22.74 56.60 28.69
CA VAL B 281 21.74 55.57 28.97
C VAL B 281 20.39 55.95 28.39
N GLU B 282 20.17 55.63 27.12
CA GLU B 282 18.85 55.72 26.50
C GLU B 282 18.60 54.42 25.75
N ASP B 283 17.61 53.65 26.20
CA ASP B 283 17.23 52.46 25.44
C ASP B 283 16.75 52.93 24.07
N ASP B 284 17.27 52.33 23.02
CA ASP B 284 17.06 52.85 21.68
C ASP B 284 15.57 52.72 21.34
N LEU B 285 14.98 53.85 20.93
CA LEU B 285 13.53 54.02 21.00
C LEU B 285 12.79 52.93 20.22
N LEU B 286 13.08 52.83 18.93
CA LEU B 286 12.37 51.85 18.10
C LEU B 286 12.77 50.42 18.44
N ILE B 287 14.03 50.19 18.83
CA ILE B 287 14.56 48.84 18.88
C ILE B 287 13.85 47.98 19.93
N GLN B 288 13.71 48.48 21.18
CA GLN B 288 13.04 47.61 22.14
C GLN B 288 11.55 47.42 21.82
N ARG B 289 11.10 48.01 20.70
CA ARG B 289 9.84 47.62 20.06
C ARG B 289 10.10 46.75 18.84
N CYS B 290 10.95 45.74 19.03
CA CYS B 290 10.88 44.52 18.23
C CYS B 290 9.94 43.52 18.87
N ARG B 291 8.93 44.04 19.57
CA ARG B 291 7.96 43.24 20.29
C ARG B 291 7.21 42.33 19.33
N LEU B 292 6.68 42.91 18.26
CA LEU B 292 6.09 42.13 17.18
C LEU B 292 6.97 42.28 15.94
N ALA B 293 8.26 42.02 16.13
CA ALA B 293 9.24 41.86 15.06
C ALA B 293 10.16 40.68 15.28
N PHE B 294 10.39 40.26 16.52
CA PHE B 294 11.00 38.96 16.78
C PHE B 294 10.09 37.81 16.36
N PRO B 295 8.81 37.76 16.79
CA PRO B 295 7.94 36.68 16.31
C PRO B 295 7.94 36.52 14.79
N LEU B 296 7.93 37.63 14.05
CA LEU B 296 7.96 37.56 12.60
C LEU B 296 9.30 37.01 12.10
N GLY B 297 10.41 37.51 12.65
CA GLY B 297 11.72 37.04 12.23
C GLY B 297 11.93 35.56 12.51
N PHE B 298 11.47 35.11 13.68
CA PHE B 298 11.53 33.68 13.98
C PHE B 298 10.67 32.88 13.03
N LEU B 299 9.43 33.34 12.81
CA LEU B 299 8.52 32.64 11.90
C LEU B 299 9.02 32.68 10.46
N ALA B 300 9.73 33.73 10.07
CA ALA B 300 10.32 33.76 8.73
C ALA B 300 11.42 32.72 8.60
N ILE B 301 12.28 32.61 9.62
CA ILE B 301 13.33 31.61 9.61
C ILE B 301 12.76 30.22 9.86
N GLY B 302 11.55 30.14 10.41
CA GLY B 302 10.90 28.86 10.62
C GLY B 302 10.08 28.38 9.45
N CYS B 303 10.13 29.09 8.32
CA CYS B 303 9.56 28.64 7.06
C CYS B 303 10.65 28.32 6.04
N VAL B 304 11.91 28.54 6.39
CA VAL B 304 13.04 28.06 5.59
C VAL B 304 13.65 26.81 6.22
N LEU B 305 13.31 26.50 7.48
CA LEU B 305 13.59 25.19 8.03
C LEU B 305 12.78 24.12 7.31
N VAL B 306 11.66 24.52 6.69
CA VAL B 306 10.78 23.57 6.03
C VAL B 306 11.30 23.24 4.63
N ILE B 307 11.77 24.26 3.91
CA ILE B 307 12.34 24.05 2.58
C ILE B 307 13.77 24.58 2.54
N PRO C 1 -12.37 -38.01 16.38
CA PRO C 1 -12.09 -36.57 16.45
C PRO C 1 -11.88 -36.11 17.89
N VAL C 2 -10.61 -36.11 18.31
CA VAL C 2 -10.24 -36.19 19.72
C VAL C 2 -10.85 -35.06 20.54
N ASP C 3 -11.44 -35.43 21.68
CA ASP C 3 -11.91 -34.49 22.68
C ASP C 3 -10.81 -34.22 23.70
N VAL C 4 -10.52 -32.94 23.95
CA VAL C 4 -9.47 -32.53 24.88
C VAL C 4 -10.04 -31.58 25.93
N SER C 5 -9.90 -31.96 27.20
CA SER C 5 -10.26 -31.09 28.31
C SER C 5 -9.03 -30.30 28.78
N VAL C 6 -9.24 -29.02 29.08
CA VAL C 6 -8.15 -28.10 29.44
C VAL C 6 -8.50 -27.36 30.72
N SER C 7 -7.50 -27.15 31.58
CA SER C 7 -7.62 -26.35 32.78
C SER C 7 -6.41 -25.42 32.88
N ILE C 8 -6.64 -24.18 33.28
CA ILE C 8 -5.60 -23.15 33.35
C ILE C 8 -5.59 -22.55 34.75
N PHE C 9 -4.52 -22.82 35.50
CA PHE C 9 -4.31 -22.20 36.81
C PHE C 9 -3.45 -20.95 36.60
N ILE C 10 -3.95 -19.79 37.02
CA ILE C 10 -3.22 -18.54 36.87
C ILE C 10 -2.64 -18.16 38.24
N ASN C 11 -1.31 -18.08 38.30
CA ASN C 11 -0.61 -17.89 39.56
C ASN C 11 -0.31 -16.42 39.84
N LYS C 12 -0.04 -15.64 38.79
CA LYS C 12 0.40 -14.27 38.95
C LYS C 12 0.35 -13.56 37.61
N ILE C 13 -0.22 -12.35 37.60
CA ILE C 13 -0.20 -11.47 36.44
C ILE C 13 0.55 -10.22 36.88
N TYR C 14 1.63 -9.90 36.18
CA TYR C 14 2.50 -8.83 36.64
C TYR C 14 3.20 -8.21 35.45
N GLY C 15 3.89 -7.10 35.72
CA GLY C 15 4.71 -6.44 34.73
C GLY C 15 3.99 -6.12 33.44
N VAL C 16 3.02 -5.21 33.51
CA VAL C 16 2.41 -4.70 32.30
C VAL C 16 3.45 -3.88 31.54
N ASN C 17 3.39 -3.95 30.22
CA ASN C 17 4.30 -3.17 29.38
C ASN C 17 3.41 -2.29 28.50
N THR C 18 3.13 -1.09 29.00
CA THR C 18 2.22 -0.18 28.33
C THR C 18 2.59 0.04 26.87
N LEU C 19 3.88 0.17 26.56
CA LEU C 19 4.28 0.46 25.19
C LEU C 19 4.06 -0.75 24.28
N GLU C 20 4.53 -1.92 24.71
CA GLU C 20 4.40 -3.12 23.87
C GLU C 20 3.00 -3.72 23.94
N GLN C 21 2.15 -3.25 24.83
CA GLN C 21 0.83 -3.82 25.08
C GLN C 21 1.01 -5.30 25.41
N THR C 22 1.46 -5.57 26.64
CA THR C 22 2.05 -6.84 27.00
C THR C 22 1.99 -6.99 28.51
N TYR C 23 1.75 -8.21 28.96
CA TYR C 23 1.73 -8.52 30.39
C TYR C 23 2.29 -9.93 30.56
N LYS C 24 2.71 -10.22 31.79
CA LYS C 24 3.32 -11.50 32.11
C LYS C 24 2.34 -12.32 32.94
N VAL C 25 2.26 -13.61 32.63
CA VAL C 25 1.34 -14.53 33.30
C VAL C 25 2.11 -15.80 33.65
N ASP C 26 2.10 -16.14 34.94
CA ASP C 26 2.71 -17.37 35.44
C ASP C 26 1.59 -18.30 35.87
N GLY C 27 1.66 -19.56 35.46
CA GLY C 27 0.64 -20.50 35.84
C GLY C 27 0.91 -21.86 35.23
N TYR C 28 -0.01 -22.77 35.50
CA TYR C 28 0.05 -24.13 34.98
C TYR C 28 -1.05 -24.36 33.96
N ILE C 29 -0.81 -25.31 33.06
CA ILE C 29 -1.80 -25.76 32.08
C ILE C 29 -1.94 -27.27 32.21
N VAL C 30 -3.16 -27.77 32.04
CA VAL C 30 -3.46 -29.19 32.16
C VAL C 30 -4.33 -29.62 30.99
N ALA C 31 -3.90 -30.66 30.28
CA ALA C 31 -4.66 -31.22 29.17
C ALA C 31 -4.99 -32.67 29.47
N GLN C 32 -6.23 -33.07 29.15
CA GLN C 32 -6.67 -34.44 29.36
C GLN C 32 -7.40 -34.95 28.12
N TRP C 33 -7.06 -36.16 27.70
CA TRP C 33 -7.61 -36.74 26.49
C TRP C 33 -7.42 -38.25 26.57
N THR C 34 -8.45 -39.00 26.17
CA THR C 34 -8.48 -40.44 26.36
C THR C 34 -7.98 -41.14 25.10
N GLY C 35 -6.95 -41.98 25.28
CA GLY C 35 -6.34 -42.71 24.19
C GLY C 35 -6.56 -44.20 24.31
N LYS C 36 -5.86 -44.93 23.45
CA LYS C 36 -5.96 -46.39 23.47
C LYS C 36 -5.45 -46.92 24.81
N PRO C 37 -6.24 -47.71 25.54
CA PRO C 37 -5.79 -48.25 26.83
C PRO C 37 -4.43 -48.93 26.77
N ARG C 38 -3.74 -49.00 27.91
CA ARG C 38 -2.39 -49.54 27.96
C ARG C 38 -2.17 -50.19 29.30
N LYS C 39 -1.12 -51.01 29.38
CA LYS C 39 -0.72 -51.65 30.63
C LYS C 39 0.29 -50.76 31.34
N THR C 40 -0.03 -50.38 32.57
CA THR C 40 0.84 -49.59 33.43
C THR C 40 1.42 -50.47 34.53
N PRO C 41 2.59 -50.11 35.06
CA PRO C 41 3.12 -50.82 36.23
C PRO C 41 2.13 -50.78 37.39
N GLY C 42 1.99 -51.92 38.08
CA GLY C 42 0.84 -52.07 38.93
C GLY C 42 -0.42 -51.95 38.08
N ASP C 43 -1.45 -51.36 38.68
CA ASP C 43 -2.50 -50.73 37.89
C ASP C 43 -2.58 -49.24 38.20
N LYS C 44 -1.71 -48.75 39.07
CA LYS C 44 -1.61 -47.33 39.35
C LYS C 44 -1.25 -46.55 38.07
N PRO C 45 -1.80 -45.36 37.88
CA PRO C 45 -1.40 -44.55 36.72
C PRO C 45 0.10 -44.24 36.73
N LEU C 46 0.64 -44.05 35.54
CA LEU C 46 2.07 -43.84 35.36
C LEU C 46 2.36 -42.35 35.27
N ILE C 47 3.46 -41.94 35.91
CA ILE C 47 3.91 -40.55 35.91
C ILE C 47 5.20 -40.46 35.10
N VAL C 48 5.27 -39.48 34.19
CA VAL C 48 6.41 -39.27 33.31
C VAL C 48 6.80 -37.80 33.46
N GLU C 49 7.95 -37.55 34.07
CA GLU C 49 8.35 -36.18 34.39
C GLU C 49 9.38 -35.65 33.39
N ASN C 50 9.12 -34.44 32.90
CA ASN C 50 10.06 -33.64 32.11
C ASN C 50 10.74 -34.43 30.99
N THR C 51 12.08 -34.44 31.00
CA THR C 51 12.90 -35.08 29.98
C THR C 51 12.33 -36.42 29.54
N GLN C 52 11.82 -37.19 30.50
CA GLN C 52 11.27 -38.51 30.19
C GLN C 52 10.09 -38.43 29.24
N ILE C 53 9.34 -37.32 29.23
CA ILE C 53 8.18 -37.22 28.35
C ILE C 53 8.62 -37.31 26.90
N GLU C 54 9.62 -36.51 26.53
CA GLU C 54 10.10 -36.50 25.15
C GLU C 54 10.52 -37.89 24.69
N ARG C 55 11.05 -38.71 25.60
CA ARG C 55 11.40 -40.07 25.24
C ARG C 55 10.16 -40.90 24.92
N TRP C 56 9.07 -40.67 25.65
CA TRP C 56 7.83 -41.40 25.37
C TRP C 56 7.23 -41.04 24.02
N ILE C 57 7.55 -39.86 23.49
CA ILE C 57 7.02 -39.45 22.20
C ILE C 57 7.72 -40.19 21.07
N ASN C 58 9.04 -40.36 21.19
CA ASN C 58 9.83 -41.14 20.24
C ASN C 58 9.32 -42.57 20.04
N ASN C 59 8.47 -43.07 20.94
CA ASN C 59 7.89 -44.40 20.80
C ASN C 59 6.43 -44.35 20.35
N GLY C 60 5.99 -43.23 19.80
CA GLY C 60 4.67 -43.12 19.24
C GLY C 60 3.61 -42.62 20.18
N LEU C 61 3.98 -42.16 21.37
CA LEU C 61 3.00 -41.45 22.19
C LEU C 61 2.76 -40.10 21.55
N TRP C 62 1.52 -39.87 21.14
CA TRP C 62 1.16 -38.59 20.54
C TRP C 62 0.85 -37.63 21.68
N VAL C 63 1.50 -36.48 21.67
CA VAL C 63 1.18 -35.43 22.63
C VAL C 63 1.11 -34.13 21.84
N PRO C 64 -0.08 -33.56 21.71
CA PRO C 64 -0.23 -32.41 20.79
C PRO C 64 0.49 -31.19 21.32
N ALA C 65 1.17 -30.49 20.41
CA ALA C 65 1.73 -29.20 20.74
C ALA C 65 0.60 -28.20 20.82
N LEU C 66 0.36 -27.67 22.02
CA LEU C 66 -0.64 -26.65 22.24
C LEU C 66 0.06 -25.30 22.26
N GLU C 67 -0.30 -24.43 21.32
CA GLU C 67 0.35 -23.14 21.20
C GLU C 67 -0.47 -22.06 21.89
N PHE C 68 0.25 -21.10 22.49
CA PHE C 68 -0.34 -19.89 23.03
C PHE C 68 -0.34 -18.88 21.89
N ILE C 69 -1.49 -18.73 21.21
CA ILE C 69 -1.57 -17.87 20.04
C ILE C 69 -1.04 -16.47 20.32
N ASN C 70 -1.34 -15.95 21.51
CA ASN C 70 -1.05 -14.56 21.84
C ASN C 70 0.13 -14.39 22.79
N VAL C 71 1.02 -15.38 22.88
CA VAL C 71 2.25 -15.23 23.64
C VAL C 71 3.30 -14.64 22.70
N VAL C 72 4.07 -13.69 23.22
CA VAL C 72 5.11 -13.03 22.44
C VAL C 72 6.40 -13.79 22.67
N GLY C 73 6.73 -14.71 21.75
CA GLY C 73 7.92 -15.52 21.92
C GLY C 73 7.66 -16.75 22.75
N SER C 74 8.31 -17.86 22.40
CA SER C 74 8.06 -19.13 23.08
C SER C 74 8.22 -18.97 24.58
N PRO C 75 7.26 -19.44 25.38
CA PRO C 75 7.29 -19.16 26.82
C PRO C 75 8.24 -20.07 27.57
N ASP C 76 8.58 -19.65 28.78
CA ASP C 76 9.46 -20.41 29.67
C ASP C 76 8.67 -21.52 30.34
N THR C 77 8.94 -22.77 29.95
CA THR C 77 8.26 -23.93 30.50
C THR C 77 9.10 -24.50 31.64
N GLY C 78 8.50 -24.60 32.83
CA GLY C 78 9.25 -24.99 34.01
C GLY C 78 9.35 -26.49 34.25
N ASN C 79 8.23 -27.14 34.54
CA ASN C 79 8.18 -28.57 34.77
C ASN C 79 7.00 -29.13 34.00
N LYS C 80 7.14 -30.33 33.47
CA LYS C 80 6.05 -30.98 32.76
C LYS C 80 6.03 -32.45 33.09
N ARG C 81 4.82 -32.99 33.22
CA ARG C 81 4.61 -34.39 33.53
C ARG C 81 3.49 -34.93 32.64
N LEU C 82 3.57 -36.21 32.33
CA LEU C 82 2.45 -36.95 31.78
C LEU C 82 1.90 -37.87 32.84
N MET C 83 0.58 -38.02 32.88
CA MET C 83 -0.07 -39.02 33.71
C MET C 83 -0.80 -39.95 32.75
N LEU C 84 -0.19 -41.10 32.47
CA LEU C 84 -0.74 -42.07 31.54
C LEU C 84 -1.64 -43.03 32.32
N PHE C 85 -2.87 -43.14 31.89
CA PHE C 85 -3.71 -43.98 32.71
C PHE C 85 -3.90 -45.35 32.07
N PRO C 86 -4.16 -46.38 32.87
CA PRO C 86 -4.34 -47.72 32.27
C PRO C 86 -5.56 -47.81 31.38
N ASP C 87 -6.62 -47.05 31.69
CA ASP C 87 -7.82 -47.01 30.86
C ASP C 87 -7.67 -46.10 29.65
N GLY C 88 -6.46 -45.66 29.32
CA GLY C 88 -6.24 -44.90 28.11
C GLY C 88 -5.98 -43.43 28.33
N ARG C 89 -6.83 -42.77 29.11
CA ARG C 89 -6.76 -41.32 29.25
C ARG C 89 -5.37 -40.87 29.68
N VAL C 90 -5.01 -39.67 29.26
CA VAL C 90 -3.67 -39.13 29.43
C VAL C 90 -3.80 -37.69 29.88
N ILE C 91 -2.96 -37.28 30.83
CA ILE C 91 -2.99 -35.94 31.39
C ILE C 91 -1.62 -35.31 31.17
N TYR C 92 -1.59 -34.20 30.43
CA TYR C 92 -0.40 -33.39 30.29
C TYR C 92 -0.50 -32.20 31.23
N ASN C 93 0.52 -32.02 32.06
CA ASN C 93 0.53 -30.97 33.06
C ASN C 93 1.90 -30.31 33.02
N ALA C 94 1.89 -28.98 32.87
CA ALA C 94 3.15 -28.24 32.80
C ALA C 94 2.93 -26.82 33.31
N ARG C 95 3.97 -26.28 33.95
CA ARG C 95 3.95 -24.89 34.37
C ARG C 95 4.59 -24.02 33.30
N PHE C 96 4.03 -22.82 33.12
CA PHE C 96 4.52 -21.90 32.11
C PHE C 96 4.65 -20.51 32.70
N LEU C 97 5.50 -19.70 32.07
CA LEU C 97 5.55 -18.27 32.31
C LEU C 97 5.84 -17.61 30.96
N GLY C 98 4.97 -16.72 30.54
CA GLY C 98 5.08 -16.14 29.21
C GLY C 98 4.56 -14.72 29.20
N SER C 99 5.10 -13.93 28.28
CA SER C 99 4.65 -12.57 28.08
C SER C 99 3.58 -12.59 27.00
N PHE C 100 2.35 -12.26 27.39
CA PHE C 100 1.21 -12.34 26.49
C PHE C 100 0.82 -10.95 25.98
N SER C 101 0.29 -10.91 24.77
CA SER C 101 -0.06 -9.66 24.11
C SER C 101 -1.57 -9.56 23.96
N ASN C 102 -2.07 -8.34 24.12
CA ASN C 102 -3.47 -8.03 23.84
C ASN C 102 -3.57 -6.53 23.60
N ASP C 103 -4.66 -6.13 22.95
CA ASP C 103 -4.89 -4.72 22.70
C ASP C 103 -5.16 -4.01 24.01
N MET C 104 -4.51 -2.87 24.24
CA MET C 104 -4.61 -2.18 25.53
C MET C 104 -4.69 -0.69 25.26
N ASP C 105 -5.83 -0.10 25.63
CA ASP C 105 -6.07 1.33 25.49
C ASP C 105 -5.72 2.00 26.82
N PHE C 106 -4.69 2.84 26.80
CA PHE C 106 -4.21 3.50 28.00
C PHE C 106 -4.51 4.99 28.02
N ARG C 107 -5.47 5.44 27.18
CA ARG C 107 -5.69 6.87 27.02
C ARG C 107 -6.37 7.50 28.23
N LEU C 108 -7.03 6.69 29.05
CA LEU C 108 -7.66 7.15 30.29
C LEU C 108 -6.77 6.76 31.46
N PHE C 109 -5.50 7.16 31.41
CA PHE C 109 -4.43 6.33 31.99
C PHE C 109 -4.70 6.00 33.45
N PRO C 110 -4.68 6.95 34.39
CA PRO C 110 -4.71 6.55 35.81
C PRO C 110 -5.96 5.78 36.18
N PHE C 111 -6.95 5.74 35.27
CA PHE C 111 -8.23 5.10 35.48
C PHE C 111 -8.47 4.13 34.32
N ASP C 112 -7.65 3.09 34.24
CA ASP C 112 -7.77 2.15 33.13
C ASP C 112 -8.82 1.09 33.42
N ARG C 113 -9.38 0.55 32.34
CA ARG C 113 -10.05 -0.74 32.36
C ARG C 113 -9.35 -1.59 31.31
N GLN C 114 -8.78 -2.70 31.73
CA GLN C 114 -8.04 -3.55 30.82
C GLN C 114 -8.57 -4.96 30.89
N GLN C 115 -8.17 -5.77 29.91
CA GLN C 115 -8.70 -7.13 29.77
C GLN C 115 -7.55 -8.05 29.41
N PHE C 116 -7.03 -8.76 30.41
CA PHE C 116 -5.91 -9.66 30.20
C PHE C 116 -6.43 -11.02 29.74
N VAL C 117 -5.79 -11.57 28.70
CA VAL C 117 -6.39 -12.63 27.89
C VAL C 117 -5.35 -13.71 27.60
N LEU C 118 -5.79 -14.97 27.64
CA LEU C 118 -5.04 -16.11 27.14
C LEU C 118 -5.83 -16.72 25.98
N GLU C 119 -5.14 -17.03 24.88
CA GLU C 119 -5.73 -17.71 23.75
C GLU C 119 -4.91 -18.96 23.46
N LEU C 120 -5.51 -20.13 23.70
CA LEU C 120 -4.87 -21.41 23.49
C LEU C 120 -5.48 -22.07 22.25
N GLU C 121 -4.63 -22.75 21.47
CA GLU C 121 -5.11 -23.41 20.26
C GLU C 121 -4.07 -24.40 19.78
N PRO C 122 -4.48 -25.61 19.38
CA PRO C 122 -3.51 -26.62 18.94
C PRO C 122 -2.74 -26.18 17.70
N PHE C 123 -1.48 -26.58 17.64
CA PHE C 123 -0.58 -26.07 16.62
C PHE C 123 -0.76 -26.75 15.27
N SER C 124 -1.35 -27.94 15.21
CA SER C 124 -1.45 -28.64 13.93
C SER C 124 -2.64 -29.60 13.87
N TYR C 125 -3.78 -29.24 14.49
CA TYR C 125 -4.89 -30.18 14.55
C TYR C 125 -6.24 -29.50 14.53
N ASN C 126 -7.15 -29.99 13.67
CA ASN C 126 -8.47 -29.41 13.48
C ASN C 126 -9.62 -30.33 13.85
N ASN C 127 -9.46 -31.65 13.69
CA ASN C 127 -10.36 -32.58 14.36
C ASN C 127 -9.61 -33.28 15.48
N GLN C 128 -9.01 -32.46 16.32
CA GLN C 128 -8.82 -32.72 17.74
C GLN C 128 -9.33 -31.46 18.41
N GLN C 129 -10.29 -31.62 19.31
CA GLN C 129 -11.18 -30.52 19.66
C GLN C 129 -11.19 -30.30 21.17
N LEU C 130 -11.16 -29.03 21.57
CA LEU C 130 -11.06 -28.66 22.97
C LEU C 130 -12.43 -28.85 23.62
N ARG C 131 -12.54 -29.88 24.46
CA ARG C 131 -13.82 -30.31 25.02
C ARG C 131 -14.44 -29.22 25.88
N PHE C 132 -13.78 -28.85 26.98
CA PHE C 132 -14.27 -27.78 27.84
C PHE C 132 -13.08 -27.12 28.53
N SER C 133 -13.22 -25.83 28.82
CA SER C 133 -12.16 -25.06 29.45
C SER C 133 -12.58 -24.58 30.84
N ASP C 134 -11.64 -24.66 31.78
CA ASP C 134 -11.83 -24.23 33.17
C ASP C 134 -10.61 -23.45 33.62
N ILE C 135 -10.83 -22.27 34.20
CA ILE C 135 -9.76 -21.39 34.65
C ILE C 135 -9.88 -21.21 36.16
N GLN C 136 -8.78 -21.44 36.87
CA GLN C 136 -8.76 -21.36 38.33
C GLN C 136 -7.90 -20.18 38.77
N VAL C 137 -8.58 -19.11 39.20
CA VAL C 137 -7.96 -17.94 39.81
C VAL C 137 -8.32 -17.94 41.29
N TYR C 138 -7.36 -17.61 42.16
CA TYR C 138 -7.58 -17.67 43.60
C TYR C 138 -7.20 -16.32 44.23
N THR C 139 -7.99 -15.30 43.95
CA THR C 139 -7.76 -13.98 44.53
C THR C 139 -9.10 -13.39 44.95
N GLU C 140 -9.13 -12.07 45.16
CA GLU C 140 -10.24 -11.40 45.81
C GLU C 140 -10.15 -9.89 45.58
N ASN C 141 -11.31 -9.28 45.36
CA ASN C 141 -11.48 -7.92 44.79
C ASN C 141 -12.90 -7.42 45.10
N ILE C 142 -13.12 -6.12 45.40
CA ILE C 142 -12.14 -5.16 45.91
C ILE C 142 -11.50 -5.59 47.25
N ASP C 143 -10.18 -5.59 47.31
CA ASP C 143 -9.40 -6.12 48.43
C ASP C 143 -7.92 -5.69 48.40
N ASN C 144 -7.02 -6.67 48.51
CA ASN C 144 -5.57 -6.47 48.66
C ASN C 144 -4.93 -5.58 47.61
N GLU C 145 -5.67 -5.25 46.57
CA GLU C 145 -5.25 -4.43 45.45
C GLU C 145 -5.10 -2.96 45.77
N GLU C 146 -4.99 -2.62 47.05
CA GLU C 146 -4.30 -1.40 47.41
C GLU C 146 -2.81 -1.66 47.47
N ILE C 147 -2.44 -2.84 47.98
CA ILE C 147 -1.09 -3.36 47.85
C ILE C 147 -0.81 -3.81 46.42
N ASP C 148 -1.83 -4.30 45.71
CA ASP C 148 -1.68 -4.73 44.33
C ASP C 148 -2.13 -3.65 43.36
N GLU C 149 -1.62 -3.72 42.14
CA GLU C 149 -1.78 -2.63 41.19
C GLU C 149 -3.17 -2.55 40.57
N TRP C 150 -3.87 -3.68 40.42
CA TRP C 150 -5.05 -3.77 39.57
C TRP C 150 -6.29 -4.30 40.31
N TRP C 151 -7.47 -3.86 39.83
CA TRP C 151 -8.78 -4.25 40.34
C TRP C 151 -9.48 -5.15 39.32
N ILE C 152 -9.55 -6.46 39.58
CA ILE C 152 -10.33 -7.34 38.71
C ILE C 152 -11.82 -7.10 38.95
N ARG C 153 -12.58 -6.98 37.87
CA ARG C 153 -14.03 -6.81 37.96
C ARG C 153 -14.76 -8.12 37.69
N GLY C 154 -14.64 -8.65 36.45
CA GLY C 154 -15.25 -9.92 36.10
C GLY C 154 -14.33 -11.08 36.44
N LYS C 155 -14.89 -12.28 36.47
CA LYS C 155 -14.15 -13.44 36.98
C LYS C 155 -13.65 -14.43 35.94
N ALA C 156 -14.41 -14.75 34.92
CA ALA C 156 -14.19 -16.08 34.34
C ALA C 156 -14.36 -16.24 32.84
N SER C 157 -14.76 -15.22 32.09
CA SER C 157 -15.11 -15.34 30.66
C SER C 157 -14.35 -16.42 29.90
N THR C 158 -15.09 -17.35 29.33
CA THR C 158 -14.56 -18.44 28.51
C THR C 158 -15.24 -18.40 27.15
N HIS C 159 -14.66 -19.12 26.19
CA HIS C 159 -15.31 -19.22 24.88
C HIS C 159 -15.25 -20.64 24.33
N ILE C 160 -14.12 -21.00 23.71
CA ILE C 160 -13.94 -22.23 22.94
C ILE C 160 -14.74 -22.05 21.65
N SER C 161 -14.13 -21.41 20.68
CA SER C 161 -14.75 -21.14 19.39
C SER C 161 -14.00 -21.90 18.30
N ASP C 162 -14.43 -21.67 17.06
CA ASP C 162 -13.82 -22.28 15.88
C ASP C 162 -13.32 -21.18 14.95
N ILE C 163 -12.04 -21.29 14.56
CA ILE C 163 -11.37 -20.27 13.75
C ILE C 163 -11.30 -20.77 12.31
N ARG C 164 -11.49 -19.85 11.35
CA ARG C 164 -11.68 -20.23 9.95
C ARG C 164 -10.36 -20.50 9.23
N TYR C 165 -9.47 -19.51 9.18
CA TYR C 165 -8.22 -19.59 8.42
C TYR C 165 -8.50 -19.93 6.94
N ASP C 166 -9.04 -18.95 6.22
CA ASP C 166 -9.41 -19.20 4.83
C ASP C 166 -8.24 -19.15 3.85
N HIS C 167 -7.00 -19.03 4.32
CA HIS C 167 -5.85 -18.87 3.44
C HIS C 167 -5.15 -20.22 3.23
N LEU C 168 -5.04 -20.61 1.96
CA LEU C 168 -4.63 -21.95 1.56
C LEU C 168 -5.38 -23.02 2.36
N SER C 169 -6.70 -22.95 2.23
CA SER C 169 -7.58 -24.02 2.68
C SER C 169 -7.77 -25.08 1.60
N SER C 170 -7.17 -24.86 0.43
CA SER C 170 -7.04 -25.90 -0.59
C SER C 170 -5.81 -26.77 -0.35
N VAL C 171 -4.89 -26.32 0.51
CA VAL C 171 -3.86 -27.21 1.03
C VAL C 171 -4.48 -28.46 1.62
N GLN C 172 -5.66 -28.30 2.25
CA GLN C 172 -6.48 -29.42 2.69
C GLN C 172 -7.94 -29.04 2.48
N PRO C 173 -8.55 -29.48 1.38
CA PRO C 173 -9.93 -29.08 1.09
C PRO C 173 -10.90 -29.57 2.16
N ASN C 174 -11.85 -28.69 2.51
CA ASN C 174 -13.02 -28.92 3.36
C ASN C 174 -12.73 -28.92 4.86
N GLN C 175 -11.48 -28.74 5.30
CA GLN C 175 -11.17 -28.90 6.72
C GLN C 175 -10.03 -27.98 7.10
N ASN C 176 -10.37 -26.81 7.65
CA ASN C 176 -9.36 -25.88 8.16
C ASN C 176 -9.85 -25.13 9.40
N GLU C 177 -10.79 -25.70 10.15
CA GLU C 177 -11.36 -25.04 11.32
C GLU C 177 -10.69 -25.55 12.60
N PHE C 178 -9.99 -24.66 13.29
CA PHE C 178 -9.25 -24.99 14.50
C PHE C 178 -10.02 -24.57 15.74
N SER C 179 -9.86 -25.35 16.81
CA SER C 179 -10.58 -25.15 18.06
C SER C 179 -9.74 -24.27 18.99
N ARG C 180 -10.27 -23.09 19.34
CA ARG C 180 -9.53 -22.11 20.14
C ARG C 180 -10.24 -21.78 21.44
N ILE C 181 -9.63 -22.16 22.56
CA ILE C 181 -10.04 -21.66 23.87
C ILE C 181 -9.61 -20.21 24.02
N THR C 182 -10.54 -19.35 24.46
CA THR C 182 -10.23 -17.96 24.77
C THR C 182 -10.60 -17.67 26.21
N VAL C 183 -9.64 -17.20 26.99
CA VAL C 183 -9.83 -16.84 28.40
C VAL C 183 -9.54 -15.37 28.57
N ARG C 184 -10.43 -14.65 29.25
CA ARG C 184 -10.26 -13.21 29.42
C ARG C 184 -10.75 -12.77 30.79
N ILE C 185 -9.91 -12.05 31.51
CA ILE C 185 -10.21 -11.51 32.83
C ILE C 185 -10.18 -10.00 32.74
N ASP C 186 -11.21 -9.35 33.28
CA ASP C 186 -11.32 -7.90 33.22
C ASP C 186 -10.74 -7.28 34.48
N ALA C 187 -10.04 -6.16 34.31
CA ALA C 187 -9.34 -5.54 35.43
C ALA C 187 -9.32 -4.02 35.26
N VAL C 188 -9.18 -3.34 36.41
CA VAL C 188 -9.16 -1.89 36.49
C VAL C 188 -7.86 -1.47 37.17
N ARG C 189 -7.31 -0.35 36.73
CA ARG C 189 -6.11 0.19 37.36
C ARG C 189 -6.48 0.84 38.69
N ASN C 190 -5.55 0.80 39.64
CA ASN C 190 -5.79 1.34 40.98
C ASN C 190 -5.50 2.83 41.03
N PRO C 191 -6.50 3.70 40.90
CA PRO C 191 -6.21 5.12 40.64
C PRO C 191 -5.85 5.89 41.89
N SER C 192 -5.29 5.21 42.89
CA SER C 192 -4.92 5.88 44.14
C SER C 192 -3.62 6.65 43.98
N TYR C 193 -2.51 5.94 43.88
CA TYR C 193 -1.16 6.49 43.79
C TYR C 193 -1.05 7.64 42.80
N TYR C 194 -1.65 7.48 41.62
CA TYR C 194 -1.48 8.50 40.59
C TYR C 194 -2.25 9.78 40.92
N LEU C 195 -3.38 9.68 41.62
CA LEU C 195 -4.05 10.90 42.09
C LEU C 195 -3.31 11.53 43.25
N TRP C 196 -3.16 10.78 44.35
CA TRP C 196 -2.55 11.30 45.57
C TRP C 196 -1.16 11.86 45.38
N SER C 197 -0.44 11.46 44.32
CA SER C 197 0.95 11.85 44.17
C SER C 197 1.28 12.49 42.83
N PHE C 198 0.37 12.49 41.87
CA PHE C 198 0.61 13.18 40.60
C PHE C 198 -0.50 14.16 40.28
N ILE C 199 -1.74 13.68 40.17
CA ILE C 199 -2.88 14.54 39.84
C ILE C 199 -2.97 15.72 40.79
N LEU C 200 -3.03 15.43 42.10
CA LEU C 200 -3.20 16.48 43.11
C LEU C 200 -2.10 17.54 43.02
N PRO C 201 -0.78 17.21 43.21
CA PRO C 201 0.25 18.24 43.13
C PRO C 201 0.13 19.16 41.93
N LEU C 202 -0.22 18.60 40.77
CA LEU C 202 -0.31 19.38 39.56
C LEU C 202 -1.43 20.43 39.68
N GLY C 203 -2.61 20.03 40.18
CA GLY C 203 -3.67 20.99 40.40
C GLY C 203 -3.26 22.16 41.29
N LEU C 204 -2.64 21.86 42.44
CA LEU C 204 -2.13 22.92 43.31
C LEU C 204 -1.21 23.85 42.53
N ILE C 205 -0.33 23.26 41.71
CA ILE C 205 0.55 24.06 40.86
C ILE C 205 -0.25 24.95 39.91
N ILE C 206 -1.20 24.36 39.17
CA ILE C 206 -2.04 25.19 38.29
C ILE C 206 -2.84 26.21 39.08
N ALA C 207 -3.38 25.80 40.23
CA ALA C 207 -4.11 26.74 41.07
C ALA C 207 -3.23 27.91 41.46
N ALA C 208 -2.12 27.64 42.15
CA ALA C 208 -1.17 28.68 42.53
C ALA C 208 -0.71 29.53 41.36
N SER C 209 -0.71 28.97 40.14
CA SER C 209 -0.44 29.78 38.95
C SER C 209 -1.37 30.99 38.87
N TRP C 210 -2.65 30.79 39.18
CA TRP C 210 -3.63 31.86 39.06
C TRP C 210 -3.35 32.98 40.05
N SER C 211 -2.74 32.67 41.19
CA SER C 211 -2.41 33.68 42.20
C SER C 211 -1.42 34.70 41.66
N VAL C 212 -0.99 34.54 40.41
CA VAL C 212 -0.16 35.54 39.76
C VAL C 212 -0.93 36.84 39.60
N PHE C 213 -2.25 36.78 39.49
CA PHE C 213 -3.05 37.97 39.29
C PHE C 213 -3.15 38.82 40.55
N TRP C 214 -2.76 38.27 41.70
CA TRP C 214 -2.81 39.03 42.94
C TRP C 214 -1.47 39.68 43.25
N LEU C 215 -0.56 39.70 42.28
CA LEU C 215 0.64 40.51 42.37
C LEU C 215 0.30 41.94 42.00
N GLU C 216 0.86 42.90 42.73
CA GLU C 216 0.43 44.28 42.60
C GLU C 216 0.89 44.89 41.27
N SER C 217 2.18 44.81 40.99
CA SER C 217 2.75 45.45 39.81
C SER C 217 2.31 44.72 38.54
N PHE C 218 2.90 45.11 37.41
CA PHE C 218 2.84 44.36 36.16
C PHE C 218 4.13 43.59 35.95
N SER C 219 5.28 44.24 36.18
CA SER C 219 6.56 43.54 36.20
C SER C 219 6.54 42.32 37.12
N GLU C 220 5.95 42.47 38.30
CA GLU C 220 5.79 41.33 39.20
C GLU C 220 5.02 40.20 38.52
N ARG C 221 3.86 40.54 37.94
CA ARG C 221 3.03 39.53 37.28
C ARG C 221 3.77 38.85 36.13
N LEU C 222 4.29 39.63 35.18
CA LEU C 222 4.89 39.04 33.99
C LEU C 222 6.13 38.23 34.32
N GLN C 223 6.98 38.74 35.21
CA GLN C 223 8.20 38.00 35.57
C GLN C 223 7.86 36.69 36.26
N THR C 224 7.01 36.75 37.28
CA THR C 224 6.59 35.55 38.00
C THR C 224 6.01 34.49 37.07
N SER C 225 5.29 34.92 36.03
CA SER C 225 4.77 33.99 35.02
C SER C 225 5.84 33.02 34.54
N PHE C 226 7.01 33.55 34.19
CA PHE C 226 8.10 32.72 33.66
C PHE C 226 8.57 31.69 34.69
N THR C 227 8.48 32.02 35.99
CA THR C 227 8.79 31.02 37.01
C THR C 227 7.73 29.94 37.03
N LEU C 228 6.45 30.32 36.91
CA LEU C 228 5.38 29.35 36.73
C LEU C 228 5.63 28.46 35.51
N MET C 229 5.99 29.07 34.38
CA MET C 229 6.35 28.31 33.19
C MET C 229 7.37 27.23 33.51
N LEU C 230 8.51 27.62 34.06
CA LEU C 230 9.51 26.67 34.52
C LEU C 230 8.91 25.60 35.42
N THR C 231 8.02 25.99 36.33
CA THR C 231 7.43 25.04 37.26
C THR C 231 6.69 23.92 36.54
N VAL C 232 5.93 24.25 35.49
CA VAL C 232 5.21 23.22 34.75
C VAL C 232 6.18 22.32 34.00
N VAL C 233 7.10 22.91 33.24
CA VAL C 233 8.11 22.13 32.52
C VAL C 233 8.79 21.16 33.45
N ALA C 234 9.20 21.62 34.62
CA ALA C 234 9.71 20.73 35.66
C ALA C 234 8.74 19.60 35.95
N TYR C 235 7.47 19.93 36.19
CA TYR C 235 6.50 18.92 36.58
C TYR C 235 6.15 17.99 35.44
N ALA C 236 6.14 18.49 34.20
CA ALA C 236 5.99 17.60 33.04
C ALA C 236 7.09 16.57 33.00
N PHE C 237 8.33 17.02 33.19
CA PHE C 237 9.49 16.13 33.24
C PHE C 237 9.31 15.05 34.30
N TYR C 238 9.07 15.46 35.54
CA TYR C 238 8.81 14.53 36.64
C TYR C 238 7.73 13.51 36.29
N THR C 239 6.58 13.98 35.82
CA THR C 239 5.53 13.11 35.28
C THR C 239 6.07 12.13 34.25
N SER C 240 6.60 12.66 33.14
CA SER C 240 7.06 11.83 32.02
C SER C 240 8.00 10.73 32.46
N ASN C 241 8.98 11.06 33.31
CA ASN C 241 10.00 10.08 33.70
C ASN C 241 9.37 8.89 34.41
N ILE C 242 8.47 9.15 35.35
CA ILE C 242 7.97 8.09 36.23
C ILE C 242 6.80 7.34 35.60
N LEU C 243 5.95 8.05 34.86
CA LEU C 243 4.76 7.42 34.32
C LEU C 243 5.08 6.55 33.10
N PRO C 244 4.24 5.56 32.81
CA PRO C 244 4.50 4.65 31.68
C PRO C 244 4.47 5.37 30.34
N ARG C 245 5.53 5.14 29.55
CA ARG C 245 5.63 5.76 28.24
C ARG C 245 4.60 5.18 27.28
N LEU C 246 4.01 6.05 26.46
CA LEU C 246 2.94 5.65 25.55
C LEU C 246 3.08 6.40 24.22
N PRO C 247 2.29 6.02 23.20
CA PRO C 247 2.30 6.80 21.95
C PRO C 247 1.07 7.69 21.81
N TYR C 248 0.36 7.91 22.91
CA TYR C 248 -0.77 8.83 22.93
C TYR C 248 -0.74 9.62 24.22
N THR C 249 -1.60 10.62 24.29
CA THR C 249 -1.68 11.47 25.48
C THR C 249 -2.55 10.81 26.54
N THR C 250 -2.02 10.69 27.74
CA THR C 250 -2.80 10.21 28.87
C THR C 250 -3.65 11.35 29.42
N VAL C 251 -4.47 11.06 30.43
CA VAL C 251 -5.22 12.12 31.09
C VAL C 251 -4.28 13.10 31.77
N ILE C 252 -3.38 12.57 32.61
CA ILE C 252 -2.31 13.37 33.19
C ILE C 252 -1.61 14.22 32.12
N ASP C 253 -1.29 13.60 30.99
CA ASP C 253 -0.59 14.31 29.92
C ASP C 253 -1.39 15.52 29.42
N GLN C 254 -2.72 15.42 29.43
CA GLN C 254 -3.56 16.55 29.03
C GLN C 254 -3.51 17.67 30.07
N MET C 255 -3.78 17.34 31.33
CA MET C 255 -3.66 18.29 32.44
C MET C 255 -2.37 19.08 32.37
N ILE C 256 -1.28 18.43 31.94
CA ILE C 256 0.00 19.11 31.78
C ILE C 256 -0.09 20.14 30.66
N ILE C 257 -0.85 19.86 29.60
CA ILE C 257 -1.05 20.86 28.55
C ILE C 257 -1.90 22.01 29.08
N ALA C 258 -2.91 21.70 29.91
CA ALA C 258 -3.74 22.73 30.50
C ALA C 258 -2.91 23.69 31.34
N GLY C 259 -1.90 23.19 32.05
CA GLY C 259 -0.96 24.03 32.75
C GLY C 259 -0.25 24.97 31.80
N TYR C 260 0.49 24.39 30.86
CA TYR C 260 1.12 25.12 29.76
C TYR C 260 0.20 26.17 29.14
N GLY C 261 -1.11 25.88 29.11
CA GLY C 261 -2.09 26.78 28.55
C GLY C 261 -2.44 27.96 29.42
N SER C 262 -3.04 27.68 30.58
CA SER C 262 -3.39 28.73 31.53
C SER C 262 -2.25 29.71 31.76
N ILE C 263 -1.02 29.21 31.89
CA ILE C 263 0.12 30.06 32.15
C ILE C 263 0.41 30.95 30.94
N PHE C 264 0.32 30.38 29.73
CA PHE C 264 0.55 31.18 28.54
C PHE C 264 -0.61 32.12 28.27
N ALA C 265 -1.83 31.74 28.67
CA ALA C 265 -2.96 32.65 28.59
C ALA C 265 -2.82 33.80 29.57
N ALA C 266 -2.41 33.49 30.81
CA ALA C 266 -2.07 34.52 31.79
C ALA C 266 -1.15 35.59 31.19
N ILE C 267 -0.01 35.16 30.64
CA ILE C 267 0.96 36.08 30.06
C ILE C 267 0.28 37.05 29.09
N LEU C 268 -0.58 36.54 28.22
CA LEU C 268 -1.27 37.39 27.26
C LEU C 268 -2.14 38.42 27.98
N LEU C 269 -3.05 37.94 28.84
CA LEU C 269 -3.85 38.82 29.68
C LEU C 269 -2.98 39.84 30.40
N ILE C 270 -2.05 39.37 31.22
CA ILE C 270 -1.12 40.19 31.99
C ILE C 270 -0.52 41.29 31.12
N ILE C 271 -0.18 40.96 29.87
CA ILE C 271 0.39 41.94 28.96
C ILE C 271 -0.70 42.77 28.30
N PHE C 272 -1.80 42.14 27.87
CA PHE C 272 -2.89 42.88 27.25
C PHE C 272 -3.57 43.80 28.25
N ALA C 273 -3.65 43.38 29.51
CA ALA C 273 -4.10 44.29 30.56
C ALA C 273 -3.30 45.58 30.55
N HIS C 274 -1.98 45.47 30.39
CA HIS C 274 -1.10 46.62 30.47
C HIS C 274 -1.35 47.58 29.31
N HIS C 275 -1.61 47.03 28.11
CA HIS C 275 -1.69 47.78 26.87
C HIS C 275 -3.08 47.83 26.25
N ARG C 276 -4.13 47.62 27.05
CA ARG C 276 -5.49 48.01 26.67
C ARG C 276 -5.96 49.14 27.60
N GLN C 277 -5.60 50.39 27.27
CA GLN C 277 -5.69 51.46 28.27
C GLN C 277 -6.32 52.69 27.63
N ALA C 278 -6.69 53.64 28.49
CA ALA C 278 -7.14 54.96 28.08
C ALA C 278 -6.01 55.97 27.91
N ASN C 279 -4.90 55.78 28.62
CA ASN C 279 -3.71 56.64 28.52
C ASN C 279 -2.58 55.85 27.88
N GLY C 280 -1.34 56.09 28.29
CA GLY C 280 -0.25 55.23 27.84
C GLY C 280 -0.09 53.99 28.70
N VAL C 281 -0.16 54.14 30.02
CA VAL C 281 0.06 53.05 30.96
C VAL C 281 -1.00 53.04 32.06
N GLU C 282 -2.12 52.37 31.80
CA GLU C 282 -3.13 52.08 32.82
C GLU C 282 -3.49 50.62 32.69
N ASP C 283 -3.16 49.83 33.71
CA ASP C 283 -3.58 48.43 33.69
C ASP C 283 -5.10 48.42 33.72
N ASP C 284 -5.70 47.65 32.80
CA ASP C 284 -7.13 47.74 32.58
C ASP C 284 -7.87 47.26 33.82
N LEU C 285 -8.78 48.10 34.33
CA LEU C 285 -9.25 48.02 35.71
C LEU C 285 -9.87 46.66 36.03
N LEU C 286 -10.92 46.30 35.30
CA LEU C 286 -11.61 45.05 35.58
C LEU C 286 -10.75 43.84 35.21
N ILE C 287 -9.94 43.96 34.16
CA ILE C 287 -9.33 42.77 33.54
C ILE C 287 -8.36 42.09 34.51
N GLN C 288 -7.41 42.83 35.11
CA GLN C 288 -6.50 42.12 36.02
C GLN C 288 -7.21 41.64 37.28
N ARG C 289 -8.51 41.89 37.36
CA ARG C 289 -9.40 41.17 38.28
C ARG C 289 -10.17 40.10 37.53
N CYS C 290 -9.43 39.32 36.73
CA CYS C 290 -9.83 37.96 36.42
C CYS C 290 -9.26 37.00 37.45
N ARG C 291 -9.11 37.51 38.67
CA ARG C 291 -8.54 36.75 39.78
C ARG C 291 -9.41 35.53 40.08
N LEU C 292 -10.70 35.75 40.25
CA LEU C 292 -11.66 34.65 40.34
C LEU C 292 -12.54 34.65 39.11
N ALA C 293 -11.89 34.68 37.95
CA ALA C 293 -12.50 34.45 36.66
C ALA C 293 -11.68 33.53 35.77
N PHE C 294 -10.35 33.49 35.95
CA PHE C 294 -9.57 32.41 35.36
C PHE C 294 -9.91 31.06 36.01
N PRO C 295 -9.92 30.91 37.34
CA PRO C 295 -10.34 29.63 37.94
C PRO C 295 -11.67 29.11 37.41
N LEU C 296 -12.66 29.99 37.25
CA LEU C 296 -13.95 29.55 36.72
C LEU C 296 -13.84 29.13 35.26
N GLY C 297 -13.15 29.92 34.44
CA GLY C 297 -12.98 29.55 33.04
C GLY C 297 -12.24 28.25 32.86
N PHE C 298 -11.19 28.04 33.67
CA PHE C 298 -10.47 26.76 33.61
C PHE C 298 -11.37 25.61 34.03
N LEU C 299 -12.10 25.77 35.15
CA LEU C 299 -13.00 24.71 35.60
C LEU C 299 -14.16 24.51 34.64
N ALA C 300 -14.59 25.56 33.94
CA ALA C 300 -15.64 25.39 32.93
C ALA C 300 -15.12 24.56 31.76
N ILE C 301 -13.89 24.85 31.30
CA ILE C 301 -13.29 24.08 30.23
C ILE C 301 -12.86 22.71 30.74
N GLY C 302 -12.71 22.56 32.06
CA GLY C 302 -12.38 21.30 32.68
C GLY C 302 -13.58 20.45 33.01
N CYS C 303 -14.77 20.88 32.61
CA CYS C 303 -15.98 20.06 32.66
C CYS C 303 -16.44 19.67 31.28
N VAL C 304 -15.78 20.15 30.23
CA VAL C 304 -15.99 19.69 28.86
C VAL C 304 -14.88 18.75 28.39
N LEU C 305 -13.76 18.68 29.11
CA LEU C 305 -12.79 17.61 28.90
C LEU C 305 -13.39 16.26 29.26
N VAL C 306 -14.40 16.25 30.13
CA VAL C 306 -14.97 15.00 30.62
C VAL C 306 -15.99 14.44 29.61
N ILE C 307 -16.80 15.31 29.01
CA ILE C 307 -17.76 14.88 28.00
C ILE C 307 -17.52 15.62 26.69
N PRO D 1 4.88 -44.83 51.22
CA PRO D 1 4.66 -43.39 51.06
C PRO D 1 5.91 -42.59 51.41
N VAL D 2 6.72 -42.31 50.38
CA VAL D 2 8.14 -42.01 50.54
C VAL D 2 8.37 -40.84 51.49
N ASP D 3 9.29 -41.03 52.43
CA ASP D 3 9.78 -39.95 53.29
C ASP D 3 10.98 -39.28 52.64
N VAL D 4 10.93 -37.95 52.53
CA VAL D 4 11.99 -37.17 51.89
C VAL D 4 12.49 -36.11 52.88
N SER D 5 13.79 -36.15 53.18
CA SER D 5 14.43 -35.11 53.97
C SER D 5 15.02 -34.06 53.03
N VAL D 6 14.85 -32.79 53.41
CA VAL D 6 15.31 -31.67 52.60
C VAL D 6 16.10 -30.72 53.48
N SER D 7 17.18 -30.18 52.92
CA SER D 7 17.96 -29.12 53.55
C SER D 7 18.25 -28.06 52.50
N ILE D 8 18.15 -26.80 52.88
CA ILE D 8 18.31 -25.68 51.96
C ILE D 8 19.37 -24.74 52.48
N PHE D 9 20.48 -24.66 51.78
CA PHE D 9 21.55 -23.72 52.10
C PHE D 9 21.30 -22.43 51.31
N ILE D 10 21.17 -21.32 52.02
CA ILE D 10 20.89 -20.02 51.41
C ILE D 10 22.17 -19.20 51.37
N ASN D 11 22.61 -18.83 50.16
CA ASN D 11 23.89 -18.17 49.96
C ASN D 11 23.78 -16.65 49.89
N LYS D 12 22.70 -16.12 49.32
CA LYS D 12 22.59 -14.69 49.09
C LYS D 12 21.16 -14.37 48.68
N ILE D 13 20.60 -13.32 49.28
CA ILE D 13 19.30 -12.78 48.91
C ILE D 13 19.54 -11.34 48.47
N TYR D 14 19.18 -11.02 47.23
CA TYR D 14 19.54 -9.74 46.67
C TYR D 14 18.52 -9.32 45.62
N GLY D 15 18.65 -8.07 45.18
CA GLY D 15 17.85 -7.53 44.10
C GLY D 15 16.35 -7.65 44.29
N VAL D 16 15.81 -6.95 45.28
CA VAL D 16 14.37 -6.88 45.42
C VAL D 16 13.79 -6.10 44.24
N ASN D 17 12.61 -6.51 43.80
CA ASN D 17 11.91 -5.84 42.72
C ASN D 17 10.58 -5.39 43.31
N THR D 18 10.58 -4.17 43.85
CA THR D 18 9.41 -3.64 44.56
C THR D 18 8.13 -3.74 43.73
N LEU D 19 8.21 -3.44 42.44
CA LEU D 19 7.01 -3.44 41.62
C LEU D 19 6.47 -4.85 41.41
N GLU D 20 7.34 -5.79 41.03
CA GLU D 20 6.91 -7.15 40.78
C GLU D 20 6.70 -7.95 42.05
N GLN D 21 7.08 -7.40 43.21
CA GLN D 21 7.03 -8.12 44.47
C GLN D 21 7.84 -9.39 44.31
N THR D 22 9.16 -9.26 44.31
CA THR D 22 10.08 -10.25 43.75
C THR D 22 11.46 -10.04 44.34
N TYR D 23 12.16 -11.15 44.58
CA TYR D 23 13.54 -11.12 45.07
C TYR D 23 14.29 -12.31 44.50
N LYS D 24 15.62 -12.21 44.53
CA LYS D 24 16.50 -13.24 44.00
C LYS D 24 17.17 -14.00 45.14
N VAL D 25 17.27 -15.31 45.01
CA VAL D 25 17.85 -16.18 46.03
C VAL D 25 18.79 -17.16 45.35
N ASP D 26 20.05 -17.18 45.79
CA ASP D 26 21.05 -18.13 45.35
C ASP D 26 21.37 -19.08 46.49
N GLY D 27 21.40 -20.37 46.19
CA GLY D 27 21.71 -21.36 47.22
C GLY D 27 21.63 -22.76 46.67
N TYR D 28 21.86 -23.71 47.57
CA TYR D 28 21.78 -25.14 47.25
C TYR D 28 20.56 -25.76 47.90
N ILE D 29 20.08 -26.85 47.29
CA ILE D 29 19.03 -27.67 47.83
C ILE D 29 19.52 -29.12 47.83
N VAL D 30 19.15 -29.87 48.87
CA VAL D 30 19.55 -31.27 48.99
C VAL D 30 18.34 -32.08 49.40
N ALA D 31 18.08 -33.16 48.68
CA ALA D 31 17.00 -34.09 48.98
C ALA D 31 17.59 -35.45 49.28
N GLN D 32 17.05 -36.10 50.31
CA GLN D 32 17.53 -37.42 50.71
C GLN D 32 16.34 -38.33 50.93
N TRP D 33 16.41 -39.53 50.37
CA TRP D 33 15.32 -40.50 50.40
C TRP D 33 15.91 -41.87 50.14
N THR D 34 15.45 -42.87 50.89
CA THR D 34 16.04 -44.19 50.92
C THR D 34 15.32 -45.11 49.95
N GLY D 35 16.07 -45.70 49.01
CA GLY D 35 15.51 -46.57 48.00
C GLY D 35 15.98 -48.01 48.13
N LYS D 36 15.66 -48.83 47.13
CA LYS D 36 16.10 -50.22 47.11
C LYS D 36 17.62 -50.28 47.05
N PRO D 37 18.28 -50.98 47.98
CA PRO D 37 19.74 -51.07 47.95
C PRO D 37 20.29 -51.52 46.60
N ARG D 38 21.54 -51.16 46.34
CA ARG D 38 22.15 -51.46 45.05
C ARG D 38 23.65 -51.68 45.26
N LYS D 39 24.28 -52.27 44.24
CA LYS D 39 25.72 -52.46 44.25
C LYS D 39 26.39 -51.26 43.60
N THR D 40 27.29 -50.63 44.33
CA THR D 40 28.10 -49.53 43.85
C THR D 40 29.52 -50.01 43.60
N PRO D 41 30.27 -49.39 42.69
CA PRO D 41 31.69 -49.73 42.57
C PRO D 41 32.41 -49.57 43.90
N GLY D 42 33.29 -50.53 44.19
CA GLY D 42 33.71 -50.68 45.57
C GLY D 42 32.51 -51.00 46.43
N ASP D 43 32.53 -50.50 47.66
CA ASP D 43 31.30 -50.28 48.40
C ASP D 43 31.13 -48.81 48.74
N LYS D 44 32.05 -47.98 48.30
CA LYS D 44 31.90 -46.53 48.42
C LYS D 44 30.64 -46.09 47.67
N PRO D 45 29.89 -45.13 48.20
CA PRO D 45 28.74 -44.61 47.47
C PRO D 45 29.15 -44.06 46.11
N LEU D 46 28.23 -44.12 45.16
CA LEU D 46 28.50 -43.71 43.80
C LEU D 46 28.07 -42.27 43.60
N ILE D 47 28.89 -41.51 42.88
CA ILE D 47 28.62 -40.11 42.58
C ILE D 47 28.27 -39.99 41.11
N VAL D 48 27.18 -39.27 40.82
CA VAL D 48 26.67 -39.08 39.47
C VAL D 48 26.48 -37.58 39.29
N GLU D 49 27.32 -36.97 38.46
CA GLU D 49 27.33 -35.53 38.30
C GLU D 49 26.62 -35.10 37.02
N ASN D 50 25.73 -34.12 37.16
CA ASN D 50 25.08 -33.40 36.06
C ASN D 50 24.55 -34.33 34.97
N THR D 51 24.99 -34.11 33.73
CA THR D 51 24.53 -34.86 32.55
C THR D 51 24.36 -36.34 32.84
N GLN D 52 25.28 -36.93 33.59
CA GLN D 52 25.19 -38.34 33.92
C GLN D 52 23.91 -38.67 34.69
N ILE D 53 23.36 -37.71 35.45
CA ILE D 53 22.15 -37.98 36.21
C ILE D 53 21.00 -38.34 35.28
N GLU D 54 20.76 -37.51 34.27
CA GLU D 54 19.68 -37.77 33.34
C GLU D 54 19.82 -39.14 32.67
N ARG D 55 21.06 -39.58 32.43
CA ARG D 55 21.26 -40.92 31.89
C ARG D 55 20.84 -41.99 32.89
N TRP D 56 21.12 -41.78 34.17
CA TRP D 56 20.73 -42.76 35.18
C TRP D 56 19.22 -42.84 35.30
N ILE D 57 18.50 -41.78 34.92
CA ILE D 57 17.05 -41.79 34.95
C ILE D 57 16.49 -42.60 33.80
N ASN D 58 17.10 -42.46 32.62
CA ASN D 58 16.76 -43.29 31.47
C ASN D 58 16.87 -44.78 31.76
N ASN D 59 17.56 -45.18 32.83
CA ASN D 59 17.65 -46.57 33.25
C ASN D 59 16.76 -46.85 34.45
N GLY D 60 15.80 -45.98 34.74
CA GLY D 60 14.81 -46.22 35.76
C GLY D 60 15.13 -45.68 37.13
N LEU D 61 16.18 -44.87 37.28
CA LEU D 61 16.38 -44.18 38.55
C LEU D 61 15.34 -43.10 38.69
N TRP D 62 14.52 -43.19 39.73
CA TRP D 62 13.51 -42.20 39.99
C TRP D 62 14.13 -41.04 40.76
N VAL D 63 13.94 -39.83 40.26
CA VAL D 63 14.37 -38.63 40.96
C VAL D 63 13.21 -37.64 40.89
N PRO D 64 12.54 -37.35 42.01
CA PRO D 64 11.32 -36.56 41.94
C PRO D 64 11.61 -35.12 41.55
N ALA D 65 10.78 -34.59 40.66
CA ALA D 65 10.86 -33.17 40.35
C ALA D 65 10.29 -32.39 41.53
N LEU D 66 11.16 -31.64 42.20
CA LEU D 66 10.74 -30.77 43.29
C LEU D 66 10.62 -29.36 42.73
N GLU D 67 9.42 -28.81 42.79
CA GLU D 67 9.13 -27.50 42.21
C GLU D 67 9.18 -26.43 43.28
N PHE D 68 9.65 -25.25 42.88
CA PHE D 68 9.59 -24.05 43.71
C PHE D 68 8.27 -23.38 43.37
N ILE D 69 7.24 -23.60 44.21
CA ILE D 69 5.90 -23.10 43.92
C ILE D 69 5.91 -21.61 43.62
N ASN D 70 6.72 -20.84 44.35
CA ASN D 70 6.68 -19.39 44.28
C ASN D 70 7.86 -18.80 43.52
N VAL D 71 8.51 -19.57 42.65
CA VAL D 71 9.55 -19.02 41.79
C VAL D 71 8.88 -18.48 40.53
N VAL D 72 9.33 -17.31 40.10
CA VAL D 72 8.79 -16.67 38.91
C VAL D 72 9.65 -17.11 37.74
N GLY D 73 9.21 -18.15 37.04
CA GLY D 73 9.98 -18.69 35.94
C GLY D 73 11.01 -19.70 36.40
N SER D 74 11.22 -20.75 35.60
CA SER D 74 12.13 -21.82 35.96
C SER D 74 13.50 -21.27 36.34
N PRO D 75 14.08 -21.69 37.46
CA PRO D 75 15.32 -21.09 37.95
C PRO D 75 16.56 -21.60 37.23
N ASP D 76 17.65 -20.86 37.41
CA ASP D 76 18.95 -21.21 36.86
C ASP D 76 19.60 -22.26 37.76
N THR D 77 19.69 -23.49 37.25
CA THR D 77 20.30 -24.60 37.98
C THR D 77 21.75 -24.73 37.54
N GLY D 78 22.68 -24.66 38.51
CA GLY D 78 24.09 -24.67 38.18
C GLY D 78 24.72 -26.04 38.08
N ASN D 79 24.79 -26.77 39.19
CA ASN D 79 25.37 -28.10 39.25
C ASN D 79 24.44 -28.99 40.03
N LYS D 80 24.38 -30.27 39.63
CA LYS D 80 23.58 -31.24 40.35
C LYS D 80 24.35 -32.56 40.40
N ARG D 81 24.22 -33.25 41.53
CA ARG D 81 24.87 -34.54 41.73
C ARG D 81 23.89 -35.48 42.38
N LEU D 82 24.04 -36.76 42.07
CA LEU D 82 23.41 -37.81 42.85
C LEU D 82 24.47 -38.51 43.69
N MET D 83 24.10 -38.87 44.90
CA MET D 83 24.95 -39.71 45.74
C MET D 83 24.16 -40.99 46.00
N LEU D 84 24.48 -42.03 45.25
CA LEU D 84 23.78 -43.31 45.34
C LEU D 84 24.48 -44.17 46.39
N PHE D 85 23.75 -44.62 47.34
CA PHE D 85 24.44 -45.35 48.39
C PHE D 85 24.20 -46.85 48.23
N PRO D 86 25.14 -47.68 48.69
CA PRO D 86 24.95 -49.13 48.56
C PRO D 86 23.77 -49.65 49.38
N ASP D 87 23.50 -49.04 50.51
CA ASP D 87 22.35 -49.41 51.33
C ASP D 87 21.05 -48.79 50.85
N GLY D 88 21.04 -48.21 49.65
CA GLY D 88 19.80 -47.73 49.06
C GLY D 88 19.65 -46.22 49.00
N ARG D 89 19.85 -45.55 50.14
CA ARG D 89 19.56 -44.12 50.23
C ARG D 89 20.25 -43.32 49.13
N VAL D 90 19.63 -42.22 48.75
CA VAL D 90 20.05 -41.41 47.61
C VAL D 90 19.99 -39.95 48.01
N ILE D 91 20.99 -39.18 47.60
CA ILE D 91 21.08 -37.77 47.93
C ILE D 91 21.12 -36.99 46.62
N TYR D 92 20.13 -36.13 46.43
CA TYR D 92 20.14 -35.18 45.32
C TYR D 92 20.59 -33.83 45.86
N ASN D 93 21.62 -33.29 45.22
CA ASN D 93 22.23 -32.03 45.64
C ASN D 93 22.42 -31.16 44.42
N ALA D 94 21.88 -29.95 44.46
CA ALA D 94 22.00 -29.06 43.32
C ALA D 94 21.98 -27.62 43.80
N ARG D 95 22.72 -26.78 43.10
CA ARG D 95 22.71 -25.34 43.35
C ARG D 95 21.71 -24.67 42.42
N PHE D 96 21.01 -23.67 42.95
CA PHE D 96 20.00 -22.96 42.19
C PHE D 96 20.16 -21.46 42.37
N LEU D 97 19.62 -20.72 41.41
CA LEU D 97 19.43 -19.28 41.53
C LEU D 97 18.09 -18.96 40.87
N GLY D 98 17.19 -18.35 41.62
CA GLY D 98 15.84 -18.14 41.13
C GLY D 98 15.22 -16.86 41.64
N SER D 99 14.31 -16.29 40.85
CA SER D 99 13.55 -15.11 41.23
C SER D 99 12.23 -15.56 41.87
N PHE D 100 12.08 -15.31 43.16
CA PHE D 100 10.94 -15.79 43.92
C PHE D 100 9.96 -14.65 44.20
N SER D 101 8.69 -15.01 44.34
CA SER D 101 7.61 -14.05 44.54
C SER D 101 6.98 -14.23 45.93
N ASN D 102 6.60 -13.11 46.52
CA ASN D 102 5.81 -13.10 47.76
C ASN D 102 5.10 -11.76 47.86
N ASP D 103 4.04 -11.73 48.66
CA ASP D 103 3.32 -10.49 48.90
C ASP D 103 4.22 -9.54 49.69
N MET D 104 4.30 -8.29 49.25
CA MET D 104 5.22 -7.33 49.87
C MET D 104 4.55 -5.97 49.96
N ASP D 105 4.33 -5.51 51.19
CA ASP D 105 3.74 -4.20 51.47
C ASP D 105 4.87 -3.21 51.69
N PHE D 106 5.00 -2.24 50.78
CA PHE D 106 6.08 -1.26 50.85
C PHE D 106 5.57 0.12 51.25
N ARG D 107 4.37 0.20 51.84
CA ARG D 107 3.73 1.49 52.08
C ARG D 107 4.41 2.28 53.19
N LEU D 108 5.15 1.60 54.06
CA LEU D 108 5.93 2.23 55.13
C LEU D 108 7.40 2.30 54.71
N PHE D 109 7.65 2.89 53.52
CA PHE D 109 8.78 2.45 52.70
C PHE D 109 10.08 2.49 53.47
N PRO D 110 10.63 3.65 53.86
CA PRO D 110 12.00 3.64 54.41
C PRO D 110 12.12 2.81 55.66
N PHE D 111 10.98 2.38 56.22
CA PHE D 111 10.92 1.60 57.46
C PHE D 111 10.09 0.35 57.17
N ASP D 112 10.64 -0.52 56.32
CA ASP D 112 9.92 -1.72 55.90
C ASP D 112 10.10 -2.85 56.91
N ARG D 113 9.11 -3.74 56.96
CA ARG D 113 9.28 -5.09 57.49
C ARG D 113 8.82 -6.06 56.41
N GLN D 114 9.70 -6.94 55.98
CA GLN D 114 9.36 -7.87 54.92
C GLN D 114 9.67 -9.29 55.35
N GLN D 115 9.16 -10.24 54.55
CA GLN D 115 9.25 -11.67 54.86
C GLN D 115 9.59 -12.42 53.57
N PHE D 116 10.85 -12.78 53.41
CA PHE D 116 11.31 -13.48 52.23
C PHE D 116 11.07 -14.98 52.40
N VAL D 117 10.51 -15.61 51.37
CA VAL D 117 9.86 -16.90 51.51
C VAL D 117 10.27 -17.83 50.37
N LEU D 118 10.49 -19.11 50.71
CA LEU D 118 10.63 -20.20 49.76
C LEU D 118 9.52 -21.22 49.99
N GLU D 119 8.91 -21.69 48.91
CA GLU D 119 7.90 -22.76 48.98
C GLU D 119 8.30 -23.89 48.03
N LEU D 120 8.65 -25.03 48.60
CA LEU D 120 9.03 -26.23 47.86
C LEU D 120 7.91 -27.26 47.94
N GLU D 121 7.69 -27.98 46.84
CA GLU D 121 6.63 -28.99 46.82
C GLU D 121 6.81 -29.91 45.64
N PRO D 122 6.66 -31.23 45.81
CA PRO D 122 6.85 -32.14 44.67
C PRO D 122 5.84 -31.87 43.57
N PHE D 123 6.29 -32.04 42.33
CA PHE D 123 5.48 -31.62 41.20
C PHE D 123 4.40 -32.63 40.84
N SER D 124 4.53 -33.90 41.26
CA SER D 124 3.56 -34.91 40.85
C SER D 124 3.41 -36.01 41.90
N TYR D 125 3.51 -35.68 43.18
CA TYR D 125 3.51 -36.75 44.19
C TYR D 125 2.87 -36.29 45.50
N ASN D 126 1.94 -37.12 45.99
CA ASN D 126 1.16 -36.82 47.18
C ASN D 126 1.40 -37.81 48.30
N ASN D 127 1.67 -39.08 47.97
CA ASN D 127 2.29 -39.98 48.92
C ASN D 127 3.73 -40.21 48.50
N GLN D 128 4.41 -39.09 48.35
CA GLN D 128 5.82 -38.95 48.65
C GLN D 128 5.89 -37.70 49.51
N GLN D 129 6.44 -37.82 50.72
CA GLN D 129 6.15 -36.85 51.77
C GLN D 129 7.46 -36.30 52.33
N LEU D 130 7.47 -34.98 52.55
CA LEU D 130 8.68 -34.29 53.00
C LEU D 130 8.88 -34.55 54.49
N ARG D 131 9.90 -35.35 54.80
CA ARG D 131 10.13 -35.83 56.16
C ARG D 131 10.37 -34.68 57.12
N PHE D 132 11.47 -33.95 56.93
CA PHE D 132 11.81 -32.81 57.75
C PHE D 132 12.62 -31.83 56.91
N SER D 133 12.49 -30.54 57.23
CA SER D 133 13.20 -29.49 56.51
C SER D 133 14.19 -28.80 57.43
N ASP D 134 15.37 -28.50 56.89
CA ASP D 134 16.42 -27.81 57.63
C ASP D 134 16.99 -26.73 56.73
N ILE D 135 17.08 -25.50 57.25
CA ILE D 135 17.57 -24.36 56.49
C ILE D 135 18.81 -23.83 57.19
N GLN D 136 19.89 -23.67 56.43
CA GLN D 136 21.18 -23.25 56.97
C GLN D 136 21.50 -21.87 56.42
N VAL D 137 21.36 -20.85 57.28
CA VAL D 137 21.75 -19.48 57.00
C VAL D 137 22.97 -19.15 57.84
N TYR D 138 23.95 -18.45 57.26
CA TYR D 138 25.20 -18.19 57.95
C TYR D 138 25.49 -16.68 57.92
N THR D 139 24.72 -15.91 58.66
CA THR D 139 24.95 -14.47 58.77
C THR D 139 24.77 -14.05 60.22
N GLU D 140 24.58 -12.74 60.42
CA GLU D 140 24.64 -12.10 61.73
C GLU D 140 24.02 -10.71 61.64
N ASN D 141 23.28 -10.35 62.68
CA ASN D 141 22.31 -9.23 62.69
C ASN D 141 22.00 -8.83 64.13
N ILE D 142 21.86 -7.55 64.49
CA ILE D 142 22.40 -6.35 63.86
C ILE D 142 23.93 -6.35 63.76
N ASP D 143 24.47 -6.07 62.57
CA ASP D 143 25.90 -6.19 62.30
C ASP D 143 26.26 -5.52 60.97
N ASN D 144 26.82 -6.32 60.04
CA ASN D 144 27.31 -5.89 58.74
C ASN D 144 26.28 -5.20 57.86
N GLU D 145 25.01 -5.25 58.21
CA GLU D 145 23.89 -4.63 57.48
C GLU D 145 23.81 -3.11 57.59
N GLU D 146 24.89 -2.45 57.98
CA GLU D 146 25.02 -1.08 57.54
C GLU D 146 25.61 -1.07 56.14
N ILE D 147 26.54 -2.00 55.88
CA ILE D 147 27.02 -2.32 54.54
C ILE D 147 25.95 -3.06 53.73
N ASP D 148 25.11 -3.85 54.39
CA ASP D 148 24.04 -4.59 53.74
C ASP D 148 22.70 -3.85 53.87
N GLU D 149 21.80 -4.14 52.93
CA GLU D 149 20.56 -3.39 52.82
C GLU D 149 19.55 -3.73 53.91
N TRP D 150 19.55 -4.96 54.41
CA TRP D 150 18.46 -5.48 55.22
C TRP D 150 18.89 -6.01 56.59
N TRP D 151 17.97 -5.91 57.55
CA TRP D 151 18.12 -6.39 58.93
C TRP D 151 17.24 -7.62 59.11
N ILE D 152 17.85 -8.81 59.14
CA ILE D 152 17.07 -10.00 59.45
C ILE D 152 16.74 -10.01 60.94
N ARG D 153 15.47 -10.29 61.26
CA ARG D 153 15.02 -10.37 62.64
C ARG D 153 15.00 -11.83 63.08
N GLY D 154 14.11 -12.62 62.46
CA GLY D 154 13.98 -14.03 62.79
C GLY D 154 14.96 -14.89 61.99
N LYS D 155 15.12 -16.14 62.42
CA LYS D 155 16.16 -16.98 61.87
C LYS D 155 15.68 -18.08 60.92
N ALA D 156 14.58 -18.76 61.22
CA ALA D 156 14.48 -20.09 60.63
C ALA D 156 13.09 -20.61 60.29
N SER D 157 11.99 -19.90 60.59
CA SER D 157 10.62 -20.42 60.45
C SER D 157 10.43 -21.42 59.33
N THR D 158 9.95 -22.61 59.68
CA THR D 158 9.69 -23.72 58.77
C THR D 158 8.24 -24.14 58.90
N HIS D 159 7.77 -24.96 57.95
CA HIS D 159 6.44 -25.53 58.07
C HIS D 159 6.42 -27.01 57.71
N ILE D 160 6.22 -27.33 56.44
CA ILE D 160 5.96 -28.69 55.94
C ILE D 160 4.50 -29.00 56.26
N SER D 161 3.61 -28.59 55.38
CA SER D 161 2.18 -28.79 55.54
C SER D 161 1.65 -29.73 54.43
N ASP D 162 0.35 -29.90 54.41
CA ASP D 162 -0.34 -30.69 53.40
C ASP D 162 -1.30 -29.77 52.67
N ILE D 163 -1.21 -29.74 51.34
CA ILE D 163 -2.01 -28.85 50.51
C ILE D 163 -3.12 -29.67 49.87
N ARG D 164 -4.32 -29.08 49.82
CA ARG D 164 -5.55 -29.78 49.44
C ARG D 164 -5.72 -29.91 47.93
N TYR D 165 -5.77 -28.78 47.20
CA TYR D 165 -6.05 -28.78 45.76
C TYR D 165 -7.37 -29.52 45.47
N ASP D 166 -8.48 -28.86 45.84
CA ASP D 166 -9.78 -29.49 45.69
C ASP D 166 -10.33 -29.46 44.26
N HIS D 167 -9.56 -29.02 43.28
CA HIS D 167 -10.04 -28.89 41.91
C HIS D 167 -9.65 -30.12 41.10
N LEU D 168 -10.66 -30.80 40.55
CA LEU D 168 -10.52 -32.12 39.95
C LEU D 168 -9.72 -33.07 40.85
N SER D 169 -10.27 -33.27 42.05
CA SER D 169 -9.83 -34.33 42.93
C SER D 169 -10.54 -35.64 42.63
N SER D 170 -11.47 -35.64 41.68
CA SER D 170 -12.03 -36.86 41.13
C SER D 170 -11.17 -37.42 40.02
N VAL D 171 -10.23 -36.63 39.49
CA VAL D 171 -9.17 -37.16 38.65
C VAL D 171 -8.45 -38.29 39.38
N GLN D 172 -8.31 -38.18 40.69
CA GLN D 172 -7.83 -39.26 41.54
C GLN D 172 -8.60 -39.20 42.85
N PRO D 173 -9.65 -40.00 43.01
CA PRO D 173 -10.47 -39.92 44.22
C PRO D 173 -9.70 -40.28 45.48
N ASN D 174 -9.96 -39.52 46.53
CA ASN D 174 -9.53 -39.74 47.92
C ASN D 174 -8.08 -39.33 48.19
N GLN D 175 -7.32 -38.85 47.21
CA GLN D 175 -5.89 -38.63 47.43
C GLN D 175 -5.42 -37.49 46.54
N ASN D 176 -5.34 -36.30 47.13
CA ASN D 176 -4.79 -35.15 46.43
C ASN D 176 -3.99 -34.25 47.36
N GLU D 177 -3.40 -34.79 48.41
CA GLU D 177 -2.68 -33.98 49.36
C GLU D 177 -1.20 -34.02 49.10
N PHE D 178 -0.64 -32.85 48.75
CA PHE D 178 0.76 -32.70 48.44
C PHE D 178 1.50 -32.13 49.65
N SER D 179 2.74 -32.55 49.81
CA SER D 179 3.56 -32.18 50.96
C SER D 179 4.36 -30.95 50.58
N ARG D 180 4.14 -29.83 51.29
CA ARG D 180 4.77 -28.57 50.94
C ARG D 180 5.62 -28.04 52.08
N ILE D 181 6.94 -28.02 51.88
CA ILE D 181 7.84 -27.29 52.77
C ILE D 181 7.68 -25.80 52.53
N THR D 182 7.50 -25.03 53.61
CA THR D 182 7.47 -23.58 53.54
C THR D 182 8.54 -23.01 54.46
N VAL D 183 9.43 -22.19 53.90
CA VAL D 183 10.51 -21.54 54.63
C VAL D 183 10.34 -20.04 54.51
N ARG D 184 10.45 -19.33 55.64
CA ARG D 184 10.25 -17.89 55.66
C ARG D 184 11.22 -17.21 56.62
N ILE D 185 11.90 -16.17 56.12
CA ILE D 185 12.86 -15.39 56.88
C ILE D 185 12.34 -13.95 56.98
N ASP D 186 12.37 -13.40 58.19
CA ASP D 186 11.88 -12.06 58.43
C ASP D 186 13.04 -11.07 58.34
N ALA D 187 12.79 -9.91 57.75
CA ALA D 187 13.85 -8.95 57.53
C ALA D 187 13.30 -7.53 57.62
N VAL D 188 14.19 -6.60 57.95
CA VAL D 188 13.88 -5.19 58.10
C VAL D 188 14.78 -4.39 57.19
N ARG D 189 14.24 -3.31 56.61
CA ARG D 189 15.02 -2.44 55.76
C ARG D 189 15.89 -1.54 56.64
N ASN D 190 17.07 -1.19 56.12
CA ASN D 190 18.04 -0.41 56.88
C ASN D 190 17.74 1.07 56.70
N PRO D 191 16.99 1.69 57.62
CA PRO D 191 16.43 3.02 57.34
C PRO D 191 17.42 4.16 57.56
N SER D 192 18.70 3.88 57.41
CA SER D 192 19.72 4.91 57.60
C SER D 192 19.79 5.79 56.36
N TYR D 193 20.26 5.22 55.24
CA TYR D 193 20.45 5.94 53.99
C TYR D 193 19.28 6.83 53.64
N TYR D 194 18.06 6.32 53.77
CA TYR D 194 16.90 7.10 53.34
C TYR D 194 16.59 8.26 54.28
N LEU D 195 16.88 8.13 55.58
CA LEU D 195 16.73 9.27 56.47
C LEU D 195 17.83 10.30 56.25
N TRP D 196 19.09 9.89 56.44
CA TRP D 196 20.22 10.80 56.36
C TRP D 196 20.31 11.51 55.01
N SER D 197 19.67 10.99 53.96
CA SER D 197 19.85 11.53 52.62
C SER D 197 18.55 11.89 51.88
N PHE D 198 17.38 11.53 52.40
CA PHE D 198 16.13 11.92 51.75
C PHE D 198 15.20 12.63 52.72
N ILE D 199 14.82 11.94 53.80
CA ILE D 199 13.92 12.50 54.80
C ILE D 199 14.44 13.85 55.28
N LEU D 200 15.67 13.87 55.77
CA LEU D 200 16.25 15.10 56.34
C LEU D 200 16.24 16.25 55.34
N PRO D 201 16.93 16.19 54.18
CA PRO D 201 16.88 17.32 53.24
C PRO D 201 15.48 17.86 52.97
N LEU D 202 14.50 16.97 52.84
CA LEU D 202 13.15 17.41 52.53
C LEU D 202 12.59 18.26 53.69
N GLY D 203 12.77 17.80 54.92
CA GLY D 203 12.36 18.60 56.08
C GLY D 203 12.99 19.98 56.09
N LEU D 204 14.32 20.06 55.88
CA LEU D 204 14.99 21.35 55.78
C LEU D 204 14.33 22.21 54.73
N ILE D 205 14.01 21.62 53.58
CA ILE D 205 13.29 22.33 52.53
C ILE D 205 11.93 22.81 53.04
N ILE D 206 11.13 21.91 53.62
CA ILE D 206 9.84 22.34 54.18
C ILE D 206 10.03 23.35 55.29
N ALA D 207 11.02 23.13 56.16
CA ALA D 207 11.28 24.08 57.23
C ALA D 207 11.56 25.48 56.66
N ALA D 208 12.63 25.58 55.85
CA ALA D 208 12.96 26.84 55.19
C ALA D 208 11.78 27.41 54.40
N SER D 209 10.87 26.55 53.93
CA SER D 209 9.63 27.05 53.30
C SER D 209 8.90 28.01 54.22
N TRP D 210 8.81 27.70 55.51
CA TRP D 210 8.09 28.54 56.46
C TRP D 210 8.76 29.89 56.63
N SER D 211 10.08 29.97 56.43
CA SER D 211 10.81 31.23 56.56
C SER D 211 10.33 32.26 55.54
N VAL D 212 9.38 31.86 54.69
CA VAL D 212 8.74 32.81 53.78
C VAL D 212 7.98 33.88 54.55
N PHE D 213 7.49 33.56 55.75
CA PHE D 213 6.72 34.52 56.52
C PHE D 213 7.59 35.61 57.12
N TRP D 214 8.91 35.44 57.12
CA TRP D 214 9.82 36.44 57.64
C TRP D 214 10.33 37.37 56.56
N LEU D 215 9.72 37.32 55.38
CA LEU D 215 9.95 38.31 54.34
C LEU D 215 9.09 39.54 54.61
N GLU D 216 9.65 40.72 54.37
CA GLU D 216 9.01 41.96 54.80
C GLU D 216 7.78 42.28 53.95
N SER D 217 7.95 42.36 52.64
CA SER D 217 6.89 42.79 51.73
C SER D 217 5.80 41.72 51.64
N PHE D 218 4.85 41.94 50.72
CA PHE D 218 3.92 40.93 50.27
C PHE D 218 4.33 40.37 48.91
N SER D 219 4.70 41.25 47.98
CA SER D 219 5.29 40.83 46.71
C SER D 219 6.47 39.88 46.95
N GLU D 220 7.32 40.21 47.92
CA GLU D 220 8.40 39.31 48.30
C GLU D 220 7.87 37.93 48.71
N ARG D 221 6.88 37.91 49.60
CA ARG D 221 6.33 36.64 50.07
C ARG D 221 5.75 35.82 48.93
N LEU D 222 4.81 36.39 48.17
CA LEU D 222 4.10 35.63 47.15
C LEU D 222 5.04 35.14 46.06
N GLN D 223 5.97 36.00 45.61
CA GLN D 223 6.90 35.58 44.56
C GLN D 223 7.81 34.46 45.04
N THR D 224 8.45 34.66 46.20
CA THR D 224 9.32 33.65 46.77
C THR D 224 8.61 32.31 46.93
N SER D 225 7.33 32.34 47.31
CA SER D 225 6.51 31.13 47.38
C SER D 225 6.65 30.26 46.13
N PHE D 226 6.54 30.87 44.95
CA PHE D 226 6.62 30.12 43.71
C PHE D 226 7.98 29.46 43.53
N THR D 227 9.04 30.05 44.08
CA THR D 227 10.34 29.40 44.07
C THR D 227 10.34 28.21 45.02
N LEU D 228 9.74 28.35 46.20
CA LEU D 228 9.53 27.20 47.08
C LEU D 228 8.76 26.10 46.36
N MET D 229 7.66 26.47 45.69
CA MET D 229 6.92 25.51 44.88
C MET D 229 7.84 24.73 43.95
N LEU D 230 8.59 25.45 43.12
CA LEU D 230 9.60 24.84 42.25
C LEU D 230 10.52 23.90 43.01
N THR D 231 10.98 24.32 44.20
CA THR D 231 11.91 23.52 44.99
C THR D 231 11.35 22.14 45.32
N VAL D 232 10.07 22.06 45.69
CA VAL D 232 9.47 20.77 46.03
C VAL D 232 9.37 19.89 44.78
N VAL D 233 8.80 20.43 43.70
CA VAL D 233 8.72 19.68 42.44
C VAL D 233 10.08 19.12 42.06
N ALA D 234 11.11 19.96 42.15
CA ALA D 234 12.48 19.49 41.97
C ALA D 234 12.77 18.31 42.89
N TYR D 235 12.46 18.45 44.17
CA TYR D 235 12.79 17.40 45.13
C TYR D 235 11.90 16.17 44.93
N ALA D 236 10.65 16.37 44.51
CA ALA D 236 9.79 15.23 44.17
C ALA D 236 10.39 14.41 43.03
N PHE D 237 10.83 15.09 41.98
CA PHE D 237 11.47 14.43 40.84
C PHE D 237 12.68 13.62 41.29
N TYR D 238 13.61 14.27 41.98
CA TYR D 238 14.77 13.60 42.57
C TYR D 238 14.36 12.38 43.39
N THR D 239 13.40 12.57 44.30
CA THR D 239 12.82 11.45 45.04
C THR D 239 12.36 10.33 44.09
N SER D 240 11.38 10.64 43.23
CA SER D 240 10.77 9.64 42.35
C SER D 240 11.81 8.87 41.53
N ASN D 241 12.77 9.59 40.94
CA ASN D 241 13.72 8.95 40.03
C ASN D 241 14.53 7.88 40.74
N ILE D 242 15.02 8.16 41.95
CA ILE D 242 15.96 7.28 42.61
C ILE D 242 15.26 6.18 43.43
N LEU D 243 14.11 6.50 44.03
CA LEU D 243 13.44 5.55 44.93
C LEU D 243 12.72 4.45 44.15
N PRO D 244 12.49 3.30 44.79
CA PRO D 244 11.85 2.17 44.10
C PRO D 244 10.43 2.50 43.68
N ARG D 245 10.13 2.26 42.40
CA ARG D 245 8.81 2.55 41.87
C ARG D 245 7.78 1.60 42.48
N LEU D 246 6.62 2.14 42.80
CA LEU D 246 5.57 1.38 43.49
C LEU D 246 4.19 1.75 42.95
N PRO D 247 3.15 1.01 43.32
CA PRO D 247 1.80 1.42 42.95
C PRO D 247 1.04 2.04 44.12
N TYR D 248 1.77 2.43 45.15
CA TYR D 248 1.18 3.14 46.28
C TYR D 248 2.14 4.23 46.75
N THR D 249 1.64 5.07 47.64
CA THR D 249 2.43 6.17 48.19
C THR D 249 3.29 5.67 49.33
N THR D 250 4.58 5.97 49.27
CA THR D 250 5.49 5.66 50.36
C THR D 250 5.35 6.72 51.44
N VAL D 251 6.09 6.54 52.54
CA VAL D 251 6.14 7.57 53.58
C VAL D 251 6.76 8.85 53.00
N ILE D 252 7.94 8.71 52.40
CA ILE D 252 8.57 9.81 51.67
C ILE D 252 7.58 10.46 50.71
N ASP D 253 6.85 9.65 49.95
CA ASP D 253 5.90 10.19 48.98
C ASP D 253 4.85 11.08 49.65
N GLN D 254 4.46 10.73 50.88
CA GLN D 254 3.52 11.56 51.61
C GLN D 254 4.16 12.88 52.04
N MET D 255 5.31 12.79 52.72
CA MET D 255 6.08 13.98 53.07
C MET D 255 6.25 14.92 51.89
N ILE D 256 6.41 14.36 50.68
CA ILE D 256 6.51 15.19 49.48
C ILE D 256 5.21 15.94 49.23
N ILE D 257 4.07 15.33 49.54
CA ILE D 257 2.80 16.03 49.43
C ILE D 257 2.69 17.10 50.51
N ALA D 258 3.20 16.81 51.71
CA ALA D 258 3.18 17.79 52.80
C ALA D 258 3.90 19.07 52.39
N GLY D 259 4.99 18.96 51.64
CA GLY D 259 5.66 20.12 51.08
C GLY D 259 4.73 20.89 50.18
N TYR D 260 4.27 20.23 49.11
CA TYR D 260 3.23 20.73 48.20
C TYR D 260 2.08 21.41 48.96
N GLY D 261 1.76 20.89 50.14
CA GLY D 261 0.68 21.43 50.95
C GLY D 261 1.00 22.72 51.66
N SER D 262 1.97 22.67 52.60
CA SER D 262 2.38 23.86 53.33
C SER D 262 2.64 25.05 52.40
N ILE D 263 3.27 24.78 51.25
CA ILE D 263 3.62 25.86 50.34
C ILE D 263 2.36 26.47 49.73
N PHE D 264 1.41 25.64 49.33
CA PHE D 264 0.18 26.16 48.75
C PHE D 264 -0.72 26.78 49.82
N ALA D 265 -0.64 26.28 51.06
CA ALA D 265 -1.33 26.92 52.17
C ALA D 265 -0.72 28.27 52.46
N ALA D 266 0.61 28.35 52.48
CA ALA D 266 1.31 29.62 52.54
C ALA D 266 0.73 30.61 51.54
N ILE D 267 0.68 30.21 50.26
CA ILE D 267 0.14 31.07 49.20
C ILE D 267 -1.20 31.66 49.61
N LEU D 268 -2.09 30.82 50.13
CA LEU D 268 -3.42 31.26 50.51
C LEU D 268 -3.36 32.31 51.62
N LEU D 269 -2.74 31.96 52.74
CA LEU D 269 -2.53 32.93 53.82
C LEU D 269 -1.89 34.22 53.32
N ILE D 270 -0.68 34.11 52.74
CA ILE D 270 0.08 35.24 52.20
C ILE D 270 -0.82 36.19 51.42
N ILE D 271 -1.74 35.63 50.63
CA ILE D 271 -2.67 36.44 49.87
C ILE D 271 -3.86 36.87 50.71
N PHE D 272 -4.40 35.96 51.54
CA PHE D 272 -5.53 36.32 52.40
C PHE D 272 -5.12 37.34 53.45
N ALA D 273 -3.89 37.27 53.95
CA ALA D 273 -3.37 38.33 54.81
C ALA D 273 -3.51 39.70 54.17
N HIS D 274 -3.24 39.78 52.87
CA HIS D 274 -3.20 41.07 52.18
C HIS D 274 -4.58 41.73 52.12
N HIS D 275 -5.63 40.94 51.90
CA HIS D 275 -6.96 41.48 51.62
C HIS D 275 -7.99 41.22 52.72
N ARG D 276 -7.55 40.84 53.92
CA ARG D 276 -8.42 40.80 55.10
C ARG D 276 -8.02 41.98 55.97
N GLN D 277 -8.57 43.15 55.66
CA GLN D 277 -8.00 44.42 56.11
C GLN D 277 -9.10 45.38 56.54
N ALA D 278 -8.67 46.44 57.24
CA ALA D 278 -9.55 47.53 57.65
C ALA D 278 -9.67 48.65 56.62
N ASN D 279 -8.65 48.87 55.79
CA ASN D 279 -8.64 49.89 54.74
C ASN D 279 -8.65 49.19 53.39
N GLY D 280 -7.90 49.71 52.43
CA GLY D 280 -7.71 49.01 51.17
C GLY D 280 -6.54 48.04 51.21
N VAL D 281 -5.40 48.46 51.77
CA VAL D 281 -4.18 47.66 51.80
C VAL D 281 -3.53 47.73 53.18
N GLU D 282 -3.96 46.85 54.09
CA GLU D 282 -3.29 46.63 55.36
C GLU D 282 -3.14 45.13 55.56
N ASP D 283 -1.91 44.64 55.57
CA ASP D 283 -1.67 43.24 55.86
C ASP D 283 -2.11 42.95 57.30
N ASP D 284 -2.88 41.88 57.48
CA ASP D 284 -3.53 41.62 58.76
C ASP D 284 -2.47 41.37 59.82
N LEU D 285 -2.56 42.12 60.92
CA LEU D 285 -1.42 42.30 61.82
C LEU D 285 -0.94 40.98 62.40
N LEU D 286 -1.81 40.25 63.08
CA LEU D 286 -1.42 39.01 63.74
C LEU D 286 -1.14 37.90 62.73
N ILE D 287 -1.87 37.86 61.60
CA ILE D 287 -1.87 36.67 60.76
C ILE D 287 -0.50 36.42 60.14
N GLN D 288 0.13 37.44 59.51
CA GLN D 288 1.44 37.15 58.95
C GLN D 288 2.48 36.87 60.03
N ARG D 289 2.07 36.88 61.29
CA ARG D 289 2.80 36.27 62.39
C ARG D 289 2.20 34.92 62.74
N CYS D 290 1.91 34.13 61.70
CA CYS D 290 1.88 32.68 61.83
C CYS D 290 3.25 32.09 61.58
N ARG D 291 4.28 32.90 61.86
CA ARG D 291 5.66 32.51 61.64
C ARG D 291 6.01 31.28 62.46
N LEU D 292 5.70 31.33 63.75
CA LEU D 292 5.80 30.17 64.61
C LEU D 292 4.40 29.73 65.00
N ALA D 293 3.56 29.56 63.98
CA ALA D 293 2.26 28.91 64.06
C ALA D 293 2.03 27.95 62.90
N PHE D 294 2.63 28.19 61.73
CA PHE D 294 2.68 27.15 60.70
C PHE D 294 3.56 25.99 61.12
N PRO D 295 4.82 26.17 61.55
CA PRO D 295 5.60 25.02 62.04
C PRO D 295 4.85 24.19 63.07
N LEU D 296 4.14 24.85 63.98
CA LEU D 296 3.35 24.13 64.97
C LEU D 296 2.19 23.39 64.30
N GLY D 297 1.48 24.07 63.41
CA GLY D 297 0.37 23.43 62.71
C GLY D 297 0.81 22.24 61.87
N PHE D 298 1.94 22.38 61.18
CA PHE D 298 2.49 21.27 60.42
C PHE D 298 2.92 20.13 61.34
N LEU D 299 3.64 20.45 62.41
CA LEU D 299 4.11 19.42 63.33
C LEU D 299 2.96 18.73 64.05
N ALA D 300 1.86 19.45 64.28
CA ALA D 300 0.68 18.82 64.87
C ALA D 300 0.05 17.81 63.90
N ILE D 301 -0.06 18.19 62.63
CA ILE D 301 -0.62 17.29 61.62
C ILE D 301 0.37 16.18 61.29
N GLY D 302 1.65 16.37 61.60
CA GLY D 302 2.64 15.33 61.40
C GLY D 302 2.79 14.40 62.58
N CYS D 303 1.92 14.52 63.58
CA CYS D 303 1.82 13.56 64.67
C CYS D 303 0.52 12.78 64.62
N VAL D 304 -0.36 13.09 63.66
CA VAL D 304 -1.51 12.25 63.36
C VAL D 304 -1.30 11.44 62.09
N LEU D 305 -0.27 11.77 61.31
CA LEU D 305 0.20 10.88 60.26
C LEU D 305 0.74 9.59 60.86
N VAL D 306 1.18 9.63 62.11
CA VAL D 306 1.82 8.48 62.75
C VAL D 306 0.77 7.50 63.27
N ILE D 307 -0.32 8.01 63.85
CA ILE D 307 -1.39 7.15 64.33
C ILE D 307 -2.71 7.53 63.66
N PRO E 1 43.80 -40.46 46.64
CA PRO E 1 43.26 -39.13 46.96
C PRO E 1 43.81 -38.06 46.01
N VAL E 2 43.06 -37.83 44.93
CA VAL E 2 43.58 -37.25 43.70
C VAL E 2 44.19 -35.87 43.90
N ASP E 3 45.38 -35.67 43.32
CA ASP E 3 46.02 -34.36 43.24
C ASP E 3 45.59 -33.65 41.96
N VAL E 4 45.14 -32.40 42.08
CA VAL E 4 44.67 -31.61 40.94
C VAL E 4 45.43 -30.28 40.90
N SER E 5 46.10 -30.02 39.77
CA SER E 5 46.72 -28.73 39.52
C SER E 5 45.77 -27.84 38.73
N VAL E 6 45.72 -26.56 39.10
CA VAL E 6 44.79 -25.60 38.51
C VAL E 6 45.54 -24.34 38.07
N SER E 7 45.14 -23.79 36.93
CA SER E 7 45.64 -22.52 36.42
C SER E 7 44.47 -21.70 35.93
N ILE E 8 44.48 -20.40 36.24
CA ILE E 8 43.38 -19.49 35.90
C ILE E 8 43.94 -18.29 35.16
N PHE E 9 43.58 -18.15 33.89
CA PHE E 9 43.92 -16.97 33.09
C PHE E 9 42.78 -15.98 33.19
N ILE E 10 43.06 -14.76 33.64
CA ILE E 10 42.05 -13.72 33.76
C ILE E 10 42.20 -12.75 32.60
N ASN E 11 41.15 -12.64 31.78
CA ASN E 11 41.21 -11.87 30.54
C ASN E 11 40.68 -10.45 30.71
N LYS E 12 39.70 -10.27 31.57
CA LYS E 12 39.02 -8.99 31.71
C LYS E 12 38.14 -9.00 32.97
N ILE E 13 38.24 -7.95 33.77
CA ILE E 13 37.34 -7.73 34.90
C ILE E 13 36.60 -6.44 34.64
N TYR E 14 35.27 -6.52 34.56
CA TYR E 14 34.48 -5.38 34.11
C TYR E 14 33.09 -5.44 34.74
N GLY E 15 32.35 -4.35 34.55
CA GLY E 15 30.97 -4.26 34.98
C GLY E 15 30.71 -4.59 36.44
N VAL E 16 31.23 -3.74 37.33
CA VAL E 16 30.89 -3.87 38.75
C VAL E 16 29.42 -3.50 38.94
N ASN E 17 28.76 -4.17 39.88
CA ASN E 17 27.37 -3.89 40.22
C ASN E 17 27.32 -3.56 41.70
N THR E 18 27.42 -2.26 42.01
CA THR E 18 27.51 -1.78 43.38
C THR E 18 26.38 -2.30 44.27
N LEU E 19 25.15 -2.33 43.75
CA LEU E 19 24.02 -2.74 44.60
C LEU E 19 24.07 -4.22 44.90
N GLU E 20 24.31 -5.05 43.88
CA GLU E 20 24.35 -6.50 44.08
C GLU E 20 25.68 -6.96 44.66
N GLN E 21 26.68 -6.08 44.73
CA GLN E 21 28.03 -6.44 45.14
C GLN E 21 28.51 -7.57 44.23
N THR E 22 28.92 -7.21 43.01
CA THR E 22 28.99 -8.15 41.91
C THR E 22 29.92 -7.61 40.85
N TYR E 23 30.68 -8.51 40.21
CA TYR E 23 31.56 -8.12 39.11
C TYR E 23 31.61 -9.27 38.12
N LYS E 24 32.02 -8.96 36.90
CA LYS E 24 32.09 -9.92 35.81
C LYS E 24 33.54 -10.23 35.51
N VAL E 25 33.84 -11.51 35.27
CA VAL E 25 35.20 -11.97 34.99
C VAL E 25 35.16 -12.90 33.79
N ASP E 26 35.94 -12.57 32.76
CA ASP E 26 36.11 -13.42 31.59
C ASP E 26 37.53 -13.97 31.60
N GLY E 27 37.65 -15.27 31.39
CA GLY E 27 38.96 -15.89 31.38
C GLY E 27 38.85 -17.38 31.15
N TYR E 28 40.01 -18.03 31.17
CA TYR E 28 40.11 -19.46 30.99
C TYR E 28 40.50 -20.14 32.30
N ILE E 29 40.12 -21.40 32.45
CA ILE E 29 40.53 -22.22 33.58
C ILE E 29 41.13 -23.52 33.04
N VAL E 30 42.15 -24.01 33.72
CA VAL E 30 42.85 -25.23 33.33
C VAL E 30 43.04 -26.11 34.55
N ALA E 31 42.61 -27.36 34.45
CA ALA E 31 42.78 -28.36 35.49
C ALA E 31 43.62 -29.52 34.95
N GLN E 32 44.54 -30.01 35.77
CA GLN E 32 45.41 -31.12 35.37
C GLN E 32 45.51 -32.15 36.49
N TRP E 33 45.35 -33.42 36.12
CA TRP E 33 45.33 -34.53 37.07
C TRP E 33 45.65 -35.81 36.30
N THR E 34 46.49 -36.65 36.91
CA THR E 34 47.06 -37.82 36.24
C THR E 34 46.22 -39.06 36.56
N GLY E 35 45.74 -39.72 35.50
CA GLY E 35 44.92 -40.90 35.63
C GLY E 35 45.59 -42.16 35.09
N LYS E 36 44.81 -43.21 35.00
CA LYS E 36 45.29 -44.49 34.47
C LYS E 36 45.71 -44.33 33.03
N PRO E 37 46.95 -44.71 32.68
CA PRO E 37 47.41 -44.59 31.28
C PRO E 37 46.46 -45.22 30.27
N ARG E 38 46.52 -44.76 29.03
CA ARG E 38 45.62 -45.24 27.99
C ARG E 38 46.35 -45.17 26.66
N LYS E 39 45.80 -45.88 25.67
CA LYS E 39 46.33 -45.83 24.32
C LYS E 39 45.62 -44.72 23.56
N THR E 40 46.39 -43.79 23.03
CA THR E 40 45.92 -42.71 22.20
C THR E 40 46.28 -42.98 20.74
N PRO E 41 45.53 -42.46 19.79
CA PRO E 41 45.97 -42.55 18.39
C PRO E 41 47.36 -41.93 18.23
N GLY E 42 48.19 -42.61 17.45
CA GLY E 42 49.61 -42.32 17.54
C GLY E 42 50.12 -42.62 18.94
N ASP E 43 51.09 -41.82 19.37
CA ASP E 43 51.34 -41.63 20.79
C ASP E 43 51.15 -40.18 21.17
N LYS E 44 50.79 -39.33 20.22
CA LYS E 44 50.44 -37.95 20.49
C LYS E 44 49.25 -37.90 21.45
N PRO E 45 49.23 -36.95 22.38
CA PRO E 45 48.05 -36.79 23.24
C PRO E 45 46.80 -36.53 22.41
N LEU E 46 45.66 -36.93 22.95
CA LEU E 46 44.39 -36.86 22.25
C LEU E 46 43.66 -35.59 22.64
N ILE E 47 43.03 -34.94 21.65
CA ILE E 47 42.27 -33.71 21.87
C ILE E 47 40.79 -34.02 21.69
N VAL E 48 39.98 -33.57 22.65
CA VAL E 48 38.53 -33.77 22.67
C VAL E 48 37.90 -32.41 22.89
N GLU E 49 37.24 -31.88 21.86
CA GLU E 49 36.69 -30.53 21.91
C GLU E 49 35.19 -30.54 22.16
N ASN E 50 34.76 -29.72 23.12
CA ASN E 50 33.35 -29.42 23.40
C ASN E 50 32.45 -30.65 23.45
N THR E 51 31.41 -30.67 22.63
CA THR E 51 30.39 -31.72 22.60
C THR E 51 30.95 -33.13 22.76
N GLN E 52 32.09 -33.41 22.11
CA GLN E 52 32.70 -34.73 22.19
C GLN E 52 33.07 -35.12 23.62
N ILE E 53 33.35 -34.13 24.48
CA ILE E 53 33.78 -34.44 25.84
C ILE E 53 32.70 -35.23 26.57
N GLU E 54 31.46 -34.73 26.53
CA GLU E 54 30.36 -35.41 27.22
C GLU E 54 30.21 -36.86 26.76
N ARG E 55 30.50 -37.14 25.49
CA ARG E 55 30.43 -38.52 25.01
C ARG E 55 31.50 -39.38 25.67
N TRP E 56 32.69 -38.83 25.89
CA TRP E 56 33.75 -39.60 26.53
C TRP E 56 33.41 -39.94 27.98
N ILE E 57 32.54 -39.16 28.61
CA ILE E 57 32.16 -39.43 29.99
C ILE E 57 31.19 -40.60 30.05
N ASN E 58 30.26 -40.66 29.11
CA ASN E 58 29.33 -41.79 28.99
C ASN E 58 30.05 -43.13 28.91
N ASN E 59 31.35 -43.15 28.62
CA ASN E 59 32.13 -44.38 28.60
C ASN E 59 33.00 -44.53 29.83
N GLY E 60 32.70 -43.78 30.89
CA GLY E 60 33.38 -43.92 32.16
C GLY E 60 34.55 -43.00 32.38
N LEU E 61 34.76 -42.01 31.50
CA LEU E 61 35.76 -41.00 31.78
C LEU E 61 35.27 -40.10 32.90
N TRP E 62 36.01 -40.07 33.99
CA TRP E 62 35.67 -39.21 35.12
C TRP E 62 36.26 -37.83 34.88
N VAL E 63 35.42 -36.80 34.97
CA VAL E 63 35.88 -35.42 34.90
C VAL E 63 35.16 -34.65 35.99
N PRO E 64 35.87 -34.22 37.04
CA PRO E 64 35.18 -33.64 38.20
C PRO E 64 34.57 -32.29 37.88
N ALA E 65 33.35 -32.08 38.38
CA ALA E 65 32.73 -30.78 38.29
C ALA E 65 33.38 -29.86 39.30
N LEU E 66 34.04 -28.80 38.82
CA LEU E 66 34.64 -27.78 39.65
C LEU E 66 33.68 -26.59 39.70
N GLU E 67 33.23 -26.24 40.90
CA GLU E 67 32.25 -25.17 41.06
C GLU E 67 32.94 -23.87 41.45
N PHE E 68 32.40 -22.77 40.95
CA PHE E 68 32.79 -21.43 41.37
C PHE E 68 31.89 -21.06 42.54
N ILE E 69 32.42 -21.22 43.77
CA ILE E 69 31.62 -21.02 44.97
C ILE E 69 30.93 -19.65 44.96
N ASN E 70 31.63 -18.62 44.48
CA ASN E 70 31.17 -17.25 44.59
C ASN E 70 30.66 -16.66 43.28
N VAL E 71 30.26 -17.50 42.32
CA VAL E 71 29.60 -17.03 41.11
C VAL E 71 28.10 -16.97 41.36
N VAL E 72 27.47 -15.89 40.88
CA VAL E 72 26.03 -15.70 41.02
C VAL E 72 25.38 -16.24 39.76
N GLY E 73 24.89 -17.48 39.82
CA GLY E 73 24.28 -18.09 38.65
C GLY E 73 25.30 -18.78 37.76
N SER E 74 24.90 -19.90 37.18
CA SER E 74 25.80 -20.70 36.36
C SER E 74 26.44 -19.84 35.27
N PRO E 75 27.76 -19.90 35.12
CA PRO E 75 28.44 -18.99 34.19
C PRO E 75 28.37 -19.45 32.75
N ASP E 76 28.67 -18.50 31.86
CA ASP E 76 28.70 -18.75 30.42
C ASP E 76 30.01 -19.42 30.03
N THR E 77 29.94 -20.69 29.63
CA THR E 77 31.11 -21.45 29.23
C THR E 77 31.24 -21.39 27.71
N GLY E 78 32.38 -20.90 27.23
CA GLY E 78 32.55 -20.67 25.80
C GLY E 78 33.03 -21.89 25.03
N ASN E 79 34.25 -22.33 25.31
CA ASN E 79 34.85 -23.48 24.65
C ASN E 79 35.52 -24.33 25.72
N LYS E 80 35.49 -25.65 25.52
CA LYS E 80 36.13 -26.57 26.44
C LYS E 80 36.79 -27.71 25.67
N ARG E 81 37.96 -28.13 26.15
CA ARG E 81 38.70 -29.22 25.55
C ARG E 81 39.25 -30.12 26.63
N LEU E 82 39.39 -31.39 26.30
CA LEU E 82 40.17 -32.33 27.09
C LEU E 82 41.46 -32.63 26.35
N MET E 83 42.55 -32.78 27.10
CA MET E 83 43.81 -33.26 26.53
C MET E 83 44.16 -34.56 27.24
N LEU E 84 43.89 -35.68 26.58
CA LEU E 84 44.12 -37.00 27.14
C LEU E 84 45.53 -37.45 26.78
N PHE E 85 46.32 -37.77 27.78
CA PHE E 85 47.70 -38.10 27.44
C PHE E 85 47.91 -39.60 27.48
N PRO E 86 48.86 -40.12 26.70
CA PRO E 86 49.11 -41.58 26.73
C PRO E 86 49.63 -42.06 28.06
N ASP E 87 50.39 -41.24 28.78
CA ASP E 87 50.89 -41.59 30.10
C ASP E 87 49.86 -41.36 31.21
N GLY E 88 48.60 -41.13 30.85
CA GLY E 88 47.55 -41.04 31.85
C GLY E 88 47.03 -39.64 32.08
N ARG E 89 47.93 -38.69 32.33
CA ARG E 89 47.54 -37.34 32.75
C ARG E 89 46.53 -36.73 31.78
N VAL E 90 45.69 -35.84 32.32
CA VAL E 90 44.56 -35.27 31.61
C VAL E 90 44.48 -33.78 31.91
N ILE E 91 44.19 -32.99 30.88
CA ILE E 91 44.11 -31.54 31.01
C ILE E 91 42.72 -31.10 30.57
N TYR E 92 41.98 -30.47 31.48
CA TYR E 92 40.71 -29.82 31.17
C TYR E 92 40.95 -28.33 31.01
N ASN E 93 40.49 -27.78 29.89
CA ASN E 93 40.68 -26.37 29.58
C ASN E 93 39.38 -25.81 29.06
N ALA E 94 38.91 -24.72 29.68
CA ALA E 94 37.66 -24.11 29.26
C ALA E 94 37.68 -22.62 29.55
N ARG E 95 37.06 -21.86 28.65
CA ARG E 95 36.89 -20.42 28.86
C ARG E 95 35.55 -20.17 29.52
N PHE E 96 35.52 -19.21 30.44
CA PHE E 96 34.32 -18.89 31.18
C PHE E 96 34.11 -17.38 31.20
N LEU E 97 32.87 -17.00 31.44
CA LEU E 97 32.52 -15.64 31.79
C LEU E 97 31.42 -15.74 32.82
N GLY E 98 31.63 -15.16 33.98
CA GLY E 98 30.69 -15.33 35.08
C GLY E 98 30.64 -14.09 35.94
N SER E 99 29.48 -13.88 36.55
CA SER E 99 29.28 -12.78 37.49
C SER E 99 29.56 -13.29 38.89
N PHE E 100 30.62 -12.77 39.50
CA PHE E 100 31.09 -13.23 40.80
C PHE E 100 30.70 -12.25 41.91
N SER E 101 30.52 -12.79 43.11
CA SER E 101 30.06 -12.03 44.27
C SER E 101 31.18 -11.96 45.32
N ASN E 102 31.26 -10.82 45.99
CA ASN E 102 32.15 -10.67 47.14
C ASN E 102 31.66 -9.49 47.98
N ASP E 103 32.09 -9.47 49.24
CA ASP E 103 31.75 -8.35 50.11
C ASP E 103 32.45 -7.09 49.64
N MET E 104 31.70 -6.00 49.54
CA MET E 104 32.24 -4.75 48.99
C MET E 104 31.70 -3.57 49.79
N ASP E 105 32.61 -2.87 50.47
CA ASP E 105 32.26 -1.66 51.24
C ASP E 105 32.52 -0.45 50.35
N PHE E 106 31.45 0.27 50.01
CA PHE E 106 31.55 1.42 49.12
C PHE E 106 31.38 2.74 49.85
N ARG E 107 31.53 2.74 51.18
CA ARG E 107 31.18 3.93 51.96
C ARG E 107 32.17 5.07 51.75
N LEU E 108 33.38 4.76 51.30
CA LEU E 108 34.40 5.77 50.98
C LEU E 108 34.45 5.89 49.46
N PHE E 109 33.34 6.38 48.87
CA PHE E 109 33.01 5.98 47.50
C PHE E 109 34.13 6.37 46.52
N PRO E 110 34.36 7.65 46.19
CA PRO E 110 35.28 7.93 45.06
C PRO E 110 36.69 7.44 45.32
N PHE E 111 36.97 7.02 46.54
CA PHE E 111 38.29 6.58 46.97
C PHE E 111 38.13 5.17 47.54
N ASP E 112 37.78 4.22 46.67
CA ASP E 112 37.53 2.85 47.08
C ASP E 112 38.82 2.05 47.17
N ARG E 113 38.80 1.03 48.02
CA ARG E 113 39.71 -0.09 47.93
C ARG E 113 38.87 -1.37 47.90
N GLN E 114 39.00 -2.14 46.84
CA GLN E 114 38.19 -3.34 46.70
C GLN E 114 39.08 -4.55 46.42
N GLN E 115 38.48 -5.73 46.53
CA GLN E 115 39.21 -7.00 46.45
C GLN E 115 38.37 -7.97 45.63
N PHE E 116 38.71 -8.13 44.35
CA PHE E 116 37.97 -9.01 43.46
C PHE E 116 38.48 -10.43 43.57
N VAL E 117 37.56 -11.39 43.70
CA VAL E 117 37.89 -12.72 44.22
C VAL E 117 37.22 -13.80 43.38
N LEU E 118 37.95 -14.90 43.16
CA LEU E 118 37.41 -16.15 42.63
C LEU E 118 37.59 -17.23 43.69
N GLU E 119 36.56 -18.04 43.91
CA GLU E 119 36.64 -19.17 44.84
C GLU E 119 36.25 -20.45 44.10
N LEU E 120 37.21 -21.34 43.91
CA LEU E 120 37.01 -22.61 43.24
C LEU E 120 37.05 -23.76 44.25
N GLU E 121 36.19 -24.76 44.05
CA GLU E 121 36.11 -25.92 44.93
C GLU E 121 35.30 -27.03 44.27
N PRO E 122 35.76 -28.28 44.33
CA PRO E 122 35.02 -29.37 43.69
C PRO E 122 33.64 -29.56 44.29
N PHE E 123 32.70 -29.94 43.44
CA PHE E 123 31.29 -29.95 43.83
C PHE E 123 30.90 -31.17 44.64
N SER E 124 31.66 -32.27 44.57
CA SER E 124 31.27 -33.48 45.29
C SER E 124 32.47 -34.34 45.68
N TYR E 125 33.60 -33.72 46.03
CA TYR E 125 34.81 -34.51 46.27
C TYR E 125 35.69 -33.87 47.35
N ASN E 126 36.10 -34.71 48.31
CA ASN E 126 36.87 -34.28 49.47
C ASN E 126 38.25 -34.93 49.54
N ASN E 127 38.40 -36.17 49.08
CA ASN E 127 39.72 -36.69 48.77
C ASN E 127 39.90 -36.76 47.27
N GLN E 128 39.66 -35.62 46.65
CA GLN E 128 40.35 -35.17 45.45
C GLN E 128 40.77 -33.75 45.78
N GLN E 129 42.07 -33.46 45.69
CA GLN E 129 42.64 -32.31 46.38
C GLN E 129 43.39 -31.43 45.41
N LEU E 130 43.24 -30.12 45.58
CA LEU E 130 43.82 -29.14 44.68
C LEU E 130 45.31 -29.01 44.97
N ARG E 131 46.13 -29.51 44.04
CA ARG E 131 47.57 -29.61 44.24
C ARG E 131 48.19 -28.23 44.45
N PHE E 132 48.13 -27.39 43.42
CA PHE E 132 48.64 -26.02 43.48
C PHE E 132 47.85 -25.15 42.52
N SER E 133 47.73 -23.87 42.86
CA SER E 133 46.98 -22.89 42.07
C SER E 133 47.91 -21.82 41.50
N ASP E 134 47.65 -21.43 40.24
CA ASP E 134 48.42 -20.41 39.54
C ASP E 134 47.46 -19.50 38.79
N ILE E 135 47.63 -18.18 38.94
CA ILE E 135 46.78 -17.19 38.31
C ILE E 135 47.62 -16.32 37.39
N GLN E 136 47.19 -16.17 36.14
CA GLN E 136 47.93 -15.42 35.13
C GLN E 136 47.16 -14.17 34.72
N VAL E 137 47.62 -13.03 35.20
CA VAL E 137 47.13 -11.71 34.81
C VAL E 137 48.20 -11.02 33.98
N TYR E 138 47.79 -10.32 32.90
CA TYR E 138 48.74 -9.67 32.00
C TYR E 138 48.36 -8.19 31.86
N THR E 139 48.53 -7.43 32.93
CA THR E 139 48.26 -5.99 32.89
C THR E 139 49.38 -5.28 33.63
N GLU E 140 49.13 -4.04 34.02
CA GLU E 140 50.17 -3.15 34.49
C GLU E 140 49.55 -1.94 35.19
N ASN E 141 50.18 -1.53 36.29
CA ASN E 141 49.57 -0.64 37.28
C ASN E 141 50.67 0.01 38.14
N ILE E 142 50.59 1.28 38.54
CA ILE E 142 49.85 2.39 37.92
C ILE E 142 50.24 2.62 36.46
N ASP E 143 49.25 2.68 35.58
CA ASP E 143 49.46 2.71 34.13
C ASP E 143 48.18 3.10 33.38
N ASN E 144 47.76 2.25 32.44
CA ASN E 144 46.63 2.45 31.54
C ASN E 144 45.30 2.76 32.24
N GLU E 145 45.25 2.58 33.55
CA GLU E 145 44.08 2.82 34.38
C GLU E 145 43.73 4.29 34.62
N GLU E 146 44.22 5.16 33.78
CA GLU E 146 43.52 6.40 33.56
C GLU E 146 42.43 6.16 32.52
N ILE E 147 42.76 5.37 31.50
CA ILE E 147 41.77 4.83 30.58
C ILE E 147 40.94 3.72 31.24
N ASP E 148 41.51 2.97 32.18
CA ASP E 148 40.78 1.93 32.89
C ASP E 148 40.30 2.45 34.25
N GLU E 149 39.24 1.83 34.76
CA GLU E 149 38.53 2.38 35.92
C GLU E 149 39.28 2.16 37.24
N TRP E 150 40.08 1.09 37.35
CA TRP E 150 40.57 0.61 38.64
C TRP E 150 42.09 0.51 38.69
N TRP E 151 42.64 0.68 39.90
CA TRP E 151 44.08 0.56 40.18
C TRP E 151 44.35 -0.71 41.00
N ILE E 152 44.92 -1.74 40.36
CA ILE E 152 45.32 -2.92 41.12
C ILE E 152 46.55 -2.58 41.94
N ARG E 153 46.53 -2.97 43.23
CA ARG E 153 47.66 -2.76 44.12
C ARG E 153 48.50 -4.03 44.22
N GLY E 154 47.90 -5.10 44.77
CA GLY E 154 48.56 -6.38 44.89
C GLY E 154 48.37 -7.22 43.64
N LYS E 155 49.18 -8.27 43.50
CA LYS E 155 49.21 -9.04 42.27
C LYS E 155 48.54 -10.40 42.31
N ALA E 156 48.67 -11.18 43.38
CA ALA E 156 48.57 -12.62 43.15
C ALA E 156 47.93 -13.47 44.24
N SER E 157 47.51 -12.93 45.39
CA SER E 157 47.05 -13.73 46.54
C SER E 157 46.34 -15.04 46.22
N THR E 158 46.87 -16.14 46.74
CA THR E 158 46.33 -17.49 46.59
C THR E 158 46.12 -18.11 47.97
N HIS E 159 45.39 -19.22 48.03
CA HIS E 159 45.25 -19.94 49.29
C HIS E 159 45.35 -21.46 49.12
N ILE E 160 44.24 -22.11 48.76
CA ILE E 160 44.08 -23.56 48.75
C ILE E 160 43.97 -24.00 50.21
N SER E 161 42.77 -23.92 50.75
CA SER E 161 42.50 -24.28 52.12
C SER E 161 41.56 -25.49 52.16
N ASP E 162 41.16 -25.87 53.36
CA ASP E 162 40.22 -26.97 53.56
C ASP E 162 38.99 -26.44 54.29
N ILE E 163 37.82 -26.72 53.73
CA ILE E 163 36.55 -26.20 54.25
C ILE E 163 35.84 -27.30 55.04
N ARG E 164 35.22 -26.93 56.15
CA ARG E 164 34.73 -27.92 57.10
C ARG E 164 33.37 -28.49 56.71
N TYR E 165 32.35 -27.65 56.59
CA TYR E 165 30.97 -28.08 56.35
C TYR E 165 30.51 -29.09 57.41
N ASP E 166 30.29 -28.57 58.62
CA ASP E 166 29.92 -29.45 59.72
C ASP E 166 28.44 -29.85 59.71
N HIS E 167 27.69 -29.52 58.66
CA HIS E 167 26.25 -29.79 58.61
C HIS E 167 25.99 -31.09 57.87
N LEU E 168 25.34 -32.03 58.56
CA LEU E 168 25.19 -33.41 58.11
C LEU E 168 26.53 -33.94 57.60
N SER E 169 27.50 -33.91 58.51
CA SER E 169 28.75 -34.62 58.34
C SER E 169 28.65 -36.06 58.82
N SER E 170 27.50 -36.43 59.36
CA SER E 170 27.15 -37.83 59.62
C SER E 170 26.55 -38.49 58.39
N VAL E 171 26.14 -37.71 57.40
CA VAL E 171 25.85 -38.25 56.07
C VAL E 171 27.04 -39.06 55.57
N GLN E 172 28.25 -38.62 55.88
CA GLN E 172 29.46 -39.40 55.64
C GLN E 172 30.40 -39.16 56.80
N PRO E 173 30.44 -40.07 57.77
CA PRO E 173 31.28 -39.86 58.96
C PRO E 173 32.76 -39.76 58.61
N ASN E 174 33.43 -38.82 59.27
CA ASN E 174 34.89 -38.60 59.32
C ASN E 174 35.48 -37.89 58.10
N GLN E 175 34.70 -37.54 57.08
CA GLN E 175 35.28 -37.00 55.85
C GLN E 175 34.29 -36.03 55.20
N ASN E 176 34.47 -34.74 55.47
CA ASN E 176 33.66 -33.70 54.83
C ASN E 176 34.47 -32.43 54.58
N GLU E 177 35.79 -32.57 54.44
CA GLU E 177 36.66 -31.41 54.23
C GLU E 177 36.96 -31.29 52.74
N PHE E 178 36.50 -30.20 52.14
CA PHE E 178 36.64 -29.93 50.72
C PHE E 178 37.81 -28.97 50.48
N SER E 179 38.48 -29.15 49.33
CA SER E 179 39.66 -28.38 48.97
C SER E 179 39.23 -27.16 48.15
N ARG E 180 39.49 -25.97 48.67
CA ARG E 180 39.01 -24.72 48.05
C ARG E 180 40.18 -23.81 47.69
N ILE E 181 40.39 -23.63 46.39
CA ILE E 181 41.26 -22.57 45.89
C ILE E 181 40.57 -21.22 46.05
N THR E 182 41.27 -20.24 46.63
CA THR E 182 40.78 -18.88 46.72
C THR E 182 41.77 -17.94 46.04
N VAL E 183 41.28 -17.16 45.07
CA VAL E 183 42.08 -16.19 44.34
C VAL E 183 41.50 -14.81 44.61
N ARG E 184 42.35 -13.85 44.95
CA ARG E 184 41.91 -12.50 45.26
C ARG E 184 42.91 -11.47 44.77
N ILE E 185 42.42 -10.49 44.02
CA ILE E 185 43.22 -9.40 43.47
C ILE E 185 42.72 -8.10 44.08
N ASP E 186 43.63 -7.27 44.56
CA ASP E 186 43.28 -6.01 45.19
C ASP E 186 43.32 -4.88 44.17
N ALA E 187 42.36 -3.96 44.26
CA ALA E 187 42.24 -2.89 43.28
C ALA E 187 41.70 -1.64 43.96
N VAL E 188 42.03 -0.49 43.37
CA VAL E 188 41.63 0.81 43.88
C VAL E 188 40.86 1.52 42.78
N ARG E 189 39.84 2.27 43.16
CA ARG E 189 39.08 3.03 42.19
C ARG E 189 39.88 4.26 41.79
N ASN E 190 39.71 4.69 40.54
CA ASN E 190 40.47 5.80 39.97
C ASN E 190 39.79 7.12 40.30
N PRO E 191 40.23 7.81 41.35
CA PRO E 191 39.42 8.92 41.88
C PRO E 191 39.59 10.23 41.11
N SER E 192 39.93 10.11 39.82
CA SER E 192 40.12 11.30 38.98
C SER E 192 38.77 11.86 38.55
N TYR E 193 38.07 11.12 37.69
CA TYR E 193 36.80 11.55 37.13
C TYR E 193 35.84 12.14 38.16
N TYR E 194 35.70 11.48 39.31
CA TYR E 194 34.70 11.93 40.28
C TYR E 194 35.10 13.22 40.99
N LEU E 195 36.41 13.47 41.16
CA LEU E 195 36.84 14.76 41.71
C LEU E 195 36.68 15.87 40.67
N TRP E 196 37.37 15.75 39.54
CA TRP E 196 37.39 16.80 38.52
C TRP E 196 36.00 17.18 38.03
N SER E 197 35.00 16.32 38.21
CA SER E 197 33.68 16.57 37.63
C SER E 197 32.52 16.49 38.62
N PHE E 198 32.73 16.04 39.85
CA PHE E 198 31.64 16.03 40.83
C PHE E 198 32.03 16.74 42.12
N ILE E 199 33.09 16.27 42.78
CA ILE E 199 33.55 16.89 44.03
C ILE E 199 33.77 18.38 43.84
N LEU E 200 34.61 18.74 42.87
CA LEU E 200 34.96 20.14 42.63
C LEU E 200 33.74 21.03 42.38
N PRO E 201 32.92 20.80 41.33
CA PRO E 201 31.73 21.65 41.14
C PRO E 201 30.91 21.86 42.40
N LEU E 202 30.72 20.81 43.20
CA LEU E 202 29.93 20.93 44.43
C LEU E 202 30.57 21.94 45.38
N GLY E 203 31.90 21.83 45.57
CA GLY E 203 32.60 22.79 46.41
C GLY E 203 32.40 24.22 45.94
N LEU E 204 32.60 24.45 44.64
CA LEU E 204 32.36 25.78 44.07
C LEU E 204 30.94 26.25 44.39
N ILE E 205 29.96 25.36 44.21
CA ILE E 205 28.58 25.68 44.57
C ILE E 205 28.46 26.04 46.04
N ILE E 206 28.98 25.18 46.92
CA ILE E 206 28.91 25.44 48.36
C ILE E 206 29.65 26.72 48.71
N ALA E 207 30.81 26.95 48.09
CA ALA E 207 31.54 28.20 48.32
C ALA E 207 30.68 29.41 47.96
N ALA E 208 30.23 29.48 46.70
CA ALA E 208 29.36 30.56 46.26
C ALA E 208 28.13 30.73 47.14
N SER E 209 27.67 29.66 47.78
CA SER E 209 26.58 29.78 48.76
C SER E 209 26.92 30.81 49.84
N TRP E 210 28.15 30.80 50.34
CA TRP E 210 28.53 31.69 51.42
C TRP E 210 28.51 33.15 50.97
N SER E 211 28.71 33.41 49.68
CA SER E 211 28.69 34.76 49.15
C SER E 211 27.32 35.42 49.32
N VAL E 212 26.37 34.69 49.90
CA VAL E 212 25.08 35.28 50.23
C VAL E 212 25.25 36.38 51.26
N PHE E 213 26.26 36.27 52.12
CA PHE E 213 26.47 37.25 53.17
C PHE E 213 27.00 38.57 52.64
N TRP E 214 27.46 38.61 51.39
CA TRP E 214 27.95 39.85 50.81
C TRP E 214 26.87 40.56 50.02
N LEU E 215 25.62 40.12 50.17
CA LEU E 215 24.48 40.87 49.67
C LEU E 215 24.14 41.95 50.67
N GLU E 216 23.80 43.14 50.16
CA GLU E 216 23.66 44.30 51.04
C GLU E 216 22.41 44.20 51.90
N SER E 217 21.25 43.99 51.28
CA SER E 217 19.97 43.96 51.98
C SER E 217 19.87 42.71 52.86
N PHE E 218 18.68 42.50 53.44
CA PHE E 218 18.28 41.25 54.05
C PHE E 218 17.37 40.45 53.14
N SER E 219 16.38 41.11 52.53
CA SER E 219 15.57 40.50 51.49
C SER E 219 16.43 39.87 50.40
N GLU E 220 17.48 40.57 49.98
CA GLU E 220 18.43 39.99 49.03
C GLU E 220 19.01 38.70 49.57
N ARG E 221 19.50 38.72 50.82
CA ARG E 221 20.12 37.55 51.41
C ARG E 221 19.13 36.38 51.51
N LEU E 222 17.98 36.61 52.14
CA LEU E 222 17.06 35.51 52.41
C LEU E 222 16.47 34.94 51.13
N GLN E 223 16.08 35.79 50.18
CA GLN E 223 15.51 35.30 48.93
C GLN E 223 16.52 34.50 48.14
N THR E 224 17.70 35.08 47.92
CA THR E 224 18.76 34.38 47.19
C THR E 224 19.06 33.01 47.78
N SER E 225 19.00 32.89 49.10
CA SER E 225 19.16 31.60 49.77
C SER E 225 18.31 30.51 49.12
N PHE E 226 17.02 30.80 48.87
CA PHE E 226 16.14 29.80 48.29
C PHE E 226 16.60 29.36 46.90
N THR E 227 17.25 30.24 46.15
CA THR E 227 17.82 29.83 44.88
C THR E 227 19.02 28.91 45.10
N LEU E 228 19.85 29.23 46.09
CA LEU E 228 20.90 28.31 46.52
C LEU E 228 20.32 26.96 46.90
N MET E 229 19.25 26.95 47.71
CA MET E 229 18.55 25.72 48.05
C MET E 229 18.22 24.92 46.79
N LEU E 230 17.49 25.54 45.86
CA LEU E 230 17.20 24.94 44.57
C LEU E 230 18.47 24.42 43.90
N THR E 231 19.54 25.22 43.92
CA THR E 231 20.78 24.83 43.27
C THR E 231 21.31 23.50 43.80
N VAL E 232 21.23 23.28 45.11
CA VAL E 232 21.68 22.03 45.68
C VAL E 232 20.77 20.88 45.25
N VAL E 233 19.46 21.06 45.41
CA VAL E 233 18.49 20.04 45.01
C VAL E 233 18.73 19.60 43.56
N ALA E 234 18.91 20.58 42.66
CA ALA E 234 19.32 20.27 41.29
C ALA E 234 20.57 19.41 41.26
N TYR E 235 21.62 19.84 41.99
CA TYR E 235 22.89 19.13 41.95
C TYR E 235 22.80 17.76 42.62
N ALA E 236 21.97 17.63 43.66
CA ALA E 236 21.72 16.32 44.25
C ALA E 236 21.13 15.37 43.22
N PHE E 237 20.12 15.84 42.49
CA PHE E 237 19.50 15.05 41.43
C PHE E 237 20.52 14.63 40.39
N TYR E 238 21.25 15.60 39.83
CA TYR E 238 22.33 15.32 38.89
C TYR E 238 23.30 14.26 39.43
N THR E 239 23.79 14.46 40.66
CA THR E 239 24.58 13.45 41.35
C THR E 239 23.90 12.09 41.35
N SER E 240 22.71 12.02 41.98
CA SER E 240 22.01 10.74 42.17
C SER E 240 21.83 9.97 40.88
N ASN E 241 21.40 10.65 39.81
CA ASN E 241 21.06 9.95 38.56
C ASN E 241 22.27 9.22 37.99
N ILE E 242 23.43 9.87 37.99
CA ILE E 242 24.59 9.31 37.29
C ILE E 242 25.42 8.35 38.16
N LEU E 243 25.50 8.61 39.46
CA LEU E 243 26.35 7.83 40.35
C LEU E 243 25.75 6.47 40.68
N PRO E 244 26.59 5.51 41.07
CA PRO E 244 26.10 4.16 41.38
C PRO E 244 25.19 4.14 42.61
N ARG E 245 24.01 3.53 42.44
CA ARG E 245 23.04 3.43 43.51
C ARG E 245 23.54 2.51 44.62
N LEU E 246 23.30 2.90 45.88
CA LEU E 246 23.80 2.14 47.03
C LEU E 246 22.80 2.13 48.18
N PRO E 247 23.04 1.33 49.24
CA PRO E 247 22.17 1.39 50.42
C PRO E 247 22.82 2.10 51.61
N TYR E 248 23.89 2.85 51.37
CA TYR E 248 24.48 3.68 52.40
C TYR E 248 24.93 5.01 51.78
N THR E 249 25.34 5.92 52.64
CA THR E 249 25.79 7.24 52.20
C THR E 249 27.24 7.18 51.76
N THR E 250 27.51 7.67 50.55
CA THR E 250 28.86 7.80 50.05
C THR E 250 29.51 9.06 50.62
N VAL E 251 30.79 9.26 50.29
CA VAL E 251 31.46 10.50 50.67
C VAL E 251 30.80 11.68 49.97
N ILE E 252 30.68 11.61 48.65
CA ILE E 252 29.91 12.59 47.89
C ILE E 252 28.55 12.83 48.54
N ASP E 253 27.87 11.75 48.91
CA ASP E 253 26.54 11.86 49.50
C ASP E 253 26.57 12.69 50.79
N GLN E 254 27.66 12.63 51.54
CA GLN E 254 27.79 13.45 52.75
C GLN E 254 27.94 14.93 52.38
N MET E 255 28.91 15.23 51.50
CA MET E 255 29.09 16.59 50.99
C MET E 255 27.78 17.22 50.56
N ILE E 256 26.88 16.44 49.96
CA ILE E 256 25.59 16.98 49.54
C ILE E 256 24.75 17.40 50.74
N ILE E 257 24.85 16.68 51.85
CA ILE E 257 24.14 17.08 53.06
C ILE E 257 24.75 18.36 53.65
N ALA E 258 26.08 18.47 53.57
CA ALA E 258 26.75 19.68 54.04
C ALA E 258 26.23 20.92 53.33
N GLY E 259 25.94 20.80 52.03
CA GLY E 259 25.28 21.86 51.30
C GLY E 259 23.94 22.22 51.90
N TYR E 260 23.02 21.25 51.88
CA TYR E 260 21.72 21.34 52.56
C TYR E 260 21.83 21.95 53.94
N GLY E 261 22.95 21.71 54.63
CA GLY E 261 23.17 22.24 55.96
C GLY E 261 23.56 23.70 55.99
N SER E 262 24.73 24.03 55.43
CA SER E 262 25.20 25.41 55.37
C SER E 262 24.11 26.35 54.87
N ILE E 263 23.36 25.94 53.85
CA ILE E 263 22.35 26.81 53.28
C ILE E 263 21.22 27.04 54.28
N PHE E 264 20.80 25.99 54.98
CA PHE E 264 19.75 26.15 55.98
C PHE E 264 20.27 26.86 57.22
N ALA E 265 21.55 26.67 57.53
CA ALA E 265 22.17 27.45 58.61
C ALA E 265 22.27 28.91 58.22
N ALA E 266 22.68 29.18 56.97
CA ALA E 266 22.60 30.53 56.43
C ALA E 266 21.23 31.15 56.66
N ILE E 267 20.18 30.46 56.23
CA ILE E 267 18.81 30.95 56.43
C ILE E 267 18.61 31.38 57.88
N LEU E 268 19.02 30.54 58.81
CA LEU E 268 18.83 30.83 60.23
C LEU E 268 19.59 32.10 60.62
N LEU E 269 20.90 32.12 60.37
CA LEU E 269 21.71 33.31 60.59
C LEU E 269 21.10 34.54 59.92
N ILE E 270 20.96 34.50 58.59
CA ILE E 270 20.40 35.58 57.77
C ILE E 270 19.15 36.16 58.42
N ILE E 271 18.30 35.28 58.96
CA ILE E 271 17.07 35.73 59.62
C ILE E 271 17.36 36.15 61.05
N PHE E 272 18.18 35.39 61.77
CA PHE E 272 18.51 35.74 63.15
C PHE E 272 19.32 37.04 63.22
N ALA E 273 20.17 37.28 62.22
CA ALA E 273 20.84 38.58 62.10
C ALA E 273 19.83 39.72 62.14
N HIS E 274 18.71 39.54 61.43
CA HIS E 274 17.75 40.62 61.25
C HIS E 274 17.07 41.00 62.57
N HIS E 275 16.75 40.01 63.41
CA HIS E 275 15.92 40.23 64.59
C HIS E 275 16.68 40.06 65.91
N ARG E 276 18.01 40.04 65.87
CA ARG E 276 18.82 40.14 67.08
C ARG E 276 19.41 41.55 67.11
N GLN E 277 18.62 42.50 67.60
CA GLN E 277 18.86 43.91 67.36
C GLN E 277 18.62 44.73 68.62
N ALA E 278 19.07 45.98 68.57
CA ALA E 278 18.84 46.95 69.63
C ALA E 278 17.55 47.73 69.48
N ASN E 279 17.06 47.90 68.25
CA ASN E 279 15.83 48.61 67.92
C ASN E 279 14.81 47.59 67.42
N GLY E 280 14.00 47.98 66.43
CA GLY E 280 13.14 47.02 65.75
C GLY E 280 13.82 46.31 64.61
N VAL E 281 14.56 47.06 63.78
CA VAL E 281 15.19 46.53 62.56
C VAL E 281 16.61 47.06 62.49
N GLU E 282 17.54 46.34 63.12
CA GLU E 282 18.97 46.56 62.93
C GLU E 282 19.62 45.21 62.68
N ASP E 283 20.14 45.00 61.48
CA ASP E 283 20.87 43.77 61.23
C ASP E 283 22.09 43.79 62.13
N ASP E 284 22.32 42.68 62.85
CA ASP E 284 23.33 42.68 63.89
C ASP E 284 24.70 42.89 63.26
N LEU E 285 25.42 43.89 63.79
CA LEU E 285 26.53 44.50 63.07
C LEU E 285 27.60 43.48 62.69
N LEU E 286 28.15 42.80 63.69
CA LEU E 286 29.21 41.83 63.43
C LEU E 286 28.67 40.58 62.73
N ILE E 287 27.44 40.17 63.03
CA ILE E 287 26.98 38.83 62.67
C ILE E 287 26.92 38.66 61.15
N GLN E 288 26.25 39.57 60.42
CA GLN E 288 26.21 39.37 58.96
C GLN E 288 27.59 39.56 58.34
N ARG E 289 28.59 39.82 59.16
CA ARG E 289 29.99 39.63 58.80
C ARG E 289 30.51 38.33 59.40
N CYS E 290 29.70 37.27 59.22
CA CYS E 290 30.24 35.92 59.17
C CYS E 290 30.62 35.57 57.75
N ARG E 291 31.00 36.59 57.00
CA ARG E 291 31.39 36.47 55.60
C ARG E 291 32.59 35.56 55.46
N LEU E 292 33.64 35.85 56.22
CA LEU E 292 34.77 34.95 56.29
C LEU E 292 34.81 34.37 57.70
N ALA E 293 33.67 33.84 58.12
CA ALA E 293 33.52 33.02 59.31
C ALA E 293 32.67 31.78 59.08
N PHE E 294 31.73 31.81 58.13
CA PHE E 294 31.12 30.58 57.66
C PHE E 294 32.12 29.70 56.93
N PRO E 295 32.88 30.20 55.94
CA PRO E 295 33.91 29.34 55.30
C PRO E 295 34.82 28.64 56.30
N LEU E 296 35.25 29.34 57.34
CA LEU E 296 36.11 28.72 58.35
C LEU E 296 35.34 27.65 59.13
N GLY E 297 34.13 27.97 59.57
CA GLY E 297 33.34 27.01 60.33
C GLY E 297 33.05 25.75 59.54
N PHE E 298 32.72 25.91 58.25
CA PHE E 298 32.50 24.75 57.39
C PHE E 298 33.78 23.93 57.25
N LEU E 299 34.91 24.58 56.97
CA LEU E 299 36.17 23.88 56.79
C LEU E 299 36.64 23.19 58.07
N ALA E 300 36.31 23.75 59.23
CA ALA E 300 36.66 23.09 60.48
C ALA E 300 35.88 21.79 60.66
N ILE E 301 34.59 21.82 60.36
CA ILE E 301 33.76 20.62 60.48
C ILE E 301 34.10 19.63 59.36
N GLY E 302 34.72 20.11 58.28
CA GLY E 302 35.13 19.24 57.20
C GLY E 302 36.51 18.64 57.40
N CYS E 303 37.11 18.85 58.56
CA CYS E 303 38.34 18.17 58.96
C CYS E 303 38.09 17.19 60.09
N VAL E 304 36.86 17.11 60.59
CA VAL E 304 36.45 16.05 61.50
C VAL E 304 35.61 15.00 60.79
N LEU E 305 35.14 15.29 59.57
CA LEU E 305 34.61 14.25 58.70
C LEU E 305 35.70 13.27 58.29
N VAL E 306 36.96 13.70 58.33
CA VAL E 306 38.06 12.86 57.88
C VAL E 306 38.48 11.90 58.98
N ILE E 307 38.53 12.38 60.23
CA ILE E 307 38.85 11.52 61.36
C ILE E 307 37.73 11.56 62.38
N PRO F 1 7.46 37.70 -54.04
CA PRO F 1 6.32 37.31 -53.21
C PRO F 1 5.39 36.31 -53.91
N VAL F 2 5.67 35.02 -53.68
CA VAL F 2 5.26 33.94 -54.57
C VAL F 2 3.75 33.88 -54.75
N ASP F 3 3.31 33.77 -56.00
CA ASP F 3 1.91 33.53 -56.35
C ASP F 3 1.64 32.03 -56.46
N VAL F 4 0.60 31.56 -55.76
CA VAL F 4 0.23 30.13 -55.75
C VAL F 4 -1.23 29.98 -56.15
N SER F 5 -1.48 29.20 -57.21
CA SER F 5 -2.83 28.84 -57.63
C SER F 5 -3.24 27.51 -56.99
N VAL F 6 -4.50 27.43 -56.55
CA VAL F 6 -5.03 26.26 -55.87
C VAL F 6 -6.36 25.86 -56.50
N SER F 7 -6.57 24.55 -56.64
CA SER F 7 -7.85 23.99 -57.05
C SER F 7 -8.16 22.80 -56.15
N ILE F 8 -9.42 22.65 -55.76
CA ILE F 8 -9.85 21.62 -54.82
C ILE F 8 -10.96 20.80 -55.46
N PHE F 9 -10.69 19.54 -55.74
CA PHE F 9 -11.69 18.60 -56.22
C PHE F 9 -12.29 17.90 -55.00
N ILE F 10 -13.59 18.02 -54.82
CA ILE F 10 -14.26 17.39 -53.68
C ILE F 10 -14.96 16.14 -54.16
N ASN F 11 -14.55 14.98 -53.63
CA ASN F 11 -15.02 13.69 -54.09
C ASN F 11 -16.20 13.19 -53.28
N LYS F 12 -16.22 13.49 -51.99
CA LYS F 12 -17.22 12.94 -51.09
C LYS F 12 -17.17 13.65 -49.75
N ILE F 13 -18.34 14.04 -49.25
CA ILE F 13 -18.48 14.58 -47.90
C ILE F 13 -19.40 13.61 -47.18
N TYR F 14 -18.91 13.05 -46.08
CA TYR F 14 -19.67 11.99 -45.42
C TYR F 14 -19.35 12.00 -43.93
N GLY F 15 -20.11 11.20 -43.20
CA GLY F 15 -19.90 11.00 -41.78
C GLY F 15 -19.84 12.28 -40.97
N VAL F 16 -20.97 12.99 -40.89
CA VAL F 16 -21.05 14.12 -39.97
C VAL F 16 -21.01 13.59 -38.55
N ASN F 17 -20.36 14.34 -37.65
CA ASN F 17 -20.26 13.94 -36.25
C ASN F 17 -20.89 15.07 -35.44
N THR F 18 -22.20 14.92 -35.18
CA THR F 18 -22.99 15.97 -34.52
C THR F 18 -22.36 16.44 -33.22
N LEU F 19 -21.83 15.53 -32.41
CA LEU F 19 -21.29 15.93 -31.12
C LEU F 19 -20.00 16.73 -31.28
N GLU F 20 -19.08 16.23 -32.10
CA GLU F 20 -17.80 16.88 -32.29
C GLU F 20 -17.85 18.06 -33.26
N GLN F 21 -18.98 18.26 -33.94
CA GLN F 21 -19.13 19.29 -34.97
C GLN F 21 -18.04 19.07 -36.02
N THR F 22 -18.26 18.07 -36.88
CA THR F 22 -17.17 17.46 -37.64
C THR F 22 -17.77 16.72 -38.84
N TYR F 23 -17.05 16.75 -39.95
CA TYR F 23 -17.43 16.03 -41.15
C TYR F 23 -16.17 15.53 -41.83
N LYS F 24 -16.35 14.52 -42.68
CA LYS F 24 -15.24 13.90 -43.40
C LYS F 24 -15.32 14.33 -44.86
N VAL F 25 -14.17 14.65 -45.43
CA VAL F 25 -14.09 15.12 -46.82
C VAL F 25 -12.94 14.38 -47.50
N ASP F 26 -13.25 13.71 -48.61
CA ASP F 26 -12.27 13.03 -49.44
C ASP F 26 -12.15 13.80 -50.76
N GLY F 27 -10.93 14.06 -51.18
CA GLY F 27 -10.73 14.78 -52.42
C GLY F 27 -9.26 15.00 -52.70
N TYR F 28 -9.01 15.68 -53.82
CA TYR F 28 -7.66 16.02 -54.25
C TYR F 28 -7.43 17.52 -54.11
N ILE F 29 -6.16 17.89 -53.94
CA ILE F 29 -5.75 19.29 -53.93
C ILE F 29 -4.60 19.46 -54.92
N VAL F 30 -4.57 20.60 -55.61
CA VAL F 30 -3.53 20.90 -56.58
C VAL F 30 -3.06 22.33 -56.37
N ALA F 31 -1.74 22.50 -56.24
CA ALA F 31 -1.11 23.80 -56.12
C ALA F 31 -0.16 24.00 -57.29
N GLN F 32 -0.14 25.21 -57.83
CA GLN F 32 0.73 25.54 -58.96
C GLN F 32 1.40 26.88 -58.69
N TRP F 33 2.71 26.92 -58.93
CA TRP F 33 3.53 28.09 -58.64
C TRP F 33 4.79 28.00 -59.48
N THR F 34 5.20 29.13 -60.06
CA THR F 34 6.26 29.17 -61.05
C THR F 34 7.60 29.50 -60.38
N GLY F 35 8.58 28.62 -60.56
CA GLY F 35 9.88 28.77 -59.97
C GLY F 35 10.96 29.00 -61.03
N LYS F 36 12.20 28.94 -60.57
CA LYS F 36 13.33 29.11 -61.49
C LYS F 36 13.32 27.99 -62.53
N PRO F 37 13.32 28.31 -63.83
CA PRO F 37 13.32 27.28 -64.86
C PRO F 37 14.40 26.23 -64.67
N ARG F 38 14.18 25.03 -65.21
CA ARG F 38 15.10 23.92 -65.02
C ARG F 38 15.07 23.03 -66.24
N LYS F 39 16.09 22.18 -66.35
CA LYS F 39 16.17 21.21 -67.43
C LYS F 39 15.51 19.90 -67.00
N THR F 40 14.54 19.46 -67.79
CA THR F 40 13.88 18.18 -67.59
C THR F 40 14.34 17.21 -68.66
N PRO F 41 14.32 15.90 -68.39
CA PRO F 41 14.60 14.93 -69.45
C PRO F 41 13.65 15.11 -70.63
N GLY F 42 14.20 15.00 -71.83
CA GLY F 42 13.49 15.51 -72.99
C GLY F 42 13.30 17.01 -72.84
N ASP F 43 12.16 17.49 -73.34
CA ASP F 43 11.62 18.76 -72.87
C ASP F 43 10.24 18.58 -72.24
N LYS F 44 9.74 17.35 -72.21
CA LYS F 44 8.51 17.02 -71.51
C LYS F 44 8.65 17.34 -70.02
N PRO F 45 7.59 17.84 -69.37
CA PRO F 45 7.64 18.06 -67.92
C PRO F 45 7.94 16.77 -67.17
N LEU F 46 8.54 16.93 -66.00
CA LEU F 46 8.99 15.81 -65.17
C LEU F 46 7.94 15.49 -64.11
N ILE F 47 7.71 14.20 -63.88
CA ILE F 47 6.76 13.73 -62.88
C ILE F 47 7.52 13.08 -61.73
N VAL F 48 7.16 13.45 -60.50
CA VAL F 48 7.80 12.95 -59.29
C VAL F 48 6.69 12.44 -58.38
N GLU F 49 6.62 11.12 -58.19
CA GLU F 49 5.53 10.49 -57.46
C GLU F 49 5.96 10.12 -56.05
N ASN F 50 5.13 10.49 -55.07
CA ASN F 50 5.21 10.06 -53.68
C ASN F 50 6.62 10.14 -53.09
N THR F 51 7.13 9.02 -52.59
CA THR F 51 8.43 8.94 -51.91
C THR F 51 9.50 9.77 -52.60
N GLN F 52 9.51 9.75 -53.94
CA GLN F 52 10.52 10.49 -54.69
C GLN F 52 10.45 12.00 -54.42
N ILE F 53 9.29 12.53 -54.06
CA ILE F 53 9.16 13.97 -53.83
C ILE F 53 10.06 14.41 -52.69
N GLU F 54 9.99 13.71 -51.55
CA GLU F 54 10.81 14.06 -50.40
C GLU F 54 12.30 14.09 -50.75
N ARG F 55 12.72 13.21 -51.66
CA ARG F 55 14.12 13.23 -52.09
C ARG F 55 14.44 14.50 -52.86
N TRP F 56 13.51 14.98 -53.69
CA TRP F 56 13.75 16.20 -54.43
C TRP F 56 13.84 17.41 -53.52
N ILE F 57 13.26 17.33 -52.33
CA ILE F 57 13.31 18.44 -51.38
C ILE F 57 14.69 18.50 -50.73
N ASN F 58 15.25 17.34 -50.37
CA ASN F 58 16.60 17.25 -49.85
C ASN F 58 17.65 17.89 -50.76
N ASN F 59 17.31 18.17 -52.02
CA ASN F 59 18.22 18.85 -52.94
C ASN F 59 17.86 20.31 -53.13
N GLY F 60 17.04 20.87 -52.24
CA GLY F 60 16.74 22.28 -52.27
C GLY F 60 15.49 22.67 -53.04
N LEU F 61 14.69 21.70 -53.47
CA LEU F 61 13.38 22.02 -54.03
C LEU F 61 12.47 22.48 -52.91
N TRP F 62 11.98 23.71 -53.01
CA TRP F 62 11.06 24.24 -52.02
C TRP F 62 9.64 23.79 -52.38
N VAL F 63 8.96 23.19 -51.42
CA VAL F 63 7.55 22.84 -51.60
C VAL F 63 6.82 23.23 -50.32
N PRO F 64 5.97 24.25 -50.37
CA PRO F 64 5.39 24.79 -49.14
C PRO F 64 4.40 23.84 -48.50
N ALA F 65 4.48 23.73 -47.18
CA ALA F 65 3.47 23.01 -46.42
C ALA F 65 2.23 23.87 -46.34
N LEU F 66 1.15 23.41 -46.96
CA LEU F 66 -0.15 24.08 -46.90
C LEU F 66 -1.00 23.36 -45.85
N GLU F 67 -1.40 24.09 -44.82
CA GLU F 67 -2.15 23.49 -43.73
C GLU F 67 -3.65 23.72 -43.91
N PHE F 68 -4.43 22.73 -43.49
CA PHE F 68 -5.88 22.83 -43.41
C PHE F 68 -6.18 23.38 -42.02
N ILE F 69 -6.44 24.68 -41.94
CA ILE F 69 -6.63 25.35 -40.64
C ILE F 69 -7.66 24.62 -39.79
N ASN F 70 -8.74 24.15 -40.41
CA ASN F 70 -9.87 23.61 -39.68
C ASN F 70 -9.97 22.09 -39.76
N VAL F 71 -8.86 21.39 -40.05
CA VAL F 71 -8.85 19.93 -40.00
C VAL F 71 -8.52 19.50 -38.58
N VAL F 72 -9.21 18.47 -38.11
CA VAL F 72 -9.00 17.96 -36.76
C VAL F 72 -8.00 16.81 -36.86
N GLY F 73 -6.73 17.11 -36.64
CA GLY F 73 -5.71 16.09 -36.75
C GLY F 73 -5.19 15.92 -38.18
N SER F 74 -3.90 15.65 -38.31
CA SER F 74 -3.27 15.55 -39.63
C SER F 74 -4.04 14.54 -40.50
N PRO F 75 -4.36 14.90 -41.73
CA PRO F 75 -5.21 14.04 -42.57
C PRO F 75 -4.44 12.91 -43.23
N ASP F 76 -5.20 11.93 -43.71
CA ASP F 76 -4.67 10.77 -44.42
C ASP F 76 -4.36 11.18 -45.87
N THR F 77 -3.07 11.26 -46.20
CA THR F 77 -2.63 11.63 -47.54
C THR F 77 -2.33 10.34 -48.32
N GLY F 78 -3.02 10.17 -49.46
CA GLY F 78 -2.91 8.94 -50.23
C GLY F 78 -1.79 8.89 -51.25
N ASN F 79 -1.86 9.75 -52.27
CA ASN F 79 -0.86 9.83 -53.32
C ASN F 79 -0.54 11.28 -53.55
N LYS F 80 0.73 11.57 -53.86
CA LYS F 80 1.14 12.92 -54.17
C LYS F 80 2.16 12.88 -55.30
N ARG F 81 2.06 13.87 -56.18
CA ARG F 81 2.98 13.99 -57.31
C ARG F 81 3.42 15.44 -57.44
N LEU F 82 4.63 15.61 -57.94
CA LEU F 82 5.07 16.90 -58.43
C LEU F 82 5.08 16.85 -59.95
N MET F 83 4.70 17.95 -60.59
CA MET F 83 4.86 18.09 -62.04
C MET F 83 5.80 19.26 -62.24
N LEU F 84 7.06 18.95 -62.49
CA LEU F 84 8.09 19.95 -62.66
C LEU F 84 8.17 20.35 -64.13
N PHE F 85 8.03 21.62 -64.38
CA PHE F 85 8.00 21.99 -65.78
C PHE F 85 9.33 22.60 -66.21
N PRO F 86 9.68 22.48 -67.49
CA PRO F 86 10.96 23.07 -67.94
C PRO F 86 10.98 24.58 -67.84
N ASP F 87 9.84 25.24 -68.01
CA ASP F 87 9.75 26.68 -67.90
C ASP F 87 9.63 27.15 -66.46
N GLY F 88 9.87 26.28 -65.48
CA GLY F 88 9.90 26.68 -64.09
C GLY F 88 8.71 26.22 -63.28
N ARG F 89 7.49 26.47 -63.77
CA ARG F 89 6.29 26.22 -63.00
C ARG F 89 6.24 24.80 -62.46
N VAL F 90 5.57 24.64 -61.32
CA VAL F 90 5.56 23.38 -60.59
C VAL F 90 4.13 23.11 -60.13
N ILE F 91 3.69 21.87 -60.24
CA ILE F 91 2.34 21.46 -59.86
C ILE F 91 2.46 20.39 -58.79
N TYR F 92 1.91 20.67 -57.62
CA TYR F 92 1.78 19.68 -56.56
C TYR F 92 0.34 19.16 -56.58
N ASN F 93 0.20 17.85 -56.64
CA ASN F 93 -1.10 17.20 -56.73
C ASN F 93 -1.13 16.05 -55.74
N ALA F 94 -2.14 16.05 -54.86
CA ALA F 94 -2.25 15.01 -53.85
C ALA F 94 -3.71 14.81 -53.46
N ARG F 95 -4.05 13.55 -53.17
CA ARG F 95 -5.37 13.20 -52.66
C ARG F 95 -5.34 13.17 -51.14
N PHE F 96 -6.43 13.63 -50.53
CA PHE F 96 -6.53 13.69 -49.08
C PHE F 96 -7.88 13.14 -48.63
N LEU F 97 -7.91 12.74 -47.36
CA LEU F 97 -9.15 12.45 -46.64
C LEU F 97 -8.95 12.95 -45.22
N GLY F 98 -9.81 13.84 -44.78
CA GLY F 98 -9.61 14.47 -43.48
C GLY F 98 -10.92 14.80 -42.81
N SER F 99 -10.89 14.82 -41.49
CA SER F 99 -12.03 15.21 -40.67
C SER F 99 -11.91 16.70 -40.37
N PHE F 100 -12.82 17.49 -40.93
CA PHE F 100 -12.77 18.93 -40.82
C PHE F 100 -13.79 19.45 -39.81
N SER F 101 -13.47 20.58 -39.21
CA SER F 101 -14.28 21.17 -38.15
C SER F 101 -14.90 22.47 -38.63
N ASN F 102 -16.14 22.72 -38.21
CA ASN F 102 -16.80 23.99 -38.42
C ASN F 102 -17.92 24.12 -37.40
N ASP F 103 -18.35 25.36 -37.17
CA ASP F 103 -19.47 25.62 -36.27
C ASP F 103 -20.76 25.08 -36.88
N MET F 104 -21.52 24.32 -36.09
CA MET F 104 -22.72 23.66 -36.59
C MET F 104 -23.83 23.73 -35.55
N ASP F 105 -24.91 24.43 -35.88
CA ASP F 105 -26.08 24.57 -35.01
C ASP F 105 -27.10 23.51 -35.42
N PHE F 106 -27.38 22.57 -34.52
CA PHE F 106 -28.29 21.46 -34.79
C PHE F 106 -29.61 21.58 -34.05
N ARG F 107 -29.96 22.79 -33.56
CA ARG F 107 -31.12 22.90 -32.69
C ARG F 107 -32.43 22.70 -33.46
N LEU F 108 -32.41 22.88 -34.77
CA LEU F 108 -33.58 22.67 -35.64
C LEU F 108 -33.41 21.32 -36.34
N PHE F 109 -33.38 20.23 -35.55
CA PHE F 109 -32.63 19.04 -35.98
C PHE F 109 -33.11 18.51 -37.34
N PRO F 110 -34.32 17.93 -37.48
CA PRO F 110 -34.61 17.24 -38.75
C PRO F 110 -34.65 18.18 -39.93
N PHE F 111 -34.59 19.50 -39.69
CA PHE F 111 -34.67 20.53 -40.71
C PHE F 111 -33.44 21.43 -40.56
N ASP F 112 -32.26 20.86 -40.85
CA ASP F 112 -31.01 21.58 -40.68
C ASP F 112 -30.68 22.43 -41.90
N ARG F 113 -29.91 23.49 -41.66
CA ARG F 113 -29.12 24.16 -42.67
C ARG F 113 -27.68 24.21 -42.17
N GLN F 114 -26.77 23.62 -42.92
CA GLN F 114 -25.38 23.58 -42.49
C GLN F 114 -24.46 24.09 -43.58
N GLN F 115 -23.22 24.36 -43.20
CA GLN F 115 -22.24 24.97 -44.09
C GLN F 115 -20.92 24.23 -43.91
N PHE F 116 -20.62 23.32 -44.82
CA PHE F 116 -19.39 22.54 -44.74
C PHE F 116 -18.25 23.34 -45.38
N VAL F 117 -17.12 23.40 -44.68
CA VAL F 117 -16.12 24.43 -44.93
C VAL F 117 -14.72 23.83 -44.90
N LEU F 118 -13.87 24.29 -45.81
CA LEU F 118 -12.43 24.05 -45.79
C LEU F 118 -11.71 25.38 -45.64
N GLU F 119 -10.70 25.41 -44.77
CA GLU F 119 -9.84 26.57 -44.60
C GLU F 119 -8.39 26.14 -44.83
N LEU F 120 -7.81 26.59 -45.94
CA LEU F 120 -6.45 26.28 -46.32
C LEU F 120 -5.58 27.52 -46.13
N GLU F 121 -4.34 27.30 -45.67
CA GLU F 121 -3.43 28.41 -45.41
C GLU F 121 -2.02 27.89 -45.26
N PRO F 122 -1.02 28.54 -45.87
CA PRO F 122 0.35 28.04 -45.77
C PRO F 122 0.82 28.06 -44.32
N PHE F 123 1.64 27.06 -43.98
CA PHE F 123 1.97 26.85 -42.58
C PHE F 123 3.08 27.77 -42.08
N SER F 124 3.87 28.37 -42.98
CA SER F 124 4.98 29.20 -42.51
C SER F 124 5.33 30.31 -43.51
N TYR F 125 4.34 30.88 -44.18
CA TYR F 125 4.65 31.84 -45.23
C TYR F 125 3.59 32.93 -45.35
N ASN F 126 4.05 34.18 -45.39
CA ASN F 126 3.19 35.35 -45.44
C ASN F 126 3.36 36.16 -46.70
N ASN F 127 4.57 36.18 -47.28
CA ASN F 127 4.72 36.60 -48.67
C ASN F 127 5.05 35.38 -49.52
N GLN F 128 4.19 34.39 -49.38
CA GLN F 128 3.82 33.47 -50.46
C GLN F 128 2.30 33.46 -50.42
N GLN F 129 1.67 33.78 -51.55
CA GLN F 129 0.29 34.26 -51.53
C GLN F 129 -0.57 33.44 -52.49
N LEU F 130 -1.77 33.08 -52.03
CA LEU F 130 -2.66 32.19 -52.78
C LEU F 130 -3.33 32.99 -53.90
N ARG F 131 -2.92 32.69 -55.13
CA ARG F 131 -3.33 33.47 -56.30
C ARG F 131 -4.84 33.43 -56.51
N PHE F 132 -5.39 32.25 -56.79
CA PHE F 132 -6.82 32.10 -56.97
C PHE F 132 -7.22 30.69 -56.58
N SER F 133 -8.45 30.54 -56.09
CA SER F 133 -8.97 29.25 -55.66
C SER F 133 -10.15 28.83 -56.53
N ASP F 134 -10.17 27.54 -56.86
CA ASP F 134 -11.22 26.93 -57.66
C ASP F 134 -11.62 25.62 -57.01
N ILE F 135 -12.92 25.41 -56.83
CA ILE F 135 -13.42 24.20 -56.19
C ILE F 135 -14.29 23.47 -57.21
N GLN F 136 -13.99 22.20 -57.44
CA GLN F 136 -14.69 21.39 -58.45
C GLN F 136 -15.50 20.32 -57.72
N VAL F 137 -16.80 20.55 -57.66
CA VAL F 137 -17.77 19.59 -57.14
C VAL F 137 -18.60 19.09 -58.33
N TYR F 138 -18.89 17.78 -58.35
CA TYR F 138 -19.59 17.19 -59.49
C TYR F 138 -20.82 16.43 -58.97
N THR F 139 -21.80 17.17 -58.48
CA THR F 139 -23.06 16.57 -58.02
C THR F 139 -24.21 17.44 -58.51
N GLU F 140 -25.38 17.27 -57.90
CA GLU F 140 -26.62 17.83 -58.42
C GLU F 140 -27.71 17.78 -57.35
N ASN F 141 -28.53 18.84 -57.31
CA ASN F 141 -29.38 19.14 -56.16
C ASN F 141 -30.49 20.10 -56.64
N ILE F 142 -31.75 20.00 -56.18
CA ILE F 142 -32.41 18.82 -55.59
C ILE F 142 -32.45 17.62 -56.54
N ASP F 143 -32.00 16.46 -56.06
CA ASP F 143 -31.81 15.26 -56.88
C ASP F 143 -31.65 13.99 -56.06
N ASN F 144 -30.59 13.23 -56.33
CA ASN F 144 -30.32 11.91 -55.75
C ASN F 144 -30.34 11.88 -54.22
N GLU F 145 -30.45 13.05 -53.61
CA GLU F 145 -30.43 13.31 -52.19
C GLU F 145 -31.69 12.88 -51.47
N GLU F 146 -32.48 12.02 -52.11
CA GLU F 146 -33.37 11.13 -51.38
C GLU F 146 -32.60 9.88 -50.98
N ILE F 147 -31.74 9.40 -51.88
CA ILE F 147 -30.75 8.38 -51.55
C ILE F 147 -29.63 8.98 -50.68
N ASP F 148 -29.31 10.25 -50.86
CA ASP F 148 -28.29 10.94 -50.08
C ASP F 148 -28.90 11.76 -48.95
N GLU F 149 -28.08 12.00 -47.92
CA GLU F 149 -28.56 12.59 -46.68
C GLU F 149 -28.86 14.10 -46.77
N TRP F 150 -28.12 14.83 -47.60
CA TRP F 150 -28.07 16.30 -47.53
C TRP F 150 -28.45 16.97 -48.84
N TRP F 151 -29.01 18.18 -48.74
CA TRP F 151 -29.41 19.01 -49.88
C TRP F 151 -28.50 20.23 -49.97
N ILE F 152 -27.57 20.25 -50.92
CA ILE F 152 -26.74 21.44 -51.11
C ILE F 152 -27.57 22.56 -51.73
N ARG F 153 -27.44 23.77 -51.19
CA ARG F 153 -28.16 24.91 -51.73
C ARG F 153 -27.27 25.76 -52.62
N GLY F 154 -26.22 26.37 -52.02
CA GLY F 154 -25.28 27.16 -52.79
C GLY F 154 -24.18 26.30 -53.36
N LYS F 155 -23.45 26.86 -54.33
CA LYS F 155 -22.51 26.06 -55.11
C LYS F 155 -21.04 26.26 -54.78
N ALA F 156 -20.58 27.49 -54.54
CA ALA F 156 -19.19 27.75 -54.85
C ALA F 156 -18.43 28.69 -53.91
N SER F 157 -19.08 29.27 -52.89
CA SER F 157 -18.47 30.31 -52.05
C SER F 157 -16.96 30.14 -51.85
N THR F 158 -16.21 31.16 -52.27
CA THR F 158 -14.77 31.24 -52.11
C THR F 158 -14.45 32.56 -51.41
N HIS F 159 -13.22 32.67 -50.91
CA HIS F 159 -12.80 33.92 -50.30
C HIS F 159 -11.39 34.31 -50.72
N ILE F 160 -10.39 33.73 -50.04
CA ILE F 160 -8.98 34.11 -50.12
C ILE F 160 -8.84 35.46 -49.44
N SER F 161 -8.70 35.44 -48.13
CA SER F 161 -8.55 36.63 -47.31
C SER F 161 -7.16 36.63 -46.68
N ASP F 162 -6.91 37.61 -45.84
CA ASP F 162 -5.65 37.75 -45.12
C ASP F 162 -5.93 37.71 -43.63
N ILE F 163 -5.21 36.86 -42.90
CA ILE F 163 -5.42 36.65 -41.47
C ILE F 163 -4.36 37.43 -40.72
N ARG F 164 -4.77 38.03 -39.59
CA ARG F 164 -3.93 38.99 -38.89
C ARG F 164 -2.90 38.31 -37.99
N TYR F 165 -3.34 37.52 -37.03
CA TYR F 165 -2.45 36.89 -36.03
C TYR F 165 -1.60 37.95 -35.31
N ASP F 166 -2.25 38.71 -34.45
CA ASP F 166 -1.59 39.82 -33.77
C ASP F 166 -0.73 39.40 -32.58
N HIS F 167 -0.53 38.10 -32.34
CA HIS F 167 0.18 37.64 -31.14
C HIS F 167 1.64 37.34 -31.47
N LEU F 168 2.55 38.00 -30.77
CA LEU F 168 3.98 38.00 -31.06
C LEU F 168 4.24 38.25 -32.55
N SER F 169 3.77 39.41 -33.00
CA SER F 169 4.12 39.96 -34.30
C SER F 169 5.42 40.75 -34.24
N SER F 170 6.02 40.89 -33.05
CA SER F 170 7.36 41.43 -32.93
C SER F 170 8.43 40.37 -33.13
N VAL F 171 8.04 39.09 -33.11
CA VAL F 171 8.92 38.02 -33.60
C VAL F 171 9.40 38.34 -35.01
N GLN F 172 8.53 38.94 -35.83
CA GLN F 172 8.90 39.47 -37.13
C GLN F 172 8.15 40.76 -37.36
N PRO F 173 8.78 41.91 -37.13
CA PRO F 173 8.08 43.18 -37.26
C PRO F 173 7.60 43.42 -38.70
N ASN F 174 6.37 43.94 -38.80
CA ASN F 174 5.72 44.47 -40.01
C ASN F 174 5.15 43.40 -40.95
N GLN F 175 5.28 42.11 -40.67
CA GLN F 175 4.87 41.10 -41.65
C GLN F 175 4.39 39.85 -40.90
N ASN F 176 3.06 39.75 -40.74
CA ASN F 176 2.47 38.56 -40.13
C ASN F 176 1.10 38.24 -40.73
N GLU F 177 0.87 38.64 -41.98
CA GLU F 177 -0.42 38.41 -42.63
C GLU F 177 -0.35 37.20 -43.55
N PHE F 178 -1.10 36.17 -43.21
CA PHE F 178 -1.11 34.91 -43.93
C PHE F 178 -2.31 34.86 -44.86
N SER F 179 -2.12 34.21 -46.00
CA SER F 179 -3.15 34.13 -47.04
C SER F 179 -3.98 32.87 -46.81
N ARG F 180 -5.27 33.05 -46.55
CA ARG F 180 -6.14 31.93 -46.21
C ARG F 180 -7.28 31.80 -47.23
N ILE F 181 -7.25 30.71 -48.00
CA ILE F 181 -8.40 30.32 -48.80
C ILE F 181 -9.50 29.80 -47.88
N THR F 182 -10.72 30.28 -48.08
CA THR F 182 -11.88 29.77 -47.36
C THR F 182 -12.89 29.25 -48.38
N VAL F 183 -13.24 27.97 -48.25
CA VAL F 183 -14.21 27.33 -49.13
C VAL F 183 -15.37 26.87 -48.25
N ARG F 184 -16.59 27.19 -48.69
CA ARG F 184 -17.76 26.85 -47.90
C ARG F 184 -18.92 26.47 -48.81
N ILE F 185 -19.51 25.32 -48.54
CA ILE F 185 -20.63 24.79 -49.31
C ILE F 185 -21.84 24.70 -48.37
N ASP F 186 -22.97 25.20 -48.82
CA ASP F 186 -24.18 25.22 -48.02
C ASP F 186 -25.02 24.00 -48.33
N ALA F 187 -25.61 23.42 -47.29
CA ALA F 187 -26.36 22.18 -47.45
C ALA F 187 -27.52 22.15 -46.48
N VAL F 188 -28.55 21.37 -46.85
CA VAL F 188 -29.77 21.20 -46.07
C VAL F 188 -29.95 19.72 -45.79
N ARG F 189 -30.47 19.41 -44.61
CA ARG F 189 -30.76 18.03 -44.25
C ARG F 189 -32.05 17.59 -44.93
N ASN F 190 -32.10 16.29 -45.26
CA ASN F 190 -33.25 15.71 -45.97
C ASN F 190 -34.30 15.30 -44.96
N PRO F 191 -35.32 16.13 -44.72
CA PRO F 191 -36.20 15.92 -43.58
C PRO F 191 -37.29 14.90 -43.84
N SER F 192 -37.08 13.97 -44.77
CA SER F 192 -38.06 12.95 -45.08
C SER F 192 -38.06 11.84 -44.05
N TYR F 193 -36.96 11.09 -44.01
CA TYR F 193 -36.84 9.96 -43.11
C TYR F 193 -37.30 10.29 -41.70
N TYR F 194 -36.89 11.44 -41.17
CA TYR F 194 -37.19 11.74 -39.77
C TYR F 194 -38.65 12.08 -39.56
N LEU F 195 -39.33 12.67 -40.55
CA LEU F 195 -40.77 12.88 -40.44
C LEU F 195 -41.52 11.56 -40.56
N TRP F 196 -41.36 10.89 -41.70
CA TRP F 196 -42.12 9.69 -42.03
C TRP F 196 -41.95 8.59 -40.99
N SER F 197 -40.89 8.63 -40.18
CA SER F 197 -40.60 7.53 -39.26
C SER F 197 -40.40 7.94 -37.80
N PHE F 198 -40.32 9.24 -37.48
CA PHE F 198 -40.21 9.65 -36.09
C PHE F 198 -41.27 10.67 -35.70
N ILE F 199 -41.30 11.82 -36.39
CA ILE F 199 -42.28 12.86 -36.11
C ILE F 199 -43.69 12.28 -36.13
N LEU F 200 -44.05 11.65 -37.24
CA LEU F 200 -45.40 11.10 -37.42
C LEU F 200 -45.78 10.12 -36.32
N PRO F 201 -45.07 8.99 -36.11
CA PRO F 201 -45.44 8.09 -35.00
C PRO F 201 -45.66 8.80 -33.68
N LEU F 202 -44.81 9.78 -33.37
CA LEU F 202 -44.96 10.54 -32.12
C LEU F 202 -46.29 11.26 -32.08
N GLY F 203 -46.65 11.94 -33.18
CA GLY F 203 -47.94 12.62 -33.25
C GLY F 203 -49.11 11.69 -33.00
N LEU F 204 -49.13 10.54 -33.69
CA LEU F 204 -50.18 9.55 -33.47
C LEU F 204 -50.25 9.16 -31.99
N ILE F 205 -49.09 8.91 -31.38
CA ILE F 205 -49.03 8.60 -29.95
C ILE F 205 -49.63 9.74 -29.13
N ILE F 206 -49.16 10.98 -29.35
CA ILE F 206 -49.70 12.13 -28.62
C ILE F 206 -51.19 12.31 -28.91
N ALA F 207 -51.59 12.14 -30.18
CA ALA F 207 -53.01 12.22 -30.52
C ALA F 207 -53.81 11.18 -29.74
N ALA F 208 -53.46 9.90 -29.91
CA ALA F 208 -54.12 8.82 -29.18
C ALA F 208 -54.12 9.04 -27.67
N SER F 209 -53.11 9.76 -27.15
CA SER F 209 -53.14 10.14 -25.74
C SER F 209 -54.43 10.88 -25.38
N TRP F 210 -54.88 11.78 -26.25
CA TRP F 210 -56.08 12.56 -25.94
C TRP F 210 -57.32 11.69 -25.88
N SER F 211 -57.34 10.57 -26.59
CA SER F 211 -58.47 9.66 -26.58
C SER F 211 -58.73 9.08 -25.19
N VAL F 212 -57.87 9.43 -24.22
CA VAL F 212 -58.08 9.01 -22.83
C VAL F 212 -59.35 9.64 -22.26
N PHE F 213 -59.76 10.81 -22.77
CA PHE F 213 -60.93 11.48 -22.25
C PHE F 213 -62.22 10.81 -22.69
N TRP F 214 -62.15 9.88 -23.64
CA TRP F 214 -63.33 9.17 -24.11
C TRP F 214 -63.50 7.84 -23.38
N LEU F 215 -62.75 7.62 -22.30
CA LEU F 215 -62.99 6.50 -21.40
C LEU F 215 -64.11 6.86 -20.44
N GLU F 216 -64.98 5.90 -20.16
CA GLU F 216 -66.19 6.19 -19.41
C GLU F 216 -65.90 6.47 -17.94
N SER F 217 -65.22 5.54 -17.27
CA SER F 217 -64.95 5.62 -15.84
C SER F 217 -63.94 6.73 -15.54
N PHE F 218 -63.52 6.80 -14.27
CA PHE F 218 -62.36 7.57 -13.86
C PHE F 218 -61.15 6.68 -13.62
N SER F 219 -61.36 5.55 -12.91
CA SER F 219 -60.32 4.54 -12.79
C SER F 219 -59.76 4.13 -14.15
N GLU F 220 -60.65 3.97 -15.14
CA GLU F 220 -60.20 3.71 -16.50
C GLU F 220 -59.28 4.81 -17.00
N ARG F 221 -59.71 6.07 -16.85
CA ARG F 221 -58.91 7.20 -17.33
C ARG F 221 -57.55 7.27 -16.63
N LEU F 222 -57.56 7.31 -15.28
CA LEU F 222 -56.31 7.51 -14.55
C LEU F 222 -55.33 6.37 -14.75
N GLN F 223 -55.81 5.12 -14.73
CA GLN F 223 -54.92 3.97 -14.92
C GLN F 223 -54.32 3.98 -16.31
N THR F 224 -55.16 4.11 -17.33
CA THR F 224 -54.69 4.16 -18.71
C THR F 224 -53.62 5.23 -18.91
N SER F 225 -53.74 6.36 -18.23
CA SER F 225 -52.72 7.41 -18.25
C SER F 225 -51.32 6.84 -18.03
N PHE F 226 -51.17 6.01 -16.99
CA PHE F 226 -49.87 5.42 -16.67
C PHE F 226 -49.33 4.55 -17.79
N THR F 227 -50.23 3.91 -18.55
CA THR F 227 -49.79 3.17 -19.72
C THR F 227 -49.33 4.12 -20.83
N LEU F 228 -50.06 5.23 -21.04
CA LEU F 228 -49.59 6.29 -21.92
C LEU F 228 -48.23 6.81 -21.50
N MET F 229 -48.07 7.07 -20.19
CA MET F 229 -46.77 7.46 -19.63
C MET F 229 -45.67 6.53 -20.11
N LEU F 230 -45.83 5.23 -19.84
CA LEU F 230 -44.91 4.21 -20.33
C LEU F 230 -44.64 4.34 -21.82
N THR F 231 -45.68 4.56 -22.62
CA THR F 231 -45.54 4.62 -24.07
C THR F 231 -44.57 5.71 -24.52
N VAL F 232 -44.66 6.90 -23.91
CA VAL F 232 -43.75 7.99 -24.27
C VAL F 232 -42.32 7.64 -23.86
N VAL F 233 -42.13 7.24 -22.60
CA VAL F 233 -40.81 6.83 -22.13
C VAL F 233 -40.21 5.79 -23.09
N ALA F 234 -41.00 4.80 -23.47
CA ALA F 234 -40.59 3.86 -24.51
C ALA F 234 -40.17 4.61 -25.78
N TYR F 235 -41.03 5.51 -26.25
CA TYR F 235 -40.75 6.21 -27.50
C TYR F 235 -39.61 7.21 -27.35
N ALA F 236 -39.47 7.82 -26.18
CA ALA F 236 -38.30 8.67 -25.93
C ALA F 236 -37.01 7.87 -26.06
N PHE F 237 -36.98 6.69 -25.46
CA PHE F 237 -35.82 5.80 -25.52
C PHE F 237 -35.46 5.47 -26.97
N TYR F 238 -36.45 4.95 -27.72
CA TYR F 238 -36.28 4.65 -29.14
C TYR F 238 -35.71 5.85 -29.90
N THR F 239 -36.31 7.03 -29.72
CA THR F 239 -35.77 8.27 -30.27
C THR F 239 -34.29 8.46 -29.92
N SER F 240 -33.99 8.58 -28.62
CA SER F 240 -32.64 8.89 -28.17
C SER F 240 -31.58 7.93 -28.73
N ASN F 241 -31.87 6.63 -28.73
CA ASN F 241 -30.87 5.65 -29.15
C ASN F 241 -30.44 5.87 -30.59
N ILE F 242 -31.41 6.10 -31.48
CA ILE F 242 -31.13 6.13 -32.92
C ILE F 242 -30.68 7.51 -33.39
N LEU F 243 -31.22 8.57 -32.81
CA LEU F 243 -30.93 9.92 -33.27
C LEU F 243 -29.55 10.40 -32.79
N PRO F 244 -28.96 11.36 -33.51
CA PRO F 244 -27.61 11.84 -33.14
C PRO F 244 -27.59 12.53 -31.79
N ARG F 245 -26.66 12.10 -30.94
CA ARG F 245 -26.50 12.66 -29.60
C ARG F 245 -26.00 14.10 -29.68
N LEU F 246 -26.56 14.97 -28.83
CA LEU F 246 -26.25 16.40 -28.86
C LEU F 246 -26.18 17.00 -27.47
N PRO F 247 -25.74 18.27 -27.33
CA PRO F 247 -25.79 18.92 -26.01
C PRO F 247 -26.91 19.94 -25.88
N TYR F 248 -27.88 19.90 -26.79
CA TYR F 248 -29.06 20.75 -26.70
C TYR F 248 -30.29 19.96 -27.14
N THR F 249 -31.45 20.57 -26.95
CA THR F 249 -32.70 19.93 -27.32
C THR F 249 -32.97 20.12 -28.81
N THR F 250 -33.25 19.02 -29.50
CA THR F 250 -33.66 19.07 -30.88
C THR F 250 -35.15 19.38 -30.97
N VAL F 251 -35.66 19.52 -32.19
CA VAL F 251 -37.10 19.70 -32.38
C VAL F 251 -37.85 18.48 -31.89
N ILE F 252 -37.47 17.31 -32.41
CA ILE F 252 -37.99 16.04 -31.90
C ILE F 252 -37.93 15.98 -30.38
N ASP F 253 -36.79 16.38 -29.81
CA ASP F 253 -36.63 16.34 -28.36
C ASP F 253 -37.67 17.21 -27.64
N GLN F 254 -38.06 18.32 -28.25
CA GLN F 254 -39.10 19.16 -27.64
C GLN F 254 -40.47 18.47 -27.71
N MET F 255 -40.86 18.04 -28.91
CA MET F 255 -42.08 17.26 -29.09
C MET F 255 -42.18 16.13 -28.06
N ILE F 256 -41.05 15.53 -27.71
CA ILE F 256 -41.05 14.48 -26.69
C ILE F 256 -41.44 15.05 -25.33
N ILE F 257 -41.02 16.30 -25.03
CA ILE F 257 -41.47 16.93 -23.80
C ILE F 257 -42.96 17.27 -23.89
N ALA F 258 -43.41 17.69 -25.07
CA ALA F 258 -44.83 17.97 -25.27
C ALA F 258 -45.68 16.76 -24.97
N GLY F 259 -45.20 15.57 -25.33
CA GLY F 259 -45.85 14.33 -24.95
C GLY F 259 -45.92 14.19 -23.44
N TYR F 260 -44.75 14.13 -22.81
CA TYR F 260 -44.60 14.17 -21.35
C TYR F 260 -45.50 15.22 -20.71
N GLY F 261 -45.76 16.32 -21.41
CA GLY F 261 -46.59 17.40 -20.90
C GLY F 261 -48.07 17.11 -20.95
N SER F 262 -48.62 16.96 -22.16
CA SER F 262 -50.03 16.66 -22.34
C SER F 262 -50.48 15.52 -21.43
N ILE F 263 -49.67 14.47 -21.30
CA ILE F 263 -50.05 13.31 -20.51
C ILE F 263 -50.13 13.66 -19.03
N PHE F 264 -49.16 14.45 -18.53
CA PHE F 264 -49.19 14.80 -17.11
C PHE F 264 -50.28 15.83 -16.82
N ALA F 265 -50.61 16.68 -17.81
CA ALA F 265 -51.75 17.57 -17.66
C ALA F 265 -53.06 16.79 -17.63
N ALA F 266 -53.20 15.80 -18.51
CA ALA F 266 -54.33 14.88 -18.46
C ALA F 266 -54.54 14.34 -17.05
N ILE F 267 -53.51 13.74 -16.47
CA ILE F 267 -53.60 13.16 -15.12
C ILE F 267 -54.19 14.18 -14.15
N LEU F 268 -53.70 15.42 -14.19
CA LEU F 268 -54.19 16.45 -13.30
C LEU F 268 -55.68 16.71 -13.57
N LEU F 269 -56.03 17.03 -14.81
CA LEU F 269 -57.43 17.17 -15.21
C LEU F 269 -58.25 15.97 -14.76
N ILE F 270 -57.90 14.78 -15.26
CA ILE F 270 -58.57 13.51 -14.94
C ILE F 270 -58.83 13.38 -13.44
N ILE F 271 -57.86 13.79 -12.63
CA ILE F 271 -58.03 13.73 -11.19
C ILE F 271 -58.82 14.93 -10.67
N PHE F 272 -58.52 16.13 -11.19
CA PHE F 272 -59.25 17.32 -10.76
C PHE F 272 -60.71 17.26 -11.21
N ALA F 273 -60.97 16.66 -12.38
CA ALA F 273 -62.34 16.39 -12.79
C ALA F 273 -63.10 15.61 -11.71
N HIS F 274 -62.43 14.64 -11.10
CA HIS F 274 -63.08 13.74 -10.16
C HIS F 274 -63.52 14.49 -8.89
N HIS F 275 -62.71 15.42 -8.39
CA HIS F 275 -62.94 16.05 -7.10
C HIS F 275 -63.30 17.53 -7.19
N ARG F 276 -63.69 18.05 -8.36
CA ARG F 276 -64.26 19.40 -8.50
C ARG F 276 -65.76 19.22 -8.72
N GLN F 277 -66.48 19.17 -7.59
CA GLN F 277 -67.79 18.53 -7.44
C GLN F 277 -68.78 19.27 -6.55
N ALA F 278 -70.06 18.89 -6.69
CA ALA F 278 -71.17 19.31 -5.82
C ALA F 278 -71.48 18.28 -4.74
N ASN F 279 -71.37 17.00 -5.07
CA ASN F 279 -71.47 15.91 -4.10
C ASN F 279 -70.17 15.16 -4.00
N GLY F 280 -70.05 14.37 -2.95
CA GLY F 280 -68.85 13.60 -2.79
C GLY F 280 -68.16 13.12 -4.04
N VAL F 281 -68.88 12.48 -4.97
CA VAL F 281 -68.26 11.94 -6.18
C VAL F 281 -69.12 12.26 -7.40
N GLU F 282 -68.87 13.40 -8.04
CA GLU F 282 -69.44 13.71 -9.35
C GLU F 282 -68.36 14.24 -10.27
N ASP F 283 -68.05 13.50 -11.33
CA ASP F 283 -67.10 13.99 -12.32
C ASP F 283 -67.65 15.25 -12.97
N ASP F 284 -66.82 16.29 -13.04
CA ASP F 284 -67.31 17.61 -13.46
C ASP F 284 -67.76 17.53 -14.91
N LEU F 285 -69.01 17.95 -15.15
CA LEU F 285 -69.74 17.57 -16.36
C LEU F 285 -69.01 18.01 -17.63
N LEU F 286 -68.77 19.31 -17.76
CA LEU F 286 -68.13 19.84 -18.96
C LEU F 286 -66.66 19.42 -19.02
N ILE F 287 -65.99 19.33 -17.88
CA ILE F 287 -64.52 19.26 -17.88
C ILE F 287 -64.03 17.98 -18.56
N GLN F 288 -64.58 16.81 -18.18
CA GLN F 288 -64.08 15.60 -18.84
C GLN F 288 -64.49 15.57 -20.31
N ARG F 289 -65.22 16.60 -20.76
CA ARG F 289 -65.37 16.90 -22.17
C ARG F 289 -64.47 18.06 -22.57
N CYS F 290 -63.20 18.00 -22.17
CA CYS F 290 -62.15 18.65 -22.92
C CYS F 290 -61.61 17.71 -23.99
N ARG F 291 -62.50 16.85 -24.47
CA ARG F 291 -62.16 15.83 -25.46
C ARG F 291 -61.62 16.48 -26.72
N LEU F 292 -62.35 17.45 -27.25
CA LEU F 292 -61.85 18.26 -28.36
C LEU F 292 -61.60 19.68 -27.86
N ALA F 293 -60.84 19.78 -26.78
CA ALA F 293 -60.29 21.03 -26.26
C ALA F 293 -58.82 20.91 -25.86
N PHE F 294 -58.36 19.72 -25.46
CA PHE F 294 -56.93 19.48 -25.37
C PHE F 294 -56.26 19.53 -26.74
N PRO F 295 -56.75 18.81 -27.76
CA PRO F 295 -56.13 18.96 -29.10
C PRO F 295 -56.00 20.41 -29.55
N LEU F 296 -57.03 21.22 -29.34
CA LEU F 296 -56.96 22.62 -29.71
C LEU F 296 -55.93 23.36 -28.86
N GLY F 297 -55.97 23.15 -27.54
CA GLY F 297 -55.00 23.79 -26.67
C GLY F 297 -53.58 23.35 -26.99
N PHE F 298 -53.40 22.05 -27.26
CA PHE F 298 -52.09 21.56 -27.69
C PHE F 298 -51.70 22.16 -29.03
N LEU F 299 -52.61 22.13 -30.00
CA LEU F 299 -52.32 22.69 -31.32
C LEU F 299 -52.15 24.20 -31.25
N ALA F 300 -52.82 24.87 -30.31
CA ALA F 300 -52.60 26.31 -30.14
C ALA F 300 -51.20 26.57 -29.59
N ILE F 301 -50.77 25.77 -28.61
CA ILE F 301 -49.42 25.91 -28.08
C ILE F 301 -48.39 25.38 -29.06
N GLY F 302 -48.81 24.55 -30.01
CA GLY F 302 -47.94 24.07 -31.06
C GLY F 302 -47.91 24.98 -32.26
N CYS F 303 -48.54 26.15 -32.16
CA CYS F 303 -48.40 27.20 -33.16
C CYS F 303 -47.63 28.38 -32.60
N VAL F 304 -47.26 28.34 -31.32
CA VAL F 304 -46.33 29.30 -30.72
C VAL F 304 -44.94 28.70 -30.52
N LEU F 305 -44.79 27.37 -30.62
CA LEU F 305 -43.48 26.77 -30.71
C LEU F 305 -42.78 27.17 -32.00
N VAL F 306 -43.56 27.56 -33.02
CA VAL F 306 -43.00 27.88 -34.33
C VAL F 306 -42.45 29.30 -34.36
N ILE F 307 -43.14 30.24 -33.75
CA ILE F 307 -42.66 31.62 -33.69
C ILE F 307 -42.55 32.06 -32.24
N PRO G 1 3.69 4.95 -75.59
CA PRO G 1 2.49 5.03 -74.75
C PRO G 1 2.18 3.70 -74.09
N VAL G 2 2.71 3.54 -72.86
CA VAL G 2 2.97 2.25 -72.25
C VAL G 2 1.71 1.39 -72.13
N ASP G 3 1.84 0.12 -72.49
CA ASP G 3 0.81 -0.89 -72.27
C ASP G 3 0.99 -1.54 -70.90
N VAL G 4 -0.07 -1.57 -70.10
CA VAL G 4 -0.05 -2.16 -68.76
C VAL G 4 -1.14 -3.20 -68.63
N SER G 5 -0.75 -4.44 -68.33
CA SER G 5 -1.70 -5.50 -68.04
C SER G 5 -1.95 -5.57 -66.54
N VAL G 6 -3.21 -5.77 -66.16
CA VAL G 6 -3.62 -5.77 -64.75
C VAL G 6 -4.44 -7.01 -64.44
N SER G 7 -4.21 -7.59 -63.26
CA SER G 7 -4.99 -8.69 -62.74
C SER G 7 -5.31 -8.42 -61.29
N ILE G 8 -6.56 -8.70 -60.89
CA ILE G 8 -7.04 -8.42 -59.53
C ILE G 8 -7.66 -9.69 -58.97
N PHE G 9 -7.01 -10.27 -57.96
CA PHE G 9 -7.55 -11.41 -57.24
C PHE G 9 -8.31 -10.87 -56.03
N ILE G 10 -9.60 -11.20 -55.92
CA ILE G 10 -10.44 -10.71 -54.83
C ILE G 10 -10.62 -11.82 -53.80
N ASN G 11 -10.17 -11.55 -52.57
CA ASN G 11 -10.09 -12.54 -51.50
C ASN G 11 -11.30 -12.54 -50.57
N LYS G 12 -11.88 -11.37 -50.31
CA LYS G 12 -12.96 -11.26 -49.34
C LYS G 12 -13.59 -9.87 -49.41
N ILE G 13 -14.92 -9.82 -49.44
CA ILE G 13 -15.67 -8.58 -49.37
C ILE G 13 -16.52 -8.65 -48.11
N TYR G 14 -16.33 -7.70 -47.21
CA TYR G 14 -16.98 -7.79 -45.91
C TYR G 14 -17.20 -6.40 -45.34
N GLY G 15 -17.94 -6.36 -44.24
CA GLY G 15 -18.17 -5.13 -43.50
C GLY G 15 -18.72 -3.99 -44.32
N VAL G 16 -19.96 -4.14 -44.81
CA VAL G 16 -20.64 -3.04 -45.46
C VAL G 16 -20.94 -1.96 -44.41
N ASN G 17 -20.87 -0.70 -44.84
CA ASN G 17 -21.20 0.43 -43.98
C ASN G 17 -22.35 1.17 -44.66
N THR G 18 -23.56 0.78 -44.30
CA THR G 18 -24.77 1.32 -44.94
C THR G 18 -24.80 2.84 -44.93
N LEU G 19 -24.40 3.46 -43.82
CA LEU G 19 -24.48 4.92 -43.73
C LEU G 19 -23.44 5.58 -44.63
N GLU G 20 -22.20 5.13 -44.56
CA GLU G 20 -21.13 5.74 -45.36
C GLU G 20 -21.13 5.28 -46.81
N GLN G 21 -21.95 4.28 -47.15
CA GLN G 21 -21.94 3.67 -48.48
C GLN G 21 -20.52 3.21 -48.78
N THR G 22 -20.14 2.08 -48.17
CA THR G 22 -18.75 1.71 -48.00
C THR G 22 -18.66 0.21 -47.76
N TYR G 23 -17.63 -0.42 -48.31
CA TYR G 23 -17.39 -1.84 -48.10
C TYR G 23 -15.88 -2.07 -48.08
N LYS G 24 -15.48 -3.19 -47.51
CA LYS G 24 -14.07 -3.54 -47.38
C LYS G 24 -13.74 -4.67 -48.36
N VAL G 25 -12.58 -4.56 -49.01
CA VAL G 25 -12.13 -5.53 -50.00
C VAL G 25 -10.67 -5.86 -49.71
N ASP G 26 -10.40 -7.15 -49.53
CA ASP G 26 -9.04 -7.67 -49.37
C ASP G 26 -8.69 -8.49 -50.59
N GLY G 27 -7.51 -8.26 -51.14
CA GLY G 27 -7.07 -9.00 -52.31
C GLY G 27 -5.70 -8.55 -52.77
N TYR G 28 -5.25 -9.14 -53.86
CA TYR G 28 -3.98 -8.80 -54.48
C TYR G 28 -4.22 -8.07 -55.80
N ILE G 29 -3.24 -7.26 -56.19
CA ILE G 29 -3.25 -6.60 -57.48
C ILE G 29 -1.93 -6.91 -58.18
N VAL G 30 -1.99 -7.10 -59.50
CA VAL G 30 -0.82 -7.45 -60.30
C VAL G 30 -0.79 -6.58 -61.54
N ALA G 31 0.33 -5.91 -61.78
CA ALA G 31 0.54 -5.09 -62.96
C ALA G 31 1.73 -5.64 -63.73
N GLN G 32 1.62 -5.69 -65.05
CA GLN G 32 2.68 -6.17 -65.92
C GLN G 32 2.88 -5.21 -67.08
N TRP G 33 4.13 -4.86 -67.33
CA TRP G 33 4.50 -3.89 -68.35
C TRP G 33 5.95 -4.11 -68.74
N THR G 34 6.24 -4.05 -70.04
CA THR G 34 7.53 -4.43 -70.58
C THR G 34 8.41 -3.19 -70.73
N GLY G 35 9.59 -3.23 -70.09
CA GLY G 35 10.52 -2.11 -70.11
C GLY G 35 11.82 -2.41 -70.83
N LYS G 36 12.79 -1.50 -70.73
CA LYS G 36 14.08 -1.71 -71.36
C LYS G 36 14.76 -2.95 -70.75
N PRO G 37 15.19 -3.93 -71.55
CA PRO G 37 15.86 -5.11 -71.01
C PRO G 37 17.02 -4.77 -70.08
N ARG G 38 17.34 -5.71 -69.20
CA ARG G 38 18.40 -5.49 -68.20
C ARG G 38 19.04 -6.84 -67.91
N LYS G 39 20.21 -6.78 -67.27
CA LYS G 39 20.90 -7.99 -66.85
C LYS G 39 20.45 -8.35 -65.44
N THR G 40 19.98 -9.50 -65.28
CA THR G 40 19.60 -10.02 -63.98
C THR G 40 20.65 -11.03 -63.54
N PRO G 41 20.82 -11.23 -62.24
CA PRO G 41 21.70 -12.32 -61.79
C PRO G 41 21.26 -13.65 -62.38
N GLY G 42 22.23 -14.43 -62.82
CA GLY G 42 21.89 -15.52 -63.73
C GLY G 42 21.27 -14.96 -65.00
N ASP G 43 20.32 -15.70 -65.54
CA ASP G 43 19.34 -15.13 -66.44
C ASP G 43 17.93 -15.27 -65.87
N LYS G 44 17.81 -15.85 -64.69
CA LYS G 44 16.53 -15.92 -63.99
C LYS G 44 16.02 -14.53 -63.69
N PRO G 45 14.70 -14.30 -63.78
CA PRO G 45 14.15 -13.00 -63.39
C PRO G 45 14.46 -12.65 -61.94
N LEU G 46 14.52 -11.35 -61.67
CA LEU G 46 14.89 -10.82 -60.37
C LEU G 46 13.65 -10.50 -59.56
N ILE G 47 13.70 -10.82 -58.26
CA ILE G 47 12.61 -10.55 -57.33
C ILE G 47 13.05 -9.45 -56.37
N VAL G 48 12.18 -8.46 -56.16
CA VAL G 48 12.44 -7.33 -55.28
C VAL G 48 11.26 -7.25 -54.32
N GLU G 49 11.49 -7.57 -53.05
CA GLU G 49 10.41 -7.67 -52.08
C GLU G 49 10.35 -6.42 -51.20
N ASN G 50 9.16 -5.87 -51.05
CA ASN G 50 8.84 -4.82 -50.08
C ASN G 50 9.85 -3.68 -50.07
N THR G 51 10.45 -3.41 -48.89
CA THR G 51 11.38 -2.30 -48.69
C THR G 51 12.36 -2.11 -49.84
N GLN G 52 12.88 -3.21 -50.37
CA GLN G 52 13.86 -3.14 -51.45
C GLN G 52 13.34 -2.44 -52.70
N ILE G 53 12.02 -2.49 -52.95
CA ILE G 53 11.47 -1.89 -54.17
C ILE G 53 11.75 -0.40 -54.21
N GLU G 54 11.43 0.31 -53.10
CA GLU G 54 11.65 1.75 -53.05
C GLU G 54 13.09 2.11 -53.35
N ARG G 55 14.04 1.25 -52.95
CA ARG G 55 15.44 1.49 -53.27
C ARG G 55 15.70 1.39 -54.78
N TRP G 56 15.04 0.44 -55.46
CA TRP G 56 15.25 0.32 -56.90
C TRP G 56 14.73 1.53 -57.65
N ILE G 57 13.78 2.26 -57.07
CA ILE G 57 13.24 3.45 -57.72
C ILE G 57 14.23 4.60 -57.65
N ASN G 58 14.88 4.76 -56.48
CA ASN G 58 15.94 5.75 -56.31
C ASN G 58 17.06 5.62 -57.32
N ASN G 59 17.16 4.50 -58.03
CA ASN G 59 18.13 4.31 -59.09
C ASN G 59 17.50 4.41 -60.47
N GLY G 60 16.31 5.00 -60.55
CA GLY G 60 15.65 5.28 -61.81
C GLY G 60 14.71 4.22 -62.32
N LEU G 61 14.39 3.21 -61.52
CA LEU G 61 13.33 2.29 -61.90
C LEU G 61 11.99 2.99 -61.76
N TRP G 62 11.27 3.10 -62.87
CA TRP G 62 9.95 3.73 -62.85
C TRP G 62 8.91 2.70 -62.45
N VAL G 63 8.10 3.03 -61.46
CA VAL G 63 6.97 2.19 -61.06
C VAL G 63 5.76 3.10 -60.86
N PRO G 64 4.75 3.01 -61.72
CA PRO G 64 3.66 3.98 -61.67
C PRO G 64 2.79 3.78 -60.44
N ALA G 65 2.42 4.90 -59.82
CA ALA G 65 1.44 4.87 -58.75
C ALA G 65 0.06 4.65 -59.37
N LEU G 66 -0.54 3.51 -59.08
CA LEU G 66 -1.90 3.20 -59.54
C LEU G 66 -2.86 3.50 -58.39
N GLU G 67 -3.79 4.42 -58.63
CA GLU G 67 -4.71 4.86 -57.60
C GLU G 67 -6.04 4.12 -57.70
N PHE G 68 -6.63 3.85 -56.53
CA PHE G 68 -8.00 3.36 -56.44
C PHE G 68 -8.88 4.61 -56.34
N ILE G 69 -9.46 5.01 -57.47
CA ILE G 69 -10.24 6.25 -57.53
C ILE G 69 -11.31 6.27 -56.43
N ASN G 70 -11.91 5.11 -56.17
CA ASN G 70 -13.07 5.01 -55.28
C ASN G 70 -12.75 4.41 -53.92
N VAL G 71 -11.48 4.44 -53.49
CA VAL G 71 -11.15 4.00 -52.14
C VAL G 71 -11.28 5.18 -51.19
N VAL G 72 -11.86 4.93 -50.02
CA VAL G 72 -12.04 5.96 -48.99
C VAL G 72 -10.83 5.89 -48.07
N GLY G 73 -9.83 6.72 -48.32
CA GLY G 73 -8.63 6.71 -47.53
C GLY G 73 -7.62 5.69 -48.03
N SER G 74 -6.35 6.05 -47.96
CA SER G 74 -5.28 5.21 -48.50
C SER G 74 -5.37 3.79 -47.92
N PRO G 75 -5.29 2.75 -48.75
CA PRO G 75 -5.53 1.39 -48.25
C PRO G 75 -4.32 0.79 -47.55
N ASP G 76 -4.59 -0.28 -46.80
CA ASP G 76 -3.57 -1.03 -46.08
C ASP G 76 -2.85 -1.97 -47.04
N THR G 77 -1.59 -1.67 -47.34
CA THR G 77 -0.78 -2.48 -48.25
C THR G 77 0.07 -3.45 -47.43
N GLY G 78 -0.08 -4.74 -47.70
CA GLY G 78 0.58 -5.76 -46.91
C GLY G 78 1.98 -6.15 -47.37
N ASN G 79 2.07 -6.75 -48.55
CA ASN G 79 3.34 -7.18 -49.13
C ASN G 79 3.35 -6.77 -50.59
N LYS G 80 4.51 -6.39 -51.09
CA LYS G 80 4.66 -6.04 -52.48
C LYS G 80 5.99 -6.55 -53.00
N ARG G 81 5.98 -7.01 -54.25
CA ARG G 81 7.19 -7.53 -54.88
C ARG G 81 7.25 -6.99 -56.31
N LEU G 82 8.47 -6.81 -56.79
CA LEU G 82 8.71 -6.60 -58.21
C LEU G 82 9.31 -7.87 -58.79
N MET G 83 8.93 -8.18 -60.02
CA MET G 83 9.58 -9.26 -60.78
C MET G 83 10.20 -8.62 -62.00
N LEU G 84 11.51 -8.38 -61.95
CA LEU G 84 12.23 -7.76 -63.04
C LEU G 84 12.71 -8.86 -63.98
N PHE G 85 12.36 -8.75 -65.21
CA PHE G 85 12.72 -9.85 -66.08
C PHE G 85 13.92 -9.48 -66.94
N PRO G 86 14.72 -10.46 -67.38
CA PRO G 86 15.89 -10.10 -68.22
C PRO G 86 15.49 -9.53 -69.57
N ASP G 87 14.37 -9.97 -70.14
CA ASP G 87 13.88 -9.44 -71.40
C ASP G 87 13.11 -8.14 -71.23
N GLY G 88 13.18 -7.51 -70.06
CA GLY G 88 12.57 -6.21 -69.86
C GLY G 88 11.33 -6.18 -69.01
N ARG G 89 10.35 -7.03 -69.32
CA ARG G 89 9.03 -6.96 -68.69
C ARG G 89 9.15 -6.98 -67.17
N VAL G 90 8.18 -6.35 -66.50
CA VAL G 90 8.21 -6.14 -65.06
C VAL G 90 6.83 -6.43 -64.51
N ILE G 91 6.78 -7.10 -63.36
CA ILE G 91 5.53 -7.47 -62.70
C ILE G 91 5.52 -6.84 -61.32
N TYR G 92 4.53 -5.99 -61.08
CA TYR G 92 4.28 -5.46 -59.75
C TYR G 92 3.13 -6.26 -59.13
N ASN G 93 3.36 -6.81 -57.95
CA ASN G 93 2.38 -7.65 -57.28
C ASN G 93 2.31 -7.25 -55.82
N ALA G 94 1.10 -6.93 -55.34
CA ALA G 94 0.94 -6.50 -53.97
C ALA G 94 -0.44 -6.86 -53.46
N ARG G 95 -0.52 -7.18 -52.18
CA ARG G 95 -1.79 -7.45 -51.52
C ARG G 95 -2.30 -6.17 -50.86
N PHE G 96 -3.61 -5.97 -50.90
CA PHE G 96 -4.24 -4.77 -50.36
C PHE G 96 -5.47 -5.14 -49.54
N LEU G 97 -5.84 -4.20 -48.66
CA LEU G 97 -7.14 -4.21 -47.98
C LEU G 97 -7.59 -2.76 -47.89
N GLY G 98 -8.77 -2.47 -48.41
CA GLY G 98 -9.22 -1.08 -48.49
C GLY G 98 -10.71 -0.96 -48.35
N SER G 99 -11.13 0.19 -47.81
CA SER G 99 -12.54 0.53 -47.69
C SER G 99 -12.94 1.34 -48.91
N PHE G 100 -13.80 0.77 -49.76
CA PHE G 100 -14.16 1.35 -51.04
C PHE G 100 -15.57 1.94 -50.99
N SER G 101 -15.78 2.97 -51.81
CA SER G 101 -17.04 3.70 -51.86
C SER G 101 -17.76 3.46 -53.17
N ASN G 102 -19.09 3.36 -53.09
CA ASN G 102 -19.94 3.33 -54.27
C ASN G 102 -21.35 3.72 -53.85
N ASP G 103 -22.13 4.17 -54.83
CA ASP G 103 -23.52 4.52 -54.56
C ASP G 103 -24.31 3.26 -54.23
N MET G 104 -25.11 3.31 -53.16
CA MET G 104 -25.83 2.14 -52.68
C MET G 104 -27.23 2.54 -52.24
N ASP G 105 -28.23 1.99 -52.93
CA ASP G 105 -29.64 2.24 -52.61
C ASP G 105 -30.12 1.10 -51.69
N PHE G 106 -30.45 1.43 -50.45
CA PHE G 106 -30.86 0.45 -49.45
C PHE G 106 -32.35 0.51 -49.14
N ARG G 107 -33.14 1.13 -50.02
CA ARG G 107 -34.54 1.40 -49.73
C ARG G 107 -35.41 0.15 -49.74
N LEU G 108 -34.92 -0.98 -50.23
CA LEU G 108 -35.83 -2.10 -50.40
C LEU G 108 -35.95 -3.22 -49.36
N PHE G 109 -35.57 -3.02 -48.09
CA PHE G 109 -34.20 -3.09 -47.59
C PHE G 109 -33.80 -4.56 -47.65
N PRO G 110 -34.49 -5.45 -46.84
CA PRO G 110 -33.98 -6.81 -46.65
C PRO G 110 -33.88 -7.59 -47.97
N PHE G 111 -34.33 -6.96 -49.04
CA PHE G 111 -34.32 -7.55 -50.38
C PHE G 111 -33.52 -6.59 -51.26
N ASP G 112 -32.22 -6.48 -50.97
CA ASP G 112 -31.33 -5.58 -51.68
C ASP G 112 -30.77 -6.23 -52.95
N ARG G 113 -30.42 -5.37 -53.90
CA ARG G 113 -29.51 -5.69 -54.98
C ARG G 113 -28.44 -4.60 -54.98
N GLN G 114 -27.18 -4.99 -54.81
CA GLN G 114 -26.09 -4.02 -54.75
C GLN G 114 -24.99 -4.39 -55.73
N GLN G 115 -24.07 -3.44 -55.92
CA GLN G 115 -23.02 -3.54 -56.92
C GLN G 115 -21.70 -3.06 -56.31
N PHE G 116 -20.85 -3.99 -55.90
CA PHE G 116 -19.56 -3.66 -55.33
C PHE G 116 -18.55 -3.44 -56.45
N VAL G 117 -17.79 -2.36 -56.35
CA VAL G 117 -17.06 -1.82 -57.50
C VAL G 117 -15.65 -1.43 -57.09
N LEU G 118 -14.68 -1.70 -57.96
CA LEU G 118 -13.33 -1.19 -57.86
C LEU G 118 -13.07 -0.30 -59.05
N GLU G 119 -12.47 0.87 -58.82
CA GLU G 119 -12.06 1.76 -59.90
C GLU G 119 -10.58 2.07 -59.76
N LEU G 120 -9.79 1.56 -60.70
CA LEU G 120 -8.34 1.76 -60.74
C LEU G 120 -8.00 2.71 -61.89
N GLU G 121 -7.02 3.57 -61.67
CA GLU G 121 -6.60 4.56 -62.67
C GLU G 121 -5.24 5.13 -62.28
N PRO G 122 -4.31 5.25 -63.22
CA PRO G 122 -2.98 5.78 -62.88
C PRO G 122 -3.08 7.21 -62.35
N PHE G 123 -2.22 7.51 -61.40
CA PHE G 123 -2.34 8.76 -60.65
C PHE G 123 -1.79 9.96 -61.41
N SER G 124 -0.90 9.76 -62.39
CA SER G 124 -0.29 10.90 -63.05
C SER G 124 0.11 10.57 -64.50
N TYR G 125 -0.69 9.76 -65.19
CA TYR G 125 -0.28 9.32 -66.52
C TYR G 125 -1.48 9.11 -67.43
N ASN G 126 -1.40 9.68 -68.64
CA ASN G 126 -2.48 9.64 -69.61
C ASN G 126 -2.13 8.89 -70.87
N ASN G 127 -0.85 8.92 -71.28
CA ASN G 127 -0.36 7.93 -72.23
C ASN G 127 0.56 6.97 -71.50
N GLN G 128 0.00 6.41 -70.43
CA GLN G 128 0.28 5.04 -70.00
C GLN G 128 -1.09 4.41 -69.81
N GLN G 129 -1.32 3.28 -70.49
CA GLN G 129 -2.68 2.82 -70.77
C GLN G 129 -2.83 1.37 -70.33
N LEU G 130 -3.99 1.08 -69.73
CA LEU G 130 -4.26 -0.23 -69.15
C LEU G 130 -4.62 -1.22 -70.26
N ARG G 131 -3.72 -2.16 -70.51
CA ARG G 131 -3.81 -3.07 -71.66
C ARG G 131 -5.08 -3.91 -71.60
N PHE G 132 -5.19 -4.78 -70.59
CA PHE G 132 -6.38 -5.60 -70.42
C PHE G 132 -6.54 -5.92 -68.94
N SER G 133 -7.79 -6.09 -68.51
CA SER G 133 -8.11 -6.36 -67.11
C SER G 133 -8.71 -7.75 -66.94
N ASP G 134 -8.27 -8.44 -65.90
CA ASP G 134 -8.76 -9.77 -65.55
C ASP G 134 -8.97 -9.81 -64.05
N ILE G 135 -10.15 -10.26 -63.63
CA ILE G 135 -10.49 -10.32 -62.21
C ILE G 135 -10.76 -11.78 -61.86
N GLN G 136 -10.11 -12.27 -60.83
CA GLN G 136 -10.20 -13.68 -60.44
C GLN G 136 -10.95 -13.77 -59.12
N VAL G 137 -12.20 -14.20 -59.18
CA VAL G 137 -13.03 -14.48 -58.03
C VAL G 137 -13.21 -15.99 -57.93
N TYR G 138 -13.12 -16.53 -56.71
CA TYR G 138 -13.18 -17.98 -56.52
C TYR G 138 -14.26 -18.31 -55.50
N THR G 139 -15.52 -18.10 -55.88
CA THR G 139 -16.64 -18.42 -55.00
C THR G 139 -17.70 -19.11 -55.85
N GLU G 140 -18.93 -19.15 -55.33
CA GLU G 140 -20.01 -19.96 -55.89
C GLU G 140 -21.35 -19.51 -55.30
N ASN G 141 -22.38 -19.48 -56.15
CA ASN G 141 -23.65 -18.79 -55.91
C ASN G 141 -24.73 -19.30 -56.87
N ILE G 142 -26.01 -19.46 -56.49
CA ILE G 142 -26.53 -19.64 -55.11
C ILE G 142 -25.90 -20.83 -54.38
N ASP G 143 -25.38 -20.59 -53.17
CA ASP G 143 -24.60 -21.56 -52.41
C ASP G 143 -24.41 -21.19 -50.94
N ASN G 144 -23.15 -21.22 -50.47
CA ASN G 144 -22.75 -21.06 -49.07
C ASN G 144 -23.28 -19.80 -48.38
N GLU G 145 -23.87 -18.91 -49.16
CA GLU G 145 -24.43 -17.62 -48.75
C GLU G 145 -25.71 -17.73 -47.94
N GLU G 146 -25.98 -18.90 -47.38
CA GLU G 146 -26.82 -18.97 -46.20
C GLU G 146 -25.97 -18.69 -44.97
N ILE G 147 -24.75 -19.23 -44.96
CA ILE G 147 -23.74 -18.84 -43.99
C ILE G 147 -23.20 -17.44 -44.29
N ASP G 148 -23.17 -17.03 -45.55
CA ASP G 148 -22.70 -15.71 -45.95
C ASP G 148 -23.86 -14.75 -46.16
N GLU G 149 -23.55 -13.45 -46.03
CA GLU G 149 -24.58 -12.42 -46.02
C GLU G 149 -25.18 -12.15 -47.39
N TRP G 150 -24.41 -12.33 -48.47
CA TRP G 150 -24.78 -11.81 -49.79
C TRP G 150 -24.81 -12.87 -50.88
N TRP G 151 -25.67 -12.65 -51.88
CA TRP G 151 -25.84 -13.51 -53.06
C TRP G 151 -25.29 -12.80 -54.29
N ILE G 152 -24.11 -13.21 -54.78
CA ILE G 152 -23.62 -12.67 -56.04
C ILE G 152 -24.40 -13.27 -57.20
N ARG G 153 -24.79 -12.42 -58.15
CA ARG G 153 -25.50 -12.85 -59.35
C ARG G 153 -24.54 -12.96 -60.53
N GLY G 154 -23.91 -11.83 -60.89
CA GLY G 154 -22.96 -11.77 -61.98
C GLY G 154 -21.55 -12.13 -61.54
N LYS G 155 -20.69 -12.32 -62.53
CA LYS G 155 -19.35 -12.78 -62.21
C LYS G 155 -18.22 -11.76 -62.40
N ALA G 156 -18.25 -10.95 -63.46
CA ALA G 156 -16.97 -10.49 -63.98
C ALA G 156 -16.92 -9.08 -64.57
N SER G 157 -18.04 -8.34 -64.60
CA SER G 157 -18.16 -7.05 -65.29
C SER G 157 -16.87 -6.25 -65.35
N THR G 158 -16.42 -5.91 -66.55
CA THR G 158 -15.22 -5.11 -66.71
C THR G 158 -15.49 -3.85 -67.53
N HIS G 159 -14.59 -2.88 -67.34
CA HIS G 159 -14.52 -1.70 -68.18
C HIS G 159 -13.05 -1.30 -68.25
N ILE G 160 -12.72 -0.51 -69.27
CA ILE G 160 -11.38 0.01 -69.53
C ILE G 160 -11.64 1.22 -70.41
N SER G 161 -12.07 2.33 -69.83
CA SER G 161 -12.45 3.49 -70.60
C SER G 161 -11.46 4.62 -70.42
N ASP G 162 -11.78 5.76 -71.02
CA ASP G 162 -10.94 6.93 -70.95
C ASP G 162 -11.72 8.04 -70.26
N ILE G 163 -11.11 8.63 -69.26
CA ILE G 163 -11.75 9.66 -68.46
C ILE G 163 -11.21 11.00 -68.95
N ARG G 164 -12.10 11.98 -69.04
CA ARG G 164 -11.82 13.25 -69.71
C ARG G 164 -11.03 14.20 -68.81
N TYR G 165 -11.58 14.55 -67.64
CA TYR G 165 -10.97 15.56 -66.78
C TYR G 165 -10.71 16.85 -67.56
N ASP G 166 -11.80 17.52 -67.90
CA ASP G 166 -11.70 18.73 -68.71
C ASP G 166 -11.28 19.95 -67.90
N HIS G 167 -10.91 19.80 -66.64
CA HIS G 167 -10.59 20.93 -65.79
C HIS G 167 -9.08 21.16 -65.77
N LEU G 168 -8.68 22.36 -66.19
CA LEU G 168 -7.29 22.69 -66.46
C LEU G 168 -6.63 21.61 -67.32
N SER G 169 -7.23 21.39 -68.48
CA SER G 169 -6.62 20.62 -69.55
C SER G 169 -5.74 21.48 -70.41
N SER G 170 -5.69 22.79 -70.13
CA SER G 170 -4.68 23.67 -70.70
C SER G 170 -3.39 23.63 -69.90
N VAL G 171 -3.43 23.06 -68.69
CA VAL G 171 -2.21 22.67 -67.98
C VAL G 171 -1.35 21.79 -68.87
N GLN G 172 -1.98 20.94 -69.68
CA GLN G 172 -1.29 20.17 -70.71
C GLN G 172 -2.21 20.09 -71.93
N PRO G 173 -2.00 20.94 -72.94
CA PRO G 173 -2.90 20.95 -74.10
C PRO G 173 -2.87 19.63 -74.85
N ASN G 174 -4.05 19.16 -75.26
CA ASN G 174 -4.33 18.03 -76.14
C ASN G 174 -4.24 16.67 -75.47
N GLN G 175 -3.91 16.56 -74.17
CA GLN G 175 -3.67 15.25 -73.57
C GLN G 175 -4.05 15.29 -72.08
N ASN G 176 -5.26 14.83 -71.77
CA ASN G 176 -5.71 14.69 -70.40
C ASN G 176 -6.58 13.45 -70.24
N GLU G 177 -6.41 12.44 -71.06
CA GLU G 177 -7.25 11.26 -70.98
C GLU G 177 -6.56 10.19 -70.19
N PHE G 178 -7.15 9.85 -69.04
CA PHE G 178 -6.61 8.85 -68.14
C PHE G 178 -7.33 7.53 -68.39
N SER G 179 -6.58 6.45 -68.24
CA SER G 179 -7.07 5.11 -68.53
C SER G 179 -7.60 4.54 -67.22
N ARG G 180 -8.89 4.26 -67.17
CA ARG G 180 -9.52 3.82 -65.92
C ARG G 180 -10.15 2.44 -66.09
N ILE G 181 -9.56 1.45 -65.41
CA ILE G 181 -10.20 0.16 -65.24
C ILE G 181 -11.35 0.29 -64.25
N THR G 182 -12.51 -0.24 -64.62
CA THR G 182 -13.66 -0.31 -63.72
C THR G 182 -14.08 -1.76 -63.57
N VAL G 183 -14.13 -2.23 -62.32
CA VAL G 183 -14.53 -3.60 -62.00
C VAL G 183 -15.77 -3.50 -61.12
N ARG G 184 -16.79 -4.29 -61.44
CA ARG G 184 -18.06 -4.24 -60.70
C ARG G 184 -18.65 -5.63 -60.56
N ILE G 185 -19.00 -5.99 -59.33
CA ILE G 185 -19.59 -7.29 -58.98
C ILE G 185 -21.00 -7.06 -58.45
N ASP G 186 -21.96 -7.83 -58.96
CA ASP G 186 -23.35 -7.71 -58.55
C ASP G 186 -23.65 -8.72 -57.44
N ALA G 187 -24.44 -8.29 -56.46
CA ALA G 187 -24.73 -9.13 -55.31
C ALA G 187 -26.14 -8.83 -54.81
N VAL G 188 -26.72 -9.82 -54.14
CA VAL G 188 -28.06 -9.74 -53.58
C VAL G 188 -27.96 -10.02 -52.08
N ARG G 189 -28.76 -9.31 -51.29
CA ARG G 189 -28.79 -9.55 -49.86
C ARG G 189 -29.60 -10.81 -49.58
N ASN G 190 -29.21 -11.52 -48.52
CA ASN G 190 -29.84 -12.79 -48.17
C ASN G 190 -31.09 -12.56 -47.33
N PRO G 191 -32.30 -12.54 -47.92
CA PRO G 191 -33.47 -12.05 -47.20
C PRO G 191 -34.08 -13.09 -46.28
N SER G 192 -33.26 -14.02 -45.81
CA SER G 192 -33.77 -15.07 -44.92
C SER G 192 -33.92 -14.55 -43.49
N TYR G 193 -32.79 -14.28 -42.83
CA TYR G 193 -32.76 -13.83 -41.45
C TYR G 193 -33.76 -12.72 -41.16
N TYR G 194 -33.84 -11.72 -42.04
CA TYR G 194 -34.68 -10.56 -41.75
C TYR G 194 -36.17 -10.87 -41.89
N LEU G 195 -36.54 -11.79 -42.78
CA LEU G 195 -37.93 -12.25 -42.80
C LEU G 195 -38.22 -13.13 -41.60
N TRP G 196 -37.47 -14.23 -41.49
CA TRP G 196 -37.70 -15.22 -40.44
C TRP G 196 -37.63 -14.62 -39.04
N SER G 197 -37.00 -13.47 -38.86
CA SER G 197 -36.80 -12.91 -37.53
C SER G 197 -37.27 -11.47 -37.33
N PHE G 198 -37.64 -10.75 -38.39
CA PHE G 198 -38.16 -9.39 -38.21
C PHE G 198 -39.50 -9.18 -38.91
N ILE G 199 -39.55 -9.40 -40.23
CA ILE G 199 -40.79 -9.22 -40.98
C ILE G 199 -41.92 -9.99 -40.32
N LEU G 200 -41.71 -11.30 -40.15
CA LEU G 200 -42.75 -12.18 -39.61
C LEU G 200 -43.25 -11.72 -38.25
N PRO G 201 -42.43 -11.65 -37.18
CA PRO G 201 -42.96 -11.18 -35.89
C PRO G 201 -43.79 -9.91 -35.98
N LEU G 202 -43.36 -8.95 -36.80
CA LEU G 202 -44.10 -7.70 -36.93
C LEU G 202 -45.50 -7.96 -37.49
N GLY G 203 -45.59 -8.79 -38.53
CA GLY G 203 -46.91 -9.16 -39.06
C GLY G 203 -47.81 -9.77 -38.00
N LEU G 204 -47.30 -10.76 -37.26
CA LEU G 204 -48.06 -11.34 -36.16
C LEU G 204 -48.51 -10.26 -35.18
N ILE G 205 -47.60 -9.36 -34.82
CA ILE G 205 -47.95 -8.24 -33.96
C ILE G 205 -49.08 -7.42 -34.59
N ILE G 206 -48.90 -7.01 -35.86
CA ILE G 206 -49.97 -6.28 -36.54
C ILE G 206 -51.23 -7.12 -36.62
N ALA G 207 -51.10 -8.40 -36.93
CA ALA G 207 -52.26 -9.28 -36.99
C ALA G 207 -52.99 -9.33 -35.66
N ALA G 208 -52.31 -9.78 -34.60
CA ALA G 208 -52.90 -9.81 -33.27
C ALA G 208 -53.44 -8.45 -32.84
N SER G 209 -52.86 -7.36 -33.34
CA SER G 209 -53.42 -6.04 -33.11
C SER G 209 -54.90 -5.98 -33.51
N TRP G 210 -55.25 -6.59 -34.64
CA TRP G 210 -56.63 -6.54 -35.12
C TRP G 210 -57.58 -7.30 -34.19
N SER G 211 -57.08 -8.30 -33.46
CA SER G 211 -57.91 -9.06 -32.54
C SER G 211 -58.49 -8.20 -31.43
N VAL G 212 -58.16 -6.90 -31.43
CA VAL G 212 -58.76 -5.97 -30.47
C VAL G 212 -60.27 -5.87 -30.68
N PHE G 213 -60.74 -6.08 -31.90
CA PHE G 213 -62.17 -5.94 -32.18
C PHE G 213 -62.99 -7.09 -31.62
N TRP G 214 -62.33 -8.17 -31.19
CA TRP G 214 -63.04 -9.31 -30.62
C TRP G 214 -63.11 -9.20 -29.10
N LEU G 215 -62.77 -8.04 -28.56
CA LEU G 215 -63.03 -7.73 -27.15
C LEU G 215 -64.48 -7.30 -26.99
N GLU G 216 -65.11 -7.75 -25.92
CA GLU G 216 -66.55 -7.55 -25.76
C GLU G 216 -66.89 -6.10 -25.45
N SER G 217 -66.28 -5.55 -24.41
CA SER G 217 -66.58 -4.20 -23.95
C SER G 217 -66.06 -3.16 -24.95
N PHE G 218 -66.16 -1.89 -24.57
CA PHE G 218 -65.47 -0.79 -25.24
C PHE G 218 -64.23 -0.37 -24.47
N SER G 219 -64.36 -0.21 -23.14
CA SER G 219 -63.19 0.02 -22.29
C SER G 219 -62.13 -1.04 -22.52
N GLU G 220 -62.53 -2.31 -22.64
CA GLU G 220 -61.59 -3.36 -22.99
C GLU G 220 -60.88 -3.06 -24.30
N ARG G 221 -61.65 -2.72 -25.34
CA ARG G 221 -61.08 -2.40 -26.64
C ARG G 221 -60.13 -1.22 -26.56
N LEU G 222 -60.61 -0.08 -26.06
CA LEU G 222 -59.81 1.14 -26.08
C LEU G 222 -58.56 1.03 -25.22
N GLN G 223 -58.69 0.43 -24.02
CA GLN G 223 -57.53 0.29 -23.14
C GLN G 223 -56.48 -0.61 -23.76
N THR G 224 -56.90 -1.80 -24.22
CA THR G 224 -55.99 -2.74 -24.86
C THR G 224 -55.25 -2.12 -26.02
N SER G 225 -55.91 -1.23 -26.77
CA SER G 225 -55.27 -0.51 -27.86
C SER G 225 -53.92 0.08 -27.44
N PHE G 226 -53.90 0.75 -26.29
CA PHE G 226 -52.67 1.40 -25.82
C PHE G 226 -51.56 0.39 -25.56
N THR G 227 -51.91 -0.83 -25.16
CA THR G 227 -50.91 -1.88 -25.00
C THR G 227 -50.36 -2.31 -26.36
N LEU G 228 -51.25 -2.45 -27.35
CA LEU G 228 -50.80 -2.67 -28.72
C LEU G 228 -49.85 -1.56 -29.18
N MET G 229 -50.23 -0.30 -28.94
CA MET G 229 -49.36 0.82 -29.23
C MET G 229 -47.96 0.60 -28.67
N LEU G 230 -47.88 0.41 -27.34
CA LEU G 230 -46.62 0.07 -26.69
C LEU G 230 -45.92 -1.08 -27.38
N THR G 231 -46.67 -2.12 -27.76
CA THR G 231 -46.08 -3.28 -28.41
C THR G 231 -45.35 -2.89 -29.69
N VAL G 232 -45.94 -1.99 -30.49
CA VAL G 232 -45.26 -1.54 -31.70
C VAL G 232 -44.03 -0.71 -31.36
N VAL G 233 -44.19 0.29 -30.49
CA VAL G 233 -43.07 1.11 -30.05
C VAL G 233 -41.91 0.23 -29.57
N ALA G 234 -42.23 -0.76 -28.73
CA ALA G 234 -41.24 -1.76 -28.35
C ALA G 234 -40.59 -2.39 -29.57
N TYR G 235 -41.41 -2.86 -30.51
CA TYR G 235 -40.88 -3.56 -31.68
C TYR G 235 -40.16 -2.63 -32.64
N ALA G 236 -40.61 -1.37 -32.75
CA ALA G 236 -39.86 -0.39 -33.54
C ALA G 236 -38.46 -0.21 -32.98
N PHE G 237 -38.36 -0.05 -31.66
CA PHE G 237 -37.07 0.07 -30.99
C PHE G 237 -36.18 -1.13 -31.28
N TYR G 238 -36.69 -2.33 -30.99
CA TYR G 238 -35.98 -3.58 -31.31
C TYR G 238 -35.51 -3.60 -32.76
N THR G 239 -36.43 -3.32 -33.69
CA THR G 239 -36.07 -3.15 -35.10
C THR G 239 -34.91 -2.17 -35.28
N SER G 240 -35.11 -0.92 -34.88
CA SER G 240 -34.13 0.15 -35.10
C SER G 240 -32.73 -0.21 -34.57
N ASN G 241 -32.66 -0.73 -33.35
CA ASN G 241 -31.36 -0.97 -32.72
C ASN G 241 -30.51 -1.93 -33.54
N ILE G 242 -31.11 -3.02 -34.02
CA ILE G 242 -30.33 -4.09 -34.65
C ILE G 242 -30.11 -3.84 -36.14
N LEU G 243 -31.08 -3.23 -36.83
CA LEU G 243 -31.01 -3.05 -38.27
C LEU G 243 -30.04 -1.92 -38.65
N PRO G 244 -29.49 -1.98 -39.87
CA PRO G 244 -28.53 -0.96 -40.30
C PRO G 244 -29.15 0.42 -40.39
N ARG G 245 -28.51 1.38 -39.73
CA ARG G 245 -28.99 2.75 -39.74
C ARG G 245 -28.85 3.38 -41.12
N LEU G 246 -29.87 4.13 -41.54
CA LEU G 246 -29.92 4.72 -42.87
C LEU G 246 -30.54 6.12 -42.84
N PRO G 247 -30.52 6.86 -43.96
CA PRO G 247 -31.24 8.14 -44.00
C PRO G 247 -32.54 8.08 -44.79
N TYR G 248 -33.04 6.86 -45.04
CA TYR G 248 -34.35 6.69 -45.67
C TYR G 248 -35.08 5.53 -45.02
N THR G 249 -36.35 5.39 -45.38
CA THR G 249 -37.19 4.34 -44.81
C THR G 249 -37.00 3.03 -45.55
N THR G 250 -36.74 1.97 -44.80
CA THR G 250 -36.67 0.63 -45.35
C THR G 250 -38.07 0.05 -45.50
N VAL G 251 -38.16 -1.16 -46.07
CA VAL G 251 -39.44 -1.86 -46.14
C VAL G 251 -39.95 -2.18 -44.74
N ILE G 252 -39.11 -2.83 -43.94
CA ILE G 252 -39.39 -3.06 -42.53
C ILE G 252 -39.86 -1.77 -41.88
N ASP G 253 -39.13 -0.69 -42.14
CA ASP G 253 -39.47 0.60 -41.54
C ASP G 253 -40.87 1.05 -41.94
N GLN G 254 -41.31 0.72 -43.16
CA GLN G 254 -42.67 1.04 -43.57
C GLN G 254 -43.68 0.19 -42.82
N MET G 255 -43.49 -1.13 -42.84
CA MET G 255 -44.32 -2.04 -42.07
C MET G 255 -44.48 -1.58 -40.63
N ILE G 256 -43.43 -0.99 -40.05
CA ILE G 256 -43.52 -0.46 -38.69
C ILE G 256 -44.49 0.71 -38.63
N ILE G 257 -44.53 1.53 -39.68
CA ILE G 257 -45.53 2.60 -39.73
C ILE G 257 -46.91 2.01 -39.95
N ALA G 258 -47.00 0.95 -40.77
CA ALA G 258 -48.28 0.28 -40.99
C ALA G 258 -48.86 -0.21 -39.68
N GLY G 259 -48.02 -0.70 -38.78
CA GLY G 259 -48.43 -1.04 -37.42
C GLY G 259 -48.98 0.16 -36.69
N TYR G 260 -48.13 1.16 -36.47
CA TYR G 260 -48.51 2.47 -35.94
C TYR G 260 -49.82 2.99 -36.54
N GLY G 261 -50.07 2.68 -37.80
CA GLY G 261 -51.27 3.12 -38.49
C GLY G 261 -52.51 2.34 -38.11
N SER G 262 -52.51 1.05 -38.42
CA SER G 262 -53.64 0.17 -38.08
C SER G 262 -54.09 0.36 -36.64
N ILE G 263 -53.14 0.49 -35.71
CA ILE G 263 -53.48 0.62 -34.30
C ILE G 263 -54.18 1.94 -34.04
N PHE G 264 -53.69 3.03 -34.64
CA PHE G 264 -54.33 4.33 -34.44
C PHE G 264 -55.65 4.42 -35.19
N ALA G 265 -55.78 3.72 -36.31
CA ALA G 265 -57.07 3.63 -36.98
C ALA G 265 -58.06 2.85 -36.14
N ALA G 266 -57.63 1.73 -35.57
CA ALA G 266 -58.43 1.01 -34.59
C ALA G 266 -58.99 1.94 -33.53
N ILE G 267 -58.11 2.68 -32.85
CA ILE G 267 -58.52 3.62 -31.80
C ILE G 267 -59.66 4.51 -32.27
N LEU G 268 -59.52 5.07 -33.48
CA LEU G 268 -60.54 5.96 -34.00
C LEU G 268 -61.89 5.24 -34.16
N LEU G 269 -61.90 4.13 -34.90
CA LEU G 269 -63.09 3.29 -35.00
C LEU G 269 -63.65 2.94 -33.62
N ILE G 270 -62.85 2.25 -32.80
CA ILE G 270 -63.21 1.83 -31.44
C ILE G 270 -63.94 2.95 -30.70
N ILE G 271 -63.46 4.18 -30.87
CA ILE G 271 -64.11 5.32 -30.22
C ILE G 271 -65.30 5.81 -31.04
N PHE G 272 -65.15 5.90 -32.36
CA PHE G 272 -66.26 6.36 -33.20
C PHE G 272 -67.43 5.38 -33.19
N ALA G 273 -67.14 4.08 -33.09
CA ALA G 273 -68.19 3.09 -32.87
C ALA G 273 -69.07 3.45 -31.69
N HIS G 274 -68.44 3.91 -30.61
CA HIS G 274 -69.16 4.14 -29.36
C HIS G 274 -70.15 5.29 -29.49
N HIS G 275 -69.79 6.35 -30.22
CA HIS G 275 -70.58 7.58 -30.25
C HIS G 275 -71.22 7.87 -31.61
N ARG G 276 -71.30 6.89 -32.50
CA ARG G 276 -72.11 6.95 -33.71
C ARG G 276 -73.34 6.08 -33.46
N GLN G 277 -74.35 6.69 -32.85
CA GLN G 277 -75.39 5.97 -32.16
C GLN G 277 -76.79 6.53 -32.39
N ALA G 278 -77.79 5.69 -32.07
CA ALA G 278 -79.18 6.10 -32.01
C ALA G 278 -79.58 6.58 -30.63
N ASN G 279 -78.93 6.06 -29.59
CA ASN G 279 -79.14 6.48 -28.22
C ASN G 279 -77.87 7.17 -27.72
N GLY G 280 -77.72 7.27 -26.41
CA GLY G 280 -76.51 7.88 -25.91
C GLY G 280 -75.33 6.94 -25.97
N VAL G 281 -75.56 5.66 -25.66
CA VAL G 281 -74.50 4.67 -25.60
C VAL G 281 -75.00 3.39 -26.28
N GLU G 282 -74.81 3.31 -27.60
CA GLU G 282 -74.95 2.05 -28.35
C GLU G 282 -73.76 1.91 -29.29
N ASP G 283 -72.92 0.90 -29.05
CA ASP G 283 -71.85 0.62 -29.99
C ASP G 283 -72.47 0.23 -31.33
N ASP G 284 -71.97 0.83 -32.41
CA ASP G 284 -72.62 0.68 -33.71
C ASP G 284 -72.52 -0.78 -34.16
N LEU G 285 -73.66 -1.36 -34.52
CA LEU G 285 -73.82 -2.81 -34.57
C LEU G 285 -72.83 -3.44 -35.54
N LEU G 286 -72.88 -3.03 -36.80
CA LEU G 286 -72.02 -3.63 -37.82
C LEU G 286 -70.55 -3.24 -37.63
N ILE G 287 -70.29 -2.01 -37.15
CA ILE G 287 -68.95 -1.45 -37.25
C ILE G 287 -67.93 -2.23 -36.41
N GLN G 288 -68.23 -2.48 -35.11
CA GLN G 288 -67.22 -3.24 -34.36
C GLN G 288 -67.09 -4.68 -34.86
N ARG G 289 -67.85 -5.02 -35.90
CA ARG G 289 -67.58 -6.18 -36.74
C ARG G 289 -66.91 -5.75 -38.04
N CYS G 290 -65.90 -4.89 -37.90
CA CYS G 290 -64.81 -4.83 -38.86
C CYS G 290 -63.72 -5.80 -38.46
N ARG G 291 -64.13 -6.89 -37.82
CA ARG G 291 -63.23 -7.91 -37.31
C ARG G 291 -62.46 -8.55 -38.44
N LEU G 292 -63.18 -8.99 -39.48
CA LEU G 292 -62.56 -9.45 -40.71
C LEU G 292 -62.89 -8.46 -41.82
N ALA G 293 -62.63 -7.19 -41.53
CA ALA G 293 -62.64 -6.10 -42.49
C ALA G 293 -61.44 -5.17 -42.35
N PHE G 294 -60.87 -5.03 -41.14
CA PHE G 294 -59.55 -4.42 -41.01
C PHE G 294 -58.46 -5.28 -41.65
N PRO G 295 -58.35 -6.59 -41.36
CA PRO G 295 -57.35 -7.41 -42.09
C PRO G 295 -57.40 -7.24 -43.59
N LEU G 296 -58.61 -7.19 -44.16
CA LEU G 296 -58.74 -6.99 -45.60
C LEU G 296 -58.25 -5.60 -46.02
N GLY G 297 -58.68 -4.56 -45.29
CA GLY G 297 -58.27 -3.21 -45.63
C GLY G 297 -56.77 -3.01 -45.53
N PHE G 298 -56.16 -3.56 -44.48
CA PHE G 298 -54.71 -3.50 -44.35
C PHE G 298 -54.03 -4.27 -45.48
N LEU G 299 -54.49 -5.49 -45.74
CA LEU G 299 -53.91 -6.31 -46.80
C LEU G 299 -54.14 -5.71 -48.18
N ALA G 300 -55.26 -4.99 -48.37
CA ALA G 300 -55.48 -4.30 -49.63
C ALA G 300 -54.48 -3.15 -49.80
N ILE G 301 -54.25 -2.38 -48.72
CA ILE G 301 -53.29 -1.30 -48.77
C ILE G 301 -51.86 -1.83 -48.78
N GLY G 302 -51.67 -3.08 -48.37
CA GLY G 302 -50.37 -3.73 -48.42
C GLY G 302 -50.08 -4.45 -49.72
N CYS G 303 -50.96 -4.32 -50.71
CA CYS G 303 -50.71 -4.79 -52.07
C CYS G 303 -50.54 -3.63 -53.04
N VAL G 304 -50.71 -2.39 -52.56
CA VAL G 304 -50.34 -1.20 -53.32
C VAL G 304 -49.02 -0.64 -52.82
N LEU G 305 -48.53 -1.09 -51.67
CA LEU G 305 -47.15 -0.85 -51.25
C LEU G 305 -46.17 -1.53 -52.20
N VAL G 306 -46.60 -2.59 -52.88
CA VAL G 306 -45.70 -3.34 -53.75
C VAL G 306 -45.59 -2.68 -55.12
N ILE G 307 -46.69 -2.19 -55.67
CA ILE G 307 -46.67 -1.49 -56.94
C ILE G 307 -47.25 -0.09 -56.79
N PRO H 1 16.83 -25.71 -54.06
CA PRO H 1 15.43 -25.46 -53.75
C PRO H 1 15.18 -25.42 -52.25
N VAL H 2 15.26 -24.22 -51.68
CA VAL H 2 15.54 -24.02 -50.26
C VAL H 2 14.54 -24.71 -49.36
N ASP H 3 15.06 -25.42 -48.35
CA ASP H 3 14.25 -25.99 -47.28
C ASP H 3 14.13 -25.00 -46.14
N VAL H 4 12.89 -24.73 -45.70
CA VAL H 4 12.62 -23.78 -44.62
C VAL H 4 11.83 -24.47 -43.52
N SER H 5 12.38 -24.48 -42.32
CA SER H 5 11.67 -24.96 -41.14
C SER H 5 10.94 -23.80 -40.47
N VAL H 6 9.72 -24.04 -40.04
CA VAL H 6 8.87 -23.01 -39.45
C VAL H 6 8.31 -23.52 -38.13
N SER H 7 8.23 -22.61 -37.16
CA SER H 7 7.61 -22.86 -35.87
C SER H 7 6.69 -21.70 -35.54
N ILE H 8 5.51 -22.02 -35.00
CA ILE H 8 4.50 -21.02 -34.71
C ILE H 8 4.10 -21.17 -33.25
N PHE H 9 4.47 -20.18 -32.44
CA PHE H 9 4.05 -20.12 -31.04
C PHE H 9 2.79 -19.27 -31.01
N ILE H 10 1.69 -19.83 -30.51
CA ILE H 10 0.42 -19.12 -30.44
C ILE H 10 0.20 -18.71 -28.99
N ASN H 11 0.12 -17.40 -28.77
CA ASN H 11 0.09 -16.84 -27.42
C ASN H 11 -1.33 -16.58 -26.93
N LYS H 12 -2.24 -16.21 -27.83
CA LYS H 12 -3.58 -15.81 -27.46
C LYS H 12 -4.47 -15.74 -28.69
N ILE H 13 -5.65 -16.34 -28.59
CA ILE H 13 -6.68 -16.27 -29.60
C ILE H 13 -7.88 -15.59 -28.95
N TYR H 14 -8.31 -14.47 -29.49
CA TYR H 14 -9.33 -13.69 -28.81
C TYR H 14 -10.13 -12.89 -29.83
N GLY H 15 -11.20 -12.28 -29.34
CA GLY H 15 -12.01 -11.38 -30.15
C GLY H 15 -12.52 -11.96 -31.44
N VAL H 16 -13.42 -12.95 -31.36
CA VAL H 16 -14.08 -13.43 -32.56
C VAL H 16 -14.97 -12.34 -33.11
N ASN H 17 -15.06 -12.27 -34.43
CA ASN H 17 -15.93 -11.29 -35.09
C ASN H 17 -16.90 -12.13 -35.92
N THR H 18 -18.02 -12.47 -35.30
CA THR H 18 -19.00 -13.36 -35.91
C THR H 18 -19.42 -12.89 -37.30
N LEU H 19 -19.65 -11.59 -37.46
CA LEU H 19 -20.12 -11.09 -38.74
C LEU H 19 -19.04 -11.18 -39.80
N GLU H 20 -17.83 -10.71 -39.48
CA GLU H 20 -16.74 -10.73 -40.45
C GLU H 20 -16.11 -12.11 -40.59
N GLN H 21 -16.46 -13.05 -39.71
CA GLN H 21 -15.84 -14.37 -39.67
C GLN H 21 -14.34 -14.18 -39.52
N THR H 22 -13.92 -13.86 -38.31
CA THR H 22 -12.61 -13.26 -38.07
C THR H 22 -12.23 -13.47 -36.61
N TYR H 23 -10.95 -13.72 -36.36
CA TYR H 23 -10.44 -13.88 -35.02
C TYR H 23 -9.03 -13.31 -34.96
N LYS H 24 -8.59 -13.02 -33.74
CA LYS H 24 -7.30 -12.42 -33.51
C LYS H 24 -6.34 -13.45 -32.93
N VAL H 25 -5.10 -13.44 -33.41
CA VAL H 25 -4.07 -14.38 -32.96
C VAL H 25 -2.80 -13.60 -32.68
N ASP H 26 -2.30 -13.70 -31.46
CA ASP H 26 -1.03 -13.12 -31.06
C ASP H 26 -0.05 -14.26 -30.84
N GLY H 27 1.14 -14.12 -31.39
CA GLY H 27 2.14 -15.15 -31.23
C GLY H 27 3.40 -14.80 -31.99
N TYR H 28 4.35 -15.72 -31.93
CA TYR H 28 5.62 -15.57 -32.63
C TYR H 28 5.68 -16.55 -33.78
N ILE H 29 6.46 -16.19 -34.80
CA ILE H 29 6.74 -17.07 -35.93
C ILE H 29 8.24 -17.17 -36.07
N VAL H 30 8.73 -18.35 -36.43
CA VAL H 30 10.16 -18.61 -36.55
C VAL H 30 10.43 -19.36 -37.85
N ALA H 31 11.35 -18.84 -38.65
CA ALA H 31 11.79 -19.50 -39.87
C ALA H 31 13.27 -19.78 -39.77
N GLN H 32 13.68 -20.97 -40.22
CA GLN H 32 15.09 -21.35 -40.20
C GLN H 32 15.46 -21.99 -41.53
N TRP H 33 16.59 -21.55 -42.08
CA TRP H 33 17.06 -21.97 -43.39
C TRP H 33 18.55 -21.72 -43.47
N THR H 34 19.28 -22.68 -44.05
CA THR H 34 20.73 -22.68 -44.05
C THR H 34 21.26 -22.05 -45.33
N GLY H 35 22.11 -21.03 -45.16
CA GLY H 35 22.69 -20.31 -46.27
C GLY H 35 24.19 -20.50 -46.36
N LYS H 36 24.80 -19.70 -47.24
CA LYS H 36 26.24 -19.76 -47.40
C LYS H 36 26.94 -19.36 -46.11
N PRO H 37 27.86 -20.19 -45.59
CA PRO H 37 28.56 -19.84 -44.34
C PRO H 37 29.19 -18.46 -44.37
N ARG H 38 29.39 -17.88 -43.18
CA ARG H 38 29.90 -16.53 -43.07
C ARG H 38 30.71 -16.41 -41.79
N LYS H 39 31.53 -15.37 -41.71
CA LYS H 39 32.29 -15.06 -40.51
C LYS H 39 31.49 -14.12 -39.62
N THR H 40 31.27 -14.54 -38.38
CA THR H 40 30.60 -13.75 -37.36
C THR H 40 31.63 -13.25 -36.35
N PRO H 41 31.36 -12.13 -35.67
CA PRO H 41 32.26 -11.72 -34.57
C PRO H 41 32.37 -12.83 -33.53
N GLY H 42 33.59 -13.02 -33.04
CA GLY H 42 33.87 -14.27 -32.36
C GLY H 42 33.69 -15.42 -33.31
N ASP H 43 33.22 -16.55 -32.78
CA ASP H 43 32.54 -17.54 -33.59
C ASP H 43 31.10 -17.71 -33.13
N LYS H 44 30.69 -16.95 -32.12
CA LYS H 44 29.31 -16.92 -31.67
C LYS H 44 28.40 -16.45 -32.81
N PRO H 45 27.21 -17.02 -32.93
CA PRO H 45 26.25 -16.52 -33.92
C PRO H 45 25.90 -15.05 -33.66
N LEU H 46 25.55 -14.35 -34.73
CA LEU H 46 25.29 -12.93 -34.70
C LEU H 46 23.79 -12.65 -34.57
N ILE H 47 23.45 -11.65 -33.76
CA ILE H 47 22.07 -11.23 -33.53
C ILE H 47 21.83 -9.87 -34.18
N VAL H 48 20.73 -9.75 -34.92
CA VAL H 48 20.34 -8.53 -35.63
C VAL H 48 18.91 -8.20 -35.25
N GLU H 49 18.71 -7.11 -34.50
CA GLU H 49 17.40 -6.78 -33.97
C GLU H 49 16.72 -5.68 -34.78
N ASN H 50 15.46 -5.91 -35.14
CA ASN H 50 14.53 -4.94 -35.73
C ASN H 50 15.13 -4.11 -36.85
N THR H 51 15.11 -2.78 -36.70
CA THR H 51 15.58 -1.84 -37.72
C THR H 51 16.85 -2.31 -38.41
N GLN H 52 17.76 -2.90 -37.63
CA GLN H 52 19.03 -3.38 -38.16
C GLN H 52 18.83 -4.44 -39.25
N ILE H 53 17.75 -5.21 -39.19
CA ILE H 53 17.54 -6.28 -40.17
C ILE H 53 17.42 -5.72 -41.58
N GLU H 54 16.56 -4.71 -41.76
CA GLU H 54 16.36 -4.11 -43.07
C GLU H 54 17.67 -3.63 -43.68
N ARG H 55 18.58 -3.13 -42.84
CA ARG H 55 19.88 -2.71 -43.34
C ARG H 55 20.72 -3.90 -43.83
N TRP H 56 20.63 -5.05 -43.15
CA TRP H 56 21.37 -6.22 -43.62
C TRP H 56 20.87 -6.70 -44.98
N ILE H 57 19.62 -6.37 -45.31
CA ILE H 57 19.04 -6.78 -46.59
C ILE H 57 19.61 -5.93 -47.72
N ASN H 58 19.76 -4.63 -47.48
CA ASN H 58 20.38 -3.72 -48.44
C ASN H 58 21.76 -4.18 -48.91
N ASN H 59 22.39 -5.13 -48.20
CA ASN H 59 23.68 -5.68 -48.57
C ASN H 59 23.58 -7.07 -49.16
N GLY H 60 22.38 -7.47 -49.58
CA GLY H 60 22.18 -8.74 -50.24
C GLY H 60 21.83 -9.90 -49.34
N LEU H 61 21.54 -9.65 -48.06
CA LEU H 61 20.97 -10.71 -47.24
C LEU H 61 19.55 -10.95 -47.68
N TRP H 62 19.27 -12.16 -48.13
CA TRP H 62 17.94 -12.54 -48.56
C TRP H 62 17.14 -12.98 -47.34
N VAL H 63 15.96 -12.41 -47.17
CA VAL H 63 15.03 -12.84 -46.13
C VAL H 63 13.65 -12.90 -46.76
N PRO H 64 13.09 -14.10 -46.93
CA PRO H 64 11.85 -14.21 -47.71
C PRO H 64 10.67 -13.62 -46.96
N ALA H 65 9.83 -12.91 -47.70
CA ALA H 65 8.58 -12.46 -47.15
C ALA H 65 7.63 -13.65 -47.07
N LEU H 66 7.27 -14.04 -45.86
CA LEU H 66 6.30 -15.09 -45.62
C LEU H 66 4.97 -14.42 -45.35
N GLU H 67 3.98 -14.70 -46.18
CA GLU H 67 2.68 -14.05 -46.05
C GLU H 67 1.73 -14.94 -45.28
N PHE H 68 0.87 -14.31 -44.49
CA PHE H 68 -0.24 -14.99 -43.83
C PHE H 68 -1.40 -14.91 -44.82
N ILE H 69 -1.60 -15.99 -45.57
CA ILE H 69 -2.59 -16.01 -46.65
C ILE H 69 -3.96 -15.56 -46.14
N ASN H 70 -4.31 -15.96 -44.92
CA ASN H 70 -5.67 -15.75 -44.40
C ASN H 70 -5.75 -14.64 -43.36
N VAL H 71 -4.78 -13.73 -43.33
CA VAL H 71 -4.88 -12.56 -42.47
C VAL H 71 -5.61 -11.45 -43.20
N VAL H 72 -6.49 -10.75 -42.50
CA VAL H 72 -7.26 -9.65 -43.06
C VAL H 72 -6.48 -8.37 -42.78
N GLY H 73 -5.68 -7.93 -43.75
CA GLY H 73 -4.87 -6.73 -43.55
C GLY H 73 -3.54 -7.03 -42.89
N SER H 74 -2.50 -6.32 -43.31
CA SER H 74 -1.15 -6.56 -42.82
C SER H 74 -1.11 -6.55 -41.29
N PRO H 75 -0.50 -7.55 -40.66
CA PRO H 75 -0.58 -7.66 -39.20
C PRO H 75 0.40 -6.75 -38.48
N ASP H 76 0.13 -6.57 -37.19
CA ASP H 76 0.99 -5.78 -36.30
C ASP H 76 2.19 -6.62 -35.89
N THR H 77 3.38 -6.27 -36.40
CA THR H 77 4.61 -6.97 -36.08
C THR H 77 5.32 -6.22 -34.95
N GLY H 78 5.61 -6.92 -33.85
CA GLY H 78 6.17 -6.27 -32.68
C GLY H 78 7.68 -6.16 -32.69
N ASN H 79 8.37 -7.29 -32.65
CA ASN H 79 9.83 -7.33 -32.66
C ASN H 79 10.26 -8.41 -33.64
N LYS H 80 11.39 -8.18 -34.30
CA LYS H 80 11.95 -9.17 -35.20
C LYS H 80 13.47 -9.19 -35.03
N ARG H 81 14.02 -10.40 -35.12
CA ARG H 81 15.46 -10.60 -35.00
C ARG H 81 15.92 -11.59 -36.06
N LEU H 82 17.16 -11.43 -36.51
CA LEU H 82 17.85 -12.46 -37.27
C LEU H 82 18.93 -13.08 -36.40
N MET H 83 19.12 -14.40 -36.55
CA MET H 83 20.24 -15.10 -35.94
C MET H 83 21.08 -15.69 -37.05
N LEU H 84 22.18 -15.01 -37.37
CA LEU H 84 23.07 -15.42 -38.44
C LEU H 84 24.12 -16.37 -37.88
N PHE H 85 24.22 -17.54 -38.46
CA PHE H 85 25.15 -18.47 -37.84
C PHE H 85 26.44 -18.57 -38.65
N PRO H 86 27.57 -18.89 -38.01
CA PRO H 86 28.82 -18.99 -38.77
C PRO H 86 28.81 -20.11 -39.78
N ASP H 87 28.11 -21.20 -39.50
CA ASP H 87 27.98 -22.31 -40.44
C ASP H 87 26.90 -22.08 -41.49
N GLY H 88 26.39 -20.85 -41.61
CA GLY H 88 25.45 -20.53 -42.67
C GLY H 88 24.02 -20.33 -42.24
N ARG H 89 23.47 -21.28 -41.48
CA ARG H 89 22.05 -21.27 -41.15
C ARG H 89 21.61 -19.95 -40.53
N VAL H 90 20.35 -19.60 -40.76
CA VAL H 90 19.79 -18.30 -40.38
C VAL H 90 18.42 -18.53 -39.78
N ILE H 91 18.13 -17.81 -38.70
CA ILE H 91 16.86 -17.93 -37.98
C ILE H 91 16.18 -16.57 -37.97
N TYR H 92 14.99 -16.50 -38.55
CA TYR H 92 14.15 -15.32 -38.45
C TYR H 92 13.09 -15.55 -37.39
N ASN H 93 12.99 -14.61 -36.45
CA ASN H 93 12.08 -14.73 -35.32
C ASN H 93 11.37 -13.40 -35.14
N ALA H 94 10.05 -13.44 -35.14
CA ALA H 94 9.27 -12.22 -34.99
C ALA H 94 7.95 -12.53 -34.31
N ARG H 95 7.48 -11.60 -33.50
CA ARG H 95 6.17 -11.71 -32.88
C ARG H 95 5.15 -10.99 -33.75
N PHE H 96 3.96 -11.57 -33.84
CA PHE H 96 2.91 -11.00 -34.65
C PHE H 96 1.60 -10.97 -33.87
N LEU H 97 0.73 -10.06 -34.31
CA LEU H 97 -0.67 -10.05 -33.89
C LEU H 97 -1.46 -9.66 -35.13
N GLY H 98 -2.39 -10.51 -35.52
CA GLY H 98 -3.11 -10.30 -36.76
C GLY H 98 -4.53 -10.83 -36.66
N SER H 99 -5.42 -10.20 -37.42
CA SER H 99 -6.80 -10.63 -37.50
C SER H 99 -6.92 -11.60 -38.67
N PHE H 100 -7.19 -12.86 -38.36
CA PHE H 100 -7.21 -13.91 -39.36
C PHE H 100 -8.65 -14.27 -39.72
N SER H 101 -8.84 -14.72 -40.95
CA SER H 101 -10.15 -15.04 -41.49
C SER H 101 -10.28 -16.52 -41.73
N ASN H 102 -11.46 -17.05 -41.46
CA ASN H 102 -11.80 -18.42 -41.82
C ASN H 102 -13.32 -18.53 -41.87
N ASP H 103 -13.80 -19.54 -42.57
CA ASP H 103 -15.24 -19.79 -42.66
C ASP H 103 -15.76 -20.22 -41.30
N MET H 104 -16.87 -19.63 -40.86
CA MET H 104 -17.39 -19.89 -39.52
C MET H 104 -18.90 -19.98 -39.56
N ASP H 105 -19.42 -21.17 -39.26
CA ASP H 105 -20.85 -21.45 -39.21
C ASP H 105 -21.32 -21.28 -37.77
N PHE H 106 -22.17 -20.28 -37.54
CA PHE H 106 -22.64 -19.96 -36.19
C PHE H 106 -24.12 -20.33 -36.00
N ARG H 107 -24.67 -21.18 -36.88
CA ARG H 107 -26.11 -21.43 -36.86
C ARG H 107 -26.55 -22.24 -35.65
N LEU H 108 -25.64 -22.95 -35.02
CA LEU H 108 -25.91 -23.72 -33.81
C LEU H 108 -25.42 -22.95 -32.60
N PHE H 109 -25.85 -21.68 -32.48
CA PHE H 109 -24.99 -20.65 -31.86
C PHE H 109 -24.47 -21.06 -30.50
N PRO H 110 -25.28 -21.15 -29.43
CA PRO H 110 -24.68 -21.31 -28.10
C PRO H 110 -23.87 -22.59 -28.00
N PHE H 111 -23.96 -23.47 -29.01
CA PHE H 111 -23.30 -24.75 -29.02
C PHE H 111 -22.49 -24.84 -30.32
N ASP H 112 -21.47 -24.00 -30.44
CA ASP H 112 -20.67 -23.93 -31.66
C ASP H 112 -19.56 -24.97 -31.66
N ARG H 113 -19.14 -25.36 -32.87
CA ARG H 113 -17.85 -25.98 -33.12
C ARG H 113 -17.15 -25.17 -34.19
N GLN H 114 -15.98 -24.63 -33.87
CA GLN H 114 -15.25 -23.78 -34.81
C GLN H 114 -13.83 -24.28 -34.98
N GLN H 115 -13.15 -23.74 -36.00
CA GLN H 115 -11.82 -24.19 -36.39
C GLN H 115 -10.96 -22.97 -36.73
N PHE H 116 -10.12 -22.55 -35.80
CA PHE H 116 -9.26 -21.39 -36.00
C PHE H 116 -7.98 -21.82 -36.71
N VAL H 117 -7.59 -21.07 -37.74
CA VAL H 117 -6.64 -21.54 -38.74
C VAL H 117 -5.62 -20.45 -39.06
N LEU H 118 -4.37 -20.86 -39.23
CA LEU H 118 -3.31 -20.05 -39.80
C LEU H 118 -2.86 -20.69 -41.10
N GLU H 119 -2.70 -19.89 -42.14
CA GLU H 119 -2.16 -20.35 -43.42
C GLU H 119 -0.97 -19.48 -43.79
N LEU H 120 0.22 -20.07 -43.76
CA LEU H 120 1.46 -19.40 -44.09
C LEU H 120 1.96 -19.89 -45.45
N GLU H 121 2.52 -18.98 -46.24
CA GLU H 121 3.00 -19.33 -47.56
C GLU H 121 3.91 -18.22 -48.07
N PRO H 122 5.06 -18.55 -48.68
CA PRO H 122 5.98 -17.51 -49.15
C PRO H 122 5.32 -16.65 -50.22
N PHE H 123 5.67 -15.37 -50.22
CA PHE H 123 4.97 -14.41 -51.05
C PHE H 123 5.43 -14.43 -52.50
N SER H 124 6.62 -14.97 -52.79
CA SER H 124 7.11 -14.94 -54.16
C SER H 124 8.05 -16.10 -54.46
N TYR H 125 7.77 -17.29 -53.90
CA TYR H 125 8.74 -18.37 -54.04
C TYR H 125 8.06 -19.73 -54.09
N ASN H 126 8.42 -20.53 -55.08
CA ASN H 126 7.82 -21.82 -55.35
C ASN H 126 8.80 -22.97 -55.22
N ASN H 127 10.07 -22.76 -55.56
CA ASN H 127 11.11 -23.69 -55.10
C ASN H 127 11.93 -23.01 -54.01
N GLN H 128 11.22 -22.53 -53.02
CA GLN H 128 11.67 -22.46 -51.64
C GLN H 128 10.53 -23.10 -50.84
N GLN H 129 10.84 -24.15 -50.09
CA GLN H 129 9.83 -25.09 -49.67
C GLN H 129 9.87 -25.24 -48.16
N LEU H 130 8.67 -25.27 -47.56
CA LEU H 130 8.54 -25.32 -46.12
C LEU H 130 8.85 -26.73 -45.63
N ARG H 131 10.01 -26.88 -44.99
CA ARG H 131 10.55 -28.19 -44.63
C ARG H 131 9.60 -28.93 -43.71
N PHE H 132 9.37 -28.40 -42.52
CA PHE H 132 8.44 -28.98 -41.56
C PHE H 132 7.88 -27.86 -40.69
N SER H 133 6.64 -28.03 -40.26
CA SER H 133 5.97 -27.04 -39.43
C SER H 133 5.68 -27.61 -38.05
N ASP H 134 5.87 -26.77 -37.03
CA ASP H 134 5.63 -27.13 -35.64
C ASP H 134 4.87 -26.00 -34.97
N ILE H 135 3.79 -26.35 -34.27
CA ILE H 135 2.95 -25.36 -33.61
C ILE H 135 3.00 -25.64 -32.12
N GLN H 136 3.31 -24.62 -31.35
CA GLN H 136 3.48 -24.76 -29.91
C GLN H 136 2.36 -23.99 -29.21
N VAL H 137 1.38 -24.75 -28.71
CA VAL H 137 0.30 -24.24 -27.89
C VAL H 137 0.52 -24.73 -26.47
N TYR H 138 0.28 -23.85 -25.49
CA TYR H 138 0.55 -24.20 -24.08
C TYR H 138 -0.72 -23.91 -23.26
N THR H 139 -1.75 -24.71 -23.47
CA THR H 139 -2.99 -24.56 -22.69
C THR H 139 -3.49 -25.94 -22.32
N GLU H 140 -4.77 -26.02 -21.92
CA GLU H 140 -5.33 -27.21 -21.30
C GLU H 140 -6.84 -27.13 -21.31
N ASN H 141 -7.48 -28.27 -21.56
CA ASN H 141 -8.90 -28.38 -21.93
C ASN H 141 -9.38 -29.81 -21.69
N ILE H 142 -10.61 -30.06 -21.22
CA ILE H 142 -11.51 -29.17 -20.46
C ILE H 142 -10.92 -28.68 -19.13
N ASP H 143 -10.96 -27.37 -18.88
CA ASP H 143 -10.30 -26.73 -17.74
C ASP H 143 -10.76 -25.29 -17.52
N ASN H 144 -9.80 -24.36 -17.50
CA ASN H 144 -10.00 -22.94 -17.20
C ASN H 144 -11.04 -22.25 -18.08
N GLU H 145 -11.50 -22.89 -19.14
CA GLU H 145 -12.49 -22.36 -20.06
C GLU H 145 -13.91 -22.30 -19.51
N GLU H 146 -14.04 -22.31 -18.20
CA GLU H 146 -15.20 -21.70 -17.59
C GLU H 146 -14.96 -20.20 -17.43
N ILE H 147 -13.73 -19.85 -17.06
CA ILE H 147 -13.25 -18.47 -17.13
C ILE H 147 -13.01 -18.04 -18.58
N ASP H 148 -12.61 -18.97 -19.44
CA ASP H 148 -12.36 -18.68 -20.85
C ASP H 148 -13.56 -19.08 -21.70
N GLU H 149 -13.67 -18.45 -22.88
CA GLU H 149 -14.86 -18.55 -23.70
C GLU H 149 -14.98 -19.89 -24.45
N TRP H 150 -13.86 -20.52 -24.81
CA TRP H 150 -13.84 -21.60 -25.78
C TRP H 150 -13.22 -22.90 -25.25
N TRP H 151 -13.70 -24.02 -25.79
CA TRP H 151 -13.21 -25.37 -25.51
C TRP H 151 -12.46 -25.94 -26.72
N ILE H 152 -11.13 -26.00 -26.64
CA ILE H 152 -10.38 -26.65 -27.71
C ILE H 152 -10.55 -28.17 -27.59
N ARG H 153 -10.78 -28.82 -28.72
CA ARG H 153 -10.90 -30.27 -28.76
C ARG H 153 -9.60 -30.92 -29.26
N GLY H 154 -9.20 -30.63 -30.52
CA GLY H 154 -7.97 -31.14 -31.07
C GLY H 154 -6.77 -30.24 -30.74
N LYS H 155 -5.57 -30.79 -30.95
CA LYS H 155 -4.34 -30.13 -30.52
C LYS H 155 -3.50 -29.49 -31.63
N ALA H 156 -3.32 -30.13 -32.78
CA ALA H 156 -2.08 -29.83 -33.49
C ALA H 156 -2.13 -29.80 -35.02
N SER H 157 -3.25 -30.12 -35.67
CA SER H 157 -3.32 -30.30 -37.13
C SER H 157 -2.38 -29.42 -37.95
N THR H 158 -1.53 -30.06 -38.74
CA THR H 158 -0.58 -29.42 -39.64
C THR H 158 -0.79 -29.96 -41.04
N HIS H 159 -0.20 -29.28 -42.03
CA HIS H 159 -0.26 -29.79 -43.40
C HIS H 159 1.07 -29.66 -44.13
N ILE H 160 1.33 -28.49 -44.72
CA ILE H 160 2.44 -28.23 -45.63
C ILE H 160 2.09 -28.89 -46.96
N SER H 161 1.32 -28.18 -47.78
CA SER H 161 0.89 -28.67 -49.07
C SER H 161 1.51 -27.81 -50.17
N ASP H 162 1.12 -28.11 -51.41
CA ASP H 162 1.57 -27.37 -52.59
C ASP H 162 0.35 -26.79 -53.28
N ILE H 163 0.37 -25.49 -53.55
CA ILE H 163 -0.76 -24.77 -54.13
C ILE H 163 -0.50 -24.54 -55.61
N ARG H 164 -1.54 -24.69 -56.44
CA ARG H 164 -1.34 -24.72 -57.88
C ARG H 164 -1.24 -23.32 -58.49
N TYR H 165 -2.27 -22.49 -58.30
CA TYR H 165 -2.35 -21.17 -58.94
C TYR H 165 -2.18 -21.27 -60.45
N ASP H 166 -3.22 -21.79 -61.09
CA ASP H 166 -3.17 -22.03 -62.53
C ASP H 166 -3.38 -20.78 -63.37
N HIS H 167 -3.45 -19.59 -62.77
CA HIS H 167 -3.76 -18.37 -63.50
C HIS H 167 -2.47 -17.63 -63.86
N LEU H 168 -2.28 -17.43 -65.16
CA LEU H 168 -1.03 -16.96 -65.74
C LEU H 168 0.15 -17.74 -65.17
N SER H 169 0.07 -19.05 -65.35
CA SER H 169 1.20 -19.95 -65.15
C SER H 169 2.06 -20.01 -66.40
N SER H 170 1.65 -19.32 -67.46
CA SER H 170 2.50 -19.06 -68.61
C SER H 170 3.37 -17.83 -68.39
N VAL H 171 3.04 -17.01 -67.38
CA VAL H 171 3.99 -16.01 -66.88
C VAL H 171 5.31 -16.67 -66.53
N GLN H 172 5.25 -17.89 -66.00
CA GLN H 172 6.43 -18.72 -65.77
C GLN H 172 6.06 -20.17 -66.07
N PRO H 173 6.38 -20.66 -67.27
CA PRO H 173 5.97 -22.02 -67.64
C PRO H 173 6.59 -23.07 -66.74
N ASN H 174 5.78 -24.06 -66.37
CA ASN H 174 6.11 -25.30 -65.66
C ASN H 174 6.31 -25.15 -64.16
N GLN H 175 6.22 -23.95 -63.58
CA GLN H 175 6.59 -23.81 -62.17
C GLN H 175 5.75 -22.69 -61.55
N ASN H 176 4.66 -23.08 -60.87
CA ASN H 176 3.84 -22.12 -60.15
C ASN H 176 3.26 -22.74 -58.88
N GLU H 177 3.93 -23.76 -58.33
CA GLU H 177 3.45 -24.47 -57.14
C GLU H 177 4.15 -23.93 -55.90
N PHE H 178 3.38 -23.30 -55.02
CA PHE H 178 3.88 -22.67 -53.81
C PHE H 178 3.67 -23.59 -52.60
N SER H 179 4.60 -23.51 -51.65
CA SER H 179 4.58 -24.36 -50.46
C SER H 179 3.79 -23.67 -49.35
N ARG H 180 2.69 -24.27 -48.92
CA ARG H 180 1.79 -23.64 -47.96
C ARG H 180 1.65 -24.47 -46.69
N ILE H 181 2.17 -23.94 -45.58
CA ILE H 181 1.86 -24.47 -44.26
C ILE H 181 0.44 -24.10 -43.88
N THR H 182 -0.33 -25.07 -43.40
CA THR H 182 -1.67 -24.83 -42.87
C THR H 182 -1.72 -25.31 -41.43
N VAL H 183 -2.09 -24.41 -40.52
CA VAL H 183 -2.23 -24.71 -39.10
C VAL H 183 -3.68 -24.49 -38.72
N ARG H 184 -4.28 -25.46 -38.03
CA ARG H 184 -5.69 -25.37 -37.66
C ARG H 184 -5.93 -25.99 -36.29
N ILE H 185 -6.59 -25.24 -35.42
CA ILE H 185 -6.92 -25.67 -34.07
C ILE H 185 -8.44 -25.70 -33.92
N ASP H 186 -8.96 -26.80 -33.37
CA ASP H 186 -10.40 -26.98 -33.23
C ASP H 186 -10.86 -26.55 -31.84
N ALA H 187 -12.02 -25.91 -31.78
CA ALA H 187 -12.53 -25.38 -30.52
C ALA H 187 -14.05 -25.45 -30.48
N VAL H 188 -14.57 -25.46 -29.25
CA VAL H 188 -16.01 -25.52 -28.98
C VAL H 188 -16.37 -24.33 -28.10
N ARG H 189 -17.55 -23.76 -28.33
CA ARG H 189 -18.03 -22.66 -27.51
C ARG H 189 -18.54 -23.19 -26.18
N ASN H 190 -18.40 -22.38 -25.13
CA ASN H 190 -18.77 -22.76 -23.77
C ASN H 190 -20.25 -22.45 -23.53
N PRO H 191 -21.14 -23.42 -23.70
CA PRO H 191 -22.57 -23.10 -23.73
C PRO H 191 -23.17 -22.92 -22.36
N SER H 192 -22.36 -22.51 -21.38
CA SER H 192 -22.86 -22.33 -20.01
C SER H 192 -23.62 -21.00 -19.91
N TYR H 193 -22.89 -19.89 -20.04
CA TYR H 193 -23.48 -18.56 -19.90
C TYR H 193 -24.76 -18.40 -20.70
N TYR H 194 -24.78 -18.87 -21.95
CA TYR H 194 -25.95 -18.62 -22.80
C TYR H 194 -27.15 -19.46 -22.39
N LEU H 195 -26.95 -20.67 -21.87
CA LEU H 195 -28.07 -21.43 -21.34
C LEU H 195 -28.54 -20.83 -20.03
N TRP H 196 -27.65 -20.78 -19.05
CA TRP H 196 -27.98 -20.34 -17.69
C TRP H 196 -28.57 -18.94 -17.66
N SER H 197 -28.37 -18.12 -18.69
CA SER H 197 -28.82 -16.73 -18.67
C SER H 197 -29.66 -16.29 -19.87
N PHE H 198 -29.78 -17.12 -20.91
CA PHE H 198 -30.65 -16.77 -22.04
C PHE H 198 -31.64 -17.88 -22.37
N ILE H 199 -31.15 -19.08 -22.68
CA ILE H 199 -32.01 -20.20 -23.02
C ILE H 199 -33.07 -20.42 -21.93
N LEU H 200 -32.61 -20.61 -20.70
CA LEU H 200 -33.51 -20.91 -19.58
C LEU H 200 -34.59 -19.83 -19.41
N PRO H 201 -34.26 -18.56 -19.12
CA PRO H 201 -35.32 -17.54 -18.98
C PRO H 201 -36.35 -17.57 -20.09
N LEU H 202 -35.93 -17.75 -21.35
CA LEU H 202 -36.87 -17.78 -22.46
C LEU H 202 -37.88 -18.91 -22.30
N GLY H 203 -37.38 -20.10 -21.94
CA GLY H 203 -38.27 -21.23 -21.69
C GLY H 203 -39.30 -20.93 -20.62
N LEU H 204 -38.85 -20.38 -19.48
CA LEU H 204 -39.78 -19.99 -18.42
C LEU H 204 -40.85 -19.04 -18.95
N ILE H 205 -40.42 -18.03 -19.73
CA ILE H 205 -41.37 -17.11 -20.36
C ILE H 205 -42.36 -17.88 -21.24
N ILE H 206 -41.84 -18.73 -22.13
CA ILE H 206 -42.72 -19.52 -23.00
C ILE H 206 -43.65 -20.41 -22.18
N ALA H 207 -43.11 -21.04 -21.12
CA ALA H 207 -43.94 -21.86 -20.24
C ALA H 207 -45.06 -21.04 -19.61
N ALA H 208 -44.68 -19.99 -18.86
CA ALA H 208 -45.67 -19.11 -18.25
C ALA H 208 -46.66 -18.54 -19.26
N SER H 209 -46.25 -18.39 -20.52
CA SER H 209 -47.18 -18.02 -21.58
C SER H 209 -48.39 -18.95 -21.61
N TRP H 210 -48.14 -20.26 -21.48
CA TRP H 210 -49.22 -21.24 -21.56
C TRP H 210 -50.21 -21.09 -20.41
N SER H 211 -49.75 -20.58 -19.27
CA SER H 211 -50.61 -20.38 -18.10
C SER H 211 -51.72 -19.38 -18.39
N VAL H 212 -51.76 -18.83 -19.61
CA VAL H 212 -52.86 -17.96 -20.01
C VAL H 212 -54.17 -18.73 -20.04
N PHE H 213 -54.11 -20.05 -20.27
CA PHE H 213 -55.31 -20.87 -20.37
C PHE H 213 -55.95 -21.15 -19.02
N TRP H 214 -55.25 -20.86 -17.92
CA TRP H 214 -55.83 -21.07 -16.60
C TRP H 214 -56.47 -19.80 -16.07
N LEU H 215 -56.63 -18.79 -16.93
CA LEU H 215 -57.43 -17.63 -16.62
C LEU H 215 -58.91 -17.97 -16.84
N GLU H 216 -59.76 -17.48 -15.93
CA GLU H 216 -61.14 -17.93 -15.93
C GLU H 216 -61.92 -17.35 -17.10
N SER H 217 -61.92 -16.03 -17.24
CA SER H 217 -62.70 -15.34 -18.26
C SER H 217 -62.13 -15.60 -19.65
N PHE H 218 -62.67 -14.90 -20.65
CA PHE H 218 -62.08 -14.79 -21.98
C PHE H 218 -61.38 -13.46 -22.17
N SER H 219 -62.04 -12.36 -21.77
CA SER H 219 -61.39 -11.05 -21.75
C SER H 219 -60.06 -11.11 -21.02
N GLU H 220 -60.01 -11.82 -19.89
CA GLU H 220 -58.75 -12.03 -19.19
C GLU H 220 -57.73 -12.69 -20.10
N ARG H 221 -58.12 -13.78 -20.76
CA ARG H 221 -57.19 -14.52 -21.62
C ARG H 221 -56.66 -13.66 -22.76
N LEU H 222 -57.56 -13.08 -23.56
CA LEU H 222 -57.12 -12.35 -24.75
C LEU H 222 -56.30 -11.12 -24.37
N GLN H 223 -56.72 -10.38 -23.35
CA GLN H 223 -55.98 -9.20 -22.93
C GLN H 223 -54.60 -9.58 -22.44
N THR H 224 -54.52 -10.55 -21.53
CA THR H 224 -53.25 -11.07 -21.03
C THR H 224 -52.32 -11.50 -22.15
N SER H 225 -52.87 -12.10 -23.20
CA SER H 225 -52.09 -12.49 -24.37
C SER H 225 -51.20 -11.35 -24.85
N PHE H 226 -51.76 -10.15 -24.99
CA PHE H 226 -51.00 -9.00 -25.49
C PHE H 226 -49.86 -8.63 -24.56
N THR H 227 -50.02 -8.86 -23.25
CA THR H 227 -48.90 -8.62 -22.33
C THR H 227 -47.80 -9.65 -22.56
N LEU H 228 -48.17 -10.91 -22.76
CA LEU H 228 -47.20 -11.93 -23.16
C LEU H 228 -46.49 -11.53 -24.46
N MET H 229 -47.25 -11.07 -25.46
CA MET H 229 -46.66 -10.56 -26.69
C MET H 229 -45.55 -9.55 -26.40
N LEU H 230 -45.90 -8.48 -25.67
CA LEU H 230 -44.91 -7.50 -25.22
C LEU H 230 -43.72 -8.18 -24.55
N THR H 231 -43.97 -9.16 -23.69
CA THR H 231 -42.89 -9.84 -22.98
C THR H 231 -41.88 -10.45 -23.93
N VAL H 232 -42.35 -11.08 -25.01
CA VAL H 232 -41.44 -11.67 -25.98
C VAL H 232 -40.66 -10.58 -26.72
N VAL H 233 -41.38 -9.60 -27.27
CA VAL H 233 -40.72 -8.47 -27.97
C VAL H 233 -39.63 -7.87 -27.10
N ALA H 234 -39.96 -7.62 -25.82
CA ALA H 234 -38.95 -7.20 -24.85
C ALA H 234 -37.77 -8.17 -24.82
N TYR H 235 -38.07 -9.47 -24.68
CA TYR H 235 -36.99 -10.45 -24.53
C TYR H 235 -36.23 -10.65 -25.84
N ALA H 236 -36.90 -10.54 -26.98
CA ALA H 236 -36.19 -10.56 -28.26
C ALA H 236 -35.20 -9.41 -28.34
N PHE H 237 -35.64 -8.21 -27.97
CA PHE H 237 -34.79 -7.04 -27.95
C PHE H 237 -33.56 -7.26 -27.07
N TYR H 238 -33.78 -7.65 -25.82
CA TYR H 238 -32.70 -8.00 -24.90
C TYR H 238 -31.73 -9.00 -25.51
N THR H 239 -32.26 -10.09 -26.05
CA THR H 239 -31.46 -11.06 -26.80
C THR H 239 -30.60 -10.40 -27.87
N SER H 240 -31.26 -9.76 -28.84
CA SER H 240 -30.56 -9.20 -30.00
C SER H 240 -29.40 -8.28 -29.60
N ASN H 241 -29.63 -7.38 -28.64
CA ASN H 241 -28.64 -6.37 -28.29
C ASN H 241 -27.33 -7.01 -27.81
N ILE H 242 -27.43 -8.01 -26.94
CA ILE H 242 -26.25 -8.55 -26.27
C ILE H 242 -25.57 -9.63 -27.10
N LEU H 243 -26.34 -10.43 -27.82
CA LEU H 243 -25.80 -11.57 -28.57
C LEU H 243 -25.09 -11.15 -29.85
N PRO H 244 -24.17 -11.98 -30.34
CA PRO H 244 -23.41 -11.63 -31.55
C PRO H 244 -24.31 -11.50 -32.77
N ARG H 245 -24.18 -10.38 -33.47
CA ARG H 245 -24.97 -10.15 -34.67
C ARG H 245 -24.53 -11.10 -35.77
N LEU H 246 -25.49 -11.66 -36.52
CA LEU H 246 -25.20 -12.64 -37.56
C LEU H 246 -26.09 -12.44 -38.79
N PRO H 247 -25.83 -13.15 -39.90
CA PRO H 247 -26.75 -13.06 -41.04
C PRO H 247 -27.63 -14.29 -41.17
N TYR H 248 -27.72 -15.09 -40.11
CA TYR H 248 -28.64 -16.23 -40.07
C TYR H 248 -29.25 -16.34 -38.68
N THR H 249 -30.24 -17.23 -38.57
CA THR H 249 -30.92 -17.46 -37.30
C THR H 249 -30.13 -18.44 -36.45
N THR H 250 -29.85 -18.05 -35.22
CA THR H 250 -29.21 -18.92 -34.25
C THR H 250 -30.25 -19.86 -33.63
N VAL H 251 -29.78 -20.77 -32.77
CA VAL H 251 -30.71 -21.61 -32.03
C VAL H 251 -31.57 -20.76 -31.11
N ILE H 252 -30.92 -19.93 -30.29
CA ILE H 252 -31.64 -18.93 -29.50
C ILE H 252 -32.64 -18.19 -30.37
N ASP H 253 -32.19 -17.73 -31.55
CA ASP H 253 -33.07 -16.99 -32.44
C ASP H 253 -34.30 -17.78 -32.84
N GLN H 254 -34.17 -19.10 -32.97
CA GLN H 254 -35.31 -19.94 -33.28
C GLN H 254 -36.29 -19.99 -32.11
N MET H 255 -35.77 -20.33 -30.92
CA MET H 255 -36.57 -20.31 -29.70
C MET H 255 -37.38 -19.01 -29.54
N ILE H 256 -36.80 -17.87 -29.95
CA ILE H 256 -37.52 -16.60 -29.86
C ILE H 256 -38.72 -16.59 -30.80
N ILE H 257 -38.61 -17.21 -31.97
CA ILE H 257 -39.78 -17.32 -32.85
C ILE H 257 -40.82 -18.26 -32.24
N ALA H 258 -40.36 -19.32 -31.58
CA ALA H 258 -41.28 -20.24 -30.91
C ALA H 258 -42.14 -19.50 -29.89
N GLY H 259 -41.57 -18.53 -29.19
CA GLY H 259 -42.34 -17.67 -28.30
C GLY H 259 -43.42 -16.90 -29.03
N TYR H 260 -43.01 -16.04 -29.97
CA TYR H 260 -43.90 -15.34 -30.88
C TYR H 260 -45.00 -16.24 -31.43
N GLY H 261 -44.68 -17.51 -31.64
CA GLY H 261 -45.61 -18.48 -32.17
C GLY H 261 -46.66 -18.97 -31.18
N SER H 262 -46.19 -19.64 -30.12
CA SER H 262 -47.09 -20.11 -29.06
C SER H 262 -48.08 -19.04 -28.64
N ILE H 263 -47.61 -17.80 -28.50
CA ILE H 263 -48.45 -16.71 -28.04
C ILE H 263 -49.52 -16.36 -29.07
N PHE H 264 -49.14 -16.29 -30.35
CA PHE H 264 -50.12 -15.94 -31.37
C PHE H 264 -51.09 -17.09 -31.64
N ALA H 265 -50.64 -18.33 -31.48
CA ALA H 265 -51.56 -19.46 -31.58
C ALA H 265 -52.55 -19.46 -30.42
N ALA H 266 -52.07 -19.16 -29.20
CA ALA H 266 -52.95 -18.94 -28.07
C ALA H 266 -54.08 -17.99 -28.42
N ILE H 267 -53.73 -16.79 -28.91
CA ILE H 267 -54.74 -15.79 -29.29
C ILE H 267 -55.80 -16.40 -30.19
N LEU H 268 -55.37 -17.16 -31.20
CA LEU H 268 -56.32 -17.79 -32.11
C LEU H 268 -57.22 -18.78 -31.37
N LEU H 269 -56.61 -19.74 -30.68
CA LEU H 269 -57.35 -20.66 -29.82
C LEU H 269 -58.29 -19.91 -28.88
N ILE H 270 -57.72 -19.05 -28.04
CA ILE H 270 -58.45 -18.21 -27.09
C ILE H 270 -59.67 -17.57 -27.76
N ILE H 271 -59.50 -17.11 -28.99
CA ILE H 271 -60.61 -16.48 -29.71
C ILE H 271 -61.52 -17.52 -30.36
N PHE H 272 -60.94 -18.55 -30.99
CA PHE H 272 -61.75 -19.59 -31.62
C PHE H 272 -62.52 -20.40 -30.59
N ALA H 273 -61.93 -20.61 -29.40
CA ALA H 273 -62.68 -21.20 -28.29
C ALA H 273 -63.97 -20.45 -28.07
N HIS H 274 -63.90 -19.12 -28.13
CA HIS H 274 -65.06 -18.28 -27.82
C HIS H 274 -66.17 -18.47 -28.85
N HIS H 275 -65.80 -18.60 -30.13
CA HIS H 275 -66.74 -18.59 -31.25
C HIS H 275 -66.85 -19.91 -31.99
N ARG H 276 -66.49 -21.01 -31.34
CA ARG H 276 -66.90 -22.34 -31.79
C ARG H 276 -67.87 -22.92 -30.75
N GLN H 277 -69.16 -22.54 -30.85
CA GLN H 277 -70.07 -22.75 -29.73
C GLN H 277 -71.38 -23.34 -30.24
N ALA H 278 -72.18 -23.82 -29.28
CA ALA H 278 -73.54 -24.26 -29.53
C ALA H 278 -74.55 -23.13 -29.48
N ASN H 279 -74.28 -22.07 -28.71
CA ASN H 279 -75.15 -20.91 -28.64
C ASN H 279 -74.46 -19.71 -29.27
N GLY H 280 -74.66 -18.52 -28.71
CA GLY H 280 -73.87 -17.39 -29.16
C GLY H 280 -72.53 -17.31 -28.44
N VAL H 281 -72.54 -17.52 -27.12
CA VAL H 281 -71.35 -17.35 -26.28
C VAL H 281 -71.25 -18.54 -25.33
N GLU H 282 -70.61 -19.62 -25.78
CA GLU H 282 -70.20 -20.71 -24.91
C GLU H 282 -68.76 -21.06 -25.27
N ASP H 283 -67.83 -20.81 -24.34
CA ASP H 283 -66.46 -21.23 -24.57
C ASP H 283 -66.41 -22.75 -24.70
N ASP H 284 -65.73 -23.23 -25.73
CA ASP H 284 -65.79 -24.65 -26.08
C ASP H 284 -65.15 -25.45 -24.94
N LEU H 285 -65.89 -26.45 -24.45
CA LEU H 285 -65.64 -27.01 -23.13
C LEU H 285 -64.23 -27.61 -23.03
N LEU H 286 -63.92 -28.57 -23.90
CA LEU H 286 -62.62 -29.22 -23.84
C LEU H 286 -61.49 -28.30 -24.29
N ILE H 287 -61.76 -27.39 -25.24
CA ILE H 287 -60.67 -26.71 -25.94
C ILE H 287 -59.86 -25.81 -25.01
N GLN H 288 -60.51 -24.93 -24.23
CA GLN H 288 -59.69 -24.10 -23.34
C GLN H 288 -59.05 -24.93 -22.23
N ARG H 289 -59.29 -26.24 -22.23
CA ARG H 289 -58.47 -27.20 -21.51
C ARG H 289 -57.51 -27.89 -22.47
N CYS H 290 -56.86 -27.07 -23.30
CA CYS H 290 -55.54 -27.40 -23.83
C CYS H 290 -54.46 -26.89 -22.90
N ARG H 291 -54.80 -26.87 -21.61
CA ARG H 291 -53.90 -26.37 -20.56
C ARG H 291 -52.63 -27.20 -20.52
N LEU H 292 -52.78 -28.52 -20.44
CA LEU H 292 -51.65 -29.43 -20.57
C LEU H 292 -51.81 -30.21 -21.88
N ALA H 293 -52.00 -29.47 -22.95
CA ALA H 293 -51.94 -29.94 -24.32
C ALA H 293 -51.17 -28.99 -25.23
N PHE H 294 -51.14 -27.69 -24.93
CA PHE H 294 -50.18 -26.80 -25.57
C PHE H 294 -48.75 -27.15 -25.15
N PRO H 295 -48.41 -27.27 -23.86
CA PRO H 295 -47.05 -27.71 -23.50
C PRO H 295 -46.59 -28.96 -24.23
N LEU H 296 -47.47 -29.95 -24.37
CA LEU H 296 -47.11 -31.18 -25.08
C LEU H 296 -46.89 -30.89 -26.56
N GLY H 297 -47.80 -30.14 -27.18
CA GLY H 297 -47.65 -29.81 -28.60
C GLY H 297 -46.39 -29.03 -28.88
N PHE H 298 -46.07 -28.06 -28.01
CA PHE H 298 -44.83 -27.30 -28.17
C PHE H 298 -43.62 -28.21 -28.00
N LEU H 299 -43.61 -29.03 -26.95
CA LEU H 299 -42.50 -29.94 -26.70
C LEU H 299 -42.37 -31.00 -27.78
N ALA H 300 -43.50 -31.40 -28.39
CA ALA H 300 -43.42 -32.34 -29.51
C ALA H 300 -42.76 -31.70 -30.72
N ILE H 301 -43.12 -30.44 -31.02
CA ILE H 301 -42.51 -29.73 -32.12
C ILE H 301 -41.09 -29.31 -31.76
N GLY H 302 -40.76 -29.29 -30.48
CA GLY H 302 -39.41 -28.98 -30.02
C GLY H 302 -38.51 -30.19 -29.93
N CYS H 303 -38.99 -31.34 -30.42
CA CYS H 303 -38.16 -32.54 -30.59
C CYS H 303 -37.93 -32.85 -32.05
N VAL H 304 -38.53 -32.08 -32.97
CA VAL H 304 -38.21 -32.15 -34.38
C VAL H 304 -37.33 -30.98 -34.84
N LEU H 305 -37.20 -29.92 -34.02
CA LEU H 305 -36.18 -28.92 -34.26
C LEU H 305 -34.78 -29.51 -34.11
N VAL H 306 -34.65 -30.60 -33.36
CA VAL H 306 -33.35 -31.20 -33.10
C VAL H 306 -32.93 -32.09 -34.26
N ILE H 307 -33.87 -32.86 -34.81
CA ILE H 307 -33.57 -33.70 -35.97
C ILE H 307 -34.52 -33.36 -37.12
N PRO I 1 28.26 -11.33 -19.02
CA PRO I 1 26.81 -11.59 -18.98
C PRO I 1 26.06 -10.39 -18.42
N VAL I 2 25.61 -9.50 -19.32
CA VAL I 2 25.33 -8.11 -18.98
C VAL I 2 24.33 -8.01 -17.84
N ASP I 3 24.63 -7.15 -16.86
CA ASP I 3 23.70 -6.80 -15.80
C ASP I 3 22.88 -5.59 -16.25
N VAL I 4 21.57 -5.69 -16.17
CA VAL I 4 20.66 -4.63 -16.58
C VAL I 4 19.76 -4.25 -15.41
N SER I 5 19.82 -2.99 -15.00
CA SER I 5 18.90 -2.46 -14.01
C SER I 5 17.69 -1.87 -14.72
N VAL I 6 16.51 -2.11 -14.16
CA VAL I 6 15.26 -1.68 -14.78
C VAL I 6 14.43 -0.92 -13.75
N SER I 7 13.79 0.15 -14.19
CA SER I 7 12.84 0.91 -13.39
C SER I 7 11.61 1.17 -14.24
N ILE I 8 10.43 1.01 -13.64
CA ILE I 8 9.16 1.15 -14.35
C ILE I 8 8.30 2.12 -13.58
N PHE I 9 8.07 3.30 -14.16
CA PHE I 9 7.17 4.29 -13.58
C PHE I 9 5.79 4.06 -14.18
N ILE I 10 4.79 3.80 -13.32
CA ILE I 10 3.43 3.54 -13.78
C ILE I 10 2.59 4.79 -13.54
N ASN I 11 2.05 5.34 -14.62
CA ASN I 11 1.36 6.62 -14.59
C ASN I 11 -0.15 6.47 -14.48
N LYS I 12 -0.73 5.44 -15.10
CA LYS I 12 -2.18 5.29 -15.16
C LYS I 12 -2.55 3.91 -15.68
N ILE I 13 -3.49 3.25 -15.01
CA ILE I 13 -4.06 1.99 -15.47
C ILE I 13 -5.55 2.25 -15.67
N TYR I 14 -6.04 2.02 -16.89
CA TYR I 14 -7.39 2.40 -17.22
C TYR I 14 -7.93 1.46 -18.30
N GLY I 15 -9.23 1.59 -18.54
CA GLY I 15 -9.90 0.87 -19.60
C GLY I 15 -9.73 -0.64 -19.54
N VAL I 16 -10.31 -1.27 -18.52
CA VAL I 16 -10.34 -2.72 -18.48
C VAL I 16 -11.25 -3.21 -19.60
N ASN I 17 -10.90 -4.35 -20.20
CA ASN I 17 -11.71 -4.97 -21.23
C ASN I 17 -12.05 -6.37 -20.72
N THR I 18 -13.19 -6.45 -20.04
CA THR I 18 -13.61 -7.70 -19.38
C THR I 18 -13.62 -8.88 -20.35
N LEU I 19 -14.09 -8.68 -21.57
CA LEU I 19 -14.19 -9.81 -22.50
C LEU I 19 -12.81 -10.26 -22.96
N GLU I 20 -11.97 -9.32 -23.39
CA GLU I 20 -10.65 -9.66 -23.89
C GLU I 20 -9.65 -9.95 -22.78
N GLN I 21 -10.01 -9.66 -21.52
CA GLN I 21 -9.11 -9.79 -20.38
C GLN I 21 -7.86 -8.97 -20.65
N THR I 22 -7.99 -7.65 -20.51
CA THR I 22 -7.08 -6.68 -21.09
C THR I 22 -7.22 -5.36 -20.34
N TYR I 23 -6.10 -4.67 -20.17
CA TYR I 23 -6.09 -3.37 -19.52
C TYR I 23 -5.01 -2.52 -20.17
N LYS I 24 -5.14 -1.21 -19.99
CA LYS I 24 -4.21 -0.25 -20.59
C LYS I 24 -3.32 0.34 -19.50
N VAL I 25 -2.03 0.46 -19.80
CA VAL I 25 -1.05 0.97 -18.85
C VAL I 25 -0.17 1.99 -19.59
N ASP I 26 -0.11 3.20 -19.06
CA ASP I 26 0.77 4.25 -19.56
C ASP I 26 1.85 4.52 -18.52
N GLY I 27 3.09 4.59 -18.97
CA GLY I 27 4.19 4.85 -18.05
C GLY I 27 5.51 4.88 -18.77
N TYR I 28 6.57 5.05 -18.00
CA TYR I 28 7.93 5.08 -18.52
C TYR I 28 8.67 3.82 -18.11
N ILE I 29 9.66 3.45 -18.93
CA ILE I 29 10.56 2.35 -18.63
C ILE I 29 11.99 2.89 -18.72
N VAL I 30 12.85 2.43 -17.82
CA VAL I 30 14.24 2.88 -17.78
C VAL I 30 15.13 1.66 -17.62
N ALA I 31 16.12 1.53 -18.51
CA ALA I 31 17.10 0.47 -18.45
C ALA I 31 18.48 1.08 -18.28
N GLN I 32 19.29 0.49 -17.42
CA GLN I 32 20.64 0.96 -17.17
C GLN I 32 21.60 -0.21 -17.18
N TRP I 33 22.71 -0.05 -17.92
CA TRP I 33 23.68 -1.12 -18.11
C TRP I 33 25.01 -0.48 -18.49
N THR I 34 26.08 -0.99 -17.91
CA THR I 34 27.39 -0.37 -18.03
C THR I 34 28.18 -1.03 -19.15
N GLY I 35 28.61 -0.21 -20.12
CA GLY I 35 29.34 -0.67 -21.27
C GLY I 35 30.76 -0.16 -21.31
N LYS I 36 31.42 -0.39 -22.43
CA LYS I 36 32.77 0.08 -22.61
C LYS I 36 32.80 1.61 -22.53
N PRO I 37 33.61 2.19 -21.65
CA PRO I 37 33.68 3.66 -21.53
C PRO I 37 33.91 4.35 -22.87
N ARG I 38 33.52 5.63 -22.94
CA ARG I 38 33.61 6.37 -24.19
C ARG I 38 33.87 7.83 -23.86
N LYS I 39 34.31 8.57 -24.88
CA LYS I 39 34.52 10.00 -24.75
C LYS I 39 33.25 10.73 -25.14
N THR I 40 32.74 11.53 -24.22
CA THR I 40 31.58 12.36 -24.47
C THR I 40 32.00 13.81 -24.64
N PRO I 41 31.24 14.62 -25.37
CA PRO I 41 31.54 16.06 -25.40
C PRO I 41 31.54 16.64 -24.00
N GLY I 42 32.50 17.53 -23.73
CA GLY I 42 32.81 17.82 -22.35
C GLY I 42 33.27 16.56 -21.66
N ASP I 43 32.91 16.44 -20.38
CA ASP I 43 32.82 15.15 -19.74
C ASP I 43 31.41 14.86 -19.25
N LYS I 44 30.49 15.79 -19.50
CA LYS I 44 29.08 15.59 -19.20
C LYS I 44 28.53 14.39 -19.98
N PRO I 45 27.64 13.61 -19.38
CA PRO I 45 26.99 12.53 -20.14
C PRO I 45 26.23 13.06 -21.35
N LEU I 46 26.12 12.22 -22.37
CA LEU I 46 25.52 12.60 -23.63
C LEU I 46 24.06 12.15 -23.68
N ILE I 47 23.20 13.00 -24.24
CA ILE I 47 21.79 12.72 -24.39
C ILE I 47 21.47 12.50 -25.87
N VAL I 48 20.73 11.44 -26.16
CA VAL I 48 20.36 11.09 -27.54
C VAL I 48 18.85 10.90 -27.56
N GLU I 49 18.14 11.82 -28.21
CA GLU I 49 16.68 11.84 -28.18
C GLU I 49 16.07 11.26 -29.44
N ASN I 50 15.10 10.36 -29.27
CA ASN I 50 14.21 9.82 -30.30
C ASN I 50 15.01 9.40 -31.54
N THR I 51 14.67 9.91 -32.73
CA THR I 51 15.26 9.55 -34.01
C THR I 51 16.77 9.37 -33.96
N GLN I 52 17.44 10.25 -33.22
CA GLN I 52 18.90 10.19 -33.13
C GLN I 52 19.39 8.87 -32.55
N ILE I 53 18.58 8.21 -31.71
CA ILE I 53 19.00 6.95 -31.12
C ILE I 53 19.24 5.90 -32.19
N GLU I 54 18.28 5.72 -33.09
CA GLU I 54 18.40 4.72 -34.14
C GLU I 54 19.67 4.93 -34.97
N ARG I 55 20.08 6.19 -35.14
CA ARG I 55 21.33 6.47 -35.85
C ARG I 55 22.52 5.97 -35.06
N TRP I 56 22.49 6.09 -33.73
CA TRP I 56 23.61 5.62 -32.92
C TRP I 56 23.77 4.10 -32.97
N ILE I 57 22.69 3.38 -33.28
CA ILE I 57 22.77 1.93 -33.35
C ILE I 57 23.43 1.50 -34.65
N ASN I 58 23.12 2.18 -35.75
CA ASN I 58 23.79 1.95 -37.03
C ASN I 58 25.31 2.03 -36.94
N ASN I 59 25.85 2.62 -35.87
CA ASN I 59 27.29 2.69 -35.66
C ASN I 59 27.76 1.69 -34.60
N GLY I 60 26.95 0.69 -34.30
CA GLY I 60 27.33 -0.37 -33.40
C GLY I 60 27.00 -0.17 -31.95
N LEU I 61 26.21 0.85 -31.61
CA LEU I 61 25.71 0.94 -30.24
C LEU I 61 24.67 -0.16 -30.05
N TRP I 62 24.93 -1.05 -29.11
CA TRP I 62 24.00 -2.12 -28.82
C TRP I 62 22.97 -1.58 -27.83
N VAL I 63 21.70 -1.74 -28.18
CA VAL I 63 20.62 -1.39 -27.28
C VAL I 63 19.61 -2.54 -27.33
N PRO I 64 19.48 -3.32 -26.27
CA PRO I 64 18.67 -4.54 -26.36
C PRO I 64 17.20 -4.23 -26.52
N ALA I 65 16.56 -4.98 -27.42
CA ALA I 65 15.11 -4.90 -27.51
C ALA I 65 14.52 -5.64 -26.32
N LEU I 66 13.86 -4.89 -25.44
CA LEU I 66 13.17 -5.45 -24.30
C LEU I 66 11.69 -5.55 -24.65
N GLU I 67 11.16 -6.76 -24.65
CA GLU I 67 9.78 -7.00 -25.05
C GLU I 67 8.88 -7.10 -23.83
N PHE I 68 7.65 -6.61 -24.00
CA PHE I 68 6.57 -6.79 -23.02
C PHE I 68 5.87 -8.10 -23.38
N ILE I 69 6.23 -9.17 -22.67
CA ILE I 69 5.71 -10.51 -23.00
C ILE I 69 4.19 -10.50 -23.08
N ASN I 70 3.52 -9.76 -22.20
CA ASN I 70 2.07 -9.84 -22.07
C ASN I 70 1.36 -8.62 -22.63
N VAL I 71 1.99 -7.87 -23.54
CA VAL I 71 1.31 -6.77 -24.21
C VAL I 71 0.62 -7.32 -25.45
N VAL I 72 -0.60 -6.85 -25.70
CA VAL I 72 -1.38 -7.28 -26.84
C VAL I 72 -1.11 -6.29 -27.97
N GLY I 73 -0.17 -6.64 -28.85
CA GLY I 73 0.20 -5.75 -29.93
C GLY I 73 1.26 -4.74 -29.53
N SER I 74 2.17 -4.43 -30.44
CA SER I 74 3.27 -3.54 -30.14
C SER I 74 2.76 -2.22 -29.56
N PRO I 75 3.33 -1.76 -28.45
CA PRO I 75 2.78 -0.59 -27.77
C PRO I 75 3.20 0.73 -28.40
N ASP I 76 2.47 1.78 -28.03
CA ASP I 76 2.72 3.14 -28.51
C ASP I 76 3.88 3.74 -27.73
N THR I 77 5.02 3.94 -28.40
CA THR I 77 6.20 4.53 -27.80
C THR I 77 6.21 6.03 -28.11
N GLY I 78 6.22 6.85 -27.07
CA GLY I 78 6.12 8.30 -27.25
C GLY I 78 7.44 8.99 -27.45
N ASN I 79 8.30 8.97 -26.43
CA ASN I 79 9.61 9.60 -26.48
C ASN I 79 10.62 8.62 -25.91
N LYS I 80 11.82 8.63 -26.46
CA LYS I 80 12.90 7.80 -25.97
C LYS I 80 14.20 8.56 -26.02
N ARG I 81 15.04 8.35 -25.02
CA ARG I 81 16.33 9.00 -24.92
C ARG I 81 17.37 7.99 -24.49
N LEU I 82 18.60 8.20 -24.94
CA LEU I 82 19.75 7.52 -24.37
C LEU I 82 20.54 8.53 -23.53
N MET I 83 21.08 8.06 -22.42
CA MET I 83 22.02 8.84 -21.62
C MET I 83 23.31 8.06 -21.61
N LEU I 84 24.25 8.47 -22.45
CA LEU I 84 25.52 7.78 -22.59
C LEU I 84 26.51 8.36 -21.60
N PHE I 85 27.07 7.49 -20.79
CA PHE I 85 27.93 8.11 -19.81
C PHE I 85 29.39 7.93 -20.18
N PRO I 86 30.27 8.86 -19.76
CA PRO I 86 31.69 8.71 -20.11
C PRO I 86 32.32 7.48 -19.48
N ASP I 87 31.85 7.09 -18.30
CA ASP I 87 32.36 5.90 -17.62
C ASP I 87 31.74 4.61 -18.16
N GLY I 88 31.04 4.68 -19.30
CA GLY I 88 30.54 3.48 -19.93
C GLY I 88 29.04 3.29 -19.80
N ARG I 89 28.53 3.39 -18.58
CA ARG I 89 27.13 3.05 -18.33
C ARG I 89 26.20 3.84 -19.25
N VAL I 90 25.05 3.23 -19.54
CA VAL I 90 24.11 3.75 -20.52
C VAL I 90 22.71 3.61 -19.94
N ILE I 91 21.89 4.63 -20.14
CA ILE I 91 20.53 4.65 -19.64
C ILE I 91 19.59 4.78 -20.83
N TYR I 92 18.71 3.79 -21.00
CA TYR I 92 17.64 3.87 -21.97
C TYR I 92 16.38 4.28 -21.22
N ASN I 93 15.74 5.34 -21.69
CA ASN I 93 14.57 5.89 -21.02
C ASN I 93 13.52 6.18 -22.09
N ALA I 94 12.33 5.62 -21.92
CA ALA I 94 11.28 5.79 -22.91
C ALA I 94 9.91 5.68 -22.25
N ARG I 95 8.96 6.45 -22.76
CA ARG I 95 7.57 6.35 -22.33
C ARG I 95 6.80 5.42 -23.25
N PHE I 96 5.88 4.65 -22.66
CA PHE I 96 5.09 3.69 -23.42
C PHE I 96 3.62 3.81 -23.02
N LEU I 97 2.76 3.33 -23.91
CA LEU I 97 1.35 3.10 -23.62
C LEU I 97 0.96 1.83 -24.36
N GLY I 98 0.47 0.84 -23.62
CA GLY I 98 0.19 -0.45 -24.22
C GLY I 98 -0.98 -1.14 -23.56
N SER I 99 -1.66 -1.98 -24.33
CA SER I 99 -2.75 -2.81 -23.83
C SER I 99 -2.17 -4.16 -23.41
N PHE I 100 -2.20 -4.44 -22.12
CA PHE I 100 -1.59 -5.63 -21.57
C PHE I 100 -2.66 -6.68 -21.23
N SER I 101 -2.25 -7.95 -21.29
CA SER I 101 -3.15 -9.07 -21.09
C SER I 101 -2.83 -9.78 -19.78
N ASN I 102 -3.87 -10.24 -19.09
CA ASN I 102 -3.71 -11.10 -17.93
C ASN I 102 -5.01 -11.85 -17.69
N ASP I 103 -4.89 -12.97 -16.97
CA ASP I 103 -6.06 -13.76 -16.61
C ASP I 103 -6.90 -12.99 -15.59
N MET I 104 -8.21 -12.92 -15.82
CA MET I 104 -9.09 -12.13 -14.97
C MET I 104 -10.40 -12.88 -14.76
N ASP I 105 -10.69 -13.23 -13.52
CA ASP I 105 -11.93 -13.90 -13.15
C ASP I 105 -12.92 -12.82 -12.73
N PHE I 106 -13.97 -12.63 -13.53
CA PHE I 106 -14.95 -11.58 -13.28
C PHE I 106 -16.25 -12.14 -12.73
N ARG I 107 -16.22 -13.37 -12.23
CA ARG I 107 -17.43 -14.08 -11.82
C ARG I 107 -18.02 -13.52 -10.54
N LEU I 108 -17.32 -12.64 -9.82
CA LEU I 108 -17.85 -12.23 -8.53
C LEU I 108 -18.65 -10.93 -8.38
N PHE I 109 -19.24 -10.38 -9.44
CA PHE I 109 -18.61 -9.47 -10.39
C PHE I 109 -18.35 -8.19 -9.60
N PRO I 110 -19.41 -7.51 -9.14
CA PRO I 110 -19.22 -6.16 -8.58
C PRO I 110 -18.27 -6.17 -7.38
N PHE I 111 -17.86 -7.35 -6.93
CA PHE I 111 -16.96 -7.51 -5.81
C PHE I 111 -15.75 -8.28 -6.31
N ASP I 112 -15.01 -7.67 -7.23
CA ASP I 112 -13.86 -8.28 -7.87
C ASP I 112 -12.60 -8.12 -7.05
N ARG I 113 -11.68 -9.07 -7.22
CA ARG I 113 -10.27 -8.89 -6.89
C ARG I 113 -9.47 -9.28 -8.12
N GLN I 114 -8.71 -8.34 -8.67
CA GLN I 114 -7.91 -8.55 -9.88
C GLN I 114 -6.46 -8.19 -9.63
N GLN I 115 -5.62 -8.60 -10.57
CA GLN I 115 -4.17 -8.48 -10.46
C GLN I 115 -3.62 -8.04 -11.81
N PHE I 116 -3.33 -6.75 -11.93
CA PHE I 116 -2.81 -6.17 -13.15
C PHE I 116 -1.30 -6.33 -13.21
N VAL I 117 -0.78 -6.80 -14.35
CA VAL I 117 0.55 -7.39 -14.43
C VAL I 117 1.28 -6.88 -15.66
N LEU I 118 2.59 -6.63 -15.49
CA LEU I 118 3.52 -6.37 -16.58
C LEU I 118 4.58 -7.46 -16.58
N GLU I 119 4.92 -7.97 -17.77
CA GLU I 119 6.02 -8.93 -17.93
C GLU I 119 7.02 -8.40 -18.96
N LEU I 120 8.22 -8.07 -18.49
CA LEU I 120 9.30 -7.59 -19.33
C LEU I 120 10.35 -8.69 -19.46
N GLU I 121 10.93 -8.83 -20.65
CA GLU I 121 11.95 -9.85 -20.89
C GLU I 121 12.68 -9.54 -22.20
N PRO I 122 14.00 -9.67 -22.23
CA PRO I 122 14.75 -9.35 -23.45
C PRO I 122 14.32 -10.26 -24.60
N PHE I 123 14.31 -9.68 -25.81
CA PHE I 123 13.73 -10.38 -26.95
C PHE I 123 14.70 -11.39 -27.57
N SER I 124 16.00 -11.26 -27.34
CA SER I 124 16.95 -12.16 -27.98
C SER I 124 18.20 -12.34 -27.13
N TYR I 125 18.06 -12.35 -25.81
CA TYR I 125 19.24 -12.41 -24.95
C TYR I 125 18.95 -13.16 -23.66
N ASN I 126 19.84 -14.11 -23.34
CA ASN I 126 19.70 -14.98 -22.18
C ASN I 126 20.84 -14.81 -21.19
N ASN I 127 22.05 -14.50 -21.66
CA ASN I 127 23.07 -13.96 -20.79
C ASN I 127 23.24 -12.48 -21.09
N GLN I 128 22.12 -11.79 -21.05
CA GLN I 128 22.01 -10.41 -20.60
C GLN I 128 20.89 -10.46 -19.58
N GLN I 129 21.18 -10.03 -18.35
CA GLN I 129 20.41 -10.46 -17.20
C GLN I 129 19.89 -9.25 -16.44
N LEU I 130 18.62 -9.31 -16.05
CA LEU I 130 17.97 -8.17 -15.40
C LEU I 130 18.46 -8.12 -13.95
N ARG I 131 19.29 -7.12 -13.67
CA ARG I 131 19.98 -7.02 -12.39
C ARG I 131 18.98 -6.89 -11.24
N PHE I 132 18.20 -5.82 -11.22
CA PHE I 132 17.18 -5.61 -10.22
C PHE I 132 16.07 -4.77 -10.84
N SER I 133 14.85 -4.98 -10.35
CA SER I 133 13.68 -4.28 -10.86
C SER I 133 13.08 -3.38 -9.79
N ASP I 134 12.67 -2.18 -10.19
CA ASP I 134 12.06 -1.20 -9.31
C ASP I 134 10.84 -0.61 -10.00
N ILE I 135 9.70 -0.58 -9.31
CA ILE I 135 8.45 -0.06 -9.84
C ILE I 135 8.00 1.10 -8.96
N GLN I 136 7.72 2.23 -9.59
CA GLN I 136 7.35 3.46 -8.88
C GLN I 136 5.90 3.79 -9.18
N VAL I 137 5.02 3.53 -8.20
CA VAL I 137 3.61 3.90 -8.25
C VAL I 137 3.39 5.01 -7.22
N TYR I 138 2.58 6.02 -7.59
CA TYR I 138 2.37 7.19 -6.73
C TYR I 138 0.87 7.44 -6.53
N THR I 139 0.19 6.57 -5.78
CA THR I 139 -1.22 6.76 -5.48
C THR I 139 -1.46 6.43 -4.01
N GLU I 140 -2.74 6.20 -3.67
CA GLU I 140 -3.19 6.08 -2.29
C GLU I 140 -4.59 5.48 -2.24
N ASN I 141 -4.81 4.59 -1.26
CA ASN I 141 -5.94 3.66 -1.18
C ASN I 141 -6.05 3.08 0.23
N ILE I 142 -7.25 2.76 0.75
CA ILE I 142 -8.56 3.25 0.31
C ILE I 142 -8.61 4.76 0.38
N ASP I 143 -9.00 5.38 -0.73
CA ASP I 143 -8.94 6.83 -0.89
C ASP I 143 -9.75 7.25 -2.11
N ASN I 144 -9.12 8.01 -3.00
CA ASN I 144 -9.81 8.58 -4.15
C ASN I 144 -10.56 7.54 -4.99
N GLU I 145 -10.39 6.25 -4.72
CA GLU I 145 -11.05 5.23 -5.51
C GLU I 145 -12.54 5.10 -5.21
N GLU I 146 -13.14 6.14 -4.63
CA GLU I 146 -14.58 6.35 -4.82
C GLU I 146 -14.80 7.12 -6.11
N ILE I 147 -13.94 8.10 -6.38
CA ILE I 147 -13.85 8.74 -7.69
C ILE I 147 -13.22 7.79 -8.71
N ASP I 148 -12.31 6.93 -8.28
CA ASP I 148 -11.66 5.97 -9.16
C ASP I 148 -12.35 4.62 -9.06
N GLU I 149 -12.23 3.83 -10.13
CA GLU I 149 -12.99 2.59 -10.22
C GLU I 149 -12.45 1.51 -9.30
N TRP I 150 -11.15 1.50 -9.02
CA TRP I 150 -10.49 0.37 -8.41
C TRP I 150 -9.76 0.73 -7.12
N TRP I 151 -9.72 -0.24 -6.19
CA TRP I 151 -9.03 -0.15 -4.91
C TRP I 151 -7.79 -1.04 -4.97
N ILE I 152 -6.61 -0.43 -5.08
CA ILE I 152 -5.39 -1.21 -5.00
C ILE I 152 -5.19 -1.64 -3.54
N ARG I 153 -4.86 -2.92 -3.36
CA ARG I 153 -4.57 -3.43 -2.02
C ARG I 153 -3.06 -3.45 -1.79
N GLY I 154 -2.35 -4.26 -2.58
CA GLY I 154 -0.92 -4.37 -2.45
C GLY I 154 -0.20 -3.28 -3.23
N LYS I 155 1.10 -3.15 -2.96
CA LYS I 155 1.88 -2.03 -3.48
C LYS I 155 2.75 -2.39 -4.68
N ALA I 156 3.34 -3.58 -4.70
CA ALA I 156 4.51 -3.76 -5.55
C ALA I 156 4.56 -5.13 -6.17
N SER I 157 5.11 -6.11 -5.45
CA SER I 157 5.40 -7.45 -5.94
C SER I 157 6.26 -7.43 -7.19
N THR I 158 7.45 -8.01 -7.10
CA THR I 158 8.40 -8.15 -8.17
C THR I 158 8.78 -9.62 -8.29
N HIS I 159 9.51 -9.96 -9.35
CA HIS I 159 10.07 -11.30 -9.41
C HIS I 159 11.51 -11.28 -9.92
N ILE I 160 11.70 -11.30 -11.24
CA ILE I 160 12.99 -11.48 -11.89
C ILE I 160 13.35 -12.96 -11.74
N SER I 161 12.75 -13.79 -12.58
CA SER I 161 12.98 -15.22 -12.58
C SER I 161 13.67 -15.61 -13.88
N ASP I 162 13.86 -16.91 -14.07
CA ASP I 162 14.49 -17.44 -15.27
C ASP I 162 13.50 -18.37 -15.96
N ILE I 163 13.27 -18.15 -17.25
CA ILE I 163 12.28 -18.87 -18.04
C ILE I 163 12.99 -19.92 -18.89
N ARG I 164 12.39 -21.10 -19.01
CA ARG I 164 13.08 -22.25 -19.58
C ARG I 164 13.05 -22.26 -21.10
N TYR I 165 11.86 -22.26 -21.70
CA TYR I 165 11.69 -22.40 -23.16
C TYR I 165 12.39 -23.66 -23.68
N ASP I 166 11.82 -24.82 -23.37
CA ASP I 166 12.45 -26.09 -23.73
C ASP I 166 12.25 -26.47 -25.20
N HIS I 167 11.67 -25.62 -26.04
CA HIS I 167 11.37 -25.99 -27.41
C HIS I 167 12.44 -25.48 -28.36
N LEU I 168 13.04 -26.41 -29.11
CA LEU I 168 14.24 -26.18 -29.91
C LEU I 168 15.29 -25.44 -29.10
N SER I 169 15.69 -26.06 -28.00
CA SER I 169 16.86 -25.66 -27.23
C SER I 169 18.12 -26.30 -27.77
N SER I 170 18.00 -27.15 -28.79
CA SER I 170 19.14 -27.62 -29.56
C SER I 170 19.53 -26.64 -30.65
N VAL I 171 18.66 -25.67 -30.95
CA VAL I 171 19.07 -24.51 -31.75
C VAL I 171 20.31 -23.86 -31.15
N GLN I 172 20.39 -23.84 -29.81
CA GLN I 172 21.59 -23.42 -29.10
C GLN I 172 21.74 -24.31 -27.88
N PRO I 173 22.60 -25.33 -27.94
CA PRO I 173 22.72 -26.25 -26.81
C PRO I 173 23.21 -25.56 -25.53
N ASN I 174 22.60 -25.94 -24.41
CA ASN I 174 22.96 -25.60 -23.03
C ASN I 174 22.53 -24.21 -22.56
N GLN I 175 21.89 -23.39 -23.40
CA GLN I 175 21.65 -22.00 -23.02
C GLN I 175 20.36 -21.50 -23.67
N ASN I 176 19.26 -21.55 -22.92
CA ASN I 176 17.99 -20.99 -23.39
C ASN I 176 17.16 -20.38 -22.27
N GLU I 177 17.81 -19.97 -21.18
CA GLU I 177 17.10 -19.41 -20.03
C GLU I 177 17.14 -17.89 -20.08
N PHE I 178 15.96 -17.28 -20.23
CA PHE I 178 15.80 -15.84 -20.36
C PHE I 178 15.40 -15.21 -19.03
N SER I 179 15.85 -13.97 -18.83
CA SER I 179 15.62 -13.24 -17.59
C SER I 179 14.32 -12.44 -17.70
N ARG I 180 13.32 -12.75 -16.88
CA ARG I 180 12.01 -12.13 -16.97
C ARG I 180 11.65 -11.40 -15.68
N ILE I 181 11.60 -10.07 -15.76
CA ILE I 181 10.99 -9.27 -14.70
C ILE I 181 9.48 -9.43 -14.76
N THR I 182 8.86 -9.72 -13.61
CA THR I 182 7.41 -9.80 -13.49
C THR I 182 6.94 -8.83 -12.42
N VAL I 183 6.03 -7.93 -12.81
CA VAL I 183 5.46 -6.92 -11.92
C VAL I 183 3.96 -7.17 -11.84
N ARG I 184 3.41 -7.15 -10.62
CA ARG I 184 1.98 -7.42 -10.44
C ARG I 184 1.41 -6.55 -9.33
N ILE I 185 0.31 -5.87 -9.65
CA ILE I 185 -0.39 -4.98 -8.72
C ILE I 185 -1.76 -5.56 -8.46
N ASP I 186 -2.14 -5.63 -7.18
CA ASP I 186 -3.41 -6.18 -6.76
C ASP I 186 -4.42 -5.04 -6.59
N ALA I 187 -5.66 -5.29 -7.00
CA ALA I 187 -6.68 -4.26 -6.97
C ALA I 187 -8.04 -4.87 -6.69
N VAL I 188 -8.93 -4.05 -6.16
CA VAL I 188 -10.30 -4.44 -5.82
C VAL I 188 -11.24 -3.50 -6.54
N ARG I 189 -12.36 -4.04 -7.03
CA ARG I 189 -13.36 -3.19 -7.66
C ARG I 189 -14.16 -2.48 -6.57
N ASN I 190 -14.59 -1.26 -6.88
CA ASN I 190 -15.32 -0.41 -5.93
C ASN I 190 -16.80 -0.74 -6.03
N PRO I 191 -17.34 -1.57 -5.13
CA PRO I 191 -18.67 -2.15 -5.35
C PRO I 191 -19.80 -1.21 -4.99
N SER I 192 -19.49 0.06 -4.73
CA SER I 192 -20.50 1.05 -4.36
C SER I 192 -21.49 1.24 -5.51
N TYR I 193 -21.00 1.79 -6.62
CA TYR I 193 -21.85 2.09 -7.77
C TYR I 193 -22.77 0.93 -8.14
N TYR I 194 -22.24 -0.29 -8.21
CA TYR I 194 -23.05 -1.41 -8.67
C TYR I 194 -24.06 -1.84 -7.61
N LEU I 195 -23.75 -1.67 -6.34
CA LEU I 195 -24.75 -1.94 -5.30
C LEU I 195 -25.82 -0.84 -5.28
N TRP I 196 -25.38 0.40 -5.06
CA TRP I 196 -26.30 1.53 -4.91
C TRP I 196 -27.20 1.73 -6.13
N SER I 197 -26.82 1.22 -7.30
CA SER I 197 -27.55 1.50 -8.52
C SER I 197 -27.99 0.28 -9.33
N PHE I 198 -27.55 -0.92 -9.00
CA PHE I 198 -28.00 -2.11 -9.71
C PHE I 198 -28.56 -3.15 -8.75
N ILE I 199 -27.72 -3.60 -7.80
CA ILE I 199 -28.13 -4.61 -6.83
C ILE I 199 -29.43 -4.20 -6.14
N LEU I 200 -29.42 -3.02 -5.51
CA LEU I 200 -30.58 -2.55 -4.75
C LEU I 200 -31.87 -2.49 -5.57
N PRO I 201 -31.97 -1.69 -6.66
CA PRO I 201 -33.22 -1.66 -7.44
C PRO I 201 -33.79 -3.04 -7.75
N LEU I 202 -32.91 -3.98 -8.10
CA LEU I 202 -33.36 -5.33 -8.42
C LEU I 202 -34.05 -5.97 -7.21
N GLY I 203 -33.44 -5.83 -6.04
CA GLY I 203 -34.05 -6.35 -4.82
C GLY I 203 -35.45 -5.79 -4.58
N LEU I 204 -35.58 -4.47 -4.66
CA LEU I 204 -36.89 -3.84 -4.50
C LEU I 204 -37.90 -4.43 -5.49
N ILE I 205 -37.48 -4.59 -6.74
CA ILE I 205 -38.33 -5.24 -7.74
C ILE I 205 -38.70 -6.65 -7.30
N ILE I 206 -37.71 -7.47 -6.95
CA ILE I 206 -37.98 -8.83 -6.50
C ILE I 206 -38.84 -8.83 -5.26
N ALA I 207 -38.56 -7.93 -4.30
CA ALA I 207 -39.40 -7.82 -3.12
C ALA I 207 -40.84 -7.50 -3.51
N ALA I 208 -41.04 -6.39 -4.21
CA ALA I 208 -42.37 -6.02 -4.69
C ALA I 208 -43.02 -7.13 -5.50
N SER I 209 -42.23 -7.98 -6.16
CA SER I 209 -42.78 -9.17 -6.80
C SER I 209 -43.58 -10.02 -5.83
N TRP I 210 -43.07 -10.21 -4.60
CA TRP I 210 -43.75 -11.05 -3.62
C TRP I 210 -45.09 -10.45 -3.19
N SER I 211 -45.22 -9.12 -3.24
CA SER I 211 -46.45 -8.45 -2.85
C SER I 211 -47.63 -8.88 -3.73
N VAL I 212 -47.36 -9.74 -4.70
CA VAL I 212 -48.42 -10.32 -5.53
C VAL I 212 -49.37 -11.17 -4.70
N PHE I 213 -48.88 -11.76 -3.60
CA PHE I 213 -49.72 -12.63 -2.79
C PHE I 213 -50.75 -11.88 -1.97
N TRP I 214 -50.64 -10.55 -1.86
CA TRP I 214 -51.59 -9.77 -1.11
C TRP I 214 -52.69 -9.19 -2.00
N LEU I 215 -52.77 -9.65 -3.25
CA LEU I 215 -53.91 -9.35 -4.12
C LEU I 215 -55.06 -10.27 -3.78
N GLU I 216 -56.28 -9.73 -3.79
CA GLU I 216 -57.43 -10.45 -3.27
C GLU I 216 -57.84 -11.59 -4.21
N SER I 217 -58.10 -11.28 -5.47
CA SER I 217 -58.61 -12.26 -6.42
C SER I 217 -57.53 -13.29 -6.78
N PHE I 218 -57.84 -14.15 -7.75
CA PHE I 218 -56.89 -15.01 -8.43
C PHE I 218 -56.51 -14.44 -9.80
N SER I 219 -57.51 -14.00 -10.57
CA SER I 219 -57.25 -13.28 -11.81
C SER I 219 -56.30 -12.11 -11.58
N GLU I 220 -56.49 -11.37 -10.48
CA GLU I 220 -55.57 -10.31 -10.11
C GLU I 220 -54.15 -10.85 -9.96
N ARG I 221 -53.99 -11.93 -9.19
CA ARG I 221 -52.66 -12.50 -8.96
C ARG I 221 -52.00 -12.96 -10.25
N LEU I 222 -52.68 -13.82 -11.02
CA LEU I 222 -52.05 -14.42 -12.19
C LEU I 222 -51.73 -13.38 -13.26
N GLN I 223 -52.65 -12.44 -13.50
CA GLN I 223 -52.41 -11.41 -14.50
C GLN I 223 -51.24 -10.51 -14.10
N THR I 224 -51.27 -10.00 -12.87
CA THR I 224 -50.19 -9.17 -12.36
C THR I 224 -48.83 -9.84 -12.47
N SER I 225 -48.79 -11.17 -12.29
CA SER I 225 -47.56 -11.93 -12.49
C SER I 225 -46.87 -11.56 -13.82
N PHE I 226 -47.65 -11.55 -14.90
CA PHE I 226 -47.11 -11.27 -16.23
C PHE I 226 -46.52 -9.87 -16.33
N THR I 227 -47.06 -8.91 -15.58
CA THR I 227 -46.45 -7.59 -15.55
C THR I 227 -45.12 -7.62 -14.79
N LEU I 228 -45.08 -8.35 -13.67
CA LEU I 228 -43.81 -8.61 -12.98
C LEU I 228 -42.80 -9.27 -13.92
N MET I 229 -43.24 -10.29 -14.65
CA MET I 229 -42.41 -10.94 -15.66
C MET I 229 -41.78 -9.90 -16.59
N LEU I 230 -42.62 -9.08 -17.23
CA LEU I 230 -42.15 -7.96 -18.04
C LEU I 230 -41.13 -7.12 -17.29
N THR I 231 -41.42 -6.81 -16.02
CA THR I 231 -40.54 -5.95 -15.24
C THR I 231 -39.12 -6.51 -15.14
N VAL I 232 -38.98 -7.82 -14.93
CA VAL I 232 -37.65 -8.42 -14.85
C VAL I 232 -36.95 -8.38 -16.20
N VAL I 233 -37.65 -8.84 -17.26
CA VAL I 233 -37.09 -8.79 -18.61
C VAL I 233 -36.59 -7.38 -18.92
N ALA I 234 -37.40 -6.38 -18.60
CA ALA I 234 -36.97 -4.99 -18.71
C ALA I 234 -35.66 -4.77 -17.95
N TYR I 235 -35.61 -5.20 -16.68
CA TYR I 235 -34.43 -4.94 -15.87
C TYR I 235 -33.23 -5.77 -16.31
N ALA I 236 -33.45 -6.97 -16.83
CA ALA I 236 -32.35 -7.75 -17.41
C ALA I 236 -31.71 -7.01 -18.57
N PHE I 237 -32.53 -6.49 -19.48
CA PHE I 237 -32.05 -5.71 -20.61
C PHE I 237 -31.22 -4.53 -20.14
N TYR I 238 -31.80 -3.70 -19.26
CA TYR I 238 -31.10 -2.59 -18.64
C TYR I 238 -29.75 -3.01 -18.04
N THR I 239 -29.77 -4.05 -17.20
CA THR I 239 -28.53 -4.63 -16.68
C THR I 239 -27.54 -4.99 -17.79
N SER I 240 -27.95 -5.90 -18.68
CA SER I 240 -27.07 -6.42 -19.73
C SER I 240 -26.41 -5.31 -20.55
N ASN I 241 -27.19 -4.30 -20.94
CA ASN I 241 -26.66 -3.26 -21.81
C ASN I 241 -25.50 -2.51 -21.18
N ILE I 242 -25.63 -2.16 -19.90
CA ILE I 242 -24.67 -1.27 -19.25
C ILE I 242 -23.50 -2.04 -18.63
N LEU I 243 -23.73 -3.23 -18.10
CA LEU I 243 -22.66 -3.94 -17.40
C LEU I 243 -21.67 -4.56 -18.38
N PRO I 244 -20.44 -4.80 -17.94
CA PRO I 244 -19.41 -5.36 -18.84
C PRO I 244 -19.78 -6.75 -19.34
N ARG I 245 -19.72 -6.90 -20.66
CA ARG I 245 -20.05 -8.18 -21.28
C ARG I 245 -18.99 -9.22 -20.92
N LEU I 246 -19.45 -10.44 -20.63
CA LEU I 246 -18.57 -11.52 -20.18
C LEU I 246 -18.98 -12.86 -20.78
N PRO I 247 -18.18 -13.92 -20.60
CA PRO I 247 -18.61 -15.25 -21.06
C PRO I 247 -19.05 -16.15 -19.92
N TYR I 248 -19.32 -15.55 -18.76
CA TYR I 248 -19.88 -16.28 -17.62
C TYR I 248 -20.90 -15.40 -16.92
N THR I 249 -21.61 -16.01 -15.97
CA THR I 249 -22.61 -15.30 -15.20
C THR I 249 -21.94 -14.54 -14.05
N THR I 250 -22.25 -13.26 -13.95
CA THR I 250 -21.78 -12.45 -12.84
C THR I 250 -22.67 -12.70 -11.63
N VAL I 251 -22.35 -12.07 -10.50
CA VAL I 251 -23.23 -12.14 -9.34
C VAL I 251 -24.58 -11.51 -9.66
N ILE I 252 -24.55 -10.26 -10.14
CA ILE I 252 -25.77 -9.62 -10.66
C ILE I 252 -26.51 -10.54 -11.60
N ASP I 253 -25.77 -11.18 -12.53
CA ASP I 253 -26.41 -12.06 -13.50
C ASP I 253 -27.18 -13.19 -12.83
N GLN I 254 -26.68 -13.68 -11.69
CA GLN I 254 -27.39 -14.71 -10.94
C GLN I 254 -28.67 -14.14 -10.32
N MET I 255 -28.54 -13.03 -9.60
CA MET I 255 -29.69 -12.33 -9.03
C MET I 255 -30.81 -12.14 -10.06
N ILE I 256 -30.44 -11.87 -11.32
CA ILE I 256 -31.46 -11.71 -12.36
C ILE I 256 -32.20 -13.02 -12.60
N ILE I 257 -31.50 -14.15 -12.50
CA ILE I 257 -32.19 -15.45 -12.64
C ILE I 257 -33.08 -15.69 -11.43
N ALA I 258 -32.64 -15.27 -10.23
CA ALA I 258 -33.46 -15.41 -9.04
C ALA I 258 -34.79 -14.70 -9.19
N GLY I 259 -34.80 -13.53 -9.83
CA GLY I 259 -36.02 -12.83 -10.17
C GLY I 259 -36.92 -13.66 -11.06
N TYR I 260 -36.43 -13.97 -12.27
CA TYR I 260 -37.05 -14.90 -13.20
C TYR I 260 -37.58 -16.15 -12.49
N GLY I 261 -36.90 -16.57 -11.43
CA GLY I 261 -37.27 -17.75 -10.68
C GLY I 261 -38.46 -17.55 -9.78
N SER I 262 -38.31 -16.67 -8.77
CA SER I 262 -39.40 -16.36 -7.85
C SER I 262 -40.71 -16.09 -8.58
N ILE I 263 -40.64 -15.36 -9.70
CA ILE I 263 -41.85 -14.99 -10.43
C ILE I 263 -42.50 -16.21 -11.08
N PHE I 264 -41.70 -17.11 -11.67
CA PHE I 264 -42.29 -18.29 -12.28
C PHE I 264 -42.77 -19.29 -11.24
N ALA I 265 -42.13 -19.34 -10.08
CA ALA I 265 -42.62 -20.17 -8.99
C ALA I 265 -43.94 -19.62 -8.45
N ALA I 266 -44.03 -18.29 -8.28
CA ALA I 266 -45.28 -17.64 -7.95
C ALA I 266 -46.41 -18.13 -8.85
N ILE I 267 -46.21 -18.02 -10.18
CA ILE I 267 -47.22 -18.45 -11.15
C ILE I 267 -47.71 -19.86 -10.84
N LEU I 268 -46.79 -20.78 -10.55
CA LEU I 268 -47.17 -22.16 -10.27
C LEU I 268 -48.06 -22.24 -9.02
N LEU I 269 -47.56 -21.73 -7.89
CA LEU I 269 -48.36 -21.65 -6.68
C LEU I 269 -49.72 -21.01 -6.94
N ILE I 270 -49.71 -19.74 -7.40
CA ILE I 270 -50.90 -18.97 -7.73
C ILE I 270 -51.91 -19.82 -8.49
N ILE I 271 -51.42 -20.64 -9.42
CA ILE I 271 -52.29 -21.52 -10.19
C ILE I 271 -52.60 -22.79 -9.41
N PHE I 272 -51.60 -23.37 -8.75
CA PHE I 272 -51.84 -24.58 -7.96
C PHE I 272 -52.72 -24.30 -6.75
N ALA I 273 -52.60 -23.12 -6.15
CA ALA I 273 -53.53 -22.69 -5.10
C ALA I 273 -54.97 -22.82 -5.55
N HIS I 274 -55.25 -22.43 -6.80
CA HIS I 274 -56.63 -22.36 -7.27
C HIS I 274 -57.27 -23.73 -7.38
N HIS I 275 -56.52 -24.74 -7.84
CA HIS I 275 -57.08 -26.05 -8.18
C HIS I 275 -56.61 -27.17 -7.24
N ARG I 276 -56.07 -26.83 -6.07
CA ARG I 276 -55.86 -27.79 -5.00
C ARG I 276 -56.92 -27.51 -3.94
N GLN I 277 -58.12 -28.06 -4.16
CA GLN I 277 -59.32 -27.56 -3.51
C GLN I 277 -60.19 -28.72 -3.04
N ALA I 278 -61.14 -28.38 -2.17
CA ALA I 278 -62.15 -29.32 -1.70
C ALA I 278 -63.40 -29.37 -2.56
N ASN I 279 -63.73 -28.28 -3.26
CA ASN I 279 -64.87 -28.18 -4.16
C ASN I 279 -64.33 -28.05 -5.58
N GLY I 280 -65.01 -27.25 -6.42
CA GLY I 280 -64.48 -26.92 -7.72
C GLY I 280 -63.53 -25.73 -7.68
N VAL I 281 -63.92 -24.69 -6.94
CA VAL I 281 -63.17 -23.44 -6.89
C VAL I 281 -63.07 -22.93 -5.45
N GLU I 282 -62.06 -23.41 -4.72
CA GLU I 282 -61.69 -22.84 -3.42
C GLU I 282 -60.17 -22.67 -3.40
N ASP I 283 -59.72 -21.42 -3.34
CA ASP I 283 -58.30 -21.17 -3.20
C ASP I 283 -57.82 -21.73 -1.85
N ASP I 284 -56.71 -22.47 -1.89
CA ASP I 284 -56.27 -23.23 -0.73
C ASP I 284 -55.89 -22.27 0.39
N LEU I 285 -56.47 -22.49 1.58
CA LEU I 285 -56.53 -21.46 2.62
C LEU I 285 -55.16 -21.00 3.07
N LEU I 286 -54.33 -21.93 3.56
CA LEU I 286 -53.02 -21.56 4.07
C LEU I 286 -52.07 -21.13 2.96
N ILE I 287 -52.19 -21.73 1.77
CA ILE I 287 -51.14 -21.60 0.76
C ILE I 287 -51.00 -20.16 0.28
N GLN I 288 -52.10 -19.49 -0.13
CA GLN I 288 -51.91 -18.12 -0.60
C GLN I 288 -51.49 -17.18 0.53
N ARG I 289 -51.32 -17.72 1.73
CA ARG I 289 -50.57 -17.06 2.80
C ARG I 289 -49.18 -17.67 2.92
N CYS I 290 -48.51 -17.84 1.78
CA CYS I 290 -47.06 -17.83 1.73
C CYS I 290 -46.55 -16.42 1.53
N ARG I 291 -47.33 -15.46 2.06
CA ARG I 291 -47.03 -14.05 1.94
C ARG I 291 -45.70 -13.74 2.60
N LEU I 292 -45.53 -14.19 3.85
CA LEU I 292 -44.26 -14.12 4.54
C LEU I 292 -43.72 -15.53 4.71
N ALA I 293 -43.68 -16.26 3.60
CA ALA I 293 -42.99 -17.54 3.48
C ALA I 293 -42.20 -17.65 2.19
N PHE I 294 -42.60 -16.96 1.12
CA PHE I 294 -41.72 -16.78 -0.03
C PHE I 294 -40.50 -15.93 0.32
N PRO I 295 -40.64 -14.74 0.92
CA PRO I 295 -39.44 -13.98 1.32
C PRO I 295 -38.46 -14.82 2.13
N LEU I 296 -38.95 -15.64 3.06
CA LEU I 296 -38.06 -16.48 3.85
C LEU I 296 -37.40 -17.55 3.00
N GLY I 297 -38.18 -18.23 2.16
CA GLY I 297 -37.61 -19.26 1.30
C GLY I 297 -36.59 -18.70 0.33
N PHE I 298 -36.87 -17.54 -0.24
CA PHE I 298 -35.90 -16.87 -1.11
C PHE I 298 -34.64 -16.50 -0.33
N LEU I 299 -34.81 -15.91 0.85
CA LEU I 299 -33.66 -15.53 1.67
C LEU I 299 -32.90 -16.75 2.17
N ALA I 300 -33.58 -17.88 2.36
CA ALA I 300 -32.89 -19.10 2.74
C ALA I 300 -32.03 -19.62 1.59
N ILE I 301 -32.57 -19.59 0.36
CA ILE I 301 -31.81 -20.01 -0.81
C ILE I 301 -30.76 -18.97 -1.18
N GLY I 302 -30.93 -17.73 -0.72
CA GLY I 302 -29.96 -16.68 -0.96
C GLY I 302 -28.87 -16.60 0.09
N CYS I 303 -28.84 -17.55 1.01
CA CYS I 303 -27.75 -17.72 1.95
C CYS I 303 -26.94 -18.97 1.65
N VAL I 304 -27.36 -19.75 0.64
CA VAL I 304 -26.55 -20.84 0.11
C VAL I 304 -25.92 -20.45 -1.21
N LEU I 305 -26.36 -19.36 -1.84
CA LEU I 305 -25.62 -18.77 -2.95
C LEU I 305 -24.27 -18.23 -2.49
N VAL I 306 -24.14 -17.89 -1.21
CA VAL I 306 -22.92 -17.29 -0.71
C VAL I 306 -21.88 -18.35 -0.39
N ILE I 307 -22.31 -19.48 0.18
CA ILE I 307 -21.41 -20.59 0.46
C ILE I 307 -21.91 -21.84 -0.23
N PRO J 1 22.34 27.61 -18.95
CA PRO J 1 21.09 26.97 -18.55
C PRO J 1 19.88 27.57 -19.30
N VAL J 2 19.56 26.95 -20.43
CA VAL J 2 18.82 27.58 -21.52
C VAL J 2 17.47 28.11 -21.05
N ASP J 3 17.16 29.35 -21.43
CA ASP J 3 15.84 29.94 -21.25
C ASP J 3 14.98 29.65 -22.47
N VAL J 4 13.78 29.11 -22.25
CA VAL J 4 12.86 28.74 -23.33
C VAL J 4 11.52 29.44 -23.11
N SER J 5 11.10 30.24 -24.09
CA SER J 5 9.77 30.82 -24.08
C SER J 5 8.81 29.93 -24.83
N VAL J 6 7.60 29.76 -24.29
CA VAL J 6 6.60 28.87 -24.86
C VAL J 6 5.27 29.61 -24.98
N SER J 7 4.57 29.36 -26.08
CA SER J 7 3.23 29.86 -26.31
C SER J 7 2.38 28.73 -26.85
N ILE J 8 1.14 28.63 -26.36
CA ILE J 8 0.24 27.54 -26.70
C ILE J 8 -1.07 28.12 -27.21
N PHE J 9 -1.34 27.91 -28.50
CA PHE J 9 -2.61 28.31 -29.11
C PHE J 9 -3.56 27.11 -29.02
N ILE J 10 -4.71 27.30 -28.39
CA ILE J 10 -5.70 26.23 -28.25
C ILE J 10 -6.83 26.49 -29.25
N ASN J 11 -7.00 25.55 -30.17
CA ASN J 11 -7.94 25.70 -31.27
C ASN J 11 -9.30 25.09 -30.98
N LYS J 12 -9.32 24.00 -30.21
CA LYS J 12 -10.54 23.23 -29.98
C LYS J 12 -10.34 22.24 -28.85
N ILE J 13 -11.27 22.18 -27.90
CA ILE J 13 -11.31 21.17 -26.86
C ILE J 13 -12.62 20.43 -27.02
N TYR J 14 -12.55 19.12 -27.22
CA TYR J 14 -13.73 18.35 -27.56
C TYR J 14 -13.58 16.91 -27.09
N GLY J 15 -14.67 16.15 -27.18
CA GLY J 15 -14.69 14.73 -26.87
C GLY J 15 -14.20 14.34 -25.50
N VAL J 16 -14.93 14.72 -24.46
CA VAL J 16 -14.64 14.24 -23.12
C VAL J 16 -14.93 12.74 -23.03
N ASN J 17 -14.11 12.03 -22.25
CA ASN J 17 -14.31 10.59 -22.02
C ASN J 17 -14.45 10.41 -20.51
N THR J 18 -15.69 10.43 -20.04
CA THR J 18 -15.99 10.39 -18.61
C THR J 18 -15.33 9.20 -17.91
N LEU J 19 -15.35 8.01 -18.53
CA LEU J 19 -14.82 6.84 -17.84
C LEU J 19 -13.30 6.92 -17.74
N GLU J 20 -12.62 7.24 -18.83
CA GLU J 20 -11.17 7.32 -18.82
C GLU J 20 -10.65 8.60 -18.21
N GLN J 21 -11.53 9.57 -17.92
CA GLN J 21 -11.14 10.89 -17.42
C GLN J 21 -10.16 11.49 -18.42
N THR J 22 -10.68 12.01 -19.54
CA THR J 22 -9.89 12.22 -20.74
C THR J 22 -10.58 13.23 -21.64
N TYR J 23 -9.77 14.07 -22.30
CA TYR J 23 -10.28 15.04 -23.26
C TYR J 23 -9.27 15.23 -24.38
N LYS J 24 -9.75 15.77 -25.50
CA LYS J 24 -8.95 15.99 -26.69
C LYS J 24 -8.71 17.48 -26.89
N VAL J 25 -7.49 17.84 -27.30
CA VAL J 25 -7.11 19.23 -27.50
C VAL J 25 -6.34 19.36 -28.82
N ASP J 26 -6.83 20.23 -29.70
CA ASP J 26 -6.16 20.57 -30.94
C ASP J 26 -5.65 22.00 -30.84
N GLY J 27 -4.39 22.20 -31.20
CA GLY J 27 -3.81 23.52 -31.13
C GLY J 27 -2.36 23.48 -31.56
N TYR J 28 -1.73 24.65 -31.50
CA TYR J 28 -0.33 24.79 -31.86
C TYR J 28 0.50 25.08 -30.62
N ILE J 29 1.77 24.70 -30.67
CA ILE J 29 2.73 25.02 -29.62
C ILE J 29 3.93 25.70 -30.25
N VAL J 30 4.50 26.66 -29.51
CA VAL J 30 5.64 27.44 -29.99
C VAL J 30 6.67 27.50 -28.87
N ALA J 31 7.91 27.12 -29.19
CA ALA J 31 9.04 27.22 -28.28
C ALA J 31 10.09 28.14 -28.88
N GLN J 32 10.66 29.01 -28.07
CA GLN J 32 11.67 29.95 -28.54
C GLN J 32 12.85 29.96 -27.58
N TRP J 33 14.05 29.90 -28.14
CA TRP J 33 15.28 29.80 -27.37
C TRP J 33 16.44 30.27 -28.25
N THR J 34 17.33 31.05 -27.67
CA THR J 34 18.38 31.72 -28.43
C THR J 34 19.66 30.88 -28.41
N GLY J 35 20.16 30.55 -29.60
CA GLY J 35 21.33 29.73 -29.75
C GLY J 35 22.49 30.49 -30.36
N LYS J 36 23.53 29.75 -30.70
CA LYS J 36 24.71 30.35 -31.33
C LYS J 36 24.35 30.95 -32.67
N PRO J 37 24.64 32.24 -32.92
CA PRO J 37 24.33 32.84 -34.22
C PRO J 37 24.85 32.05 -35.40
N ARG J 38 24.21 32.24 -36.56
CA ARG J 38 24.54 31.47 -37.74
C ARG J 38 24.30 32.32 -38.97
N LYS J 39 24.86 31.87 -40.10
CA LYS J 39 24.65 32.52 -41.38
C LYS J 39 23.42 31.91 -42.05
N THR J 40 22.44 32.74 -42.35
CA THR J 40 21.25 32.32 -43.05
C THR J 40 21.30 32.83 -44.49
N PRO J 41 20.63 32.15 -45.43
CA PRO J 41 20.52 32.70 -46.78
C PRO J 41 19.89 34.09 -46.75
N GLY J 42 20.45 34.99 -47.57
CA GLY J 42 20.17 36.39 -47.32
C GLY J 42 20.68 36.74 -45.94
N ASP J 43 19.95 37.63 -45.28
CA ASP J 43 19.98 37.69 -43.82
C ASP J 43 18.60 37.41 -43.26
N LYS J 44 17.64 37.11 -44.12
CA LYS J 44 16.32 36.68 -43.69
C LYS J 44 16.44 35.40 -42.87
N PRO J 45 15.65 35.25 -41.80
CA PRO J 45 15.65 33.98 -41.07
C PRO J 45 15.27 32.83 -41.97
N LEU J 46 15.78 31.65 -41.63
CA LEU J 46 15.61 30.45 -42.44
C LEU J 46 14.42 29.65 -41.94
N ILE J 47 13.64 29.12 -42.87
CA ILE J 47 12.46 28.31 -42.58
C ILE J 47 12.76 26.87 -42.96
N VAL J 48 12.46 25.95 -42.05
CA VAL J 48 12.70 24.51 -42.23
C VAL J 48 11.40 23.78 -41.91
N GLU J 49 10.78 23.18 -42.93
CA GLU J 49 9.47 22.56 -42.78
C GLU J 49 9.57 21.04 -42.67
N ASN J 50 8.87 20.49 -41.67
CA ASN J 50 8.61 19.06 -41.47
C ASN J 50 9.84 18.18 -41.63
N THR J 51 9.76 17.18 -42.52
CA THR J 51 10.81 16.19 -42.75
C THR J 51 12.21 16.80 -42.72
N GLN J 52 12.35 18.00 -43.29
CA GLN J 52 13.64 18.67 -43.33
C GLN J 52 14.22 18.92 -41.94
N ILE J 53 13.36 19.08 -40.93
CA ILE J 53 13.85 19.38 -39.57
C ILE J 53 14.76 18.26 -39.08
N GLU J 54 14.28 17.02 -39.18
CA GLU J 54 15.06 15.88 -38.70
C GLU J 54 16.43 15.80 -39.36
N ARG J 55 16.52 16.22 -40.63
CA ARG J 55 17.82 16.25 -41.30
C ARG J 55 18.75 17.28 -40.65
N TRP J 56 18.20 18.43 -40.25
CA TRP J 56 19.00 19.46 -39.60
C TRP J 56 19.51 19.02 -38.23
N ILE J 57 18.83 18.07 -37.60
CA ILE J 57 19.27 17.57 -36.30
C ILE J 57 20.46 16.64 -36.47
N ASN J 58 20.41 15.80 -37.51
CA ASN J 58 21.54 14.95 -37.89
C ASN J 58 22.84 15.72 -38.08
N ASN J 59 22.76 17.05 -38.23
CA ASN J 59 23.96 17.89 -38.36
C ASN J 59 24.25 18.66 -37.08
N GLY J 60 23.66 18.25 -35.96
CA GLY J 60 23.96 18.84 -34.68
C GLY J 60 23.08 19.98 -34.25
N LEU J 61 21.99 20.25 -34.95
CA LEU J 61 21.01 21.19 -34.43
C LEU J 61 20.30 20.53 -33.26
N TRP J 62 20.41 21.13 -32.08
CA TRP J 62 19.75 20.61 -30.91
C TRP J 62 18.32 21.14 -30.90
N VAL J 63 17.35 20.24 -30.78
CA VAL J 63 15.95 20.64 -30.64
C VAL J 63 15.40 19.79 -29.50
N PRO J 64 15.09 20.39 -28.36
CA PRO J 64 14.74 19.58 -27.19
C PRO J 64 13.40 18.90 -27.38
N ALA J 65 13.34 17.64 -27.00
CA ALA J 65 12.06 16.95 -26.97
C ALA J 65 11.27 17.49 -25.79
N LEU J 66 10.17 18.19 -26.07
CA LEU J 66 9.27 18.67 -25.04
C LEU J 66 8.10 17.69 -24.96
N GLU J 67 7.93 17.09 -23.80
CA GLU J 67 6.91 16.07 -23.61
C GLU J 67 5.66 16.69 -22.99
N PHE J 68 4.51 16.16 -23.41
CA PHE J 68 3.23 16.47 -22.78
C PHE J 68 3.06 15.45 -21.67
N ILE J 69 3.37 15.86 -20.44
CA ILE J 69 3.36 14.94 -19.29
C ILE J 69 2.03 14.21 -19.20
N ASN J 70 0.92 14.90 -19.47
CA ASN J 70 -0.41 14.39 -19.21
C ASN J 70 -1.17 13.99 -20.49
N VAL J 71 -0.46 13.72 -21.59
CA VAL J 71 -1.10 13.17 -22.79
C VAL J 71 -1.11 11.65 -22.69
N VAL J 72 -2.23 11.04 -23.08
CA VAL J 72 -2.39 9.60 -23.07
C VAL J 72 -2.02 9.08 -24.45
N GLY J 73 -0.77 8.64 -24.61
CA GLY J 73 -0.29 8.17 -25.90
C GLY J 73 0.25 9.29 -26.77
N SER J 74 1.31 8.99 -27.52
CA SER J 74 1.97 10.01 -28.32
C SER J 74 0.96 10.72 -29.22
N PRO J 75 0.93 12.04 -29.24
CA PRO J 75 -0.11 12.76 -29.97
C PRO J 75 0.14 12.84 -31.47
N ASP J 76 -0.92 13.18 -32.20
CA ASP J 76 -0.88 13.35 -33.64
C ASP J 76 -0.26 14.69 -33.98
N THR J 77 0.94 14.67 -34.54
CA THR J 77 1.65 15.89 -34.91
C THR J 77 1.35 16.19 -36.37
N GLY J 78 0.80 17.38 -36.65
CA GLY J 78 0.36 17.70 -37.99
C GLY J 78 1.44 18.31 -38.87
N ASN J 79 1.89 19.50 -38.52
CA ASN J 79 2.92 20.22 -39.27
C ASN J 79 3.90 20.80 -38.27
N LYS J 80 5.18 20.84 -38.63
CA LYS J 80 6.20 21.44 -37.78
C LYS J 80 7.20 22.21 -38.63
N ARG J 81 7.65 23.34 -38.09
CA ARG J 81 8.65 24.18 -38.75
C ARG J 81 9.67 24.66 -37.74
N LEU J 82 10.88 24.88 -38.21
CA LEU J 82 11.90 25.62 -37.47
C LEU J 82 12.09 26.98 -38.12
N MET J 83 12.31 28.00 -37.29
CA MET J 83 12.68 29.33 -37.77
C MET J 83 14.05 29.67 -37.18
N LEU J 84 15.08 29.53 -38.00
CA LEU J 84 16.46 29.76 -37.60
C LEU J 84 16.83 31.21 -37.82
N PHE J 85 17.28 31.85 -36.79
CA PHE J 85 17.54 33.25 -37.04
C PHE J 85 19.03 33.51 -37.18
N PRO J 86 19.41 34.55 -37.93
CA PRO J 86 20.84 34.84 -38.08
C PRO J 86 21.49 35.26 -36.77
N ASP J 87 20.73 35.89 -35.89
CA ASP J 87 21.21 36.27 -34.57
C ASP J 87 21.17 35.13 -33.57
N GLY J 88 20.93 33.90 -34.02
CA GLY J 88 21.00 32.77 -33.13
C GLY J 88 19.66 32.16 -32.76
N ARG J 89 18.73 33.01 -32.30
CA ARG J 89 17.47 32.50 -31.74
C ARG J 89 16.75 31.58 -32.72
N VAL J 90 15.98 30.65 -32.16
CA VAL J 90 15.35 29.58 -32.92
C VAL J 90 13.92 29.42 -32.41
N ILE J 91 12.99 29.23 -33.35
CA ILE J 91 11.57 29.09 -33.03
C ILE J 91 11.09 27.73 -33.54
N TYR J 92 10.60 26.91 -32.62
CA TYR J 92 9.94 25.66 -32.98
C TYR J 92 8.42 25.85 -32.91
N ASN J 93 7.74 25.51 -34.00
CA ASN J 93 6.30 25.70 -34.11
C ASN J 93 5.68 24.44 -34.72
N ALA J 94 4.67 23.89 -34.05
CA ALA J 94 4.03 22.69 -34.54
C ALA J 94 2.58 22.62 -34.06
N ARG J 95 1.73 22.05 -34.90
CA ARG J 95 0.34 21.78 -34.54
C ARG J 95 0.24 20.37 -33.97
N PHE J 96 -0.59 20.21 -32.95
CA PHE J 96 -0.77 18.93 -32.30
C PHE J 96 -2.25 18.64 -32.10
N LEU J 97 -2.56 17.36 -31.95
CA LEU J 97 -3.85 16.92 -31.46
C LEU J 97 -3.59 15.70 -30.59
N GLY J 98 -3.99 15.77 -29.34
CA GLY J 98 -3.67 14.73 -28.38
C GLY J 98 -4.77 14.57 -27.36
N SER J 99 -4.88 13.36 -26.83
CA SER J 99 -5.83 13.05 -25.77
C SER J 99 -5.15 13.24 -24.42
N PHE J 100 -5.59 14.23 -23.66
CA PHE J 100 -4.98 14.59 -22.39
C PHE J 100 -5.83 14.09 -21.22
N SER J 101 -5.17 13.78 -20.11
CA SER J 101 -5.80 13.21 -18.93
C SER J 101 -5.75 14.18 -17.76
N ASN J 102 -6.80 14.15 -16.93
CA ASN J 102 -6.82 14.86 -15.67
C ASN J 102 -7.86 14.22 -14.76
N ASP J 103 -7.71 14.46 -13.46
CA ASP J 103 -8.68 13.96 -12.49
C ASP J 103 -10.01 14.68 -12.69
N MET J 104 -11.10 13.91 -12.74
CA MET J 104 -12.40 14.48 -13.06
C MET J 104 -13.49 13.84 -12.20
N ASP J 105 -14.13 14.65 -11.36
CA ASP J 105 -15.23 14.22 -10.51
C ASP J 105 -16.54 14.53 -11.25
N PHE J 106 -17.28 13.49 -11.61
CA PHE J 106 -18.52 13.64 -12.35
C PHE J 106 -19.75 13.36 -11.50
N ARG J 107 -19.60 13.39 -10.18
CA ARG J 107 -20.67 12.98 -9.28
C ARG J 107 -21.82 13.98 -9.24
N LEU J 108 -21.67 15.17 -9.81
CA LEU J 108 -22.71 16.16 -9.62
C LEU J 108 -23.83 16.39 -10.64
N PHE J 109 -24.13 15.45 -11.54
CA PHE J 109 -23.43 15.22 -12.81
C PHE J 109 -23.77 16.41 -13.70
N PRO J 110 -25.06 16.58 -14.08
CA PRO J 110 -25.39 17.55 -15.13
C PRO J 110 -24.96 18.96 -14.79
N PHE J 111 -24.45 19.17 -13.58
CA PHE J 111 -24.01 20.46 -13.09
C PHE J 111 -22.55 20.30 -12.69
N ASP J 112 -21.70 20.02 -13.68
CA ASP J 112 -20.29 19.76 -13.44
C ASP J 112 -19.49 21.04 -13.37
N ARG J 113 -18.38 20.98 -12.65
CA ARG J 113 -17.28 21.92 -12.78
C ARG J 113 -16.01 21.12 -13.02
N GLN J 114 -15.36 21.36 -14.16
CA GLN J 114 -14.18 20.59 -14.50
C GLN J 114 -13.03 21.54 -14.84
N GLN J 115 -11.83 20.98 -14.93
CA GLN J 115 -10.60 21.76 -15.11
C GLN J 115 -9.71 21.05 -16.13
N PHE J 116 -9.73 21.52 -17.37
CA PHE J 116 -8.95 20.94 -18.44
C PHE J 116 -7.54 21.53 -18.44
N VAL J 117 -6.52 20.67 -18.55
CA VAL J 117 -5.15 21.03 -18.18
C VAL J 117 -4.16 20.50 -19.22
N LEU J 118 -3.14 21.31 -19.50
CA LEU J 118 -1.95 20.89 -20.23
C LEU J 118 -0.75 21.02 -19.31
N GLU J 119 0.11 20.00 -19.31
CA GLU J 119 1.37 20.04 -18.56
C GLU J 119 2.52 19.72 -19.51
N LEU J 120 3.37 20.71 -19.77
CA LEU J 120 4.51 20.59 -20.65
C LEU J 120 5.81 20.55 -19.84
N GLU J 121 6.76 19.73 -20.27
CA GLU J 121 8.04 19.59 -19.57
C GLU J 121 9.08 18.90 -20.45
N PRO J 122 10.32 19.39 -20.48
CA PRO J 122 11.33 18.77 -21.33
C PRO J 122 11.60 17.33 -20.92
N PHE J 123 11.89 16.49 -21.91
CA PHE J 123 11.98 15.06 -21.70
C PHE J 123 13.32 14.63 -21.13
N SER J 124 14.38 15.43 -21.25
CA SER J 124 15.68 15.00 -20.76
C SER J 124 16.54 16.20 -20.35
N TYR J 125 15.94 17.24 -19.79
CA TYR J 125 16.72 18.45 -19.51
C TYR J 125 16.21 19.18 -18.28
N ASN J 126 17.14 19.52 -17.39
CA ASN J 126 16.85 20.14 -16.11
C ASN J 126 17.46 21.53 -15.97
N ASN J 127 18.60 21.80 -16.59
CA ASN J 127 19.00 23.18 -16.82
C ASN J 127 18.85 23.51 -18.29
N GLN J 128 17.64 23.27 -18.79
CA GLN J 128 17.03 24.06 -19.83
C GLN J 128 15.66 24.40 -19.28
N GLN J 129 15.35 25.69 -19.22
CA GLN J 129 14.31 26.18 -18.31
C GLN J 129 13.29 27.00 -19.09
N LEU J 130 12.02 26.76 -18.78
CA LEU J 130 10.93 27.41 -19.50
C LEU J 130 10.80 28.84 -19.01
N ARG J 131 11.19 29.78 -19.88
CA ARG J 131 11.30 31.19 -19.52
C ARG J 131 9.96 31.76 -19.08
N PHE J 132 8.99 31.77 -19.99
CA PHE J 132 7.64 32.22 -19.68
C PHE J 132 6.67 31.49 -20.60
N SER J 133 5.46 31.26 -20.10
CA SER J 133 4.43 30.54 -20.84
C SER J 133 3.25 31.45 -21.15
N ASP J 134 2.73 31.32 -22.36
CA ASP J 134 1.61 32.12 -22.84
C ASP J 134 0.61 31.22 -23.55
N ILE J 135 -0.67 31.35 -23.19
CA ILE J 135 -1.72 30.53 -23.77
C ILE J 135 -2.72 31.45 -24.46
N GLN J 136 -3.01 31.16 -25.73
CA GLN J 136 -3.88 32.00 -26.54
C GLN J 136 -5.15 31.24 -26.89
N VAL J 137 -6.24 31.59 -26.22
CA VAL J 137 -7.57 31.11 -26.50
C VAL J 137 -8.39 32.24 -27.11
N TYR J 138 -9.20 31.94 -28.12
CA TYR J 138 -9.96 32.97 -28.82
C TYR J 138 -11.44 32.58 -28.81
N THR J 139 -12.05 32.62 -27.63
CA THR J 139 -13.47 32.32 -27.50
C THR J 139 -14.07 33.33 -26.54
N GLU J 140 -15.25 33.01 -26.02
CA GLU J 140 -16.09 33.96 -25.30
C GLU J 140 -17.17 33.21 -24.53
N ASN J 141 -17.51 33.73 -23.37
CA ASN J 141 -18.27 33.03 -22.33
C ASN J 141 -18.96 34.10 -21.48
N ILE J 142 -20.20 33.87 -21.02
CA ILE J 142 -21.15 32.80 -21.43
C ILE J 142 -21.37 32.74 -22.97
N ASP J 143 -22.35 33.40 -23.56
CA ASP J 143 -22.51 33.42 -25.04
C ASP J 143 -22.82 32.03 -25.60
N ASN J 144 -22.08 31.57 -26.63
CA ASN J 144 -22.50 30.53 -27.58
C ASN J 144 -22.91 29.22 -26.92
N GLU J 145 -22.06 28.63 -26.09
CA GLU J 145 -22.25 27.36 -25.39
C GLU J 145 -23.66 26.98 -24.93
N GLU J 146 -24.67 27.56 -25.53
CA GLU J 146 -25.93 26.85 -25.62
C GLU J 146 -25.82 25.89 -26.79
N ILE J 147 -25.13 26.35 -27.85
CA ILE J 147 -24.68 25.49 -28.93
C ILE J 147 -23.50 24.61 -28.50
N ASP J 148 -22.63 25.10 -27.63
CA ASP J 148 -21.49 24.33 -27.15
C ASP J 148 -21.78 23.71 -25.78
N GLU J 149 -21.06 22.64 -25.46
CA GLU J 149 -21.39 21.82 -24.31
C GLU J 149 -20.98 22.47 -22.97
N TRP J 150 -19.92 23.27 -22.95
CA TRP J 150 -19.28 23.69 -21.71
C TRP J 150 -19.21 25.21 -21.53
N TRP J 151 -19.24 25.64 -20.26
CA TRP J 151 -19.13 27.04 -19.84
C TRP J 151 -17.76 27.27 -19.20
N ILE J 152 -16.84 27.92 -19.92
CA ILE J 152 -15.55 28.28 -19.32
C ILE J 152 -15.75 29.43 -18.34
N ARG J 153 -15.15 29.32 -17.16
CA ARG J 153 -15.23 30.38 -16.17
C ARG J 153 -13.97 31.24 -16.16
N GLY J 154 -12.81 30.64 -15.82
CA GLY J 154 -11.55 31.37 -15.81
C GLY J 154 -10.85 31.35 -17.17
N LYS J 155 -9.84 32.22 -17.31
CA LYS J 155 -9.21 32.44 -18.61
C LYS J 155 -7.83 31.82 -18.80
N ALA J 156 -6.94 31.87 -17.83
CA ALA J 156 -5.55 31.87 -18.24
C ALA J 156 -4.54 31.12 -17.38
N SER J 157 -4.92 30.57 -16.22
CA SER J 157 -3.98 29.98 -15.26
C SER J 157 -2.74 29.32 -15.87
N THR J 158 -1.57 29.81 -15.46
CA THR J 158 -0.26 29.32 -15.85
C THR J 158 0.53 28.98 -14.59
N HIS J 159 1.65 28.27 -14.76
CA HIS J 159 2.51 28.01 -13.62
C HIS J 159 3.98 28.19 -13.95
N ILE J 160 4.61 27.15 -14.51
CA ILE J 160 6.05 27.05 -14.72
C ILE J 160 6.69 26.86 -13.35
N SER J 161 6.68 25.62 -12.88
CA SER J 161 7.23 25.24 -11.59
C SER J 161 8.42 24.29 -11.83
N ASP J 162 8.98 23.79 -10.73
CA ASP J 162 10.10 22.85 -10.76
C ASP J 162 9.71 21.55 -10.09
N ILE J 163 9.97 20.44 -10.79
CA ILE J 163 9.58 19.11 -10.33
C ILE J 163 10.81 18.40 -9.76
N ARG J 164 10.61 17.66 -8.67
CA ARG J 164 11.71 17.10 -7.89
C ARG J 164 12.26 15.80 -8.47
N TYR J 165 11.42 14.76 -8.59
CA TYR J 165 11.86 13.42 -9.03
C TYR J 165 13.01 12.91 -8.18
N ASP J 166 12.69 12.52 -6.94
CA ASP J 166 13.70 12.08 -6.00
C ASP J 166 14.15 10.63 -6.22
N HIS J 167 13.70 9.98 -7.29
CA HIS J 167 14.01 8.57 -7.52
C HIS J 167 15.19 8.42 -8.47
N LEU J 168 16.23 7.74 -7.99
CA LEU J 168 17.53 7.69 -8.62
C LEU J 168 17.98 9.09 -9.04
N SER J 169 18.05 9.95 -8.05
CA SER J 169 18.72 11.24 -8.16
C SER J 169 20.20 11.10 -7.88
N SER J 170 20.65 9.89 -7.51
CA SER J 170 22.07 9.57 -7.49
C SER J 170 22.55 9.11 -8.86
N VAL J 171 21.63 8.80 -9.77
CA VAL J 171 21.99 8.67 -11.18
C VAL J 171 22.69 9.94 -11.66
N GLN J 172 22.26 11.09 -11.15
CA GLN J 172 22.95 12.36 -11.37
C GLN J 172 22.87 13.16 -10.07
N PRO J 173 23.92 13.14 -9.25
CA PRO J 173 23.86 13.83 -7.96
C PRO J 173 23.67 15.33 -8.12
N ASN J 174 22.81 15.89 -7.27
CA ASN J 174 22.56 17.32 -7.05
C ASN J 174 21.68 17.97 -8.11
N GLN J 175 21.22 17.26 -9.14
CA GLN J 175 20.53 17.94 -10.24
C GLN J 175 19.51 16.99 -10.85
N ASN J 176 18.25 17.16 -10.41
CA ASN J 176 17.15 16.40 -11.00
C ASN J 176 15.86 17.22 -11.06
N GLU J 177 15.96 18.54 -11.14
CA GLU J 177 14.77 19.39 -11.16
C GLU J 177 14.43 19.83 -12.56
N PHE J 178 13.26 19.41 -13.03
CA PHE J 178 12.78 19.69 -14.38
C PHE J 178 11.78 20.85 -14.34
N SER J 179 11.80 21.64 -15.41
CA SER J 179 10.97 22.84 -15.52
C SER J 179 9.66 22.47 -16.21
N ARG J 180 8.55 22.63 -15.52
CA ARG J 180 7.24 22.19 -16.01
C ARG J 180 6.27 23.35 -16.15
N ILE J 181 5.89 23.67 -17.39
CA ILE J 181 4.76 24.55 -17.66
C ILE J 181 3.46 23.82 -17.35
N THR J 182 2.58 24.47 -16.58
CA THR J 182 1.24 23.95 -16.32
C THR J 182 0.21 24.97 -16.77
N VAL J 183 -0.70 24.53 -17.64
CA VAL J 183 -1.78 25.37 -18.16
C VAL J 183 -3.10 24.72 -17.77
N ARG J 184 -4.03 25.51 -17.22
CA ARG J 184 -5.31 24.97 -16.78
C ARG J 184 -6.44 25.96 -17.02
N ILE J 185 -7.50 25.50 -17.68
CA ILE J 185 -8.68 26.29 -17.98
C ILE J 185 -9.88 25.63 -17.30
N ASP J 186 -10.68 26.44 -16.62
CA ASP J 186 -11.83 25.97 -15.86
C ASP J 186 -13.12 26.05 -16.68
N ALA J 187 -13.99 25.05 -16.53
CA ALA J 187 -15.19 24.98 -17.34
C ALA J 187 -16.34 24.35 -16.54
N VAL J 188 -17.56 24.66 -16.98
CA VAL J 188 -18.79 24.19 -16.35
C VAL J 188 -19.62 23.49 -17.42
N ARG J 189 -20.33 22.43 -17.04
CA ARG J 189 -21.21 21.75 -17.96
C ARG J 189 -22.49 22.56 -18.14
N ASN J 190 -23.06 22.48 -19.34
CA ASN J 190 -24.24 23.27 -19.68
C ASN J 190 -25.50 22.53 -19.25
N PRO J 191 -26.05 22.85 -18.08
CA PRO J 191 -27.09 21.99 -17.49
C PRO J 191 -28.49 22.21 -18.05
N SER J 192 -28.56 22.69 -19.29
CA SER J 192 -29.87 22.91 -19.94
C SER J 192 -30.43 21.59 -20.44
N TYR J 193 -29.78 21.03 -21.45
CA TYR J 193 -30.25 19.78 -22.09
C TYR J 193 -30.62 18.70 -21.08
N TYR J 194 -29.79 18.49 -20.06
CA TYR J 194 -30.03 17.39 -19.13
C TYR J 194 -31.20 17.69 -18.20
N LEU J 195 -31.44 18.95 -17.84
CA LEU J 195 -32.64 19.29 -17.09
C LEU J 195 -33.86 19.20 -17.99
N TRP J 196 -33.87 20.01 -19.05
CA TRP J 196 -35.02 20.13 -19.94
C TRP J 196 -35.45 18.79 -20.55
N SER J 197 -34.56 17.79 -20.58
CA SER J 197 -34.86 16.54 -21.26
C SER J 197 -34.66 15.27 -20.43
N PHE J 198 -34.06 15.36 -19.25
CA PHE J 198 -33.91 14.18 -18.39
C PHE J 198 -34.45 14.42 -16.98
N ILE J 199 -33.88 15.41 -16.28
CA ILE J 199 -34.32 15.73 -14.92
C ILE J 199 -35.83 15.90 -14.87
N LEU J 200 -36.34 16.82 -15.69
CA LEU J 200 -37.77 17.16 -15.69
C LEU J 200 -38.65 15.94 -15.93
N PRO J 201 -38.55 15.21 -17.07
CA PRO J 201 -39.41 14.03 -17.25
C PRO J 201 -39.46 13.08 -16.06
N LEU J 202 -38.32 12.83 -15.42
CA LEU J 202 -38.26 11.91 -14.29
C LEU J 202 -39.17 12.37 -13.15
N GLY J 203 -39.08 13.67 -12.80
CA GLY J 203 -39.95 14.21 -11.77
C GLY J 203 -41.42 14.00 -12.06
N LEU J 204 -41.84 14.32 -13.28
CA LEU J 204 -43.22 14.09 -13.69
C LEU J 204 -43.62 12.63 -13.48
N ILE J 205 -42.74 11.70 -13.89
CA ILE J 205 -42.99 10.28 -13.66
C ILE J 205 -43.13 9.98 -12.17
N ILE J 206 -42.16 10.44 -11.36
CA ILE J 206 -42.22 10.23 -9.92
C ILE J 206 -43.48 10.88 -9.34
N ALA J 207 -43.81 12.08 -9.80
CA ALA J 207 -45.03 12.75 -9.37
C ALA J 207 -46.26 11.90 -9.68
N ALA J 208 -46.46 11.59 -10.98
CA ALA J 208 -47.58 10.75 -11.38
C ALA J 208 -47.60 9.41 -10.64
N SER J 209 -46.44 8.92 -10.21
CA SER J 209 -46.40 7.75 -9.34
C SER J 209 -47.28 7.95 -8.10
N TRP J 210 -47.21 9.14 -7.49
CA TRP J 210 -47.98 9.39 -6.27
C TRP J 210 -49.48 9.39 -6.52
N SER J 211 -49.91 9.76 -7.74
CA SER J 211 -51.33 9.77 -8.06
C SER J 211 -51.93 8.38 -7.98
N VAL J 212 -51.10 7.38 -7.63
CA VAL J 212 -51.61 6.04 -7.40
C VAL J 212 -52.57 6.02 -6.22
N PHE J 213 -52.39 6.94 -5.26
CA PHE J 213 -53.22 6.97 -4.06
C PHE J 213 -54.62 7.50 -4.33
N TRP J 214 -54.86 8.11 -5.49
CA TRP J 214 -56.18 8.62 -5.83
C TRP J 214 -56.98 7.58 -6.60
N LEU J 215 -56.50 6.35 -6.64
CA LEU J 215 -57.28 5.22 -7.14
C LEU J 215 -58.23 4.76 -6.05
N GLU J 216 -59.46 4.45 -6.43
CA GLU J 216 -60.50 4.21 -5.43
C GLU J 216 -60.28 2.88 -4.72
N SER J 217 -60.14 1.80 -5.47
CA SER J 217 -60.01 0.46 -4.90
C SER J 217 -58.65 0.32 -4.21
N PHE J 218 -58.34 -0.90 -3.78
CA PHE J 218 -56.99 -1.30 -3.36
C PHE J 218 -56.28 -2.07 -4.46
N SER J 219 -56.97 -3.03 -5.08
CA SER J 219 -56.45 -3.71 -6.26
C SER J 219 -56.01 -2.71 -7.33
N GLU J 220 -56.81 -1.67 -7.56
CA GLU J 220 -56.41 -0.62 -8.49
C GLU J 220 -55.07 -0.01 -8.08
N ARG J 221 -54.94 0.38 -6.80
CA ARG J 221 -53.71 0.98 -6.32
C ARG J 221 -52.53 0.04 -6.48
N LEU J 222 -52.64 -1.18 -5.93
CA LEU J 222 -51.49 -2.09 -5.92
C LEU J 222 -51.08 -2.52 -7.33
N GLN J 223 -52.05 -2.83 -8.18
CA GLN J 223 -51.73 -3.25 -9.55
C GLN J 223 -51.03 -2.13 -10.31
N THR J 224 -51.62 -0.93 -10.29
CA THR J 224 -51.05 0.23 -10.96
C THR J 224 -49.60 0.47 -10.53
N SER J 225 -49.29 0.22 -9.26
CA SER J 225 -47.92 0.34 -8.77
C SER J 225 -46.93 -0.36 -9.69
N PHE J 226 -47.23 -1.60 -10.08
CA PHE J 226 -46.32 -2.37 -10.92
C PHE J 226 -46.12 -1.72 -12.28
N THR J 227 -47.13 -1.03 -12.80
CA THR J 227 -46.93 -0.27 -14.03
C THR J 227 -46.01 0.92 -13.78
N LEU J 228 -46.20 1.60 -12.64
CA LEU J 228 -45.24 2.61 -12.21
C LEU J 228 -43.84 2.00 -12.07
N MET J 229 -43.74 0.85 -11.40
CA MET J 229 -42.47 0.14 -11.31
C MET J 229 -41.84 -0.03 -12.69
N LEU J 230 -42.57 -0.70 -13.59
CA LEU J 230 -42.14 -0.82 -14.98
C LEU J 230 -41.75 0.54 -15.56
N THR J 231 -42.57 1.57 -15.28
CA THR J 231 -42.31 2.91 -15.82
C THR J 231 -40.93 3.42 -15.42
N VAL J 232 -40.54 3.21 -14.16
CA VAL J 232 -39.21 3.64 -13.72
C VAL J 232 -38.12 2.81 -14.41
N VAL J 233 -38.24 1.48 -14.36
CA VAL J 233 -37.28 0.61 -15.03
C VAL J 233 -37.07 1.03 -16.48
N ALA J 234 -38.17 1.30 -17.19
CA ALA J 234 -38.09 1.86 -18.53
C ALA J 234 -37.23 3.12 -18.55
N TYR J 235 -37.52 4.07 -17.66
CA TYR J 235 -36.81 5.35 -17.69
C TYR J 235 -35.36 5.21 -17.22
N ALA J 236 -35.09 4.28 -16.31
CA ALA J 236 -33.70 4.01 -15.92
C ALA J 236 -32.88 3.56 -17.13
N PHE J 237 -33.44 2.63 -17.91
CA PHE J 237 -32.79 2.14 -19.12
C PHE J 237 -32.50 3.30 -20.08
N TYR J 238 -33.53 4.07 -20.42
CA TYR J 238 -33.37 5.25 -21.27
C TYR J 238 -32.24 6.16 -20.79
N THR J 239 -32.28 6.53 -19.51
CA THR J 239 -31.18 7.29 -18.89
C THR J 239 -29.82 6.64 -19.14
N SER J 240 -29.65 5.41 -18.67
CA SER J 240 -28.36 4.72 -18.73
C SER J 240 -27.74 4.73 -20.14
N ASN J 241 -28.54 4.41 -21.15
CA ASN J 241 -28.00 4.25 -22.50
C ASN J 241 -27.38 5.54 -23.02
N ILE J 242 -28.05 6.68 -22.83
CA ILE J 242 -27.65 7.93 -23.47
C ILE J 242 -26.60 8.68 -22.65
N LEU J 243 -26.69 8.63 -21.32
CA LEU J 243 -25.81 9.39 -20.45
C LEU J 243 -24.42 8.78 -20.34
N PRO J 244 -23.41 9.59 -20.00
CA PRO J 244 -22.04 9.09 -19.91
C PRO J 244 -21.88 8.05 -18.82
N ARG J 245 -21.31 6.91 -19.20
CA ARG J 245 -21.09 5.83 -18.24
C ARG J 245 -20.01 6.23 -17.24
N LEU J 246 -20.22 5.87 -15.97
CA LEU J 246 -19.31 6.25 -14.89
C LEU J 246 -19.13 5.13 -13.87
N PRO J 247 -18.18 5.27 -12.92
CA PRO J 247 -18.08 4.27 -11.86
C PRO J 247 -18.65 4.76 -10.53
N TYR J 248 -19.44 5.83 -10.56
CA TYR J 248 -20.14 6.32 -9.38
C TYR J 248 -21.54 6.78 -9.79
N THR J 249 -22.36 7.07 -8.78
CA THR J 249 -23.72 7.54 -9.01
C THR J 249 -23.74 9.04 -9.27
N THR J 250 -24.39 9.43 -10.36
CA THR J 250 -24.60 10.84 -10.66
C THR J 250 -25.82 11.35 -9.88
N VAL J 251 -26.10 12.65 -10.02
CA VAL J 251 -27.31 13.21 -9.42
C VAL J 251 -28.55 12.57 -10.03
N ILE J 252 -28.64 12.60 -11.37
CA ILE J 252 -29.69 11.86 -12.07
C ILE J 252 -29.80 10.44 -11.53
N ASP J 253 -28.65 9.77 -11.39
CA ASP J 253 -28.65 8.39 -10.93
C ASP J 253 -29.28 8.24 -9.55
N GLN J 254 -29.12 9.26 -8.70
CA GLN J 254 -29.77 9.25 -7.39
C GLN J 254 -31.27 9.42 -7.55
N MET J 255 -31.68 10.44 -8.30
CA MET J 255 -33.09 10.66 -8.63
C MET J 255 -33.77 9.39 -9.12
N ILE J 256 -33.05 8.57 -9.89
CA ILE J 256 -33.62 7.31 -10.36
C ILE J 256 -33.86 6.33 -9.22
N ILE J 257 -32.98 6.33 -8.22
CA ILE J 257 -33.23 5.49 -7.04
C ILE J 257 -34.42 6.02 -6.26
N ALA J 258 -34.54 7.35 -6.18
CA ALA J 258 -35.69 7.95 -5.50
C ALA J 258 -37.01 7.50 -6.11
N GLY J 259 -37.04 7.33 -7.44
CA GLY J 259 -38.19 6.76 -8.11
C GLY J 259 -38.48 5.35 -7.61
N TYR J 260 -37.53 4.46 -7.83
CA TYR J 260 -37.54 3.09 -7.30
C TYR J 260 -38.00 3.04 -5.84
N GLY J 261 -37.67 4.07 -5.07
CA GLY J 261 -38.02 4.13 -3.67
C GLY J 261 -39.47 4.47 -3.41
N SER J 262 -39.89 5.68 -3.80
CA SER J 262 -41.27 6.11 -3.64
C SER J 262 -42.25 5.05 -4.12
N ILE J 263 -41.96 4.41 -5.25
CA ILE J 263 -42.87 3.41 -5.80
C ILE J 263 -42.91 2.18 -4.91
N PHE J 264 -41.76 1.74 -4.42
CA PHE J 264 -41.74 0.58 -3.54
C PHE J 264 -42.28 0.93 -2.16
N ALA J 265 -42.11 2.19 -1.74
CA ALA J 265 -42.75 2.65 -0.52
C ALA J 265 -44.26 2.73 -0.68
N ALA J 266 -44.72 3.25 -1.82
CA ALA J 266 -46.13 3.20 -2.17
C ALA J 266 -46.70 1.79 -1.98
N ILE J 267 -46.07 0.80 -2.63
CA ILE J 267 -46.51 -0.60 -2.53
C ILE J 267 -46.70 -0.99 -1.07
N LEU J 268 -45.74 -0.65 -0.22
CA LEU J 268 -45.83 -1.00 1.19
C LEU J 268 -47.03 -0.33 1.85
N LEU J 269 -47.11 1.01 1.75
CA LEU J 269 -48.27 1.75 2.23
C LEU J 269 -49.58 1.16 1.71
N ILE J 270 -49.75 1.13 0.39
CA ILE J 270 -50.93 0.59 -0.29
C ILE J 270 -51.36 -0.74 0.31
N ILE J 271 -50.40 -1.59 0.65
CA ILE J 271 -50.71 -2.88 1.23
C ILE J 271 -50.94 -2.77 2.73
N PHE J 272 -50.12 -1.98 3.43
CA PHE J 272 -50.30 -1.82 4.88
C PHE J 272 -51.60 -1.10 5.21
N ALA J 273 -52.03 -0.17 4.35
CA ALA J 273 -53.35 0.43 4.48
C ALA J 273 -54.44 -0.63 4.57
N HIS J 274 -54.33 -1.66 3.75
CA HIS J 274 -55.39 -2.66 3.63
C HIS J 274 -55.54 -3.49 4.91
N HIS J 275 -54.41 -3.84 5.54
CA HIS J 275 -54.41 -4.80 6.65
C HIS J 275 -54.05 -4.18 8.00
N ARG J 276 -54.14 -2.86 8.13
CA ARG J 276 -54.10 -2.19 9.42
C ARG J 276 -55.51 -1.67 9.71
N GLN J 277 -56.37 -2.54 10.25
CA GLN J 277 -57.80 -2.30 10.22
C GLN J 277 -58.43 -2.70 11.54
N ALA J 278 -59.67 -2.27 11.74
CA ALA J 278 -60.46 -2.66 12.90
C ALA J 278 -61.24 -3.95 12.66
N ASN J 279 -61.54 -4.28 11.41
CA ASN J 279 -62.23 -5.50 11.02
C ASN J 279 -61.27 -6.41 10.26
N GLY J 280 -61.77 -7.14 9.28
CA GLY J 280 -60.89 -7.88 8.39
C GLY J 280 -60.37 -7.06 7.23
N VAL J 281 -61.27 -6.30 6.59
CA VAL J 281 -60.95 -5.53 5.39
C VAL J 281 -61.51 -4.12 5.48
N GLU J 282 -60.74 -3.22 6.09
CA GLU J 282 -61.04 -1.79 6.07
C GLU J 282 -59.74 -1.07 5.73
N ASP J 283 -59.70 -0.41 4.57
CA ASP J 283 -58.54 0.40 4.25
C ASP J 283 -58.43 1.51 5.28
N ASP J 284 -57.24 1.69 5.84
CA ASP J 284 -57.09 2.59 6.98
C ASP J 284 -57.40 4.02 6.52
N LEU J 285 -58.33 4.66 7.22
CA LEU J 285 -59.03 5.82 6.67
C LEU J 285 -58.08 6.95 6.30
N LEU J 286 -57.30 7.42 7.28
CA LEU J 286 -56.41 8.55 7.02
C LEU J 286 -55.25 8.14 6.11
N ILE J 287 -54.78 6.89 6.20
CA ILE J 287 -53.51 6.52 5.58
C ILE J 287 -53.58 6.62 4.06
N GLN J 288 -54.61 6.01 3.41
CA GLN J 288 -54.64 6.14 1.95
C GLN J 288 -54.90 7.57 1.52
N ARG J 289 -55.05 8.48 2.48
CA ARG J 289 -54.94 9.92 2.27
C ARG J 289 -53.56 10.41 2.69
N CYS J 290 -52.54 9.67 2.27
CA CYS J 290 -51.20 10.23 2.09
C CYS J 290 -51.03 10.78 0.69
N ARG J 291 -52.15 11.23 0.12
CA ARG J 291 -52.18 11.75 -1.24
C ARG J 291 -51.29 12.98 -1.37
N LEU J 292 -51.49 13.96 -0.49
CA LEU J 292 -50.59 15.10 -0.39
C LEU J 292 -49.84 15.05 0.93
N ALA J 293 -49.24 13.90 1.19
CA ALA J 293 -48.26 13.68 2.26
C ALA J 293 -47.05 12.89 1.78
N PHE J 294 -47.20 12.05 0.75
CA PHE J 294 -46.03 11.52 0.04
C PHE J 294 -45.30 12.64 -0.70
N PRO J 295 -45.95 13.49 -1.51
CA PRO J 295 -45.21 14.60 -2.14
C PRO J 295 -44.40 15.44 -1.18
N LEU J 296 -44.94 15.74 0.01
CA LEU J 296 -44.20 16.53 0.99
C LEU J 296 -43.00 15.77 1.53
N GLY J 297 -43.18 14.50 1.88
CA GLY J 297 -42.08 13.71 2.42
C GLY J 297 -40.94 13.55 1.43
N PHE J 298 -41.27 13.33 0.16
CA PHE J 298 -40.25 13.23 -0.88
C PHE J 298 -39.49 14.54 -1.02
N LEU J 299 -40.23 15.67 -1.10
CA LEU J 299 -39.59 16.97 -1.25
C LEU J 299 -38.78 17.34 -0.01
N ALA J 300 -39.19 16.86 1.17
CA ALA J 300 -38.38 17.09 2.36
C ALA J 300 -37.07 16.32 2.29
N ILE J 301 -37.11 15.07 1.83
CA ILE J 301 -35.90 14.28 1.67
C ILE J 301 -35.10 14.75 0.47
N GLY J 302 -35.73 15.47 -0.46
CA GLY J 302 -35.05 16.03 -1.60
C GLY J 302 -34.49 17.41 -1.34
N CYS J 303 -34.56 17.88 -0.10
CA CYS J 303 -33.89 19.09 0.33
C CYS J 303 -32.74 18.78 1.29
N VAL J 304 -32.57 17.51 1.66
CA VAL J 304 -31.37 17.06 2.37
C VAL J 304 -30.41 16.32 1.46
N LEU J 305 -30.85 15.93 0.26
CA LEU J 305 -29.92 15.48 -0.78
C LEU J 305 -29.02 16.62 -1.23
N VAL J 306 -29.47 17.87 -1.04
CA VAL J 306 -28.72 19.04 -1.47
C VAL J 306 -27.65 19.38 -0.45
N ILE J 307 -27.97 19.28 0.83
CA ILE J 307 -27.01 19.52 1.90
C ILE J 307 -26.88 18.29 2.79
C1 Z80 K . 30.08 0.77 12.56
N1 Z80 K . 29.36 0.28 11.24
S1 Z80 K . 32.26 0.56 11.20
C2 Z80 K . 31.46 0.91 12.56
N2 Z80 K . 28.77 3.11 7.09
C3 Z80 K . 31.56 -0.50 10.21
C4 Z80 K . 30.17 -0.63 10.24
C5 Z80 K . 29.98 1.49 14.90
C6 Z80 K . 31.38 1.64 14.89
C7 Z80 K . 32.12 1.34 13.73
C8 Z80 K . 32.34 -1.28 9.32
C9 Z80 K . 31.70 -2.18 8.50
C10 Z80 K . 30.31 -2.33 8.51
C11 Z80 K . 29.54 -1.55 9.39
C12 Z80 K . 28.57 1.27 10.55
C13 Z80 K . 29.21 1.92 9.30
C14 Z80 K . 28.30 2.17 8.08
C15 Z80 K . 28.23 4.40 7.41
C16 Z80 K . 30.21 3.18 7.13
CL1 Z80 K . 29.54 -3.48 7.44
C17 Z80 K . 29.32 1.07 13.74
C1 Z80 L . 3.24 -2.06 13.49
N1 Z80 L . 1.91 -2.87 13.79
S1 Z80 L . 2.68 -2.49 11.02
C2 Z80 L . 3.62 -1.87 12.17
N2 Z80 L . -2.56 -0.97 12.73
C3 Z80 L . 1.86 -3.82 11.43
C4 Z80 L . 1.50 -4.00 12.74
C5 Z80 L . 5.21 -0.87 14.29
C6 Z80 L . 5.60 -0.67 12.94
C7 Z80 L . 4.82 -1.17 11.88
C8 Z80 L . 1.52 -4.79 10.44
C9 Z80 L . 0.84 -5.92 10.82
C10 Z80 L . 0.47 -6.12 12.16
C11 Z80 L . 0.80 -5.17 13.13
C12 Z80 L . 0.78 -2.05 14.18
C13 Z80 L . -0.56 -2.32 13.46
C14 Z80 L . -1.82 -1.53 13.84
C15 Z80 L . -3.27 0.19 13.21
C16 Z80 L . -1.64 -0.58 11.69
CL1 Z80 L . -0.42 -7.57 12.60
C17 Z80 L . 4.04 -1.55 14.56
C1 Z80 M . -3.08 -8.83 38.08
N1 Z80 M . -2.99 -9.78 39.34
S1 Z80 M . -5.39 -9.91 37.66
C2 Z80 M . -4.20 -8.88 37.27
N2 Z80 M . -5.76 -9.31 43.55
C3 Z80 M . -4.92 -11.23 38.47
C4 Z80 M . -3.79 -11.16 39.26
C5 Z80 M . -2.09 -7.13 36.65
C6 Z80 M . -3.25 -7.17 35.83
C7 Z80 M . -4.30 -8.05 36.13
C8 Z80 M . -5.67 -12.44 38.36
C9 Z80 M . -5.22 -13.53 39.06
C10 Z80 M . -4.08 -13.48 39.87
C11 Z80 M . -3.35 -12.29 39.97
C12 Z80 M . -3.14 -9.15 40.63
C13 Z80 M . -4.53 -9.29 41.31
C14 Z80 M . -4.55 -9.63 42.81
C15 Z80 M . -5.62 -8.00 44.13
C16 Z80 M . -6.89 -9.32 42.66
CL1 Z80 M . -3.56 -14.92 40.75
C17 Z80 M . -2.01 -7.94 37.77
C1 Z80 N . 19.16 -10.16 52.54
N1 Z80 N . 20.58 -10.67 52.97
S1 Z80 N . 18.30 -11.76 54.37
C2 Z80 N . 18.05 -10.69 53.19
N2 Z80 N . 23.44 -9.85 56.80
C3 Z80 N . 19.60 -12.70 54.16
C4 Z80 N . 20.69 -12.17 53.49
C5 Z80 N . 17.74 -8.82 51.10
C6 Z80 N . 16.61 -9.33 51.78
C7 Z80 N . 16.76 -10.27 52.81
C8 Z80 N . 19.62 -14.04 54.63
C9 Z80 N . 20.74 -14.80 54.42
C10 Z80 N . 21.86 -14.26 53.74
C11 Z80 N . 21.84 -12.94 53.27
C12 Z80 N . 21.63 -9.75 53.34
C13 Z80 N . 21.85 -9.43 54.84
C14 Z80 N . 23.25 -9.75 55.37
C15 Z80 N . 23.70 -8.52 57.29
C16 Z80 N . 22.24 -10.37 57.43
CL1 Z80 N . 23.28 -15.26 53.48
C17 Z80 N . 19.01 -9.20 51.48
C1 Z80 O . 39.95 -4.52 36.60
N1 Z80 O . 40.89 -4.80 35.36
S1 Z80 O . 41.69 -5.82 37.96
C2 Z80 O . 40.31 -5.00 37.85
N2 Z80 O . 44.92 -1.98 34.55
C3 Z80 O . 42.10 -6.65 36.63
C4 Z80 O . 41.72 -6.15 35.40
C5 Z80 O . 37.90 -3.57 37.52
C6 Z80 O . 38.29 -4.06 38.80
C7 Z80 O . 39.49 -4.78 38.96
C8 Z80 O . 42.83 -7.86 36.73
C9 Z80 O . 43.14 -8.53 35.57
C10 Z80 O . 42.77 -8.03 34.31
C11 Z80 O . 42.04 -6.84 34.22
C12 Z80 O . 41.69 -3.70 34.88
C13 Z80 O . 43.22 -3.80 35.06
C14 Z80 O . 44.13 -3.09 34.05
C15 Z80 O . 45.35 -1.20 33.41
C16 Z80 O . 44.06 -1.17 35.38
CL1 Z80 O . 43.19 -8.90 32.85
C17 Z80 O . 38.72 -3.78 36.42
C1 Z80 P . -22.69 15.80 -48.62
N1 Z80 P . -22.49 15.36 -50.13
S1 Z80 P . -22.62 18.18 -49.56
C2 Z80 P . -22.75 17.14 -48.32
N2 Z80 P . -26.00 15.34 -53.41
C3 Z80 P . -21.62 17.67 -50.72
C4 Z80 P . -21.55 16.33 -51.00
C5 Z80 P . -22.93 15.24 -46.25
C6 Z80 P . -23.00 16.62 -45.95
C7 Z80 P . -22.91 17.57 -46.98
C8 Z80 P . -20.81 18.60 -51.44
C9 Z80 P . -19.97 18.13 -52.40
C10 Z80 P . -19.88 16.76 -52.71
C11 Z80 P . -20.67 15.85 -52.00
C12 Z80 P . -23.66 14.88 -50.85
C13 Z80 P . -23.69 15.02 -52.39
C14 Z80 P . -24.86 14.47 -53.22
C15 Z80 P . -26.92 15.03 -52.36
C16 Z80 P . -25.61 16.73 -53.25
CL1 Z80 P . -18.79 16.18 -53.97
C17 Z80 P . -22.79 14.82 -47.57
C1 Z80 Q . -19.14 -11.12 -50.43
N1 Z80 Q . -18.17 -12.37 -50.38
S1 Z80 Q . -18.90 -11.27 -53.00
C2 Z80 Q . -19.50 -10.58 -51.66
N2 Z80 Q . -20.44 -16.57 -51.39
C3 Z80 Q . -17.48 -12.03 -52.82
C4 Z80 Q . -17.14 -12.54 -51.58
C5 Z80 Q . -20.47 -9.43 -49.31
C6 Z80 Q . -20.84 -8.89 -50.56
C7 Z80 Q . -20.34 -9.46 -51.75
C8 Z80 Q . -16.60 -12.14 -53.93
C9 Z80 Q . -15.41 -12.78 -53.76
C10 Z80 Q . -15.04 -13.31 -52.51
C11 Z80 Q . -15.91 -13.19 -51.41
C12 Z80 Q . -18.80 -13.62 -50.02
C13 Z80 Q . -18.71 -14.77 -51.05
C14 Z80 Q . -19.25 -16.16 -50.69
C15 Z80 Q . -21.53 -15.80 -50.85
C16 Z80 Q . -20.30 -16.22 -52.79
CL1 Z80 Q . -13.50 -14.13 -52.36
C17 Z80 Q . -19.65 -10.53 -49.23
C1 Z80 R . -8.96 -19.55 -27.73
N1 Z80 R . -7.78 -19.74 -26.70
S1 Z80 R . -8.10 -21.73 -28.79
C2 Z80 R . -9.13 -20.48 -28.73
N2 Z80 R . -8.06 -22.51 -22.70
C3 Z80 R . -6.62 -21.41 -28.24
C4 Z80 R . -6.46 -20.48 -27.23
C5 Z80 R . -10.85 -18.26 -28.57
C6 Z80 R . -11.03 -19.22 -29.60
C7 Z80 R . -10.17 -20.32 -29.69
C8 Z80 R . -5.51 -22.09 -28.79
C9 Z80 R . -4.26 -21.78 -28.32
C10 Z80 R . -4.07 -20.83 -27.29
C11 Z80 R . -5.18 -20.16 -26.77
C12 Z80 R . -8.14 -19.95 -25.31
C13 Z80 R . -7.23 -20.81 -24.39
C14 Z80 R . -7.71 -21.13 -22.97
C15 Z80 R . -9.06 -22.47 -21.66
C16 Z80 R . -8.66 -23.10 -23.87
CL1 Z80 R . -2.46 -20.48 -26.70
C17 Z80 R . -9.83 -18.42 -27.63
C1 Z80 S . -6.26 1.36 -11.68
N1 Z80 S . -5.76 2.79 -11.22
S1 Z80 S . -4.35 0.46 -10.18
C2 Z80 S . -5.61 0.24 -11.20
N2 Z80 S . -6.13 5.31 -6.76
C3 Z80 S . -3.53 1.82 -10.43
C4 Z80 S . -4.21 2.93 -10.93
C5 Z80 S . -7.76 -0.04 -12.98
C6 Z80 S . -7.09 -1.18 -12.48
C7 Z80 S . -6.01 -1.05 -11.59
C8 Z80 S . -2.13 1.89 -10.16
C9 Z80 S . -1.47 3.06 -10.40
C10 Z80 S . -2.15 4.19 -10.90
C11 Z80 S . -3.52 4.12 -11.17
C12 Z80 S . -6.59 3.45 -10.23
C13 Z80 S . -6.00 3.78 -8.84
C14 Z80 S . -6.59 4.99 -8.10
C15 Z80 S . -7.28 5.50 -5.89
C16 Z80 S . -5.31 4.24 -6.24
CL1 Z80 S . -1.26 5.67 -11.18
C17 Z80 S . -7.37 1.22 -12.58
C1 Z80 T . -14.41 23.36 -24.43
N1 Z80 T . -14.33 24.52 -25.50
S1 Z80 T . -13.01 24.93 -22.96
C2 Z80 T . -13.78 23.53 -23.21
N2 Z80 T . -17.22 28.58 -25.74
C3 Z80 T . -12.37 25.61 -24.29
C4 Z80 T . -13.00 25.41 -25.50
C5 Z80 T . -15.14 21.12 -23.78
C6 Z80 T . -14.50 21.30 -22.52
C7 Z80 T . -13.82 22.51 -22.24
C8 Z80 T . -11.17 26.39 -24.22
C9 Z80 T . -10.67 26.92 -25.38
C10 Z80 T . -11.31 26.73 -26.62
C11 Z80 T . -12.47 25.96 -26.69
C12 Z80 T . -15.52 25.33 -25.68
C13 Z80 T . -15.42 26.84 -25.33
C14 Z80 T . -16.08 27.85 -26.27
C15 Z80 T . -18.06 29.03 -26.82
C16 Z80 T . -17.94 27.66 -24.90
CL1 Z80 T . -10.62 27.45 -28.08
C17 Z80 T . -15.10 22.14 -24.72
#